data_2MR6
#
_entry.id   2MR6
#
_entity_poly.entity_id   1
_entity_poly.type   'polypeptide(L)'
_entity_poly.pdbx_seq_one_letter_code
;MGVVILVLTGDERIAEELRKEVQKHDPNVKTVPTKDKEKVKEEIEKARKQGRPIVVFVRGGDDERAKDIAEYAQKEGLRV
IVIIVSQDEEALRKGYEDKKKKGYDVYTSRNEDEAKKKLKEALEKSGSLEHHHHHH
;
_entity_poly.pdbx_strand_id   A
#
# COMPACT_ATOMS: atom_id res chain seq x y z
N MET A 1 -7.14 9.07 -12.75
CA MET A 1 -5.79 9.29 -12.17
C MET A 1 -5.84 9.11 -10.64
N GLY A 2 -5.18 8.05 -10.16
CA GLY A 2 -5.10 7.75 -8.74
C GLY A 2 -4.52 6.36 -8.51
N VAL A 3 -3.81 6.19 -7.40
CA VAL A 3 -3.13 4.92 -7.02
C VAL A 3 -3.46 4.62 -5.55
N VAL A 4 -3.67 3.34 -5.20
CA VAL A 4 -3.95 2.92 -3.81
C VAL A 4 -3.00 1.77 -3.43
N ILE A 5 -2.08 2.04 -2.49
CA ILE A 5 -1.02 1.10 -2.04
C ILE A 5 -1.43 0.50 -0.67
N LEU A 6 -1.79 -0.78 -0.64
CA LEU A 6 -2.27 -1.46 0.58
C LEU A 6 -1.12 -2.27 1.19
N VAL A 7 -0.51 -1.78 2.27
CA VAL A 7 0.59 -2.50 2.94
C VAL A 7 0.02 -3.34 4.10
N LEU A 8 -0.10 -4.66 3.86
CA LEU A 8 -0.57 -5.65 4.85
C LEU A 8 0.64 -6.16 5.64
N THR A 9 0.78 -5.70 6.89
CA THR A 9 1.96 -5.98 7.73
C THR A 9 1.58 -7.01 8.81
N GLY A 10 2.51 -7.96 9.05
CA GLY A 10 2.36 -8.94 10.13
C GLY A 10 2.46 -8.32 11.52
N ASP A 11 3.00 -7.10 11.58
CA ASP A 11 3.12 -6.30 12.80
C ASP A 11 2.68 -4.86 12.48
N GLU A 12 1.73 -4.34 13.27
CA GLU A 12 1.12 -3.01 13.08
C GLU A 12 2.15 -1.87 13.30
N ARG A 13 3.18 -2.15 14.11
CA ARG A 13 4.30 -1.23 14.35
C ARG A 13 5.15 -1.07 13.06
N ILE A 14 5.29 -2.17 12.26
CA ILE A 14 5.90 -2.09 10.91
C ILE A 14 5.06 -1.16 10.01
N ALA A 15 3.73 -1.32 10.07
CA ALA A 15 2.78 -0.46 9.34
C ALA A 15 2.97 1.04 9.67
N GLU A 16 3.21 1.31 10.95
CA GLU A 16 3.31 2.68 11.48
C GLU A 16 4.67 3.32 11.09
N GLU A 17 5.77 2.54 11.14
CA GLU A 17 7.12 3.07 10.81
C GLU A 17 7.26 3.27 9.29
N LEU A 18 6.59 2.40 8.50
CA LEU A 18 6.53 2.52 7.03
C LEU A 18 5.72 3.77 6.62
N ARG A 19 4.76 4.18 7.47
CA ARG A 19 4.00 5.42 7.28
C ARG A 19 4.94 6.64 7.21
N LYS A 20 5.85 6.71 8.20
CA LYS A 20 6.88 7.77 8.29
C LYS A 20 7.78 7.76 7.04
N GLU A 21 8.05 6.55 6.53
CA GLU A 21 8.89 6.34 5.33
C GLU A 21 8.19 6.89 4.06
N VAL A 22 6.86 6.72 3.98
CA VAL A 22 6.05 7.26 2.87
C VAL A 22 6.08 8.81 2.90
N GLN A 23 5.89 9.36 4.12
CA GLN A 23 5.80 10.82 4.34
C GLN A 23 7.14 11.51 4.02
N LYS A 24 8.24 10.81 4.27
CA LYS A 24 9.59 11.31 3.97
C LYS A 24 9.91 11.22 2.47
N HIS A 25 9.25 10.26 1.78
CA HIS A 25 9.37 10.12 0.32
C HIS A 25 8.48 11.17 -0.39
N ASP A 26 7.36 11.52 0.26
CA ASP A 26 6.42 12.56 -0.21
C ASP A 26 5.33 12.81 0.84
N PRO A 27 5.20 14.07 1.38
CA PRO A 27 4.18 14.41 2.42
C PRO A 27 2.75 14.51 1.85
N ASN A 28 2.63 14.68 0.52
CA ASN A 28 1.32 14.89 -0.16
C ASN A 28 0.57 13.56 -0.31
N VAL A 29 1.31 12.43 -0.28
CA VAL A 29 0.72 11.08 -0.20
C VAL A 29 0.02 10.92 1.14
N LYS A 30 -1.25 10.50 1.11
CA LYS A 30 -2.05 10.30 2.33
C LYS A 30 -1.94 8.85 2.80
N THR A 31 -1.58 8.70 4.08
CA THR A 31 -1.40 7.40 4.73
C THR A 31 -2.48 7.22 5.80
N VAL A 32 -3.15 6.05 5.79
CA VAL A 32 -4.21 5.72 6.74
C VAL A 32 -3.84 4.40 7.45
N PRO A 33 -3.73 4.39 8.82
CA PRO A 33 -3.38 3.15 9.57
C PRO A 33 -4.50 2.12 9.60
N THR A 34 -4.24 1.00 10.30
CA THR A 34 -5.22 -0.06 10.55
C THR A 34 -6.36 0.41 11.46
N LYS A 35 -6.12 1.52 12.17
CA LYS A 35 -7.02 2.08 13.18
C LYS A 35 -8.24 2.75 12.52
N ASP A 36 -7.96 3.61 11.52
CA ASP A 36 -9.00 4.42 10.85
C ASP A 36 -9.56 3.68 9.62
N LYS A 37 -10.22 2.55 9.90
CA LYS A 37 -10.75 1.60 8.89
C LYS A 37 -11.87 2.25 8.04
N GLU A 38 -12.65 3.10 8.71
CA GLU A 38 -13.85 3.76 8.17
C GLU A 38 -13.42 4.89 7.22
N LYS A 39 -12.38 5.63 7.63
CA LYS A 39 -11.92 6.86 6.96
C LYS A 39 -11.13 6.57 5.67
N VAL A 40 -10.68 5.30 5.49
CA VAL A 40 -9.87 4.87 4.33
C VAL A 40 -10.59 5.21 3.00
N LYS A 41 -11.84 4.74 2.85
CA LYS A 41 -12.61 4.86 1.60
C LYS A 41 -12.88 6.33 1.22
N GLU A 42 -13.00 7.21 2.23
CA GLU A 42 -13.17 8.66 2.04
C GLU A 42 -11.86 9.27 1.50
N GLU A 43 -10.74 8.83 2.08
CA GLU A 43 -9.40 9.25 1.70
C GLU A 43 -9.00 8.79 0.29
N ILE A 44 -9.61 7.67 -0.19
CA ILE A 44 -9.43 7.16 -1.57
C ILE A 44 -10.06 8.15 -2.58
N GLU A 45 -11.28 8.65 -2.23
CA GLU A 45 -12.00 9.66 -3.04
C GLU A 45 -11.14 10.93 -3.21
N LYS A 46 -10.55 11.35 -2.09
CA LYS A 46 -9.73 12.57 -1.97
C LYS A 46 -8.35 12.40 -2.64
N ALA A 47 -7.78 11.18 -2.58
CA ALA A 47 -6.40 10.88 -3.08
C ALA A 47 -6.29 11.11 -4.60
N ARG A 48 -7.39 10.79 -5.32
CA ARG A 48 -7.50 11.02 -6.77
C ARG A 48 -7.44 12.52 -7.07
N LYS A 49 -8.13 13.30 -6.21
CA LYS A 49 -8.18 14.77 -6.28
C LYS A 49 -6.79 15.36 -5.93
N GLN A 50 -6.03 14.66 -5.06
CA GLN A 50 -4.66 15.08 -4.66
C GLN A 50 -3.66 14.72 -5.77
N GLY A 51 -4.08 13.83 -6.70
CA GLY A 51 -3.21 13.32 -7.78
C GLY A 51 -2.07 12.46 -7.25
N ARG A 52 -2.25 11.99 -6.00
CA ARG A 52 -1.25 11.23 -5.23
C ARG A 52 -1.82 9.86 -4.87
N PRO A 53 -0.94 8.86 -4.53
CA PRO A 53 -1.41 7.60 -3.94
C PRO A 53 -1.95 7.79 -2.50
N ILE A 54 -2.72 6.79 -2.06
CA ILE A 54 -3.07 6.63 -0.65
C ILE A 54 -2.49 5.28 -0.18
N VAL A 55 -1.62 5.31 0.85
CA VAL A 55 -1.04 4.09 1.40
C VAL A 55 -1.84 3.65 2.63
N VAL A 56 -2.62 2.59 2.44
CA VAL A 56 -3.52 2.02 3.46
C VAL A 56 -2.82 0.87 4.16
N PHE A 57 -2.53 1.04 5.44
CA PHE A 57 -1.90 0.02 6.27
C PHE A 57 -2.97 -0.89 6.85
N VAL A 58 -2.86 -2.18 6.51
CA VAL A 58 -3.74 -3.26 6.96
C VAL A 58 -2.90 -4.27 7.77
N ARG A 59 -3.52 -4.97 8.74
CA ARG A 59 -2.83 -5.99 9.56
C ARG A 59 -2.96 -7.38 8.89
N GLY A 60 -2.01 -8.29 9.18
CA GLY A 60 -2.06 -9.68 8.73
C GLY A 60 -3.12 -10.48 9.48
N GLY A 61 -4.34 -10.51 8.91
CA GLY A 61 -5.53 -11.09 9.56
C GLY A 61 -6.73 -10.18 9.40
N ASP A 62 -6.41 -8.89 9.21
CA ASP A 62 -7.37 -7.80 8.89
C ASP A 62 -7.59 -7.72 7.35
N ASP A 63 -7.29 -8.85 6.64
CA ASP A 63 -7.30 -8.93 5.16
C ASP A 63 -8.70 -8.71 4.54
N GLU A 64 -9.77 -9.01 5.32
CA GLU A 64 -11.17 -8.76 4.90
C GLU A 64 -11.36 -7.28 4.52
N ARG A 65 -10.75 -6.42 5.34
CA ARG A 65 -10.71 -4.97 5.12
C ARG A 65 -9.91 -4.64 3.84
N ALA A 66 -8.71 -5.26 3.70
CA ALA A 66 -7.78 -5.00 2.56
C ALA A 66 -8.43 -5.23 1.19
N LYS A 67 -9.06 -6.41 1.02
CA LYS A 67 -9.70 -6.82 -0.26
C LYS A 67 -10.89 -5.91 -0.65
N ASP A 68 -11.68 -5.49 0.35
CA ASP A 68 -12.86 -4.62 0.13
C ASP A 68 -12.45 -3.17 -0.23
N ILE A 69 -11.34 -2.70 0.39
CA ILE A 69 -10.72 -1.40 0.05
C ILE A 69 -10.11 -1.44 -1.36
N ALA A 70 -9.50 -2.60 -1.66
CA ALA A 70 -8.82 -2.87 -2.92
C ALA A 70 -9.80 -2.84 -4.09
N GLU A 71 -10.95 -3.50 -3.88
CA GLU A 71 -12.01 -3.63 -4.88
C GLU A 71 -12.74 -2.29 -5.08
N TYR A 72 -12.83 -1.52 -3.99
CA TYR A 72 -13.44 -0.17 -3.97
C TYR A 72 -12.57 0.82 -4.77
N ALA A 73 -11.26 0.71 -4.60
CA ALA A 73 -10.26 1.52 -5.29
C ALA A 73 -10.21 1.18 -6.80
N GLN A 74 -10.20 -0.13 -7.06
CA GLN A 74 -10.14 -0.72 -8.42
C GLN A 74 -11.44 -0.40 -9.18
N LYS A 75 -12.54 -0.21 -8.42
CA LYS A 75 -13.85 0.21 -8.96
C LYS A 75 -13.77 1.62 -9.60
N GLU A 76 -12.90 2.47 -9.04
CA GLU A 76 -12.64 3.83 -9.58
C GLU A 76 -11.54 3.78 -10.67
N GLY A 77 -11.12 2.56 -11.05
CA GLY A 77 -10.10 2.33 -12.08
C GLY A 77 -8.71 2.76 -11.63
N LEU A 78 -8.46 2.67 -10.31
CA LEU A 78 -7.18 3.10 -9.71
C LEU A 78 -6.17 1.95 -9.71
N ARG A 79 -4.87 2.31 -9.78
CA ARG A 79 -3.76 1.33 -9.74
C ARG A 79 -3.63 0.80 -8.30
N VAL A 80 -4.15 -0.41 -8.05
CA VAL A 80 -4.16 -0.99 -6.71
C VAL A 80 -2.91 -1.89 -6.54
N ILE A 81 -2.04 -1.47 -5.62
CA ILE A 81 -0.85 -2.21 -5.20
C ILE A 81 -1.17 -2.85 -3.83
N VAL A 82 -0.65 -4.07 -3.58
CA VAL A 82 -0.80 -4.79 -2.29
C VAL A 82 0.60 -5.31 -1.85
N ILE A 83 1.16 -4.77 -0.75
CA ILE A 83 2.48 -5.16 -0.23
C ILE A 83 2.30 -5.96 1.08
N ILE A 84 2.56 -7.28 1.01
CA ILE A 84 2.42 -8.19 2.17
C ILE A 84 3.78 -8.35 2.86
N VAL A 85 3.88 -7.88 4.10
CA VAL A 85 5.07 -7.97 4.94
C VAL A 85 4.90 -9.18 5.88
N SER A 86 5.54 -10.29 5.52
CA SER A 86 5.54 -11.53 6.30
C SER A 86 6.85 -12.28 6.06
N GLN A 87 7.48 -12.78 7.14
CA GLN A 87 8.69 -13.63 7.07
C GLN A 87 8.30 -15.08 6.66
N ASP A 88 7.00 -15.40 6.77
CA ASP A 88 6.44 -16.71 6.37
C ASP A 88 6.03 -16.65 4.89
N GLU A 89 6.62 -17.56 4.07
CA GLU A 89 6.44 -17.57 2.61
C GLU A 89 5.02 -17.97 2.18
N GLU A 90 4.31 -18.72 3.04
CA GLU A 90 2.90 -19.12 2.79
C GLU A 90 1.96 -17.92 2.98
N ALA A 91 2.21 -17.11 4.02
CA ALA A 91 1.44 -15.88 4.29
C ALA A 91 1.64 -14.86 3.16
N LEU A 92 2.86 -14.86 2.59
CA LEU A 92 3.19 -14.08 1.40
C LEU A 92 2.40 -14.58 0.18
N ARG A 93 2.50 -15.90 -0.08
CA ARG A 93 2.05 -16.53 -1.35
C ARG A 93 0.51 -16.57 -1.48
N LYS A 94 -0.19 -16.90 -0.38
CA LYS A 94 -1.66 -17.05 -0.37
C LYS A 94 -2.34 -15.70 -0.62
N GLY A 95 -1.85 -14.67 0.09
CA GLY A 95 -2.32 -13.30 -0.11
C GLY A 95 -1.93 -12.77 -1.49
N TYR A 96 -0.71 -13.14 -1.93
CA TYR A 96 -0.13 -12.70 -3.22
C TYR A 96 -1.05 -13.07 -4.37
N GLU A 97 -1.34 -14.37 -4.48
CA GLU A 97 -2.16 -14.92 -5.57
C GLU A 97 -3.63 -14.49 -5.46
N ASP A 98 -4.14 -14.41 -4.21
CA ASP A 98 -5.55 -14.04 -3.94
C ASP A 98 -5.87 -12.62 -4.46
N LYS A 99 -5.02 -11.64 -4.12
CA LYS A 99 -5.20 -10.24 -4.54
C LYS A 99 -4.75 -10.04 -6.03
N LYS A 100 -3.75 -10.81 -6.48
CA LYS A 100 -3.19 -10.70 -7.86
C LYS A 100 -4.23 -11.06 -8.94
N LYS A 101 -5.02 -12.11 -8.66
CA LYS A 101 -6.06 -12.62 -9.59
C LYS A 101 -7.26 -11.63 -9.68
N LYS A 102 -7.36 -10.74 -8.68
CA LYS A 102 -8.41 -9.69 -8.63
C LYS A 102 -7.98 -8.43 -9.44
N GLY A 103 -6.76 -8.48 -10.03
CA GLY A 103 -6.26 -7.40 -10.89
C GLY A 103 -5.30 -6.46 -10.19
N TYR A 104 -4.84 -6.81 -8.97
CA TYR A 104 -3.99 -5.93 -8.14
C TYR A 104 -2.51 -6.34 -8.31
N ASP A 105 -1.60 -5.35 -8.31
CA ASP A 105 -0.15 -5.59 -8.46
C ASP A 105 0.43 -5.84 -7.05
N VAL A 106 0.68 -7.12 -6.71
CA VAL A 106 1.02 -7.53 -5.34
C VAL A 106 2.53 -7.81 -5.20
N TYR A 107 3.16 -7.17 -4.20
CA TYR A 107 4.57 -7.42 -3.84
C TYR A 107 4.61 -8.22 -2.53
N THR A 108 5.60 -9.10 -2.41
CA THR A 108 5.87 -9.87 -1.18
C THR A 108 7.15 -9.33 -0.52
N SER A 109 7.19 -9.31 0.82
CA SER A 109 8.34 -8.78 1.58
C SER A 109 8.58 -9.61 2.86
N ARG A 110 9.86 -9.89 3.13
CA ARG A 110 10.31 -10.67 4.29
C ARG A 110 10.09 -9.92 5.60
N ASN A 111 10.38 -8.62 5.56
CA ASN A 111 10.44 -7.73 6.74
C ASN A 111 10.46 -6.27 6.26
N GLU A 112 10.76 -5.33 7.18
CA GLU A 112 10.71 -3.87 6.91
C GLU A 112 11.57 -3.46 5.71
N ASP A 113 12.74 -4.09 5.54
CA ASP A 113 13.71 -3.74 4.47
C ASP A 113 13.10 -3.95 3.07
N GLU A 114 12.55 -5.14 2.83
CA GLU A 114 11.92 -5.52 1.56
C GLU A 114 10.60 -4.76 1.37
N ALA A 115 9.89 -4.56 2.49
CA ALA A 115 8.64 -3.80 2.54
C ALA A 115 8.87 -2.36 2.12
N LYS A 116 10.01 -1.79 2.59
CA LYS A 116 10.40 -0.40 2.36
C LYS A 116 10.74 -0.17 0.89
N LYS A 117 11.49 -1.11 0.30
CA LYS A 117 11.87 -1.04 -1.13
C LYS A 117 10.62 -1.05 -2.01
N LYS A 118 9.72 -2.04 -1.77
CA LYS A 118 8.49 -2.23 -2.57
C LYS A 118 7.48 -1.10 -2.34
N LEU A 119 7.54 -0.49 -1.16
CA LEU A 119 6.69 0.65 -0.77
C LEU A 119 7.07 1.87 -1.60
N LYS A 120 8.36 2.18 -1.61
CA LYS A 120 8.92 3.34 -2.32
C LYS A 120 8.88 3.12 -3.83
N GLU A 121 8.99 1.84 -4.27
CA GLU A 121 8.82 1.44 -5.68
C GLU A 121 7.40 1.72 -6.16
N ALA A 122 6.41 1.43 -5.30
CA ALA A 122 4.99 1.70 -5.57
C ALA A 122 4.71 3.23 -5.57
N LEU A 123 5.50 3.97 -4.76
CA LEU A 123 5.46 5.45 -4.70
C LEU A 123 6.08 6.08 -5.98
N GLU A 124 7.13 5.44 -6.51
CA GLU A 124 7.80 5.88 -7.75
C GLU A 124 6.87 5.67 -8.97
N LYS A 125 6.12 4.54 -8.93
CA LYS A 125 5.18 4.14 -10.00
C LYS A 125 3.89 4.99 -9.99
N SER A 126 3.62 5.66 -8.86
CA SER A 126 2.48 6.58 -8.73
C SER A 126 2.89 8.04 -9.10
N GLY A 127 4.20 8.30 -9.11
CA GLY A 127 4.75 9.61 -9.53
C GLY A 127 5.51 10.32 -8.44
N SER A 128 5.32 9.89 -7.17
CA SER A 128 6.01 10.48 -6.01
C SER A 128 7.49 10.06 -6.01
N LEU A 129 8.40 11.05 -6.09
CA LEU A 129 9.87 10.83 -6.17
C LEU A 129 10.59 11.74 -5.16
N GLU A 130 11.61 11.19 -4.48
CA GLU A 130 12.46 11.93 -3.52
C GLU A 130 13.76 11.17 -3.33
N HIS A 131 13.65 10.00 -2.69
CA HIS A 131 14.79 9.12 -2.46
C HIS A 131 15.00 8.30 -3.73
N HIS A 132 15.97 8.73 -4.56
CA HIS A 132 16.37 8.02 -5.77
C HIS A 132 16.82 6.61 -5.39
N HIS A 133 16.17 5.59 -5.97
CA HIS A 133 16.46 4.18 -5.70
C HIS A 133 17.82 3.81 -6.34
N HIS A 134 18.91 4.14 -5.61
CA HIS A 134 20.31 4.02 -6.07
C HIS A 134 21.02 2.84 -5.38
N HIS A 135 22.12 2.39 -5.99
CA HIS A 135 22.96 1.32 -5.45
C HIS A 135 24.00 1.90 -4.46
N HIS A 136 23.65 1.84 -3.17
CA HIS A 136 24.57 2.17 -2.07
C HIS A 136 25.52 0.97 -1.83
N MET A 1 -6.80 6.85 -12.81
CA MET A 1 -6.78 8.29 -12.46
C MET A 1 -6.01 8.55 -11.14
N GLY A 2 -5.42 7.48 -10.56
CA GLY A 2 -4.69 7.58 -9.28
C GLY A 2 -4.31 6.20 -8.77
N VAL A 3 -3.83 6.10 -7.51
CA VAL A 3 -3.35 4.83 -6.92
C VAL A 3 -3.73 4.72 -5.42
N VAL A 4 -4.03 3.49 -4.96
CA VAL A 4 -4.25 3.16 -3.54
C VAL A 4 -3.34 1.99 -3.14
N ILE A 5 -2.35 2.26 -2.28
CA ILE A 5 -1.43 1.24 -1.76
C ILE A 5 -1.95 0.71 -0.41
N LEU A 6 -2.46 -0.52 -0.39
CA LEU A 6 -2.89 -1.21 0.84
C LEU A 6 -1.76 -2.13 1.33
N VAL A 7 -1.04 -1.72 2.38
CA VAL A 7 0.09 -2.49 2.94
C VAL A 7 -0.42 -3.39 4.09
N LEU A 8 -0.50 -4.72 3.83
CA LEU A 8 -0.97 -5.73 4.80
C LEU A 8 0.23 -6.19 5.64
N THR A 9 0.32 -5.71 6.88
CA THR A 9 1.47 -5.97 7.77
C THR A 9 1.07 -6.95 8.87
N GLY A 10 1.97 -7.90 9.16
CA GLY A 10 1.81 -8.84 10.27
C GLY A 10 2.57 -8.35 11.50
N ASP A 11 2.73 -7.01 11.60
CA ASP A 11 3.39 -6.35 12.72
C ASP A 11 3.07 -4.86 12.67
N GLU A 12 2.76 -4.27 13.84
CA GLU A 12 2.33 -2.88 13.99
C GLU A 12 3.48 -1.90 13.74
N ARG A 13 4.64 -2.19 14.33
CA ARG A 13 5.82 -1.31 14.28
C ARG A 13 6.39 -1.22 12.87
N ILE A 14 6.32 -2.33 12.09
CA ILE A 14 6.76 -2.32 10.68
C ILE A 14 5.90 -1.31 9.87
N ALA A 15 4.58 -1.37 10.08
CA ALA A 15 3.61 -0.42 9.46
C ALA A 15 3.94 1.05 9.82
N GLU A 16 4.39 1.25 11.07
CA GLU A 16 4.79 2.56 11.59
C GLU A 16 6.09 3.05 10.92
N GLU A 17 7.06 2.14 10.71
CA GLU A 17 8.38 2.47 10.12
C GLU A 17 8.24 2.82 8.63
N LEU A 18 7.27 2.15 7.98
CA LEU A 18 6.94 2.38 6.57
C LEU A 18 6.22 3.72 6.40
N ARG A 19 5.41 4.10 7.42
CA ARG A 19 4.74 5.42 7.49
C ARG A 19 5.77 6.56 7.47
N LYS A 20 6.82 6.37 8.30
CA LYS A 20 7.95 7.31 8.41
C LYS A 20 8.70 7.42 7.08
N GLU A 21 8.75 6.30 6.35
CA GLU A 21 9.47 6.20 5.07
C GLU A 21 8.75 6.99 3.95
N VAL A 22 7.40 6.93 3.97
CA VAL A 22 6.55 7.66 3.01
C VAL A 22 6.78 9.18 3.11
N GLN A 23 7.06 9.66 4.34
CA GLN A 23 7.22 11.11 4.62
C GLN A 23 8.45 11.70 3.91
N LYS A 24 9.50 10.88 3.75
CA LYS A 24 10.77 11.31 3.15
C LYS A 24 10.74 11.22 1.62
N HIS A 25 9.97 10.26 1.11
CA HIS A 25 9.77 10.09 -0.35
C HIS A 25 8.83 11.19 -0.87
N ASP A 26 7.64 11.26 -0.28
CA ASP A 26 6.59 12.21 -0.65
C ASP A 26 5.67 12.48 0.57
N PRO A 27 5.87 13.63 1.30
CA PRO A 27 5.05 13.97 2.50
C PRO A 27 3.58 14.32 2.18
N ASN A 28 3.26 14.43 0.87
CA ASN A 28 1.89 14.77 0.40
C ASN A 28 1.01 13.51 0.41
N VAL A 29 1.65 12.32 0.39
CA VAL A 29 0.95 11.05 0.58
C VAL A 29 0.77 10.81 2.10
N LYS A 30 -0.49 10.87 2.58
CA LYS A 30 -0.83 10.50 3.96
C LYS A 30 -1.07 9.00 4.10
N THR A 31 -0.95 8.52 5.34
CA THR A 31 -0.99 7.11 5.69
C THR A 31 -2.19 6.80 6.61
N VAL A 32 -3.08 5.89 6.18
CA VAL A 32 -4.32 5.53 6.91
C VAL A 32 -4.13 4.16 7.60
N PRO A 33 -4.08 4.08 8.96
CA PRO A 33 -3.98 2.80 9.68
C PRO A 33 -5.35 2.08 9.82
N THR A 34 -5.31 0.87 10.41
CA THR A 34 -6.49 -0.03 10.50
C THR A 34 -7.60 0.56 11.38
N LYS A 35 -7.22 1.36 12.39
CA LYS A 35 -8.19 2.00 13.32
C LYS A 35 -8.95 3.18 12.66
N ASP A 36 -8.56 3.53 11.42
CA ASP A 36 -9.32 4.48 10.58
C ASP A 36 -10.01 3.71 9.44
N LYS A 37 -10.46 2.47 9.73
CA LYS A 37 -11.17 1.57 8.79
C LYS A 37 -12.35 2.27 8.07
N GLU A 38 -13.20 2.96 8.86
CA GLU A 38 -14.39 3.65 8.34
C GLU A 38 -13.98 4.80 7.43
N LYS A 39 -12.86 5.40 7.81
CA LYS A 39 -12.34 6.64 7.25
C LYS A 39 -11.55 6.39 5.94
N VAL A 40 -11.12 5.11 5.72
CA VAL A 40 -10.31 4.71 4.54
C VAL A 40 -10.97 5.14 3.21
N LYS A 41 -12.27 4.81 3.08
CA LYS A 41 -13.08 5.09 1.87
C LYS A 41 -13.07 6.59 1.50
N GLU A 42 -13.22 7.44 2.52
CA GLU A 42 -13.17 8.90 2.38
C GLU A 42 -11.77 9.36 1.92
N GLU A 43 -10.72 8.87 2.59
CA GLU A 43 -9.32 9.25 2.31
C GLU A 43 -8.93 8.88 0.85
N ILE A 44 -9.43 7.72 0.39
CA ILE A 44 -9.22 7.19 -0.98
C ILE A 44 -9.84 8.14 -2.02
N GLU A 45 -11.05 8.65 -1.70
CA GLU A 45 -11.81 9.58 -2.56
C GLU A 45 -11.01 10.88 -2.81
N LYS A 46 -10.31 11.36 -1.76
CA LYS A 46 -9.56 12.64 -1.82
C LYS A 46 -8.31 12.46 -2.71
N ALA A 47 -7.59 11.33 -2.48
CA ALA A 47 -6.38 10.96 -3.23
C ALA A 47 -6.69 10.61 -4.70
N ARG A 48 -7.92 10.08 -4.93
CA ARG A 48 -8.43 9.73 -6.27
C ARG A 48 -8.46 10.98 -7.17
N LYS A 49 -9.02 12.06 -6.62
CA LYS A 49 -9.20 13.34 -7.32
C LYS A 49 -7.84 13.98 -7.63
N GLN A 50 -6.92 13.89 -6.67
CA GLN A 50 -5.56 14.48 -6.76
C GLN A 50 -4.62 13.58 -7.56
N GLY A 51 -5.05 12.33 -7.82
CA GLY A 51 -4.30 11.37 -8.64
C GLY A 51 -3.07 10.78 -7.97
N ARG A 52 -2.98 10.96 -6.65
CA ARG A 52 -1.81 10.53 -5.86
C ARG A 52 -2.04 9.12 -5.29
N PRO A 53 -0.92 8.35 -5.03
CA PRO A 53 -0.99 7.13 -4.22
C PRO A 53 -1.34 7.48 -2.76
N ILE A 54 -2.09 6.60 -2.10
CA ILE A 54 -2.40 6.72 -0.67
C ILE A 54 -2.05 5.40 0.02
N VAL A 55 -1.22 5.46 1.06
CA VAL A 55 -0.74 4.26 1.73
C VAL A 55 -1.63 3.96 2.95
N VAL A 56 -2.53 2.99 2.77
CA VAL A 56 -3.42 2.49 3.82
C VAL A 56 -2.80 1.25 4.44
N PHE A 57 -2.32 1.37 5.70
CA PHE A 57 -1.81 0.22 6.45
C PHE A 57 -2.98 -0.63 6.95
N VAL A 58 -3.10 -1.78 6.32
CA VAL A 58 -4.04 -2.85 6.69
C VAL A 58 -3.24 -3.92 7.45
N ARG A 59 -3.88 -4.65 8.37
CA ARG A 59 -3.21 -5.66 9.20
C ARG A 59 -3.39 -7.05 8.53
N GLY A 60 -2.56 -8.04 8.93
CA GLY A 60 -2.57 -9.39 8.33
C GLY A 60 -3.89 -10.14 8.53
N GLY A 61 -4.58 -9.85 9.66
CA GLY A 61 -5.88 -10.44 9.96
C GLY A 61 -7.06 -9.57 9.51
N ASP A 62 -6.76 -8.56 8.67
CA ASP A 62 -7.77 -7.68 8.05
C ASP A 62 -7.81 -7.94 6.53
N ASP A 63 -7.46 -9.19 6.14
CA ASP A 63 -7.35 -9.62 4.73
C ASP A 63 -8.63 -9.36 3.92
N GLU A 64 -9.78 -9.61 4.57
CA GLU A 64 -11.12 -9.44 3.98
C GLU A 64 -11.37 -7.96 3.66
N ARG A 65 -11.06 -7.09 4.65
CA ARG A 65 -11.19 -5.63 4.50
C ARG A 65 -10.25 -5.12 3.40
N ALA A 66 -9.06 -5.73 3.31
CA ALA A 66 -8.04 -5.36 2.32
C ALA A 66 -8.55 -5.57 0.88
N LYS A 67 -9.07 -6.78 0.60
CA LYS A 67 -9.50 -7.18 -0.77
C LYS A 67 -10.81 -6.48 -1.18
N ASP A 68 -11.65 -6.11 -0.20
CA ASP A 68 -12.90 -5.35 -0.46
C ASP A 68 -12.59 -3.89 -0.79
N ILE A 69 -11.76 -3.26 0.04
CA ILE A 69 -11.27 -1.87 -0.17
C ILE A 69 -10.46 -1.79 -1.48
N ALA A 70 -9.79 -2.91 -1.81
CA ALA A 70 -9.06 -3.09 -3.07
C ALA A 70 -10.01 -3.10 -4.29
N GLU A 71 -11.10 -3.89 -4.18
CA GLU A 71 -12.14 -3.96 -5.23
C GLU A 71 -12.79 -2.59 -5.44
N TYR A 72 -13.00 -1.90 -4.30
CA TYR A 72 -13.59 -0.56 -4.27
C TYR A 72 -12.71 0.43 -5.05
N ALA A 73 -11.42 0.48 -4.67
CA ALA A 73 -10.43 1.41 -5.25
C ALA A 73 -10.19 1.11 -6.75
N GLN A 74 -10.28 -0.17 -7.12
CA GLN A 74 -10.18 -0.62 -8.53
C GLN A 74 -11.40 -0.12 -9.34
N LYS A 75 -12.58 -0.10 -8.71
CA LYS A 75 -13.81 0.48 -9.32
C LYS A 75 -13.73 2.03 -9.37
N GLU A 76 -12.90 2.64 -8.48
CA GLU A 76 -12.63 4.10 -8.50
C GLU A 76 -11.63 4.46 -9.62
N GLY A 77 -11.16 3.44 -10.38
CA GLY A 77 -10.20 3.61 -11.46
C GLY A 77 -8.82 3.92 -10.95
N LEU A 78 -8.45 3.29 -9.83
CA LEU A 78 -7.16 3.50 -9.14
C LEU A 78 -6.38 2.18 -9.17
N ARG A 79 -5.06 2.26 -9.45
CA ARG A 79 -4.16 1.09 -9.35
C ARG A 79 -4.03 0.68 -7.89
N VAL A 80 -4.44 -0.54 -7.57
CA VAL A 80 -4.38 -1.05 -6.20
C VAL A 80 -3.10 -1.87 -6.02
N ILE A 81 -2.26 -1.40 -5.09
CA ILE A 81 -0.99 -2.04 -4.75
C ILE A 81 -1.16 -2.70 -3.38
N VAL A 82 -1.00 -4.01 -3.31
CA VAL A 82 -1.07 -4.76 -2.04
C VAL A 82 0.36 -5.15 -1.64
N ILE A 83 0.89 -4.58 -0.54
CA ILE A 83 2.25 -4.92 -0.05
C ILE A 83 2.11 -5.70 1.25
N ILE A 84 2.33 -7.01 1.18
CA ILE A 84 2.21 -7.89 2.34
C ILE A 84 3.59 -8.05 3.00
N VAL A 85 3.68 -7.69 4.29
CA VAL A 85 4.90 -7.82 5.08
C VAL A 85 4.68 -8.89 6.16
N SER A 86 5.22 -10.09 5.96
CA SER A 86 5.05 -11.22 6.88
C SER A 86 6.26 -12.15 6.81
N GLN A 87 6.70 -12.65 7.99
CA GLN A 87 7.71 -13.72 8.07
C GLN A 87 7.11 -15.03 7.49
N ASP A 88 5.78 -15.15 7.64
CA ASP A 88 4.99 -16.23 7.06
C ASP A 88 4.92 -16.03 5.54
N GLU A 89 5.83 -16.70 4.82
CA GLU A 89 5.90 -16.65 3.35
C GLU A 89 4.69 -17.35 2.70
N GLU A 90 4.05 -18.25 3.45
CA GLU A 90 2.79 -18.89 3.04
C GLU A 90 1.65 -17.86 3.02
N ALA A 91 1.67 -16.94 4.01
CA ALA A 91 0.72 -15.81 4.06
C ALA A 91 1.04 -14.77 2.96
N LEU A 92 2.36 -14.61 2.65
CA LEU A 92 2.82 -13.78 1.52
C LEU A 92 2.26 -14.34 0.20
N ARG A 93 2.38 -15.67 0.04
CA ARG A 93 2.09 -16.40 -1.21
C ARG A 93 0.58 -16.37 -1.54
N LYS A 94 -0.25 -16.68 -0.52
CA LYS A 94 -1.72 -16.76 -0.69
C LYS A 94 -2.29 -15.40 -1.07
N GLY A 95 -1.91 -14.38 -0.29
CA GLY A 95 -2.33 -13.01 -0.55
C GLY A 95 -1.76 -12.44 -1.85
N TYR A 96 -0.56 -12.93 -2.24
CA TYR A 96 0.10 -12.49 -3.47
C TYR A 96 -0.76 -12.84 -4.69
N GLU A 97 -1.06 -14.13 -4.84
CA GLU A 97 -1.74 -14.67 -6.02
C GLU A 97 -3.24 -14.30 -6.01
N ASP A 98 -3.85 -14.30 -4.80
CA ASP A 98 -5.29 -14.00 -4.62
C ASP A 98 -5.63 -12.58 -5.08
N LYS A 99 -4.80 -11.62 -4.68
CA LYS A 99 -4.98 -10.21 -5.05
C LYS A 99 -4.48 -9.94 -6.50
N LYS A 100 -3.42 -10.65 -6.91
CA LYS A 100 -2.78 -10.46 -8.24
C LYS A 100 -3.70 -10.92 -9.40
N LYS A 101 -4.47 -12.01 -9.16
CA LYS A 101 -5.45 -12.52 -10.14
C LYS A 101 -6.67 -11.58 -10.26
N LYS A 102 -6.89 -10.74 -9.23
CA LYS A 102 -7.93 -9.71 -9.22
C LYS A 102 -7.47 -8.43 -9.96
N GLY A 103 -6.16 -8.38 -10.28
CA GLY A 103 -5.58 -7.27 -11.05
C GLY A 103 -4.93 -6.21 -10.18
N TYR A 104 -4.41 -6.61 -9.01
CA TYR A 104 -3.71 -5.71 -8.06
C TYR A 104 -2.21 -5.97 -8.15
N ASP A 105 -1.38 -4.91 -8.13
CA ASP A 105 0.09 -5.04 -8.13
C ASP A 105 0.53 -5.43 -6.71
N VAL A 106 0.82 -6.72 -6.50
CA VAL A 106 1.16 -7.23 -5.16
C VAL A 106 2.67 -7.40 -5.02
N TYR A 107 3.19 -7.02 -3.84
CA TYR A 107 4.60 -7.07 -3.50
C TYR A 107 4.74 -7.85 -2.19
N THR A 108 5.66 -8.82 -2.14
CA THR A 108 5.88 -9.66 -0.96
C THR A 108 7.18 -9.25 -0.27
N SER A 109 7.13 -9.17 1.06
CA SER A 109 8.25 -8.75 1.90
C SER A 109 8.23 -9.54 3.20
N ARG A 110 9.42 -9.98 3.65
CA ARG A 110 9.53 -10.70 4.94
C ARG A 110 9.53 -9.70 6.09
N ASN A 111 10.14 -8.51 5.86
CA ASN A 111 10.30 -7.49 6.93
C ASN A 111 10.37 -6.07 6.37
N GLU A 112 10.70 -5.10 7.25
CA GLU A 112 10.76 -3.66 6.93
C GLU A 112 11.67 -3.39 5.72
N ASP A 113 12.86 -4.01 5.69
CA ASP A 113 13.89 -3.76 4.66
C ASP A 113 13.35 -3.96 3.23
N GLU A 114 12.64 -5.08 3.01
CA GLU A 114 12.03 -5.39 1.71
C GLU A 114 10.89 -4.43 1.39
N ALA A 115 10.00 -4.27 2.37
CA ALA A 115 8.79 -3.45 2.27
C ALA A 115 9.11 -1.97 2.00
N LYS A 116 10.26 -1.53 2.53
CA LYS A 116 10.76 -0.15 2.42
C LYS A 116 11.09 0.19 0.96
N LYS A 117 11.64 -0.81 0.26
CA LYS A 117 11.99 -0.68 -1.16
C LYS A 117 10.70 -0.74 -2.01
N LYS A 118 9.89 -1.78 -1.77
CA LYS A 118 8.67 -2.08 -2.56
C LYS A 118 7.62 -0.94 -2.45
N LEU A 119 7.60 -0.27 -1.29
CA LEU A 119 6.65 0.82 -0.99
C LEU A 119 6.98 2.07 -1.81
N LYS A 120 8.26 2.47 -1.78
CA LYS A 120 8.73 3.65 -2.52
C LYS A 120 8.67 3.41 -4.04
N GLU A 121 8.89 2.16 -4.47
CA GLU A 121 8.77 1.74 -5.88
C GLU A 121 7.32 1.89 -6.39
N ALA A 122 6.36 1.54 -5.53
CA ALA A 122 4.92 1.70 -5.80
C ALA A 122 4.51 3.19 -5.82
N LEU A 123 5.21 4.01 -5.02
CA LEU A 123 5.04 5.49 -5.03
C LEU A 123 5.64 6.11 -6.32
N GLU A 124 6.74 5.52 -6.83
CA GLU A 124 7.47 6.05 -8.01
C GLU A 124 6.67 5.86 -9.30
N LYS A 125 6.18 4.63 -9.53
CA LYS A 125 5.47 4.25 -10.78
C LYS A 125 4.10 4.92 -10.87
N SER A 126 3.56 5.35 -9.72
CA SER A 126 2.27 6.06 -9.64
C SER A 126 2.43 7.55 -10.02
N GLY A 127 3.64 8.09 -9.81
CA GLY A 127 3.95 9.47 -10.17
C GLY A 127 4.82 10.15 -9.12
N SER A 128 4.52 9.90 -7.83
CA SER A 128 5.23 10.53 -6.69
C SER A 128 6.71 10.10 -6.66
N LEU A 129 7.59 11.00 -7.10
CA LEU A 129 9.05 10.83 -6.97
C LEU A 129 9.53 11.66 -5.78
N GLU A 130 10.71 11.29 -5.23
CA GLU A 130 11.36 12.07 -4.16
C GLU A 130 11.74 13.45 -4.72
N HIS A 131 11.18 14.51 -4.10
CA HIS A 131 11.26 15.92 -4.57
C HIS A 131 12.70 16.43 -4.69
N HIS A 132 13.61 15.77 -3.96
CA HIS A 132 15.05 16.04 -4.00
C HIS A 132 15.74 15.24 -5.14
N HIS A 133 14.94 14.80 -6.14
CA HIS A 133 15.40 14.08 -7.37
C HIS A 133 16.14 12.76 -7.02
N HIS A 134 15.66 12.08 -5.95
CA HIS A 134 16.25 10.82 -5.42
C HIS A 134 17.71 11.01 -4.91
N HIS A 135 18.03 12.23 -4.39
CA HIS A 135 19.32 12.48 -3.69
C HIS A 135 19.23 12.05 -2.20
N HIS A 136 18.16 11.32 -1.84
CA HIS A 136 17.93 10.74 -0.50
C HIS A 136 19.13 9.87 -0.07
N MET A 1 -5.83 9.43 -12.31
CA MET A 1 -4.99 9.90 -11.17
C MET A 1 -5.53 9.32 -9.85
N GLY A 2 -4.61 9.10 -8.90
CA GLY A 2 -4.93 8.42 -7.64
C GLY A 2 -4.51 6.95 -7.69
N VAL A 3 -3.77 6.49 -6.68
CA VAL A 3 -3.26 5.11 -6.57
C VAL A 3 -3.33 4.67 -5.09
N VAL A 4 -3.91 3.50 -4.82
CA VAL A 4 -4.12 3.01 -3.44
C VAL A 4 -3.18 1.82 -3.15
N ILE A 5 -2.23 2.03 -2.23
CA ILE A 5 -1.27 1.01 -1.79
C ILE A 5 -1.72 0.43 -0.44
N LEU A 6 -2.19 -0.81 -0.43
CA LEU A 6 -2.69 -1.51 0.77
C LEU A 6 -1.60 -2.43 1.33
N VAL A 7 -0.97 -2.03 2.42
CA VAL A 7 0.12 -2.80 3.03
C VAL A 7 -0.39 -3.61 4.24
N LEU A 8 -0.45 -4.95 4.09
CA LEU A 8 -0.88 -5.88 5.15
C LEU A 8 0.34 -6.25 6.00
N THR A 9 0.46 -5.68 7.18
CA THR A 9 1.63 -5.87 8.04
C THR A 9 1.28 -6.80 9.20
N GLY A 10 2.19 -7.74 9.48
CA GLY A 10 2.09 -8.62 10.64
C GLY A 10 2.61 -7.97 11.92
N ASP A 11 3.20 -6.76 11.76
CA ASP A 11 3.76 -5.97 12.87
C ASP A 11 3.44 -4.49 12.66
N GLU A 12 2.97 -3.85 13.74
CA GLU A 12 2.48 -2.46 13.74
C GLU A 12 3.63 -1.44 13.61
N ARG A 13 4.82 -1.79 14.15
CA ARG A 13 6.00 -0.89 14.12
C ARG A 13 6.51 -0.77 12.67
N ILE A 14 6.41 -1.89 11.92
CA ILE A 14 6.71 -1.91 10.48
C ILE A 14 5.77 -0.94 9.73
N ALA A 15 4.46 -1.01 10.06
CA ALA A 15 3.43 -0.13 9.46
C ALA A 15 3.75 1.37 9.70
N GLU A 16 4.35 1.69 10.87
CA GLU A 16 4.79 3.05 11.20
C GLU A 16 6.04 3.43 10.37
N GLU A 17 7.01 2.50 10.31
CA GLU A 17 8.28 2.67 9.56
C GLU A 17 8.01 2.96 8.07
N LEU A 18 7.00 2.28 7.53
CA LEU A 18 6.59 2.42 6.14
C LEU A 18 5.97 3.81 5.89
N ARG A 19 5.13 4.27 6.85
CA ARG A 19 4.47 5.58 6.79
C ARG A 19 5.49 6.73 6.69
N LYS A 20 6.43 6.76 7.64
CA LYS A 20 7.43 7.83 7.74
C LYS A 20 8.38 7.85 6.53
N GLU A 21 8.63 6.68 5.93
CA GLU A 21 9.42 6.58 4.68
C GLU A 21 8.68 7.20 3.48
N VAL A 22 7.35 7.02 3.45
CA VAL A 22 6.48 7.65 2.46
C VAL A 22 6.50 9.18 2.62
N GLN A 23 6.47 9.63 3.88
CA GLN A 23 6.47 11.06 4.24
C GLN A 23 7.81 11.73 3.86
N LYS A 24 8.92 10.96 3.94
CA LYS A 24 10.26 11.45 3.54
C LYS A 24 10.39 11.49 2.01
N HIS A 25 9.78 10.49 1.34
CA HIS A 25 9.82 10.35 -0.12
C HIS A 25 8.93 11.43 -0.79
N ASP A 26 7.81 11.74 -0.12
CA ASP A 26 6.79 12.67 -0.63
C ASP A 26 5.90 13.12 0.57
N PRO A 27 5.83 14.45 0.87
CA PRO A 27 5.15 14.97 2.09
C PRO A 27 3.63 15.23 1.89
N ASN A 28 3.09 14.89 0.72
CA ASN A 28 1.68 15.17 0.35
C ASN A 28 0.89 13.87 0.09
N VAL A 29 1.50 12.70 0.35
CA VAL A 29 0.80 11.40 0.24
C VAL A 29 -0.14 11.19 1.44
N LYS A 30 -1.30 10.57 1.18
CA LYS A 30 -2.23 10.13 2.24
C LYS A 30 -1.75 8.82 2.85
N THR A 31 -1.87 8.69 4.17
CA THR A 31 -1.49 7.47 4.92
C THR A 31 -2.52 7.23 6.04
N VAL A 32 -3.12 6.03 6.05
CA VAL A 32 -4.27 5.69 6.93
C VAL A 32 -4.05 4.32 7.59
N PRO A 33 -4.16 4.19 8.96
CA PRO A 33 -4.03 2.90 9.66
C PRO A 33 -5.37 2.12 9.78
N THR A 34 -5.30 0.95 10.44
CA THR A 34 -6.42 -0.01 10.60
C THR A 34 -7.60 0.58 11.40
N LYS A 35 -7.27 1.37 12.45
CA LYS A 35 -8.28 1.97 13.35
C LYS A 35 -9.07 3.14 12.69
N ASP A 36 -8.72 3.45 11.43
CA ASP A 36 -9.46 4.42 10.61
C ASP A 36 -10.09 3.70 9.41
N LYS A 37 -10.60 2.48 9.64
CA LYS A 37 -11.26 1.64 8.62
C LYS A 37 -12.46 2.38 7.97
N GLU A 38 -13.27 2.99 8.84
CA GLU A 38 -14.45 3.77 8.45
C GLU A 38 -14.05 5.07 7.72
N LYS A 39 -12.81 5.51 7.96
CA LYS A 39 -12.25 6.76 7.42
C LYS A 39 -11.53 6.52 6.05
N VAL A 40 -11.11 5.25 5.79
CA VAL A 40 -10.25 4.90 4.63
C VAL A 40 -10.82 5.41 3.29
N LYS A 41 -12.11 5.12 3.06
CA LYS A 41 -12.80 5.41 1.78
C LYS A 41 -12.82 6.93 1.47
N GLU A 42 -13.00 7.76 2.53
CA GLU A 42 -12.98 9.23 2.40
C GLU A 42 -11.57 9.71 1.97
N GLU A 43 -10.54 9.06 2.53
CA GLU A 43 -9.14 9.47 2.30
C GLU A 43 -8.63 8.98 0.93
N ILE A 44 -9.22 7.87 0.43
CA ILE A 44 -9.01 7.39 -0.95
C ILE A 44 -9.61 8.39 -1.94
N GLU A 45 -10.82 8.88 -1.60
CA GLU A 45 -11.53 9.88 -2.39
C GLU A 45 -10.71 11.18 -2.49
N LYS A 46 -10.04 11.54 -1.37
CA LYS A 46 -9.13 12.72 -1.29
C LYS A 46 -7.91 12.50 -2.19
N ALA A 47 -7.27 11.34 -2.05
CA ALA A 47 -6.08 10.97 -2.81
C ALA A 47 -6.36 11.02 -4.33
N ARG A 48 -7.51 10.45 -4.71
CA ARG A 48 -7.93 10.36 -6.12
C ARG A 48 -8.13 11.76 -6.75
N LYS A 49 -8.92 12.61 -6.06
CA LYS A 49 -9.35 13.93 -6.61
C LYS A 49 -8.17 14.92 -6.70
N GLN A 50 -7.16 14.73 -5.83
CA GLN A 50 -5.98 15.62 -5.74
C GLN A 50 -4.81 15.11 -6.61
N GLY A 51 -4.94 13.88 -7.15
CA GLY A 51 -3.86 13.25 -7.93
C GLY A 51 -2.70 12.82 -7.04
N ARG A 52 -3.06 12.01 -6.03
CA ARG A 52 -2.16 11.61 -4.92
C ARG A 52 -2.34 10.11 -4.65
N PRO A 53 -1.28 9.42 -4.14
CA PRO A 53 -1.43 8.08 -3.59
C PRO A 53 -1.96 8.08 -2.14
N ILE A 54 -2.41 6.91 -1.69
CA ILE A 54 -2.80 6.67 -0.30
C ILE A 54 -2.28 5.28 0.12
N VAL A 55 -1.45 5.23 1.17
CA VAL A 55 -0.94 3.99 1.71
C VAL A 55 -1.78 3.61 2.94
N VAL A 56 -2.65 2.60 2.77
CA VAL A 56 -3.53 2.11 3.83
C VAL A 56 -2.88 0.90 4.51
N PHE A 57 -2.51 1.09 5.77
CA PHE A 57 -1.91 0.04 6.59
C PHE A 57 -3.03 -0.85 7.16
N VAL A 58 -3.10 -2.04 6.59
CA VAL A 58 -4.01 -3.12 6.99
C VAL A 58 -3.19 -4.11 7.83
N ARG A 59 -3.82 -4.79 8.79
CA ARG A 59 -3.10 -5.71 9.69
C ARG A 59 -3.22 -7.14 9.16
N GLY A 60 -2.28 -8.02 9.58
CA GLY A 60 -2.31 -9.44 9.23
C GLY A 60 -3.47 -10.15 9.92
N GLY A 61 -4.66 -10.02 9.32
CA GLY A 61 -5.91 -10.52 9.91
C GLY A 61 -7.13 -9.86 9.28
N ASP A 62 -6.93 -8.62 8.76
CA ASP A 62 -7.99 -7.88 8.05
C ASP A 62 -7.85 -8.11 6.53
N ASP A 63 -7.59 -9.37 6.15
CA ASP A 63 -7.33 -9.76 4.75
C ASP A 63 -8.55 -9.52 3.84
N GLU A 64 -9.76 -9.60 4.45
CA GLU A 64 -11.02 -9.24 3.77
C GLU A 64 -11.08 -7.74 3.51
N ARG A 65 -10.69 -6.92 4.51
CA ARG A 65 -10.61 -5.44 4.35
C ARG A 65 -9.63 -5.08 3.23
N ALA A 66 -8.54 -5.84 3.14
CA ALA A 66 -7.53 -5.66 2.08
C ALA A 66 -8.16 -5.80 0.68
N LYS A 67 -8.91 -6.90 0.46
CA LYS A 67 -9.53 -7.19 -0.86
C LYS A 67 -10.72 -6.26 -1.16
N ASP A 68 -11.46 -5.83 -0.11
CA ASP A 68 -12.67 -4.99 -0.27
C ASP A 68 -12.29 -3.55 -0.63
N ILE A 69 -11.25 -3.03 0.04
CA ILE A 69 -10.70 -1.70 -0.23
C ILE A 69 -9.95 -1.70 -1.59
N ALA A 70 -9.33 -2.87 -1.92
CA ALA A 70 -8.69 -3.11 -3.22
C ALA A 70 -9.72 -3.11 -4.35
N GLU A 71 -10.90 -3.71 -4.06
CA GLU A 71 -12.02 -3.77 -5.00
C GLU A 71 -12.55 -2.37 -5.27
N TYR A 72 -12.66 -1.56 -4.20
CA TYR A 72 -13.11 -0.16 -4.26
C TYR A 72 -12.11 0.67 -5.08
N ALA A 73 -10.81 0.48 -4.80
CA ALA A 73 -9.73 1.23 -5.46
C ALA A 73 -9.73 0.96 -6.98
N GLN A 74 -9.87 -0.32 -7.35
CA GLN A 74 -9.94 -0.75 -8.75
C GLN A 74 -11.24 -0.26 -9.41
N LYS A 75 -12.31 -0.18 -8.59
CA LYS A 75 -13.66 0.28 -9.00
C LYS A 75 -13.64 1.77 -9.39
N GLU A 76 -12.77 2.54 -8.68
CA GLU A 76 -12.53 3.97 -8.95
C GLU A 76 -11.67 4.17 -10.22
N GLY A 77 -11.06 3.08 -10.70
CA GLY A 77 -10.12 3.13 -11.82
C GLY A 77 -8.73 3.55 -11.36
N LEU A 78 -8.36 3.16 -10.13
CA LEU A 78 -7.05 3.49 -9.53
C LEU A 78 -6.17 2.24 -9.49
N ARG A 79 -4.85 2.45 -9.57
CA ARG A 79 -3.84 1.38 -9.47
C ARG A 79 -3.80 0.86 -8.03
N VAL A 80 -3.95 -0.45 -7.86
CA VAL A 80 -3.97 -1.09 -6.54
C VAL A 80 -2.69 -1.89 -6.33
N ILE A 81 -1.87 -1.47 -5.35
CA ILE A 81 -0.65 -2.19 -4.97
C ILE A 81 -0.84 -2.77 -3.57
N VAL A 82 -0.87 -4.11 -3.46
CA VAL A 82 -1.05 -4.81 -2.18
C VAL A 82 0.31 -5.35 -1.70
N ILE A 83 0.86 -4.82 -0.59
CA ILE A 83 2.17 -5.26 -0.06
C ILE A 83 1.97 -6.02 1.24
N ILE A 84 2.16 -7.35 1.20
CA ILE A 84 2.02 -8.21 2.37
C ILE A 84 3.37 -8.34 3.08
N VAL A 85 3.47 -7.76 4.28
CA VAL A 85 4.62 -7.96 5.17
C VAL A 85 4.29 -9.07 6.18
N SER A 86 4.83 -10.27 5.93
CA SER A 86 4.69 -11.44 6.81
C SER A 86 5.96 -12.30 6.69
N GLN A 87 6.55 -12.68 7.83
CA GLN A 87 7.70 -13.59 7.88
C GLN A 87 7.31 -15.01 7.39
N ASP A 88 6.01 -15.32 7.55
CA ASP A 88 5.41 -16.55 7.03
C ASP A 88 5.20 -16.41 5.52
N GLU A 89 6.09 -17.08 4.75
CA GLU A 89 6.02 -17.07 3.28
C GLU A 89 4.75 -17.74 2.77
N GLU A 90 4.15 -18.62 3.58
CA GLU A 90 2.86 -19.27 3.28
C GLU A 90 1.77 -18.18 3.10
N ALA A 91 1.77 -17.19 4.01
CA ALA A 91 0.85 -16.04 3.95
C ALA A 91 1.16 -15.13 2.75
N LEU A 92 2.46 -15.02 2.41
CA LEU A 92 2.95 -14.19 1.30
C LEU A 92 2.46 -14.73 -0.07
N ARG A 93 2.72 -16.02 -0.33
CA ARG A 93 2.46 -16.65 -1.64
C ARG A 93 0.95 -16.80 -1.87
N LYS A 94 0.22 -17.08 -0.77
CA LYS A 94 -1.25 -17.25 -0.80
C LYS A 94 -1.93 -15.91 -1.16
N GLY A 95 -1.57 -14.85 -0.41
CA GLY A 95 -2.14 -13.53 -0.62
C GLY A 95 -1.73 -12.90 -1.95
N TYR A 96 -0.49 -13.25 -2.39
CA TYR A 96 0.08 -12.73 -3.65
C TYR A 96 -0.78 -13.13 -4.83
N GLU A 97 -0.97 -14.45 -4.98
CA GLU A 97 -1.71 -15.02 -6.12
C GLU A 97 -3.18 -14.64 -6.09
N ASP A 98 -3.78 -14.66 -4.88
CA ASP A 98 -5.22 -14.39 -4.69
C ASP A 98 -5.61 -12.96 -5.11
N LYS A 99 -4.80 -11.97 -4.71
CA LYS A 99 -5.04 -10.55 -5.08
C LYS A 99 -4.58 -10.28 -6.53
N LYS A 100 -3.52 -10.96 -6.97
CA LYS A 100 -2.92 -10.76 -8.31
C LYS A 100 -3.86 -11.26 -9.43
N LYS A 101 -4.61 -12.34 -9.16
CA LYS A 101 -5.58 -12.92 -10.11
C LYS A 101 -6.85 -12.04 -10.22
N LYS A 102 -7.01 -11.12 -9.24
CA LYS A 102 -8.08 -10.10 -9.25
C LYS A 102 -7.61 -8.83 -9.99
N GLY A 103 -6.32 -8.80 -10.37
CA GLY A 103 -5.73 -7.68 -11.12
C GLY A 103 -5.16 -6.59 -10.22
N TYR A 104 -4.53 -7.01 -9.10
CA TYR A 104 -3.81 -6.10 -8.18
C TYR A 104 -2.31 -6.40 -8.25
N ASP A 105 -1.48 -5.35 -8.22
CA ASP A 105 -0.01 -5.50 -8.23
C ASP A 105 0.48 -5.78 -6.81
N VAL A 106 0.79 -7.05 -6.51
CA VAL A 106 1.11 -7.48 -5.15
C VAL A 106 2.62 -7.62 -4.97
N TYR A 107 3.09 -7.31 -3.75
CA TYR A 107 4.47 -7.52 -3.30
C TYR A 107 4.47 -8.42 -2.07
N THR A 108 5.50 -9.26 -1.97
CA THR A 108 5.70 -10.15 -0.83
C THR A 108 6.99 -9.75 -0.10
N SER A 109 6.89 -9.53 1.21
CA SER A 109 8.02 -9.10 2.05
C SER A 109 8.02 -9.87 3.36
N ARG A 110 9.19 -10.38 3.75
CA ARG A 110 9.38 -11.13 5.00
C ARG A 110 9.45 -10.17 6.20
N ASN A 111 9.93 -8.94 5.93
CA ASN A 111 10.32 -7.99 6.97
C ASN A 111 10.18 -6.53 6.49
N GLU A 112 10.54 -5.60 7.39
CA GLU A 112 10.42 -4.15 7.18
C GLU A 112 11.32 -3.66 6.05
N ASP A 113 12.60 -4.13 6.05
CA ASP A 113 13.62 -3.76 5.04
C ASP A 113 13.11 -4.01 3.61
N GLU A 114 12.49 -5.18 3.44
CA GLU A 114 12.00 -5.65 2.16
C GLU A 114 10.83 -4.78 1.67
N ALA A 115 9.86 -4.56 2.59
CA ALA A 115 8.65 -3.77 2.31
C ALA A 115 8.97 -2.30 2.00
N LYS A 116 10.01 -1.78 2.68
CA LYS A 116 10.43 -0.37 2.62
C LYS A 116 10.88 0.03 1.20
N LYS A 117 11.50 -0.92 0.49
CA LYS A 117 11.92 -0.74 -0.91
C LYS A 117 10.71 -0.80 -1.85
N LYS A 118 9.89 -1.87 -1.67
CA LYS A 118 8.75 -2.21 -2.55
C LYS A 118 7.64 -1.15 -2.49
N LEU A 119 7.58 -0.47 -1.34
CA LEU A 119 6.62 0.60 -1.08
C LEU A 119 6.98 1.84 -1.90
N LYS A 120 8.28 2.16 -1.97
CA LYS A 120 8.79 3.30 -2.75
C LYS A 120 8.72 3.02 -4.25
N GLU A 121 8.83 1.74 -4.62
CA GLU A 121 8.59 1.28 -6.00
C GLU A 121 7.12 1.53 -6.39
N ALA A 122 6.20 1.35 -5.43
CA ALA A 122 4.77 1.64 -5.58
C ALA A 122 4.52 3.16 -5.63
N LEU A 123 5.35 3.93 -4.87
CA LEU A 123 5.30 5.40 -4.85
C LEU A 123 5.74 5.98 -6.20
N GLU A 124 6.74 5.34 -6.83
CA GLU A 124 7.22 5.73 -8.18
C GLU A 124 6.09 5.62 -9.21
N LYS A 125 5.31 4.52 -9.11
CA LYS A 125 4.19 4.23 -10.03
C LYS A 125 3.01 5.19 -9.80
N SER A 126 2.92 5.75 -8.57
CA SER A 126 1.85 6.68 -8.19
C SER A 126 2.25 8.15 -8.41
N GLY A 127 3.47 8.37 -8.94
CA GLY A 127 3.93 9.72 -9.28
C GLY A 127 4.84 10.33 -8.22
N SER A 128 4.82 9.78 -6.99
CA SER A 128 5.69 10.23 -5.91
C SER A 128 7.15 9.87 -6.24
N LEU A 129 7.90 10.88 -6.74
CA LEU A 129 9.27 10.72 -7.23
C LEU A 129 10.21 11.69 -6.52
N GLU A 130 10.94 11.18 -5.53
CA GLU A 130 12.06 11.89 -4.89
C GLU A 130 13.38 11.39 -5.49
N HIS A 131 13.76 10.15 -5.13
CA HIS A 131 15.05 9.57 -5.53
C HIS A 131 14.89 8.84 -6.86
N HIS A 132 15.58 9.34 -7.90
CA HIS A 132 15.58 8.74 -9.25
C HIS A 132 16.99 8.19 -9.55
N HIS A 133 17.20 6.91 -9.19
CA HIS A 133 18.44 6.16 -9.48
C HIS A 133 18.12 4.66 -9.62
N HIS A 134 17.89 4.22 -10.87
CA HIS A 134 17.78 2.78 -11.22
C HIS A 134 19.19 2.16 -11.15
N HIS A 135 19.40 1.23 -10.21
CA HIS A 135 20.74 0.66 -9.92
C HIS A 135 21.13 -0.43 -10.94
N HIS A 136 21.46 0.02 -12.15
CA HIS A 136 21.95 -0.82 -13.25
C HIS A 136 22.33 0.12 -14.43
N MET A 1 -7.13 9.22 -12.32
CA MET A 1 -5.73 9.42 -11.87
C MET A 1 -5.67 9.31 -10.33
N GLY A 2 -4.60 8.67 -9.83
CA GLY A 2 -4.43 8.35 -8.40
C GLY A 2 -4.07 6.88 -8.24
N VAL A 3 -3.39 6.54 -7.13
CA VAL A 3 -2.86 5.16 -6.87
C VAL A 3 -3.00 4.82 -5.37
N VAL A 4 -3.48 3.62 -5.06
CA VAL A 4 -3.72 3.18 -3.66
C VAL A 4 -2.82 1.97 -3.32
N ILE A 5 -1.86 2.18 -2.40
CA ILE A 5 -0.92 1.14 -1.95
C ILE A 5 -1.36 0.61 -0.57
N LEU A 6 -1.85 -0.63 -0.53
CA LEU A 6 -2.30 -1.29 0.70
C LEU A 6 -1.19 -2.19 1.23
N VAL A 7 -0.52 -1.77 2.29
CA VAL A 7 0.54 -2.56 2.91
C VAL A 7 -0.04 -3.37 4.08
N LEU A 8 -0.20 -4.69 3.87
CA LEU A 8 -0.66 -5.63 4.90
C LEU A 8 0.56 -6.14 5.66
N THR A 9 0.72 -5.73 6.92
CA THR A 9 1.89 -6.04 7.74
C THR A 9 1.53 -7.08 8.80
N GLY A 10 2.41 -8.07 8.98
CA GLY A 10 2.23 -9.12 9.99
C GLY A 10 2.38 -8.58 11.41
N ASP A 11 2.82 -7.33 11.52
CA ASP A 11 2.94 -6.58 12.77
C ASP A 11 2.71 -5.09 12.47
N GLU A 12 1.74 -4.48 13.17
CA GLU A 12 1.31 -3.08 12.97
C GLU A 12 2.44 -2.07 13.30
N ARG A 13 3.38 -2.49 14.18
CA ARG A 13 4.59 -1.70 14.50
C ARG A 13 5.40 -1.45 13.22
N ILE A 14 5.52 -2.50 12.36
CA ILE A 14 6.20 -2.41 11.06
C ILE A 14 5.49 -1.39 10.15
N ALA A 15 4.14 -1.38 10.19
CA ALA A 15 3.31 -0.47 9.37
C ALA A 15 3.63 1.02 9.63
N GLU A 16 3.92 1.36 10.91
CA GLU A 16 4.31 2.73 11.30
C GLU A 16 5.73 3.06 10.77
N GLU A 17 6.62 2.04 10.81
CA GLU A 17 8.02 2.16 10.34
C GLU A 17 8.06 2.43 8.83
N LEU A 18 7.08 1.87 8.11
CA LEU A 18 6.92 2.06 6.67
C LEU A 18 6.28 3.42 6.35
N ARG A 19 5.42 3.90 7.26
CA ARG A 19 4.68 5.18 7.11
C ARG A 19 5.64 6.37 7.03
N LYS A 20 6.58 6.40 7.99
CA LYS A 20 7.58 7.48 8.12
C LYS A 20 8.49 7.54 6.87
N GLU A 21 8.69 6.38 6.20
CA GLU A 21 9.46 6.28 4.94
C GLU A 21 8.75 7.02 3.80
N VAL A 22 7.42 6.83 3.72
CA VAL A 22 6.55 7.50 2.72
C VAL A 22 6.61 9.03 2.91
N GLN A 23 6.64 9.45 4.18
CA GLN A 23 6.62 10.87 4.58
C GLN A 23 7.97 11.55 4.26
N LYS A 24 9.08 10.77 4.30
CA LYS A 24 10.42 11.27 3.90
C LYS A 24 10.54 11.32 2.37
N HIS A 25 9.86 10.36 1.70
CA HIS A 25 9.86 10.22 0.23
C HIS A 25 9.10 11.40 -0.41
N ASP A 26 7.86 11.61 0.07
CA ASP A 26 7.00 12.71 -0.33
C ASP A 26 5.98 12.97 0.81
N PRO A 27 6.01 14.19 1.45
CA PRO A 27 5.14 14.51 2.62
C PRO A 27 3.63 14.58 2.25
N ASN A 28 3.34 14.73 0.96
CA ASN A 28 1.97 15.03 0.45
C ASN A 28 1.16 13.74 0.24
N VAL A 29 1.85 12.58 0.19
CA VAL A 29 1.20 11.26 0.09
C VAL A 29 0.47 10.96 1.42
N LYS A 30 -0.86 10.76 1.33
CA LYS A 30 -1.70 10.45 2.49
C LYS A 30 -1.41 9.05 3.01
N THR A 31 -1.44 8.89 4.33
CA THR A 31 -1.18 7.61 5.01
C THR A 31 -2.30 7.35 6.04
N VAL A 32 -2.99 6.21 5.87
CA VAL A 32 -4.17 5.85 6.68
C VAL A 32 -3.87 4.61 7.53
N PRO A 33 -4.00 4.68 8.90
CA PRO A 33 -3.85 3.50 9.78
C PRO A 33 -5.14 2.62 9.84
N THR A 34 -5.04 1.48 10.56
CA THR A 34 -6.12 0.46 10.62
C THR A 34 -7.37 0.97 11.36
N LYS A 35 -7.14 1.88 12.34
CA LYS A 35 -8.23 2.49 13.15
C LYS A 35 -9.23 3.24 12.27
N ASP A 36 -8.74 3.78 11.14
CA ASP A 36 -9.51 4.61 10.20
C ASP A 36 -10.03 3.77 9.02
N LYS A 37 -10.36 2.49 9.28
CA LYS A 37 -10.85 1.54 8.25
C LYS A 37 -12.09 2.08 7.51
N GLU A 38 -13.06 2.66 8.24
CA GLU A 38 -14.26 3.27 7.66
C GLU A 38 -13.86 4.50 6.82
N LYS A 39 -12.90 5.28 7.36
CA LYS A 39 -12.40 6.50 6.73
C LYS A 39 -11.63 6.20 5.43
N VAL A 40 -11.05 4.98 5.30
CA VAL A 40 -10.23 4.57 4.12
C VAL A 40 -11.01 4.79 2.81
N LYS A 41 -12.28 4.37 2.80
CA LYS A 41 -13.19 4.53 1.66
C LYS A 41 -13.26 5.99 1.20
N GLU A 42 -13.37 6.90 2.18
CA GLU A 42 -13.41 8.35 1.93
C GLU A 42 -12.03 8.85 1.44
N GLU A 43 -10.97 8.33 2.08
CA GLU A 43 -9.58 8.74 1.80
C GLU A 43 -9.15 8.38 0.35
N ILE A 44 -9.67 7.25 -0.15
CA ILE A 44 -9.43 6.77 -1.53
C ILE A 44 -10.18 7.69 -2.53
N GLU A 45 -11.40 8.11 -2.12
CA GLU A 45 -12.19 9.11 -2.86
C GLU A 45 -11.42 10.43 -2.98
N LYS A 46 -10.75 10.85 -1.86
CA LYS A 46 -9.99 12.13 -1.83
C LYS A 46 -8.77 12.03 -2.75
N ALA A 47 -8.07 10.88 -2.68
CA ALA A 47 -6.87 10.61 -3.50
C ALA A 47 -7.21 10.57 -5.00
N ARG A 48 -8.43 10.09 -5.31
CA ARG A 48 -8.96 10.06 -6.69
C ARG A 48 -9.26 11.50 -7.17
N LYS A 49 -9.93 12.27 -6.29
CA LYS A 49 -10.43 13.62 -6.59
C LYS A 49 -9.25 14.61 -6.75
N GLN A 50 -8.18 14.37 -5.96
CA GLN A 50 -6.96 15.20 -5.95
C GLN A 50 -5.92 14.66 -6.96
N GLY A 51 -6.16 13.42 -7.47
CA GLY A 51 -5.35 12.82 -8.53
C GLY A 51 -3.92 12.49 -8.11
N ARG A 52 -3.77 12.01 -6.87
CA ARG A 52 -2.47 11.73 -6.24
C ARG A 52 -2.52 10.41 -5.44
N PRO A 53 -1.34 9.78 -5.11
CA PRO A 53 -1.29 8.50 -4.37
C PRO A 53 -1.72 8.59 -2.88
N ILE A 54 -1.91 7.41 -2.31
CA ILE A 54 -2.28 7.20 -0.92
C ILE A 54 -1.81 5.80 -0.49
N VAL A 55 -1.27 5.67 0.74
CA VAL A 55 -0.83 4.39 1.29
C VAL A 55 -1.67 4.06 2.54
N VAL A 56 -2.42 2.95 2.47
CA VAL A 56 -3.22 2.45 3.59
C VAL A 56 -2.48 1.29 4.25
N PHE A 57 -2.40 1.33 5.58
CA PHE A 57 -1.70 0.34 6.39
C PHE A 57 -2.72 -0.57 7.06
N VAL A 58 -2.71 -1.82 6.61
CA VAL A 58 -3.57 -2.90 7.08
C VAL A 58 -2.68 -3.94 7.82
N ARG A 59 -3.23 -4.71 8.77
CA ARG A 59 -2.50 -5.83 9.41
C ARG A 59 -2.75 -7.14 8.64
N GLY A 60 -1.91 -8.17 8.94
CA GLY A 60 -2.03 -9.50 8.36
C GLY A 60 -3.08 -10.33 9.10
N GLY A 61 -4.33 -9.88 8.99
CA GLY A 61 -5.46 -10.40 9.75
C GLY A 61 -6.72 -9.62 9.37
N ASP A 62 -6.52 -8.31 9.13
CA ASP A 62 -7.55 -7.40 8.58
C ASP A 62 -7.62 -7.51 7.04
N ASP A 63 -7.21 -8.68 6.51
CA ASP A 63 -7.19 -8.99 5.06
C ASP A 63 -8.60 -8.90 4.46
N GLU A 64 -9.62 -9.30 5.25
CA GLU A 64 -11.04 -9.26 4.85
C GLU A 64 -11.51 -7.82 4.60
N ARG A 65 -10.94 -6.89 5.34
CA ARG A 65 -11.19 -5.45 5.17
C ARG A 65 -10.37 -4.91 3.98
N ALA A 66 -9.13 -5.44 3.83
CA ALA A 66 -8.16 -4.97 2.79
C ALA A 66 -8.62 -5.32 1.36
N LYS A 67 -9.27 -6.48 1.18
CA LYS A 67 -9.77 -6.93 -0.14
C LYS A 67 -10.93 -6.04 -0.62
N ASP A 68 -11.77 -5.59 0.33
CA ASP A 68 -12.91 -4.68 0.06
C ASP A 68 -12.43 -3.25 -0.22
N ILE A 69 -11.37 -2.85 0.50
CA ILE A 69 -10.66 -1.56 0.29
C ILE A 69 -10.02 -1.56 -1.12
N ALA A 70 -9.44 -2.71 -1.49
CA ALA A 70 -8.75 -2.93 -2.78
C ALA A 70 -9.77 -2.86 -3.93
N GLU A 71 -10.92 -3.50 -3.71
CA GLU A 71 -12.00 -3.60 -4.69
C GLU A 71 -12.66 -2.23 -4.94
N TYR A 72 -12.78 -1.43 -3.85
CA TYR A 72 -13.29 -0.05 -3.92
C TYR A 72 -12.34 0.79 -4.78
N ALA A 73 -11.03 0.73 -4.44
CA ALA A 73 -9.96 1.45 -5.16
C ALA A 73 -9.90 1.05 -6.65
N GLN A 74 -10.22 -0.23 -6.93
CA GLN A 74 -10.31 -0.77 -8.29
C GLN A 74 -11.47 -0.10 -9.05
N LYS A 75 -12.62 0.04 -8.36
CA LYS A 75 -13.83 0.71 -8.90
C LYS A 75 -13.54 2.19 -9.23
N GLU A 76 -12.65 2.82 -8.43
CA GLU A 76 -12.26 4.23 -8.63
C GLU A 76 -11.35 4.42 -9.85
N GLY A 77 -10.83 3.30 -10.38
CA GLY A 77 -9.91 3.32 -11.51
C GLY A 77 -8.51 3.74 -11.10
N LEU A 78 -8.19 3.51 -9.80
CA LEU A 78 -6.88 3.82 -9.23
C LEU A 78 -6.03 2.55 -9.22
N ARG A 79 -4.73 2.68 -9.56
CA ARG A 79 -3.81 1.54 -9.61
C ARG A 79 -3.57 1.04 -8.17
N VAL A 80 -4.00 -0.19 -7.88
CA VAL A 80 -3.87 -0.78 -6.54
C VAL A 80 -2.60 -1.64 -6.48
N ILE A 81 -1.75 -1.37 -5.47
CA ILE A 81 -0.58 -2.18 -5.13
C ILE A 81 -0.83 -2.75 -3.74
N VAL A 82 -0.50 -4.03 -3.52
CA VAL A 82 -0.65 -4.68 -2.20
C VAL A 82 0.72 -5.23 -1.77
N ILE A 83 1.19 -4.86 -0.58
CA ILE A 83 2.51 -5.30 -0.06
C ILE A 83 2.31 -6.03 1.27
N ILE A 84 2.45 -7.36 1.25
CA ILE A 84 2.34 -8.21 2.44
C ILE A 84 3.73 -8.38 3.08
N VAL A 85 3.81 -8.16 4.41
CA VAL A 85 5.08 -8.18 5.16
C VAL A 85 5.03 -9.32 6.19
N SER A 86 5.71 -10.43 5.89
CA SER A 86 5.77 -11.63 6.75
C SER A 86 6.95 -12.51 6.35
N GLN A 87 7.42 -13.32 7.31
CA GLN A 87 8.48 -14.31 7.09
C GLN A 87 7.91 -15.61 6.47
N ASP A 88 6.60 -15.84 6.71
CA ASP A 88 5.90 -17.06 6.26
C ASP A 88 5.57 -16.93 4.78
N GLU A 89 6.28 -17.71 3.93
CA GLU A 89 5.99 -17.83 2.47
C GLU A 89 4.53 -18.17 2.23
N GLU A 90 4.00 -19.02 3.13
CA GLU A 90 2.60 -19.48 3.12
C GLU A 90 1.64 -18.27 3.21
N ALA A 91 1.85 -17.44 4.26
CA ALA A 91 0.97 -16.27 4.56
C ALA A 91 1.08 -15.19 3.47
N LEU A 92 2.31 -15.03 2.95
CA LEU A 92 2.60 -14.09 1.85
C LEU A 92 1.80 -14.46 0.58
N ARG A 93 1.94 -15.73 0.14
CA ARG A 93 1.43 -16.20 -1.16
C ARG A 93 -0.12 -16.25 -1.22
N LYS A 94 -0.81 -16.46 -0.08
CA LYS A 94 -2.30 -16.54 -0.07
C LYS A 94 -2.92 -15.20 -0.50
N GLY A 95 -2.47 -14.13 0.16
CA GLY A 95 -2.91 -12.77 -0.15
C GLY A 95 -2.31 -12.27 -1.45
N TYR A 96 -1.07 -12.72 -1.75
CA TYR A 96 -0.33 -12.34 -2.96
C TYR A 96 -1.10 -12.75 -4.20
N GLU A 97 -1.42 -14.05 -4.30
CA GLU A 97 -2.16 -14.61 -5.43
C GLU A 97 -3.55 -13.97 -5.53
N ASP A 98 -4.28 -13.92 -4.39
CA ASP A 98 -5.67 -13.45 -4.35
C ASP A 98 -5.82 -12.03 -4.91
N LYS A 99 -5.00 -11.10 -4.42
CA LYS A 99 -5.06 -9.68 -4.84
C LYS A 99 -4.44 -9.50 -6.25
N LYS A 100 -3.44 -10.33 -6.59
CA LYS A 100 -2.78 -10.30 -7.92
C LYS A 100 -3.76 -10.70 -9.03
N LYS A 101 -4.66 -11.64 -8.70
CA LYS A 101 -5.71 -12.15 -9.61
C LYS A 101 -6.85 -11.14 -9.80
N LYS A 102 -6.88 -10.09 -8.96
CA LYS A 102 -7.81 -8.95 -9.13
C LYS A 102 -7.18 -7.88 -10.04
N GLY A 103 -5.96 -8.17 -10.54
CA GLY A 103 -5.25 -7.31 -11.48
C GLY A 103 -4.42 -6.24 -10.79
N TYR A 104 -3.84 -6.59 -9.62
CA TYR A 104 -3.01 -5.64 -8.81
C TYR A 104 -1.55 -6.10 -8.81
N ASP A 105 -0.62 -5.14 -8.71
CA ASP A 105 0.81 -5.41 -8.50
C ASP A 105 1.02 -5.72 -7.02
N VAL A 106 1.20 -7.00 -6.66
CA VAL A 106 1.42 -7.40 -5.26
C VAL A 106 2.89 -7.78 -5.04
N TYR A 107 3.44 -7.35 -3.90
CA TYR A 107 4.80 -7.66 -3.47
C TYR A 107 4.76 -8.46 -2.15
N THR A 108 5.68 -9.42 -2.03
CA THR A 108 5.90 -10.18 -0.80
C THR A 108 7.23 -9.73 -0.19
N SER A 109 7.24 -9.40 1.10
CA SER A 109 8.43 -8.90 1.79
C SER A 109 8.69 -9.75 3.03
N ARG A 110 9.95 -10.18 3.20
CA ARG A 110 10.36 -11.08 4.30
C ARG A 110 10.63 -10.30 5.59
N ASN A 111 10.83 -8.98 5.46
CA ASN A 111 11.10 -8.08 6.59
C ASN A 111 10.73 -6.63 6.22
N GLU A 112 10.97 -5.72 7.19
CA GLU A 112 10.60 -4.29 7.08
C GLU A 112 11.40 -3.56 5.98
N ASP A 113 12.70 -3.90 5.82
CA ASP A 113 13.59 -3.27 4.79
C ASP A 113 13.13 -3.65 3.37
N GLU A 114 12.68 -4.90 3.22
CA GLU A 114 12.08 -5.40 1.97
C GLU A 114 10.76 -4.68 1.68
N ALA A 115 9.94 -4.49 2.71
CA ALA A 115 8.67 -3.77 2.62
C ALA A 115 8.89 -2.29 2.29
N LYS A 116 10.00 -1.77 2.81
CA LYS A 116 10.42 -0.36 2.70
C LYS A 116 10.81 0.00 1.27
N LYS A 117 11.61 -0.88 0.63
CA LYS A 117 12.06 -0.64 -0.76
C LYS A 117 10.88 -0.77 -1.74
N LYS A 118 10.04 -1.82 -1.52
CA LYS A 118 8.90 -2.14 -2.40
C LYS A 118 7.79 -1.10 -2.28
N LEU A 119 7.71 -0.45 -1.11
CA LEU A 119 6.74 0.62 -0.83
C LEU A 119 7.06 1.85 -1.66
N LYS A 120 8.35 2.21 -1.71
CA LYS A 120 8.82 3.33 -2.51
C LYS A 120 8.81 3.00 -4.01
N GLU A 121 8.96 1.71 -4.35
CA GLU A 121 8.75 1.18 -5.73
C GLU A 121 7.28 1.32 -6.15
N ALA A 122 6.36 1.21 -5.17
CA ALA A 122 4.93 1.42 -5.38
C ALA A 122 4.61 2.92 -5.58
N LEU A 123 5.40 3.79 -4.93
CA LEU A 123 5.32 5.26 -5.11
C LEU A 123 5.95 5.69 -6.46
N GLU A 124 6.90 4.88 -6.95
CA GLU A 124 7.46 5.03 -8.31
C GLU A 124 6.39 4.75 -9.38
N LYS A 125 5.44 3.85 -9.04
CA LYS A 125 4.31 3.49 -9.92
C LYS A 125 3.27 4.62 -10.00
N SER A 126 3.13 5.36 -8.89
CA SER A 126 2.18 6.49 -8.80
C SER A 126 2.77 7.78 -9.42
N GLY A 127 4.09 7.75 -9.70
CA GLY A 127 4.80 8.90 -10.23
C GLY A 127 5.22 9.88 -9.14
N SER A 128 4.97 9.53 -7.85
CA SER A 128 5.39 10.36 -6.71
C SER A 128 6.88 10.16 -6.47
N LEU A 129 7.69 10.87 -7.27
CA LEU A 129 9.15 10.83 -7.22
C LEU A 129 9.68 12.27 -7.21
N GLU A 130 9.48 12.95 -8.34
CA GLU A 130 10.00 14.29 -8.60
C GLU A 130 9.08 15.00 -9.61
N HIS A 131 8.75 16.27 -9.32
CA HIS A 131 7.96 17.13 -10.22
C HIS A 131 8.27 18.60 -9.90
N HIS A 132 9.52 18.83 -9.47
CA HIS A 132 10.02 20.13 -9.03
C HIS A 132 10.39 20.97 -10.27
N HIS A 133 9.36 21.45 -10.95
CA HIS A 133 9.49 22.23 -12.19
C HIS A 133 9.94 23.67 -11.88
N HIS A 134 11.24 23.82 -11.60
CA HIS A 134 11.86 25.11 -11.21
C HIS A 134 11.71 26.16 -12.33
N HIS A 135 11.80 25.67 -13.56
CA HIS A 135 11.49 26.44 -14.77
C HIS A 135 10.95 25.46 -15.83
N HIS A 136 11.74 24.39 -16.07
CA HIS A 136 11.44 23.34 -17.06
C HIS A 136 11.31 23.99 -18.48
N MET A 1 -2.55 9.60 -11.39
CA MET A 1 -3.87 9.66 -10.72
C MET A 1 -3.78 9.01 -9.33
N GLY A 2 -4.94 8.90 -8.63
CA GLY A 2 -5.02 8.22 -7.34
C GLY A 2 -4.64 6.74 -7.45
N VAL A 3 -3.64 6.32 -6.69
CA VAL A 3 -3.18 4.91 -6.63
C VAL A 3 -3.26 4.44 -5.18
N VAL A 4 -4.08 3.42 -4.91
CA VAL A 4 -4.34 2.93 -3.54
C VAL A 4 -3.40 1.76 -3.23
N ILE A 5 -2.48 2.02 -2.30
CA ILE A 5 -1.50 1.05 -1.80
C ILE A 5 -2.05 0.48 -0.48
N LEU A 6 -2.02 -0.85 -0.31
CA LEU A 6 -2.57 -1.54 0.88
C LEU A 6 -1.49 -2.43 1.46
N VAL A 7 -0.84 -1.97 2.52
CA VAL A 7 0.27 -2.69 3.15
C VAL A 7 -0.25 -3.45 4.37
N LEU A 8 -0.42 -4.77 4.23
CA LEU A 8 -0.84 -5.67 5.32
C LEU A 8 0.41 -6.15 6.04
N THR A 9 0.62 -5.68 7.27
CA THR A 9 1.83 -5.98 8.05
C THR A 9 1.51 -6.98 9.17
N GLY A 10 2.41 -7.99 9.33
CA GLY A 10 2.28 -9.00 10.39
C GLY A 10 2.39 -8.39 11.77
N ASP A 11 3.24 -7.36 11.87
CA ASP A 11 3.36 -6.48 13.05
C ASP A 11 2.97 -5.05 12.62
N GLU A 12 2.07 -4.42 13.40
CA GLU A 12 1.53 -3.09 13.09
C GLU A 12 2.56 -1.98 13.35
N ARG A 13 3.52 -2.22 14.26
CA ARG A 13 4.61 -1.26 14.52
C ARG A 13 5.51 -1.10 13.26
N ILE A 14 5.68 -2.21 12.49
CA ILE A 14 6.34 -2.19 11.15
C ILE A 14 5.62 -1.19 10.21
N ALA A 15 4.28 -1.22 10.23
CA ALA A 15 3.43 -0.32 9.40
C ALA A 15 3.69 1.17 9.70
N GLU A 16 3.98 1.46 10.97
CA GLU A 16 4.33 2.82 11.43
C GLU A 16 5.73 3.25 10.93
N GLU A 17 6.66 2.29 10.88
CA GLU A 17 8.03 2.54 10.35
C GLU A 17 8.00 2.85 8.85
N LEU A 18 7.13 2.12 8.13
CA LEU A 18 6.91 2.30 6.69
C LEU A 18 6.20 3.65 6.42
N ARG A 19 5.29 4.02 7.35
CA ARG A 19 4.53 5.29 7.31
C ARG A 19 5.50 6.49 7.37
N LYS A 20 6.47 6.39 8.27
CA LYS A 20 7.54 7.38 8.46
C LYS A 20 8.33 7.60 7.14
N GLU A 21 8.59 6.47 6.42
CA GLU A 21 9.35 6.49 5.15
C GLU A 21 8.60 7.24 4.05
N VAL A 22 7.30 6.96 3.92
CA VAL A 22 6.43 7.54 2.88
C VAL A 22 6.31 9.07 3.07
N GLN A 23 6.16 9.50 4.34
CA GLN A 23 6.00 10.93 4.69
C GLN A 23 7.31 11.71 4.43
N LYS A 24 8.45 11.05 4.63
CA LYS A 24 9.78 11.63 4.33
C LYS A 24 10.04 11.66 2.81
N HIS A 25 9.50 10.65 2.09
CA HIS A 25 9.68 10.48 0.63
C HIS A 25 8.86 11.55 -0.13
N ASP A 26 7.58 11.67 0.27
CA ASP A 26 6.63 12.64 -0.28
C ASP A 26 5.50 12.84 0.78
N PRO A 27 5.50 14.01 1.52
CA PRO A 27 4.51 14.28 2.61
C PRO A 27 3.07 14.50 2.09
N ASN A 28 2.94 14.71 0.77
CA ASN A 28 1.63 14.94 0.11
C ASN A 28 0.84 13.63 -0.05
N VAL A 29 1.55 12.48 -0.03
CA VAL A 29 0.91 11.15 -0.04
C VAL A 29 0.19 10.92 1.30
N LYS A 30 -1.11 10.57 1.24
CA LYS A 30 -1.91 10.32 2.44
C LYS A 30 -1.62 8.92 2.99
N THR A 31 -1.12 8.90 4.23
CA THR A 31 -0.79 7.66 4.95
C THR A 31 -1.88 7.41 5.99
N VAL A 32 -2.58 6.27 5.86
CA VAL A 32 -3.82 5.99 6.60
C VAL A 32 -3.73 4.59 7.26
N PRO A 33 -3.50 4.51 8.60
CA PRO A 33 -3.42 3.20 9.32
C PRO A 33 -4.79 2.58 9.64
N THR A 34 -4.75 1.48 10.42
CA THR A 34 -5.96 0.74 10.87
C THR A 34 -6.83 1.56 11.87
N LYS A 35 -6.29 2.72 12.29
CA LYS A 35 -6.97 3.66 13.18
C LYS A 35 -8.11 4.35 12.40
N ASP A 36 -7.81 4.67 11.13
CA ASP A 36 -8.76 5.28 10.19
C ASP A 36 -9.22 4.21 9.17
N LYS A 37 -9.30 2.94 9.65
CA LYS A 37 -9.62 1.73 8.82
C LYS A 37 -10.93 1.91 8.03
N GLU A 38 -11.93 2.42 8.72
CA GLU A 38 -13.27 2.65 8.20
C GLU A 38 -13.23 3.84 7.22
N LYS A 39 -12.41 4.85 7.59
CA LYS A 39 -12.32 6.17 6.92
C LYS A 39 -11.46 6.13 5.65
N VAL A 40 -10.81 4.96 5.37
CA VAL A 40 -9.97 4.75 4.18
C VAL A 40 -10.78 4.98 2.88
N LYS A 41 -12.03 4.49 2.87
CA LYS A 41 -12.96 4.59 1.72
C LYS A 41 -13.15 6.06 1.25
N GLU A 42 -13.18 6.99 2.23
CA GLU A 42 -13.21 8.45 1.98
C GLU A 42 -11.84 8.96 1.52
N GLU A 43 -10.77 8.43 2.15
CA GLU A 43 -9.37 8.80 1.85
C GLU A 43 -8.93 8.40 0.41
N ILE A 44 -9.61 7.39 -0.15
CA ILE A 44 -9.44 6.97 -1.54
C ILE A 44 -9.85 8.12 -2.50
N GLU A 45 -11.03 8.71 -2.19
CA GLU A 45 -11.61 9.86 -2.91
C GLU A 45 -10.64 11.06 -2.90
N LYS A 46 -10.00 11.27 -1.75
CA LYS A 46 -9.09 12.40 -1.53
C LYS A 46 -7.85 12.25 -2.44
N ALA A 47 -7.31 11.02 -2.49
CA ALA A 47 -6.14 10.65 -3.31
C ALA A 47 -6.43 10.85 -4.81
N ARG A 48 -7.67 10.53 -5.23
CA ARG A 48 -8.13 10.73 -6.62
C ARG A 48 -8.12 12.21 -6.99
N LYS A 49 -8.74 13.03 -6.13
CA LYS A 49 -8.94 14.46 -6.38
C LYS A 49 -7.58 15.22 -6.38
N GLN A 50 -6.63 14.72 -5.56
CA GLN A 50 -5.26 15.28 -5.47
C GLN A 50 -4.34 14.69 -6.56
N GLY A 51 -4.77 13.57 -7.19
CA GLY A 51 -4.01 12.91 -8.27
C GLY A 51 -2.74 12.22 -7.78
N ARG A 52 -2.72 11.88 -6.49
CA ARG A 52 -1.54 11.30 -5.79
C ARG A 52 -1.91 9.96 -5.13
N PRO A 53 -0.91 9.12 -4.73
CA PRO A 53 -1.20 7.84 -4.03
C PRO A 53 -1.69 8.04 -2.57
N ILE A 54 -2.22 6.95 -2.03
CA ILE A 54 -2.59 6.81 -0.62
C ILE A 54 -2.01 5.49 -0.13
N VAL A 55 -1.17 5.52 0.92
CA VAL A 55 -0.60 4.31 1.51
C VAL A 55 -1.37 3.95 2.77
N VAL A 56 -2.20 2.92 2.64
CA VAL A 56 -3.03 2.37 3.72
C VAL A 56 -2.24 1.28 4.44
N PHE A 57 -2.33 1.25 5.76
CA PHE A 57 -1.69 0.24 6.60
C PHE A 57 -2.78 -0.60 7.26
N VAL A 58 -2.91 -1.84 6.79
CA VAL A 58 -3.88 -2.82 7.28
C VAL A 58 -3.16 -3.84 8.18
N ARG A 59 -3.83 -4.29 9.25
CA ARG A 59 -3.24 -5.25 10.21
C ARG A 59 -3.33 -6.67 9.62
N GLY A 60 -2.29 -7.49 9.87
CA GLY A 60 -2.21 -8.87 9.39
C GLY A 60 -3.28 -9.75 10.04
N GLY A 61 -4.43 -9.87 9.37
CA GLY A 61 -5.61 -10.58 9.87
C GLY A 61 -6.88 -9.97 9.30
N ASP A 62 -6.82 -8.65 9.04
CA ASP A 62 -7.89 -7.87 8.39
C ASP A 62 -7.80 -8.04 6.85
N ASP A 63 -7.84 -9.30 6.40
CA ASP A 63 -7.71 -9.67 4.97
C ASP A 63 -8.90 -9.14 4.14
N GLU A 64 -10.09 -9.10 4.76
CA GLU A 64 -11.30 -8.52 4.15
C GLU A 64 -11.13 -7.02 3.88
N ARG A 65 -10.38 -6.32 4.74
CA ARG A 65 -10.10 -4.87 4.57
C ARG A 65 -9.25 -4.66 3.31
N ALA A 66 -8.31 -5.59 3.05
CA ALA A 66 -7.48 -5.55 1.83
C ALA A 66 -8.33 -5.65 0.55
N LYS A 67 -9.18 -6.68 0.47
CA LYS A 67 -9.96 -6.98 -0.75
C LYS A 67 -11.11 -5.99 -0.99
N ASP A 68 -11.73 -5.48 0.10
CA ASP A 68 -12.87 -4.52 0.01
C ASP A 68 -12.38 -3.12 -0.46
N ILE A 69 -11.32 -2.60 0.18
CA ILE A 69 -10.71 -1.30 -0.19
C ILE A 69 -10.15 -1.39 -1.65
N ALA A 70 -9.54 -2.55 -1.96
CA ALA A 70 -8.94 -2.82 -3.28
C ALA A 70 -9.99 -2.92 -4.41
N GLU A 71 -11.11 -3.61 -4.12
CA GLU A 71 -12.22 -3.77 -5.07
C GLU A 71 -12.87 -2.41 -5.39
N TYR A 72 -13.06 -1.61 -4.33
CA TYR A 72 -13.62 -0.26 -4.43
C TYR A 72 -12.69 0.63 -5.28
N ALA A 73 -11.41 0.63 -4.92
CA ALA A 73 -10.37 1.46 -5.57
C ALA A 73 -10.22 1.14 -7.08
N GLN A 74 -10.13 -0.16 -7.40
CA GLN A 74 -10.03 -0.66 -8.80
C GLN A 74 -11.28 -0.24 -9.60
N LYS A 75 -12.45 -0.29 -8.93
CA LYS A 75 -13.75 0.08 -9.51
C LYS A 75 -13.87 1.62 -9.65
N GLU A 76 -13.05 2.38 -8.88
CA GLU A 76 -12.95 3.87 -9.02
C GLU A 76 -11.99 4.24 -10.19
N GLY A 77 -11.46 3.20 -10.89
CA GLY A 77 -10.58 3.39 -12.06
C GLY A 77 -9.14 3.66 -11.65
N LEU A 78 -8.76 3.18 -10.46
CA LEU A 78 -7.43 3.44 -9.87
C LEU A 78 -6.54 2.20 -9.96
N ARG A 79 -5.23 2.40 -9.75
CA ARG A 79 -4.25 1.32 -9.64
C ARG A 79 -4.16 0.88 -8.18
N VAL A 80 -4.28 -0.44 -7.93
CA VAL A 80 -4.22 -1.02 -6.57
C VAL A 80 -2.94 -1.83 -6.43
N ILE A 81 -2.09 -1.47 -5.46
CA ILE A 81 -0.88 -2.21 -5.11
C ILE A 81 -1.05 -2.73 -3.67
N VAL A 82 -1.08 -4.06 -3.50
CA VAL A 82 -1.21 -4.69 -2.16
C VAL A 82 0.16 -5.25 -1.73
N ILE A 83 0.75 -4.73 -0.64
CA ILE A 83 2.07 -5.19 -0.14
C ILE A 83 1.89 -5.99 1.16
N ILE A 84 2.24 -7.27 1.13
CA ILE A 84 2.15 -8.17 2.30
C ILE A 84 3.53 -8.25 2.97
N VAL A 85 3.58 -7.96 4.28
CA VAL A 85 4.80 -8.04 5.09
C VAL A 85 4.61 -9.19 6.08
N SER A 86 5.21 -10.35 5.77
CA SER A 86 5.12 -11.58 6.59
C SER A 86 6.39 -12.42 6.35
N GLN A 87 6.99 -12.93 7.43
CA GLN A 87 8.18 -13.79 7.34
C GLN A 87 7.76 -15.27 7.25
N ASP A 88 6.93 -15.56 6.24
CA ASP A 88 6.43 -16.90 5.95
C ASP A 88 6.08 -16.95 4.45
N GLU A 89 6.58 -17.99 3.78
CA GLU A 89 6.52 -18.10 2.31
C GLU A 89 5.08 -18.31 1.83
N GLU A 90 4.30 -19.05 2.62
CA GLU A 90 2.87 -19.34 2.35
C GLU A 90 1.98 -18.13 2.67
N ALA A 91 2.36 -17.36 3.70
CA ALA A 91 1.61 -16.14 4.11
C ALA A 91 1.72 -15.06 3.02
N LEU A 92 2.92 -14.98 2.44
CA LEU A 92 3.21 -14.09 1.31
C LEU A 92 2.52 -14.61 0.03
N ARG A 93 2.76 -15.89 -0.31
CA ARG A 93 2.34 -16.48 -1.60
C ARG A 93 0.81 -16.54 -1.77
N LYS A 94 0.10 -17.04 -0.74
CA LYS A 94 -1.37 -17.21 -0.79
C LYS A 94 -2.06 -15.87 -1.06
N GLY A 95 -1.68 -14.84 -0.27
CA GLY A 95 -2.21 -13.50 -0.46
C GLY A 95 -1.76 -12.86 -1.77
N TYR A 96 -0.54 -13.22 -2.20
CA TYR A 96 0.08 -12.65 -3.42
C TYR A 96 -0.73 -13.02 -4.65
N GLU A 97 -0.87 -14.33 -4.89
CA GLU A 97 -1.55 -14.83 -6.10
C GLU A 97 -3.06 -14.60 -6.04
N ASP A 98 -3.63 -14.60 -4.81
CA ASP A 98 -5.08 -14.39 -4.57
C ASP A 98 -5.55 -12.98 -4.97
N LYS A 99 -4.85 -11.94 -4.47
CA LYS A 99 -5.17 -10.53 -4.77
C LYS A 99 -4.71 -10.18 -6.20
N LYS A 100 -3.60 -10.79 -6.65
CA LYS A 100 -3.03 -10.57 -8.01
C LYS A 100 -3.97 -11.15 -9.08
N LYS A 101 -4.69 -12.23 -8.69
CA LYS A 101 -5.71 -12.90 -9.53
C LYS A 101 -6.93 -11.98 -9.73
N LYS A 102 -7.22 -11.18 -8.68
CA LYS A 102 -8.30 -10.15 -8.69
C LYS A 102 -7.84 -8.87 -9.44
N GLY A 103 -6.56 -8.83 -9.86
CA GLY A 103 -6.01 -7.72 -10.65
C GLY A 103 -5.44 -6.60 -9.79
N TYR A 104 -5.02 -6.95 -8.57
CA TYR A 104 -4.33 -6.02 -7.66
C TYR A 104 -2.84 -6.35 -7.70
N ASP A 105 -1.99 -5.38 -8.08
CA ASP A 105 -0.53 -5.61 -8.23
C ASP A 105 0.12 -5.82 -6.84
N VAL A 106 0.46 -7.08 -6.50
CA VAL A 106 0.91 -7.44 -5.14
C VAL A 106 2.45 -7.54 -5.06
N TYR A 107 3.01 -7.01 -3.96
CA TYR A 107 4.42 -7.19 -3.58
C TYR A 107 4.50 -8.05 -2.32
N THR A 108 5.54 -8.87 -2.23
CA THR A 108 5.83 -9.69 -1.05
C THR A 108 7.08 -9.13 -0.33
N SER A 109 7.08 -9.18 1.01
CA SER A 109 8.21 -8.75 1.83
C SER A 109 8.28 -9.57 3.11
N ARG A 110 9.49 -10.02 3.44
CA ARG A 110 9.74 -10.81 4.65
C ARG A 110 9.56 -9.98 5.92
N ASN A 111 9.99 -8.70 5.82
CA ASN A 111 10.21 -7.82 6.98
C ASN A 111 10.17 -6.35 6.54
N GLU A 112 10.37 -5.45 7.53
CA GLU A 112 10.25 -3.98 7.37
C GLU A 112 11.23 -3.41 6.33
N ASP A 113 12.49 -3.87 6.35
CA ASP A 113 13.54 -3.40 5.39
C ASP A 113 13.13 -3.64 3.93
N GLU A 114 12.53 -4.82 3.68
CA GLU A 114 12.06 -5.20 2.33
C GLU A 114 10.81 -4.40 1.94
N ALA A 115 9.86 -4.31 2.87
CA ALA A 115 8.58 -3.61 2.67
C ALA A 115 8.77 -2.12 2.37
N LYS A 116 9.84 -1.57 2.96
CA LYS A 116 10.25 -0.16 2.81
C LYS A 116 10.58 0.18 1.34
N LYS A 117 11.33 -0.74 0.72
CA LYS A 117 11.80 -0.59 -0.67
C LYS A 117 10.63 -0.86 -1.65
N LYS A 118 9.88 -1.93 -1.35
CA LYS A 118 8.73 -2.40 -2.17
C LYS A 118 7.56 -1.40 -2.14
N LEU A 119 7.47 -0.59 -1.07
CA LEU A 119 6.47 0.47 -0.93
C LEU A 119 6.80 1.62 -1.90
N LYS A 120 8.08 2.01 -1.93
CA LYS A 120 8.58 3.09 -2.80
C LYS A 120 8.41 2.74 -4.29
N GLU A 121 8.44 1.44 -4.64
CA GLU A 121 8.12 0.96 -6.03
C GLU A 121 6.76 1.49 -6.50
N ALA A 122 5.75 1.38 -5.62
CA ALA A 122 4.37 1.81 -5.87
C ALA A 122 4.24 3.35 -5.87
N LEU A 123 5.06 4.02 -5.02
CA LEU A 123 5.15 5.49 -4.99
C LEU A 123 5.72 6.02 -6.32
N GLU A 124 6.68 5.29 -6.89
CA GLU A 124 7.31 5.62 -8.19
C GLU A 124 6.33 5.44 -9.36
N LYS A 125 5.46 4.40 -9.27
CA LYS A 125 4.43 4.12 -10.30
C LYS A 125 3.35 5.22 -10.33
N SER A 126 3.06 5.79 -9.16
CA SER A 126 2.03 6.84 -8.99
C SER A 126 2.57 8.24 -9.30
N GLY A 127 3.91 8.37 -9.41
CA GLY A 127 4.56 9.62 -9.82
C GLY A 127 5.24 10.37 -8.68
N SER A 128 5.23 9.77 -7.47
CA SER A 128 6.05 10.26 -6.34
C SER A 128 7.52 9.81 -6.56
N LEU A 129 8.18 10.52 -7.48
CA LEU A 129 9.57 10.27 -7.88
C LEU A 129 10.51 11.26 -7.17
N GLU A 130 11.67 10.78 -6.74
CA GLU A 130 12.76 11.64 -6.22
C GLU A 130 13.92 11.66 -7.23
N HIS A 131 14.63 12.80 -7.26
CA HIS A 131 15.80 13.01 -8.14
C HIS A 131 17.01 13.57 -7.36
N HIS A 132 16.88 13.62 -6.01
CA HIS A 132 17.88 14.26 -5.16
C HIS A 132 19.09 13.32 -4.94
N HIS A 133 18.82 12.15 -4.34
CA HIS A 133 19.86 11.14 -4.04
C HIS A 133 20.04 10.24 -5.28
N HIS A 134 20.55 10.84 -6.37
CA HIS A 134 20.77 10.18 -7.66
C HIS A 134 22.01 9.24 -7.59
N HIS A 135 22.90 9.52 -6.63
CA HIS A 135 24.05 8.67 -6.31
C HIS A 135 23.97 8.26 -4.82
N HIS A 136 23.93 9.26 -3.93
CA HIS A 136 23.86 9.04 -2.46
C HIS A 136 23.30 10.30 -1.76
N MET A 1 -4.49 10.44 -12.56
CA MET A 1 -4.91 9.13 -12.03
C MET A 1 -4.40 8.97 -10.60
N GLY A 2 -5.30 8.58 -9.69
CA GLY A 2 -4.95 8.32 -8.29
C GLY A 2 -4.41 6.91 -8.11
N VAL A 3 -3.73 6.68 -6.99
CA VAL A 3 -3.09 5.39 -6.66
C VAL A 3 -3.40 5.06 -5.19
N VAL A 4 -3.69 3.78 -4.89
CA VAL A 4 -3.93 3.30 -3.52
C VAL A 4 -3.01 2.10 -3.25
N ILE A 5 -2.05 2.28 -2.33
CA ILE A 5 -1.08 1.26 -1.94
C ILE A 5 -1.52 0.64 -0.59
N LEU A 6 -2.02 -0.61 -0.63
CA LEU A 6 -2.47 -1.33 0.58
C LEU A 6 -1.35 -2.23 1.08
N VAL A 7 -0.69 -1.80 2.16
CA VAL A 7 0.41 -2.58 2.75
C VAL A 7 -0.11 -3.37 3.97
N LEU A 8 -0.28 -4.69 3.78
CA LEU A 8 -0.72 -5.62 4.82
C LEU A 8 0.53 -6.06 5.59
N THR A 9 0.68 -5.58 6.83
CA THR A 9 1.88 -5.83 7.65
C THR A 9 1.57 -6.85 8.74
N GLY A 10 2.53 -7.78 8.95
CA GLY A 10 2.40 -8.86 9.94
C GLY A 10 2.50 -8.36 11.37
N ASP A 11 2.96 -7.12 11.53
CA ASP A 11 2.99 -6.41 12.82
C ASP A 11 2.45 -4.98 12.63
N GLU A 12 1.68 -4.52 13.63
CA GLU A 12 0.98 -3.23 13.59
C GLU A 12 1.95 -2.04 13.55
N ARG A 13 3.04 -2.13 14.33
CA ARG A 13 4.00 -1.02 14.53
C ARG A 13 4.92 -0.87 13.31
N ILE A 14 5.19 -2.00 12.60
CA ILE A 14 5.96 -1.99 11.33
C ILE A 14 5.26 -1.10 10.28
N ALA A 15 3.91 -1.11 10.31
CA ALA A 15 3.08 -0.24 9.45
C ALA A 15 3.41 1.26 9.66
N GLU A 16 3.67 1.65 10.93
CA GLU A 16 4.07 3.02 11.30
C GLU A 16 5.52 3.34 10.83
N GLU A 17 6.43 2.35 10.95
CA GLU A 17 7.86 2.51 10.58
C GLU A 17 8.00 2.79 9.07
N LEU A 18 7.21 2.04 8.27
CA LEU A 18 7.14 2.22 6.82
C LEU A 18 6.54 3.59 6.49
N ARG A 19 5.47 3.95 7.24
CA ARG A 19 4.74 5.23 7.09
C ARG A 19 5.68 6.43 7.20
N LYS A 20 6.52 6.41 8.25
CA LYS A 20 7.48 7.48 8.54
C LYS A 20 8.42 7.70 7.34
N GLU A 21 8.82 6.59 6.70
CA GLU A 21 9.75 6.61 5.57
C GLU A 21 9.03 7.12 4.29
N VAL A 22 7.74 6.75 4.12
CA VAL A 22 6.89 7.25 3.00
C VAL A 22 6.83 8.80 3.02
N GLN A 23 6.77 9.35 4.25
CA GLN A 23 6.74 10.81 4.49
C GLN A 23 8.10 11.46 4.15
N LYS A 24 9.20 10.69 4.30
CA LYS A 24 10.57 11.13 3.96
C LYS A 24 10.81 11.09 2.44
N HIS A 25 10.23 10.06 1.79
CA HIS A 25 10.35 9.85 0.34
C HIS A 25 9.56 10.94 -0.41
N ASP A 26 8.31 11.15 0.00
CA ASP A 26 7.41 12.11 -0.66
C ASP A 26 6.44 12.71 0.39
N PRO A 27 6.35 14.06 0.51
CA PRO A 27 5.52 14.74 1.53
C PRO A 27 4.04 14.90 1.10
N ASN A 28 3.75 14.64 -0.20
CA ASN A 28 2.40 14.83 -0.79
C ASN A 28 1.53 13.59 -0.51
N VAL A 29 2.19 12.40 -0.48
CA VAL A 29 1.53 11.12 -0.15
C VAL A 29 0.98 11.16 1.28
N LYS A 30 -0.26 10.70 1.44
CA LYS A 30 -0.87 10.50 2.76
C LYS A 30 -1.07 9.03 3.03
N THR A 31 -1.21 8.71 4.31
CA THR A 31 -1.22 7.33 4.80
C THR A 31 -2.38 7.15 5.79
N VAL A 32 -3.01 5.96 5.77
CA VAL A 32 -4.16 5.64 6.63
C VAL A 32 -3.89 4.34 7.41
N PRO A 33 -3.74 4.41 8.78
CA PRO A 33 -3.61 3.21 9.63
C PRO A 33 -4.92 2.38 9.73
N THR A 34 -4.80 1.20 10.36
CA THR A 34 -5.89 0.20 10.45
C THR A 34 -7.07 0.69 11.32
N LYS A 35 -6.75 1.50 12.35
CA LYS A 35 -7.76 2.06 13.28
C LYS A 35 -8.69 3.05 12.57
N ASP A 36 -8.23 3.60 11.43
CA ASP A 36 -9.02 4.48 10.57
C ASP A 36 -9.72 3.64 9.47
N LYS A 37 -10.21 2.43 9.85
CA LYS A 37 -10.83 1.46 8.93
C LYS A 37 -12.03 2.06 8.16
N GLU A 38 -12.94 2.71 8.89
CA GLU A 38 -14.16 3.32 8.30
C GLU A 38 -13.75 4.51 7.42
N LYS A 39 -12.70 5.19 7.89
CA LYS A 39 -12.20 6.44 7.32
C LYS A 39 -11.47 6.20 5.98
N VAL A 40 -10.96 4.96 5.76
CA VAL A 40 -10.12 4.60 4.58
C VAL A 40 -10.79 5.01 3.26
N LYS A 41 -12.03 4.53 3.05
CA LYS A 41 -12.80 4.73 1.82
C LYS A 41 -13.10 6.22 1.59
N GLU A 42 -13.37 6.93 2.69
CA GLU A 42 -13.60 8.36 2.71
C GLU A 42 -12.33 9.13 2.24
N GLU A 43 -11.15 8.65 2.67
CA GLU A 43 -9.85 9.26 2.32
C GLU A 43 -9.50 9.02 0.85
N ILE A 44 -9.89 7.83 0.34
CA ILE A 44 -9.70 7.43 -1.07
C ILE A 44 -10.50 8.37 -2.01
N GLU A 45 -11.67 8.86 -1.54
CA GLU A 45 -12.58 9.70 -2.34
C GLU A 45 -11.86 10.96 -2.89
N LYS A 46 -11.27 11.76 -1.98
CA LYS A 46 -10.52 12.97 -2.37
C LYS A 46 -9.12 12.62 -2.94
N ALA A 47 -8.51 11.51 -2.47
CA ALA A 47 -7.19 11.04 -3.00
C ALA A 47 -7.29 10.71 -4.53
N ARG A 48 -8.48 10.21 -4.91
CA ARG A 48 -8.86 9.93 -6.31
C ARG A 48 -8.90 11.23 -7.11
N LYS A 49 -9.63 12.19 -6.54
CA LYS A 49 -9.85 13.53 -7.12
C LYS A 49 -8.53 14.31 -7.27
N GLN A 50 -7.62 14.11 -6.30
CA GLN A 50 -6.31 14.77 -6.27
C GLN A 50 -5.32 14.06 -7.20
N GLY A 51 -5.64 12.81 -7.58
CA GLY A 51 -4.78 12.00 -8.44
C GLY A 51 -3.44 11.66 -7.79
N ARG A 52 -3.46 11.43 -6.48
CA ARG A 52 -2.25 11.20 -5.68
C ARG A 52 -2.28 9.79 -5.02
N PRO A 53 -1.08 9.16 -4.82
CA PRO A 53 -0.95 7.91 -4.04
C PRO A 53 -1.33 8.10 -2.55
N ILE A 54 -2.09 7.13 -2.04
CA ILE A 54 -2.47 7.05 -0.63
C ILE A 54 -2.16 5.63 -0.13
N VAL A 55 -1.30 5.53 0.89
CA VAL A 55 -0.83 4.24 1.40
C VAL A 55 -1.65 3.83 2.63
N VAL A 56 -2.56 2.87 2.44
CA VAL A 56 -3.41 2.33 3.50
C VAL A 56 -2.75 1.10 4.10
N PHE A 57 -2.37 1.19 5.36
CA PHE A 57 -1.79 0.07 6.10
C PHE A 57 -2.92 -0.80 6.67
N VAL A 58 -2.94 -2.06 6.24
CA VAL A 58 -3.86 -3.09 6.74
C VAL A 58 -3.05 -4.04 7.66
N ARG A 59 -3.70 -4.53 8.71
CA ARG A 59 -3.09 -5.46 9.68
C ARG A 59 -3.21 -6.90 9.13
N GLY A 60 -2.17 -7.72 9.40
CA GLY A 60 -2.10 -9.11 8.94
C GLY A 60 -3.15 -10.00 9.61
N GLY A 61 -4.37 -9.95 9.05
CA GLY A 61 -5.52 -10.69 9.59
C GLY A 61 -6.84 -10.03 9.17
N ASP A 62 -6.78 -8.72 8.89
CA ASP A 62 -7.91 -7.93 8.32
C ASP A 62 -7.90 -8.04 6.78
N ASP A 63 -7.54 -9.24 6.30
CA ASP A 63 -7.43 -9.59 4.87
C ASP A 63 -8.82 -9.56 4.21
N GLU A 64 -9.83 -9.96 5.00
CA GLU A 64 -11.25 -9.92 4.65
C GLU A 64 -11.70 -8.49 4.25
N ARG A 65 -11.23 -7.49 5.02
CA ARG A 65 -11.53 -6.05 4.81
C ARG A 65 -10.65 -5.45 3.70
N ALA A 66 -9.42 -5.97 3.58
CA ALA A 66 -8.40 -5.49 2.61
C ALA A 66 -8.89 -5.64 1.16
N LYS A 67 -9.68 -6.71 0.90
CA LYS A 67 -10.25 -7.00 -0.42
C LYS A 67 -11.30 -5.94 -0.84
N ASP A 68 -12.02 -5.40 0.17
CA ASP A 68 -13.08 -4.37 -0.03
C ASP A 68 -12.46 -3.04 -0.44
N ILE A 69 -11.35 -2.68 0.24
CA ILE A 69 -10.60 -1.45 -0.03
C ILE A 69 -9.98 -1.53 -1.44
N ALA A 70 -9.39 -2.72 -1.73
CA ALA A 70 -8.75 -3.01 -3.02
C ALA A 70 -9.74 -2.92 -4.18
N GLU A 71 -10.96 -3.46 -3.95
CA GLU A 71 -12.04 -3.45 -4.95
C GLU A 71 -12.50 -2.03 -5.21
N TYR A 72 -12.70 -1.25 -4.13
CA TYR A 72 -13.17 0.13 -4.19
C TYR A 72 -12.15 1.01 -4.94
N ALA A 73 -10.87 0.83 -4.63
CA ALA A 73 -9.77 1.54 -5.26
C ALA A 73 -9.76 1.29 -6.78
N GLN A 74 -9.88 0.00 -7.16
CA GLN A 74 -9.94 -0.44 -8.57
C GLN A 74 -11.24 0.07 -9.24
N LYS A 75 -12.31 0.19 -8.43
CA LYS A 75 -13.65 0.64 -8.89
C LYS A 75 -13.62 2.12 -9.27
N GLU A 76 -12.78 2.89 -8.56
CA GLU A 76 -12.53 4.32 -8.83
C GLU A 76 -11.55 4.48 -10.01
N GLY A 77 -10.97 3.35 -10.47
CA GLY A 77 -10.01 3.33 -11.58
C GLY A 77 -8.58 3.59 -11.13
N LEU A 78 -8.36 3.55 -9.81
CA LEU A 78 -7.08 3.87 -9.17
C LEU A 78 -6.15 2.65 -9.18
N ARG A 79 -4.85 2.91 -9.36
CA ARG A 79 -3.83 1.86 -9.47
C ARG A 79 -3.61 1.22 -8.07
N VAL A 80 -3.97 -0.06 -7.93
CA VAL A 80 -3.94 -0.78 -6.65
C VAL A 80 -2.62 -1.58 -6.52
N ILE A 81 -1.85 -1.27 -5.47
CA ILE A 81 -0.61 -1.97 -5.12
C ILE A 81 -0.82 -2.63 -3.74
N VAL A 82 -0.83 -3.97 -3.68
CA VAL A 82 -1.02 -4.72 -2.43
C VAL A 82 0.33 -5.32 -1.99
N ILE A 83 0.87 -4.91 -0.83
CA ILE A 83 2.20 -5.38 -0.33
C ILE A 83 2.01 -6.13 0.99
N ILE A 84 2.21 -7.46 0.99
CA ILE A 84 2.12 -8.29 2.21
C ILE A 84 3.53 -8.38 2.83
N VAL A 85 3.62 -8.11 4.13
CA VAL A 85 4.87 -8.08 4.91
C VAL A 85 4.76 -9.17 5.99
N SER A 86 5.43 -10.32 5.78
CA SER A 86 5.35 -11.46 6.71
C SER A 86 6.66 -12.26 6.65
N GLN A 87 7.12 -12.70 7.84
CA GLN A 87 8.25 -13.64 7.98
C GLN A 87 7.97 -14.97 7.26
N ASP A 88 6.69 -15.40 7.30
CA ASP A 88 6.23 -16.63 6.65
C ASP A 88 5.97 -16.38 5.17
N GLU A 89 6.65 -17.15 4.32
CA GLU A 89 6.51 -17.09 2.86
C GLU A 89 5.14 -17.62 2.40
N GLU A 90 4.48 -18.44 3.24
CA GLU A 90 3.11 -18.90 2.99
C GLU A 90 2.09 -17.76 3.13
N ALA A 91 2.30 -16.87 4.11
CA ALA A 91 1.44 -15.69 4.31
C ALA A 91 1.62 -14.69 3.16
N LEU A 92 2.88 -14.61 2.66
CA LEU A 92 3.22 -13.84 1.45
C LEU A 92 2.53 -14.43 0.20
N ARG A 93 2.61 -15.77 0.10
CA ARG A 93 2.13 -16.57 -1.03
C ARG A 93 0.61 -16.43 -1.22
N LYS A 94 -0.15 -16.51 -0.11
CA LYS A 94 -1.62 -16.37 -0.12
C LYS A 94 -2.02 -15.00 -0.65
N GLY A 95 -1.45 -13.95 -0.02
CA GLY A 95 -1.78 -12.57 -0.36
C GLY A 95 -1.32 -12.18 -1.77
N TYR A 96 -0.25 -12.83 -2.23
CA TYR A 96 0.31 -12.57 -3.56
C TYR A 96 -0.64 -13.07 -4.64
N GLU A 97 -0.94 -14.38 -4.61
CA GLU A 97 -1.67 -15.05 -5.69
C GLU A 97 -3.17 -14.69 -5.69
N ASP A 98 -3.72 -14.48 -4.49
CA ASP A 98 -5.17 -14.23 -4.30
C ASP A 98 -5.58 -12.89 -4.96
N LYS A 99 -4.85 -11.82 -4.62
CA LYS A 99 -5.16 -10.44 -5.08
C LYS A 99 -4.70 -10.24 -6.55
N LYS A 100 -3.64 -10.97 -6.94
CA LYS A 100 -3.04 -10.87 -8.30
C LYS A 100 -4.03 -11.39 -9.39
N LYS A 101 -4.89 -12.33 -8.99
CA LYS A 101 -5.97 -12.87 -9.86
C LYS A 101 -7.14 -11.86 -9.97
N LYS A 102 -7.30 -11.00 -8.94
CA LYS A 102 -8.39 -10.00 -8.89
C LYS A 102 -8.01 -8.71 -9.65
N GLY A 103 -6.80 -8.70 -10.25
CA GLY A 103 -6.32 -7.57 -11.05
C GLY A 103 -5.58 -6.52 -10.20
N TYR A 104 -5.00 -6.95 -9.08
CA TYR A 104 -4.20 -6.07 -8.20
C TYR A 104 -2.72 -6.43 -8.37
N ASP A 105 -1.85 -5.41 -8.46
CA ASP A 105 -0.40 -5.62 -8.58
C ASP A 105 0.20 -5.83 -7.18
N VAL A 106 0.62 -7.07 -6.89
CA VAL A 106 0.99 -7.47 -5.53
C VAL A 106 2.51 -7.66 -5.39
N TYR A 107 3.06 -7.12 -4.30
CA TYR A 107 4.44 -7.33 -3.89
C TYR A 107 4.46 -8.10 -2.56
N THR A 108 5.48 -8.94 -2.40
CA THR A 108 5.74 -9.69 -1.18
C THR A 108 6.99 -9.14 -0.51
N SER A 109 7.07 -9.26 0.82
CA SER A 109 8.23 -8.80 1.60
C SER A 109 8.35 -9.62 2.88
N ARG A 110 9.58 -10.09 3.15
CA ARG A 110 9.89 -10.91 4.33
C ARG A 110 9.81 -10.11 5.64
N ASN A 111 10.09 -8.80 5.53
CA ASN A 111 10.25 -7.91 6.70
C ASN A 111 10.22 -6.43 6.29
N GLU A 112 10.42 -5.54 7.28
CA GLU A 112 10.36 -4.07 7.14
C GLU A 112 11.25 -3.54 6.01
N ASP A 113 12.48 -4.07 5.93
CA ASP A 113 13.50 -3.65 4.94
C ASP A 113 12.98 -3.84 3.49
N GLU A 114 12.45 -5.04 3.22
CA GLU A 114 11.89 -5.40 1.91
C GLU A 114 10.57 -4.66 1.66
N ALA A 115 9.77 -4.51 2.73
CA ALA A 115 8.46 -3.82 2.70
C ALA A 115 8.64 -2.36 2.29
N LYS A 116 9.74 -1.79 2.78
CA LYS A 116 10.14 -0.41 2.54
C LYS A 116 10.45 -0.21 1.06
N LYS A 117 11.36 -1.03 0.50
CA LYS A 117 11.82 -0.85 -0.90
C LYS A 117 10.68 -1.11 -1.89
N LYS A 118 9.77 -2.06 -1.56
CA LYS A 118 8.58 -2.34 -2.38
C LYS A 118 7.62 -1.14 -2.40
N LEU A 119 7.45 -0.53 -1.21
CA LEU A 119 6.58 0.64 -1.01
C LEU A 119 7.14 1.85 -1.78
N LYS A 120 8.47 2.01 -1.73
CA LYS A 120 9.19 3.14 -2.37
C LYS A 120 9.12 3.04 -3.89
N GLU A 121 9.26 1.80 -4.41
CA GLU A 121 9.11 1.51 -5.84
C GLU A 121 7.67 1.84 -6.29
N ALA A 122 6.69 1.46 -5.45
CA ALA A 122 5.26 1.75 -5.69
C ALA A 122 4.98 3.27 -5.66
N LEU A 123 5.75 3.99 -4.82
CA LEU A 123 5.72 5.47 -4.75
C LEU A 123 6.30 6.08 -6.05
N GLU A 124 7.40 5.51 -6.53
CA GLU A 124 8.08 5.97 -7.76
C GLU A 124 7.23 5.69 -9.02
N LYS A 125 6.45 4.59 -8.97
CA LYS A 125 5.53 4.19 -10.07
C LYS A 125 4.34 5.15 -10.15
N SER A 126 3.95 5.71 -8.99
CA SER A 126 2.88 6.72 -8.91
C SER A 126 3.43 8.15 -9.11
N GLY A 127 4.75 8.26 -9.37
CA GLY A 127 5.39 9.53 -9.70
C GLY A 127 6.08 10.17 -8.50
N SER A 128 5.72 9.72 -7.29
CA SER A 128 6.30 10.23 -6.03
C SER A 128 7.79 9.87 -5.93
N LEU A 129 8.66 10.86 -6.18
CA LEU A 129 10.13 10.69 -6.13
C LEU A 129 10.71 11.46 -4.94
N GLU A 130 11.70 10.87 -4.26
CA GLU A 130 12.50 11.57 -3.25
C GLU A 130 13.54 12.46 -3.96
N HIS A 131 13.52 13.77 -3.67
CA HIS A 131 14.42 14.75 -4.31
C HIS A 131 15.63 15.04 -3.43
N HIS A 132 16.79 15.21 -4.07
CA HIS A 132 18.03 15.69 -3.45
C HIS A 132 18.80 16.52 -4.49
N HIS A 133 19.35 17.65 -4.04
CA HIS A 133 20.26 18.46 -4.84
C HIS A 133 21.38 18.97 -3.94
N HIS A 134 22.59 18.41 -4.12
CA HIS A 134 23.79 18.93 -3.45
C HIS A 134 24.14 20.29 -4.06
N HIS A 135 24.47 21.28 -3.21
CA HIS A 135 24.69 22.67 -3.67
C HIS A 135 26.02 22.79 -4.43
N HIS A 136 27.09 22.21 -3.84
CA HIS A 136 28.44 22.25 -4.41
C HIS A 136 29.10 20.86 -4.19
N MET A 1 -3.95 11.12 -11.04
CA MET A 1 -4.08 9.67 -11.29
C MET A 1 -4.91 9.03 -10.16
N GLY A 2 -4.33 9.02 -8.94
CA GLY A 2 -4.91 8.31 -7.80
C GLY A 2 -4.49 6.84 -7.81
N VAL A 3 -3.81 6.40 -6.75
CA VAL A 3 -3.31 5.01 -6.59
C VAL A 3 -3.48 4.61 -5.12
N VAL A 4 -3.85 3.35 -4.84
CA VAL A 4 -4.01 2.87 -3.46
C VAL A 4 -3.02 1.73 -3.19
N ILE A 5 -2.04 2.00 -2.31
CA ILE A 5 -1.02 1.03 -1.90
C ILE A 5 -1.45 0.44 -0.53
N LEU A 6 -1.87 -0.83 -0.53
CA LEU A 6 -2.28 -1.53 0.69
C LEU A 6 -1.10 -2.33 1.22
N VAL A 7 -0.46 -1.81 2.28
CA VAL A 7 0.64 -2.50 2.94
C VAL A 7 0.06 -3.32 4.10
N LEU A 8 -0.04 -4.64 3.89
CA LEU A 8 -0.52 -5.60 4.87
C LEU A 8 0.67 -6.07 5.70
N THR A 9 0.79 -5.57 6.92
CA THR A 9 1.89 -5.91 7.82
C THR A 9 1.38 -6.85 8.92
N GLY A 10 2.19 -7.85 9.27
CA GLY A 10 1.87 -8.78 10.38
C GLY A 10 2.02 -8.14 11.78
N ASP A 11 2.42 -6.85 11.81
CA ASP A 11 2.63 -6.08 13.04
C ASP A 11 2.39 -4.57 12.75
N GLU A 12 1.65 -3.90 13.64
CA GLU A 12 1.18 -2.51 13.47
C GLU A 12 2.30 -1.48 13.65
N ARG A 13 3.33 -1.84 14.46
CA ARG A 13 4.51 -0.98 14.70
C ARG A 13 5.29 -0.81 13.37
N ILE A 14 5.35 -1.92 12.59
CA ILE A 14 5.92 -1.92 11.22
C ILE A 14 5.11 -0.99 10.29
N ALA A 15 3.76 -1.04 10.43
CA ALA A 15 2.84 -0.23 9.62
C ALA A 15 3.07 1.30 9.83
N GLU A 16 3.26 1.69 11.10
CA GLU A 16 3.44 3.11 11.47
C GLU A 16 4.83 3.66 11.08
N GLU A 17 5.89 2.86 11.26
CA GLU A 17 7.26 3.28 10.92
C GLU A 17 7.43 3.43 9.39
N LEU A 18 6.67 2.61 8.63
CA LEU A 18 6.59 2.73 7.16
C LEU A 18 5.79 3.99 6.75
N ARG A 19 4.84 4.43 7.60
CA ARG A 19 4.06 5.68 7.37
C ARG A 19 5.00 6.90 7.42
N LYS A 20 5.84 6.92 8.49
CA LYS A 20 6.88 7.95 8.70
C LYS A 20 7.85 7.98 7.52
N GLU A 21 8.12 6.78 6.98
CA GLU A 21 9.01 6.59 5.83
C GLU A 21 8.42 7.30 4.59
N VAL A 22 7.12 7.02 4.29
CA VAL A 22 6.39 7.62 3.14
C VAL A 22 6.37 9.16 3.26
N GLN A 23 6.21 9.67 4.49
CA GLN A 23 6.16 11.12 4.76
C GLN A 23 7.51 11.80 4.48
N LYS A 24 8.62 11.10 4.78
CA LYS A 24 9.98 11.61 4.54
C LYS A 24 10.37 11.46 3.05
N HIS A 25 9.82 10.43 2.41
CA HIS A 25 10.04 10.14 0.97
C HIS A 25 9.28 11.17 0.11
N ASP A 26 8.05 11.49 0.56
CA ASP A 26 7.13 12.43 -0.09
C ASP A 26 5.95 12.72 0.88
N PRO A 27 5.86 13.95 1.48
CA PRO A 27 4.82 14.28 2.49
C PRO A 27 3.49 14.76 1.87
N ASN A 28 3.34 14.64 0.53
CA ASN A 28 2.14 15.05 -0.20
C ASN A 28 1.26 13.84 -0.54
N VAL A 29 1.87 12.64 -0.50
CA VAL A 29 1.15 11.36 -0.62
C VAL A 29 0.29 11.15 0.65
N LYS A 30 -0.99 10.75 0.45
CA LYS A 30 -1.91 10.40 1.55
C LYS A 30 -1.44 9.13 2.25
N THR A 31 -1.66 9.06 3.57
CA THR A 31 -1.36 7.86 4.38
C THR A 31 -2.47 7.69 5.43
N VAL A 32 -2.95 6.44 5.61
CA VAL A 32 -4.00 6.12 6.58
C VAL A 32 -3.63 4.82 7.31
N PRO A 33 -3.60 4.80 8.68
CA PRO A 33 -3.30 3.57 9.44
C PRO A 33 -4.49 2.57 9.49
N THR A 34 -4.25 1.47 10.24
CA THR A 34 -5.11 0.28 10.27
C THR A 34 -6.51 0.54 10.85
N LYS A 35 -6.53 1.30 11.95
CA LYS A 35 -7.73 1.54 12.78
C LYS A 35 -8.65 2.63 12.21
N ASP A 36 -8.30 3.14 11.02
CA ASP A 36 -9.11 4.13 10.29
C ASP A 36 -9.64 3.49 9.00
N LYS A 37 -9.95 2.17 9.08
CA LYS A 37 -10.37 1.35 7.91
C LYS A 37 -11.57 1.95 7.15
N GLU A 38 -12.59 2.37 7.91
CA GLU A 38 -13.83 2.96 7.35
C GLU A 38 -13.54 4.32 6.69
N LYS A 39 -12.57 5.05 7.28
CA LYS A 39 -12.11 6.36 6.79
C LYS A 39 -11.18 6.21 5.57
N VAL A 40 -10.54 5.03 5.40
CA VAL A 40 -9.68 4.74 4.24
C VAL A 40 -10.47 4.96 2.92
N LYS A 41 -11.73 4.48 2.92
CA LYS A 41 -12.67 4.61 1.80
C LYS A 41 -12.83 6.10 1.39
N GLU A 42 -12.93 6.98 2.41
CA GLU A 42 -13.01 8.44 2.24
C GLU A 42 -11.75 8.97 1.57
N GLU A 43 -10.60 8.60 2.16
CA GLU A 43 -9.28 9.12 1.80
C GLU A 43 -8.82 8.66 0.41
N ILE A 44 -9.32 7.48 -0.05
CA ILE A 44 -9.08 6.95 -1.41
C ILE A 44 -9.69 7.91 -2.45
N GLU A 45 -10.96 8.26 -2.23
CA GLU A 45 -11.71 9.16 -3.12
C GLU A 45 -11.10 10.57 -3.11
N LYS A 46 -10.70 11.04 -1.92
CA LYS A 46 -10.10 12.38 -1.72
C LYS A 46 -8.69 12.46 -2.33
N ALA A 47 -7.97 11.33 -2.33
CA ALA A 47 -6.62 11.22 -2.95
C ALA A 47 -6.74 11.23 -4.47
N ARG A 48 -7.71 10.44 -4.99
CA ARG A 48 -8.07 10.37 -6.42
C ARG A 48 -8.52 11.74 -6.94
N LYS A 49 -9.26 12.47 -6.09
CA LYS A 49 -9.84 13.78 -6.42
C LYS A 49 -8.70 14.82 -6.62
N GLN A 50 -7.64 14.72 -5.80
CA GLN A 50 -6.49 15.65 -5.84
C GLN A 50 -5.34 15.15 -6.73
N GLY A 51 -5.43 13.87 -7.18
CA GLY A 51 -4.50 13.31 -8.18
C GLY A 51 -3.44 12.39 -7.61
N ARG A 52 -3.06 12.60 -6.34
CA ARG A 52 -1.94 11.86 -5.69
C ARG A 52 -2.43 10.57 -4.99
N PRO A 53 -1.53 9.56 -4.77
CA PRO A 53 -1.91 8.27 -4.17
C PRO A 53 -2.16 8.32 -2.64
N ILE A 54 -2.46 7.13 -2.11
CA ILE A 54 -2.74 6.90 -0.69
C ILE A 54 -2.10 5.55 -0.29
N VAL A 55 -1.22 5.57 0.72
CA VAL A 55 -0.64 4.37 1.29
C VAL A 55 -1.45 4.00 2.54
N VAL A 56 -2.25 2.94 2.38
CA VAL A 56 -3.09 2.37 3.42
C VAL A 56 -2.29 1.30 4.18
N PHE A 57 -2.46 1.25 5.50
CA PHE A 57 -1.83 0.25 6.35
C PHE A 57 -2.91 -0.68 6.89
N VAL A 58 -2.67 -1.98 6.75
CA VAL A 58 -3.59 -3.06 7.09
C VAL A 58 -2.83 -4.06 7.98
N ARG A 59 -3.37 -4.41 9.16
CA ARG A 59 -2.66 -5.26 10.12
C ARG A 59 -3.06 -6.74 9.96
N GLY A 60 -2.35 -7.45 9.04
CA GLY A 60 -2.39 -8.92 8.90
C GLY A 60 -3.78 -9.53 8.73
N GLY A 61 -4.46 -9.79 9.88
CA GLY A 61 -5.81 -10.38 9.91
C GLY A 61 -6.90 -9.47 9.33
N ASP A 62 -6.56 -8.19 9.07
CA ASP A 62 -7.45 -7.24 8.37
C ASP A 62 -7.39 -7.43 6.83
N ASP A 63 -6.75 -8.53 6.37
CA ASP A 63 -6.71 -8.95 4.93
C ASP A 63 -8.13 -9.08 4.35
N GLU A 64 -9.05 -9.54 5.20
CA GLU A 64 -10.48 -9.69 4.89
C GLU A 64 -11.13 -8.32 4.58
N ARG A 65 -10.67 -7.28 5.29
CA ARG A 65 -11.09 -5.88 5.05
C ARG A 65 -10.32 -5.25 3.88
N ALA A 66 -9.05 -5.68 3.68
CA ALA A 66 -8.14 -5.12 2.67
C ALA A 66 -8.60 -5.44 1.25
N LYS A 67 -9.22 -6.62 1.08
CA LYS A 67 -9.77 -7.06 -0.23
C LYS A 67 -10.93 -6.13 -0.67
N ASP A 68 -11.70 -5.64 0.32
CA ASP A 68 -12.85 -4.74 0.12
C ASP A 68 -12.36 -3.33 -0.23
N ILE A 69 -11.31 -2.88 0.47
CA ILE A 69 -10.63 -1.60 0.20
C ILE A 69 -10.00 -1.63 -1.21
N ALA A 70 -9.48 -2.81 -1.58
CA ALA A 70 -8.81 -3.06 -2.87
C ALA A 70 -9.79 -3.02 -4.05
N GLU A 71 -10.96 -3.66 -3.85
CA GLU A 71 -12.03 -3.71 -4.85
C GLU A 71 -12.66 -2.32 -5.05
N TYR A 72 -12.77 -1.57 -3.94
CA TYR A 72 -13.27 -0.17 -3.95
C TYR A 72 -12.28 0.74 -4.70
N ALA A 73 -10.98 0.53 -4.43
CA ALA A 73 -9.89 1.26 -5.06
C ALA A 73 -9.90 1.07 -6.60
N GLN A 74 -10.15 -0.19 -7.00
CA GLN A 74 -10.28 -0.58 -8.40
C GLN A 74 -11.62 -0.09 -9.00
N LYS A 75 -12.65 0.03 -8.15
CA LYS A 75 -13.96 0.59 -8.55
C LYS A 75 -13.82 2.10 -8.86
N GLU A 76 -12.87 2.75 -8.16
CA GLU A 76 -12.48 4.15 -8.42
C GLU A 76 -11.63 4.26 -9.71
N GLY A 77 -11.20 3.08 -10.23
CA GLY A 77 -10.41 2.98 -11.46
C GLY A 77 -8.93 3.24 -11.23
N LEU A 78 -8.47 2.98 -9.99
CA LEU A 78 -7.11 3.30 -9.55
C LEU A 78 -6.21 2.06 -9.61
N ARG A 79 -4.89 2.33 -9.66
CA ARG A 79 -3.85 1.31 -9.56
C ARG A 79 -3.81 0.80 -8.11
N VAL A 80 -4.06 -0.50 -7.90
CA VAL A 80 -4.05 -1.10 -6.55
C VAL A 80 -2.74 -1.90 -6.39
N ILE A 81 -1.90 -1.47 -5.45
CA ILE A 81 -0.60 -2.10 -5.16
C ILE A 81 -0.66 -2.72 -3.76
N VAL A 82 -0.62 -4.05 -3.64
CA VAL A 82 -0.72 -4.74 -2.34
C VAL A 82 0.67 -5.25 -1.92
N ILE A 83 1.22 -4.75 -0.81
CA ILE A 83 2.53 -5.18 -0.28
C ILE A 83 2.33 -5.92 1.04
N ILE A 84 2.48 -7.25 1.01
CA ILE A 84 2.31 -8.10 2.19
C ILE A 84 3.68 -8.28 2.87
N VAL A 85 3.72 -8.09 4.19
CA VAL A 85 4.94 -8.06 4.99
C VAL A 85 4.88 -9.23 5.99
N SER A 86 5.63 -10.30 5.65
CA SER A 86 5.73 -11.52 6.45
C SER A 86 6.95 -12.32 5.99
N GLN A 87 7.57 -13.02 6.93
CA GLN A 87 8.72 -13.90 6.67
C GLN A 87 8.25 -15.24 6.05
N ASP A 88 6.99 -15.60 6.34
CA ASP A 88 6.38 -16.84 5.82
C ASP A 88 5.83 -16.58 4.42
N GLU A 89 6.41 -17.26 3.41
CA GLU A 89 5.91 -17.23 2.04
C GLU A 89 4.53 -17.89 1.93
N GLU A 90 4.23 -18.82 2.84
CA GLU A 90 2.90 -19.45 2.93
C GLU A 90 1.81 -18.42 3.29
N ALA A 91 2.19 -17.42 4.10
CA ALA A 91 1.31 -16.29 4.45
C ALA A 91 1.20 -15.29 3.28
N LEU A 92 2.36 -15.03 2.63
CA LEU A 92 2.48 -14.10 1.50
C LEU A 92 1.60 -14.54 0.31
N ARG A 93 1.76 -15.81 -0.09
CA ARG A 93 1.20 -16.39 -1.34
C ARG A 93 -0.33 -16.40 -1.37
N LYS A 94 -0.98 -16.50 -0.20
CA LYS A 94 -2.45 -16.51 -0.10
C LYS A 94 -3.02 -15.16 -0.55
N GLY A 95 -2.46 -14.08 0.02
CA GLY A 95 -2.85 -12.72 -0.37
C GLY A 95 -2.27 -12.31 -1.72
N TYR A 96 -1.06 -12.82 -2.02
CA TYR A 96 -0.30 -12.47 -3.23
C TYR A 96 -1.09 -12.86 -4.47
N GLU A 97 -1.41 -14.16 -4.55
CA GLU A 97 -2.08 -14.74 -5.69
C GLU A 97 -3.54 -14.30 -5.73
N ASP A 98 -4.20 -14.18 -4.55
CA ASP A 98 -5.63 -13.78 -4.48
C ASP A 98 -5.83 -12.39 -5.10
N LYS A 99 -5.09 -11.41 -4.57
CA LYS A 99 -5.22 -10.00 -4.97
C LYS A 99 -4.69 -9.79 -6.41
N LYS A 100 -3.66 -10.56 -6.79
CA LYS A 100 -3.08 -10.52 -8.16
C LYS A 100 -4.10 -10.99 -9.21
N LYS A 101 -4.87 -12.04 -8.88
CA LYS A 101 -5.94 -12.59 -9.75
C LYS A 101 -7.15 -11.65 -9.82
N LYS A 102 -7.29 -10.75 -8.82
CA LYS A 102 -8.32 -9.68 -8.84
C LYS A 102 -7.84 -8.48 -9.69
N GLY A 103 -6.54 -8.49 -10.06
CA GLY A 103 -5.96 -7.50 -10.98
C GLY A 103 -5.12 -6.44 -10.27
N TYR A 104 -4.58 -6.79 -9.09
CA TYR A 104 -3.78 -5.85 -8.26
C TYR A 104 -2.30 -6.27 -8.32
N ASP A 105 -1.39 -5.29 -8.38
CA ASP A 105 0.07 -5.56 -8.41
C ASP A 105 0.56 -5.82 -6.99
N VAL A 106 0.80 -7.09 -6.66
CA VAL A 106 1.17 -7.50 -5.31
C VAL A 106 2.69 -7.77 -5.22
N TYR A 107 3.33 -7.15 -4.22
CA TYR A 107 4.72 -7.42 -3.84
C TYR A 107 4.74 -8.28 -2.56
N THR A 108 5.68 -9.22 -2.53
CA THR A 108 5.96 -10.09 -1.37
C THR A 108 7.32 -9.67 -0.76
N SER A 109 7.41 -9.69 0.57
CA SER A 109 8.64 -9.30 1.30
C SER A 109 9.07 -10.40 2.26
N ARG A 110 10.19 -10.20 2.98
CA ARG A 110 10.60 -11.09 4.09
C ARG A 110 10.40 -10.38 5.44
N ASN A 111 10.49 -9.04 5.41
CA ASN A 111 10.20 -8.18 6.59
C ASN A 111 10.13 -6.71 6.13
N GLU A 112 10.23 -5.79 7.11
CA GLU A 112 10.21 -4.33 6.91
C GLU A 112 11.25 -3.86 5.87
N ASP A 113 12.45 -4.51 5.83
CA ASP A 113 13.54 -4.17 4.87
C ASP A 113 13.05 -4.18 3.41
N GLU A 114 12.41 -5.29 3.03
CA GLU A 114 11.88 -5.51 1.68
C GLU A 114 10.61 -4.68 1.48
N ALA A 115 9.79 -4.58 2.54
CA ALA A 115 8.54 -3.81 2.54
C ALA A 115 8.80 -2.33 2.18
N LYS A 116 9.92 -1.80 2.71
CA LYS A 116 10.31 -0.39 2.58
C LYS A 116 10.76 -0.05 1.16
N LYS A 117 11.64 -0.89 0.57
CA LYS A 117 12.15 -0.67 -0.81
C LYS A 117 11.07 -0.98 -1.86
N LYS A 118 10.18 -1.95 -1.56
CA LYS A 118 9.00 -2.27 -2.42
C LYS A 118 7.94 -1.17 -2.32
N LEU A 119 7.89 -0.49 -1.15
CA LEU A 119 6.99 0.64 -0.90
C LEU A 119 7.42 1.85 -1.74
N LYS A 120 8.75 2.05 -1.83
CA LYS A 120 9.35 3.07 -2.69
C LYS A 120 9.11 2.78 -4.17
N GLU A 121 9.29 1.49 -4.55
CA GLU A 121 9.01 1.01 -5.91
C GLU A 121 7.52 1.16 -6.27
N ALA A 122 6.64 1.04 -5.24
CA ALA A 122 5.20 1.25 -5.38
C ALA A 122 4.88 2.74 -5.60
N LEU A 123 5.65 3.62 -4.93
CA LEU A 123 5.53 5.09 -5.04
C LEU A 123 6.08 5.58 -6.40
N GLU A 124 7.10 4.88 -6.90
CA GLU A 124 7.69 5.14 -8.23
C GLU A 124 6.84 4.52 -9.36
N LYS A 125 6.10 3.45 -9.04
CA LYS A 125 5.17 2.77 -9.98
C LYS A 125 3.86 3.57 -10.07
N SER A 126 3.55 4.30 -8.98
CA SER A 126 2.38 5.18 -8.90
C SER A 126 2.73 6.59 -9.39
N GLY A 127 1.71 7.48 -9.43
CA GLY A 127 1.90 8.89 -9.79
C GLY A 127 2.41 9.72 -8.62
N SER A 128 3.61 9.36 -8.11
CA SER A 128 4.33 10.14 -7.08
C SER A 128 5.71 10.50 -7.65
N LEU A 129 6.54 9.46 -7.82
CA LEU A 129 7.88 9.56 -8.38
C LEU A 129 7.92 8.84 -9.73
N GLU A 130 8.59 9.44 -10.71
CA GLU A 130 8.94 8.78 -11.98
C GLU A 130 10.26 8.03 -11.75
N HIS A 131 10.24 6.68 -11.78
CA HIS A 131 11.43 5.87 -11.45
C HIS A 131 12.57 6.16 -12.45
N HIS A 132 12.19 6.30 -13.74
CA HIS A 132 13.07 6.73 -14.85
C HIS A 132 14.42 5.98 -14.88
N HIS A 133 14.39 4.77 -15.49
CA HIS A 133 15.58 3.90 -15.66
C HIS A 133 16.17 3.48 -14.30
N HIS A 134 15.27 3.24 -13.30
CA HIS A 134 15.66 2.95 -11.91
C HIS A 134 16.37 1.59 -11.83
N HIS A 135 15.64 0.51 -12.22
CA HIS A 135 16.17 -0.85 -12.43
C HIS A 135 16.70 -1.53 -11.13
N HIS A 136 16.28 -2.79 -10.91
CA HIS A 136 16.83 -3.66 -9.87
C HIS A 136 17.15 -5.04 -10.49
N MET A 1 -7.03 7.40 -12.25
CA MET A 1 -5.96 8.41 -12.06
C MET A 1 -5.65 8.56 -10.55
N GLY A 2 -4.60 7.86 -10.11
CA GLY A 2 -4.22 7.75 -8.69
C GLY A 2 -3.83 6.31 -8.36
N VAL A 3 -3.21 6.09 -7.19
CA VAL A 3 -2.72 4.75 -6.76
C VAL A 3 -3.07 4.53 -5.28
N VAL A 4 -3.61 3.35 -4.95
CA VAL A 4 -3.89 2.94 -3.57
C VAL A 4 -2.97 1.76 -3.19
N ILE A 5 -2.06 2.01 -2.25
CA ILE A 5 -1.12 0.99 -1.76
C ILE A 5 -1.65 0.41 -0.44
N LEU A 6 -2.15 -0.84 -0.48
CA LEU A 6 -2.66 -1.54 0.69
C LEU A 6 -1.59 -2.47 1.26
N VAL A 7 -0.97 -2.05 2.35
CA VAL A 7 0.13 -2.78 2.96
C VAL A 7 -0.43 -3.69 4.10
N LEU A 8 -0.48 -5.01 3.82
CA LEU A 8 -0.97 -6.02 4.78
C LEU A 8 0.20 -6.48 5.65
N THR A 9 0.25 -5.96 6.87
CA THR A 9 1.37 -6.19 7.79
C THR A 9 0.94 -7.13 8.90
N GLY A 10 1.82 -8.08 9.25
CA GLY A 10 1.61 -8.91 10.45
C GLY A 10 1.75 -8.10 11.73
N ASP A 11 2.50 -6.99 11.65
CA ASP A 11 2.81 -6.11 12.77
C ASP A 11 2.50 -4.66 12.40
N GLU A 12 1.71 -3.97 13.25
CA GLU A 12 1.44 -2.51 13.11
C GLU A 12 2.72 -1.69 13.29
N ARG A 13 3.71 -2.27 14.00
CA ARG A 13 5.06 -1.69 14.12
C ARG A 13 5.70 -1.50 12.72
N ILE A 14 5.58 -2.54 11.85
CA ILE A 14 6.04 -2.46 10.45
C ILE A 14 5.28 -1.34 9.71
N ALA A 15 3.95 -1.32 9.90
CA ALA A 15 3.06 -0.33 9.29
C ALA A 15 3.44 1.12 9.68
N GLU A 16 3.87 1.29 10.96
CA GLU A 16 4.34 2.60 11.47
C GLU A 16 5.70 3.00 10.86
N GLU A 17 6.61 2.03 10.73
CA GLU A 17 7.96 2.26 10.18
C GLU A 17 7.89 2.59 8.68
N LEU A 18 6.89 2.02 8.00
CA LEU A 18 6.59 2.33 6.60
C LEU A 18 5.91 3.72 6.49
N ARG A 19 5.09 4.06 7.51
CA ARG A 19 4.37 5.34 7.58
C ARG A 19 5.38 6.51 7.67
N LYS A 20 6.40 6.33 8.52
CA LYS A 20 7.42 7.35 8.76
C LYS A 20 8.29 7.54 7.49
N GLU A 21 8.45 6.44 6.72
CA GLU A 21 9.27 6.40 5.52
C GLU A 21 8.61 7.11 4.32
N VAL A 22 7.27 6.99 4.20
CA VAL A 22 6.49 7.70 3.16
C VAL A 22 6.66 9.22 3.30
N GLN A 23 6.70 9.68 4.57
CA GLN A 23 6.87 11.11 4.90
C GLN A 23 8.26 11.62 4.43
N LYS A 24 9.27 10.72 4.42
CA LYS A 24 10.64 11.05 3.96
C LYS A 24 10.65 11.22 2.42
N HIS A 25 9.97 10.29 1.73
CA HIS A 25 9.91 10.25 0.27
C HIS A 25 9.09 11.44 -0.27
N ASP A 26 7.85 11.56 0.20
CA ASP A 26 6.90 12.58 -0.23
C ASP A 26 5.93 12.89 0.95
N PRO A 27 5.92 14.17 1.47
CA PRO A 27 5.10 14.54 2.66
C PRO A 27 3.59 14.68 2.36
N ASN A 28 3.24 14.76 1.06
CA ASN A 28 1.86 15.02 0.61
C ASN A 28 1.06 13.72 0.41
N VAL A 29 1.77 12.60 0.22
CA VAL A 29 1.15 11.27 0.14
C VAL A 29 0.56 10.89 1.51
N LYS A 30 -0.77 10.70 1.56
CA LYS A 30 -1.49 10.42 2.80
C LYS A 30 -1.32 8.95 3.22
N THR A 31 -0.94 8.76 4.48
CA THR A 31 -0.83 7.45 5.13
C THR A 31 -1.97 7.27 6.13
N VAL A 32 -2.67 6.14 6.02
CA VAL A 32 -3.88 5.84 6.82
C VAL A 32 -3.66 4.52 7.57
N PRO A 33 -3.66 4.51 8.94
CA PRO A 33 -3.46 3.25 9.72
C PRO A 33 -4.71 2.33 9.72
N THR A 34 -4.56 1.17 10.38
CA THR A 34 -5.59 0.10 10.46
C THR A 34 -6.82 0.60 11.24
N LYS A 35 -6.55 1.44 12.25
CA LYS A 35 -7.54 2.00 13.17
C LYS A 35 -8.48 3.00 12.45
N ASP A 36 -7.96 3.58 11.36
CA ASP A 36 -8.67 4.57 10.52
C ASP A 36 -9.26 3.92 9.26
N LYS A 37 -9.76 2.67 9.42
CA LYS A 37 -10.35 1.87 8.33
C LYS A 37 -11.54 2.60 7.65
N GLU A 38 -12.36 3.28 8.47
CA GLU A 38 -13.53 4.06 7.98
C GLU A 38 -13.06 5.29 7.18
N LYS A 39 -11.93 5.87 7.63
CA LYS A 39 -11.33 7.07 7.03
C LYS A 39 -10.58 6.71 5.71
N VAL A 40 -10.23 5.41 5.52
CA VAL A 40 -9.55 4.91 4.32
C VAL A 40 -10.33 5.29 3.03
N LYS A 41 -11.62 4.91 3.00
CA LYS A 41 -12.51 5.16 1.86
C LYS A 41 -12.58 6.66 1.51
N GLU A 42 -12.62 7.49 2.57
CA GLU A 42 -12.61 8.96 2.45
C GLU A 42 -11.33 9.43 1.74
N GLU A 43 -10.17 8.94 2.24
CA GLU A 43 -8.84 9.33 1.77
C GLU A 43 -8.51 8.77 0.36
N ILE A 44 -9.15 7.66 -0.03
CA ILE A 44 -8.98 7.05 -1.36
C ILE A 44 -9.67 7.92 -2.41
N GLU A 45 -10.93 8.26 -2.15
CA GLU A 45 -11.74 9.10 -3.04
C GLU A 45 -11.17 10.53 -3.09
N LYS A 46 -10.54 10.94 -1.97
CA LYS A 46 -9.82 12.22 -1.84
C LYS A 46 -8.53 12.20 -2.69
N ALA A 47 -7.75 11.11 -2.58
CA ALA A 47 -6.49 10.93 -3.33
C ALA A 47 -6.78 10.85 -4.84
N ARG A 48 -7.90 10.19 -5.18
CA ARG A 48 -8.43 10.11 -6.55
C ARG A 48 -8.70 11.52 -7.10
N LYS A 49 -9.36 12.36 -6.26
CA LYS A 49 -9.77 13.72 -6.63
C LYS A 49 -8.52 14.62 -6.82
N GLN A 50 -7.52 14.44 -5.94
CA GLN A 50 -6.28 15.26 -5.95
C GLN A 50 -5.26 14.75 -6.99
N GLY A 51 -5.44 13.50 -7.47
CA GLY A 51 -4.49 12.86 -8.40
C GLY A 51 -3.19 12.48 -7.71
N ARG A 52 -3.33 11.79 -6.56
CA ARG A 52 -2.22 11.40 -5.67
C ARG A 52 -2.33 9.92 -5.27
N PRO A 53 -1.20 9.27 -4.86
CA PRO A 53 -1.24 7.98 -4.17
C PRO A 53 -1.64 8.12 -2.68
N ILE A 54 -2.15 7.03 -2.13
CA ILE A 54 -2.50 6.91 -0.70
C ILE A 54 -1.96 5.56 -0.20
N VAL A 55 -1.16 5.58 0.86
CA VAL A 55 -0.65 4.38 1.49
C VAL A 55 -1.54 4.01 2.69
N VAL A 56 -2.34 2.97 2.51
CA VAL A 56 -3.19 2.38 3.54
C VAL A 56 -2.43 1.24 4.24
N PHE A 57 -2.60 1.14 5.55
CA PHE A 57 -2.03 0.08 6.36
C PHE A 57 -3.17 -0.80 6.87
N VAL A 58 -3.18 -2.04 6.40
CA VAL A 58 -4.13 -3.09 6.80
C VAL A 58 -3.34 -4.19 7.53
N ARG A 59 -3.97 -4.92 8.46
CA ARG A 59 -3.34 -6.09 9.10
C ARG A 59 -3.51 -7.33 8.21
N GLY A 60 -2.68 -8.35 8.47
CA GLY A 60 -2.82 -9.66 7.81
C GLY A 60 -4.13 -10.35 8.19
N GLY A 61 -4.58 -10.09 9.43
CA GLY A 61 -5.84 -10.63 9.95
C GLY A 61 -7.08 -9.97 9.35
N ASP A 62 -6.92 -8.75 8.82
CA ASP A 62 -8.00 -8.00 8.13
C ASP A 62 -7.94 -8.28 6.61
N ASP A 63 -8.04 -9.57 6.26
CA ASP A 63 -7.97 -10.06 4.87
C ASP A 63 -9.12 -9.51 4.01
N GLU A 64 -10.34 -9.53 4.58
CA GLU A 64 -11.54 -9.02 3.91
C GLU A 64 -11.42 -7.52 3.66
N ARG A 65 -11.06 -6.76 4.70
CA ARG A 65 -10.89 -5.29 4.60
C ARG A 65 -9.86 -4.92 3.52
N ALA A 66 -8.80 -5.73 3.41
CA ALA A 66 -7.75 -5.55 2.39
C ALA A 66 -8.32 -5.64 0.96
N LYS A 67 -9.05 -6.74 0.67
CA LYS A 67 -9.56 -7.04 -0.69
C LYS A 67 -10.81 -6.22 -1.07
N ASP A 68 -11.61 -5.80 -0.06
CA ASP A 68 -12.83 -4.96 -0.27
C ASP A 68 -12.43 -3.51 -0.56
N ILE A 69 -11.39 -3.02 0.15
CA ILE A 69 -10.81 -1.70 -0.10
C ILE A 69 -10.02 -1.72 -1.44
N ALA A 70 -9.43 -2.89 -1.78
CA ALA A 70 -8.76 -3.14 -3.07
C ALA A 70 -9.76 -3.12 -4.23
N GLU A 71 -10.94 -3.70 -3.96
CA GLU A 71 -12.05 -3.76 -4.91
C GLU A 71 -12.57 -2.36 -5.17
N TYR A 72 -12.82 -1.61 -4.07
CA TYR A 72 -13.26 -0.21 -4.09
C TYR A 72 -12.29 0.65 -4.90
N ALA A 73 -10.98 0.48 -4.62
CA ALA A 73 -9.90 1.26 -5.24
C ALA A 73 -9.83 1.03 -6.76
N GLN A 74 -10.04 -0.24 -7.19
CA GLN A 74 -10.05 -0.60 -8.61
C GLN A 74 -11.33 -0.06 -9.30
N LYS A 75 -12.44 -0.02 -8.54
CA LYS A 75 -13.71 0.59 -8.99
C LYS A 75 -13.57 2.13 -9.18
N GLU A 76 -12.70 2.75 -8.37
CA GLU A 76 -12.39 4.19 -8.48
C GLU A 76 -11.52 4.49 -9.74
N GLY A 77 -10.95 3.43 -10.33
CA GLY A 77 -10.08 3.56 -11.51
C GLY A 77 -8.64 3.88 -11.12
N LEU A 78 -8.21 3.29 -9.99
CA LEU A 78 -6.88 3.55 -9.40
C LEU A 78 -6.03 2.24 -9.43
N ARG A 79 -4.70 2.39 -9.52
CA ARG A 79 -3.76 1.25 -9.45
C ARG A 79 -3.71 0.70 -8.02
N VAL A 80 -4.11 -0.57 -7.85
CA VAL A 80 -4.11 -1.23 -6.54
C VAL A 80 -2.81 -2.03 -6.39
N ILE A 81 -1.97 -1.58 -5.46
CA ILE A 81 -0.71 -2.24 -5.11
C ILE A 81 -0.88 -2.81 -3.69
N VAL A 82 -0.89 -4.13 -3.56
CA VAL A 82 -1.05 -4.82 -2.26
C VAL A 82 0.34 -5.31 -1.80
N ILE A 83 0.90 -4.72 -0.74
CA ILE A 83 2.22 -5.14 -0.20
C ILE A 83 2.02 -5.92 1.09
N ILE A 84 2.16 -7.23 1.01
CA ILE A 84 2.06 -8.12 2.16
C ILE A 84 3.44 -8.25 2.81
N VAL A 85 3.55 -7.82 4.07
CA VAL A 85 4.79 -7.92 4.85
C VAL A 85 4.60 -9.03 5.90
N SER A 86 5.18 -10.20 5.63
CA SER A 86 5.12 -11.37 6.51
C SER A 86 6.45 -12.14 6.42
N GLN A 87 6.99 -12.56 7.58
CA GLN A 87 8.18 -13.43 7.63
C GLN A 87 7.82 -14.86 7.16
N ASP A 88 6.53 -15.21 7.29
CA ASP A 88 5.97 -16.44 6.71
C ASP A 88 5.78 -16.22 5.20
N GLU A 89 6.70 -16.79 4.41
CA GLU A 89 6.65 -16.76 2.93
C GLU A 89 5.49 -17.63 2.40
N GLU A 90 5.05 -18.58 3.23
CA GLU A 90 3.87 -19.41 3.01
C GLU A 90 2.59 -18.52 3.08
N ALA A 91 2.56 -17.58 4.05
CA ALA A 91 1.45 -16.61 4.22
C ALA A 91 1.50 -15.52 3.14
N LEU A 92 2.74 -15.16 2.72
CA LEU A 92 2.98 -14.22 1.61
C LEU A 92 2.27 -14.72 0.34
N ARG A 93 2.46 -16.03 0.02
CA ARG A 93 1.91 -16.66 -1.19
C ARG A 93 0.37 -16.70 -1.18
N LYS A 94 -0.22 -16.97 0.01
CA LYS A 94 -1.70 -17.08 0.17
C LYS A 94 -2.38 -15.78 -0.28
N GLY A 95 -1.93 -14.66 0.27
CA GLY A 95 -2.48 -13.35 -0.08
C GLY A 95 -2.07 -12.90 -1.47
N TYR A 96 -0.85 -13.32 -1.90
CA TYR A 96 -0.25 -12.91 -3.17
C TYR A 96 -1.13 -13.30 -4.34
N GLU A 97 -1.41 -14.61 -4.45
CA GLU A 97 -2.14 -15.17 -5.60
C GLU A 97 -3.64 -14.83 -5.51
N ASP A 98 -4.17 -14.75 -4.27
CA ASP A 98 -5.60 -14.46 -4.01
C ASP A 98 -5.98 -13.03 -4.46
N LYS A 99 -5.10 -12.05 -4.16
CA LYS A 99 -5.29 -10.65 -4.56
C LYS A 99 -4.86 -10.42 -6.04
N LYS A 100 -3.80 -11.12 -6.47
CA LYS A 100 -3.19 -10.91 -7.82
C LYS A 100 -4.11 -11.43 -8.94
N LYS A 101 -4.89 -12.49 -8.66
CA LYS A 101 -5.87 -13.07 -9.62
C LYS A 101 -7.00 -12.06 -9.91
N LYS A 102 -7.21 -11.11 -8.97
CA LYS A 102 -8.20 -10.02 -9.10
C LYS A 102 -7.61 -8.81 -9.87
N GLY A 103 -6.39 -8.98 -10.42
CA GLY A 103 -5.75 -7.97 -11.26
C GLY A 103 -5.04 -6.89 -10.49
N TYR A 104 -4.57 -7.22 -9.27
CA TYR A 104 -3.83 -6.28 -8.39
C TYR A 104 -2.32 -6.58 -8.49
N ASP A 105 -1.49 -5.51 -8.47
CA ASP A 105 -0.03 -5.67 -8.38
C ASP A 105 0.35 -5.94 -6.93
N VAL A 106 0.60 -7.22 -6.59
CA VAL A 106 0.91 -7.63 -5.22
C VAL A 106 2.41 -7.85 -5.09
N TYR A 107 2.98 -7.30 -4.01
CA TYR A 107 4.39 -7.48 -3.63
C TYR A 107 4.45 -8.22 -2.31
N THR A 108 5.35 -9.19 -2.22
CA THR A 108 5.61 -9.95 -1.00
C THR A 108 6.94 -9.50 -0.41
N SER A 109 6.98 -9.30 0.90
CA SER A 109 8.16 -8.82 1.61
C SER A 109 8.32 -9.55 2.93
N ARG A 110 9.55 -10.00 3.22
CA ARG A 110 9.92 -10.65 4.48
C ARG A 110 9.72 -9.71 5.68
N ASN A 111 10.12 -8.45 5.48
CA ASN A 111 10.25 -7.48 6.58
C ASN A 111 10.14 -6.05 6.03
N GLU A 112 10.24 -5.07 6.94
CA GLU A 112 10.03 -3.64 6.65
C GLU A 112 11.12 -3.07 5.72
N ASP A 113 12.33 -3.65 5.74
CA ASP A 113 13.43 -3.25 4.81
C ASP A 113 12.99 -3.48 3.34
N GLU A 114 12.46 -4.68 3.08
CA GLU A 114 11.96 -5.08 1.74
C GLU A 114 10.69 -4.32 1.38
N ALA A 115 9.81 -4.16 2.38
CA ALA A 115 8.52 -3.46 2.22
C ALA A 115 8.73 -1.97 1.91
N LYS A 116 9.80 -1.40 2.51
CA LYS A 116 10.24 -0.01 2.30
C LYS A 116 10.59 0.23 0.83
N LYS A 117 11.30 -0.76 0.24
CA LYS A 117 11.70 -0.72 -1.18
C LYS A 117 10.44 -0.69 -2.06
N LYS A 118 9.56 -1.68 -1.84
CA LYS A 118 8.33 -1.90 -2.62
C LYS A 118 7.37 -0.71 -2.52
N LEU A 119 7.35 -0.08 -1.33
CA LEU A 119 6.44 1.01 -0.99
C LEU A 119 6.78 2.28 -1.75
N LYS A 120 8.08 2.65 -1.71
CA LYS A 120 8.56 3.87 -2.37
C LYS A 120 8.62 3.67 -3.90
N GLU A 121 8.82 2.40 -4.34
CA GLU A 121 8.64 2.01 -5.75
C GLU A 121 7.17 2.25 -6.20
N ALA A 122 6.21 2.00 -5.28
CA ALA A 122 4.77 2.24 -5.52
C ALA A 122 4.44 3.75 -5.53
N LEU A 123 5.22 4.55 -4.79
CA LEU A 123 5.12 6.02 -4.82
C LEU A 123 5.70 6.59 -6.14
N GLU A 124 6.76 5.93 -6.63
CA GLU A 124 7.36 6.23 -7.94
C GLU A 124 6.44 5.74 -9.09
N LYS A 125 5.66 4.68 -8.79
CA LYS A 125 4.73 4.01 -9.73
C LYS A 125 3.57 4.98 -10.10
N SER A 126 3.20 5.83 -9.12
CA SER A 126 2.21 6.91 -9.33
C SER A 126 2.88 8.10 -10.02
N GLY A 127 4.04 8.47 -9.48
CA GLY A 127 4.84 9.60 -9.99
C GLY A 127 5.38 10.49 -8.88
N SER A 128 4.96 10.23 -7.62
CA SER A 128 5.45 10.97 -6.45
C SER A 128 6.89 10.51 -6.11
N LEU A 129 7.87 11.24 -6.67
CA LEU A 129 9.31 10.97 -6.47
C LEU A 129 9.84 11.77 -5.26
N GLU A 130 10.88 11.23 -4.59
CA GLU A 130 11.58 11.95 -3.51
C GLU A 130 12.46 13.03 -4.13
N HIS A 131 13.35 12.59 -5.02
CA HIS A 131 14.36 13.44 -5.65
C HIS A 131 13.76 14.32 -6.74
N HIS A 132 14.53 15.36 -7.12
CA HIS A 132 14.16 16.29 -8.19
C HIS A 132 14.06 15.54 -9.53
N HIS A 133 12.84 15.45 -10.09
CA HIS A 133 12.59 14.84 -11.41
C HIS A 133 13.29 15.67 -12.51
N HIS A 134 13.22 17.00 -12.35
CA HIS A 134 13.83 17.96 -13.26
C HIS A 134 14.33 19.17 -12.43
N HIS A 135 15.65 19.30 -12.30
CA HIS A 135 16.28 20.38 -11.50
C HIS A 135 17.05 21.34 -12.43
N HIS A 136 16.30 22.31 -13.01
CA HIS A 136 16.86 23.46 -13.77
C HIS A 136 15.70 24.42 -14.13
N MET A 1 -6.67 7.64 -12.00
CA MET A 1 -6.35 8.97 -11.43
C MET A 1 -5.30 8.87 -10.29
N GLY A 2 -4.64 7.72 -10.17
CA GLY A 2 -3.66 7.49 -9.09
C GLY A 2 -3.52 6.02 -8.74
N VAL A 3 -3.01 5.74 -7.53
CA VAL A 3 -2.75 4.36 -7.05
C VAL A 3 -3.09 4.24 -5.56
N VAL A 4 -3.78 3.16 -5.18
CA VAL A 4 -4.03 2.82 -3.77
C VAL A 4 -3.12 1.65 -3.38
N ILE A 5 -2.16 1.95 -2.51
CA ILE A 5 -1.20 1.00 -1.97
C ILE A 5 -1.74 0.47 -0.63
N LEU A 6 -2.17 -0.80 -0.61
CA LEU A 6 -2.65 -1.48 0.59
C LEU A 6 -1.52 -2.34 1.16
N VAL A 7 -0.88 -1.84 2.21
CA VAL A 7 0.21 -2.52 2.89
C VAL A 7 -0.37 -3.37 4.04
N LEU A 8 -0.41 -4.70 3.82
CA LEU A 8 -0.90 -5.67 4.80
C LEU A 8 0.26 -6.11 5.70
N THR A 9 0.31 -5.56 6.92
CA THR A 9 1.43 -5.77 7.85
C THR A 9 0.99 -6.71 8.98
N GLY A 10 1.98 -7.40 9.58
CA GLY A 10 1.72 -8.27 10.73
C GLY A 10 1.48 -7.50 12.02
N ASP A 11 1.77 -6.17 12.02
CA ASP A 11 1.76 -5.36 13.26
C ASP A 11 1.82 -3.84 12.94
N GLU A 12 1.32 -3.03 13.91
CA GLU A 12 1.30 -1.54 13.81
C GLU A 12 2.71 -0.95 13.87
N ARG A 13 3.61 -1.61 14.63
CA ARG A 13 5.02 -1.21 14.78
C ARG A 13 5.73 -1.16 13.40
N ILE A 14 5.36 -2.11 12.51
CA ILE A 14 5.85 -2.12 11.12
C ILE A 14 5.18 -0.98 10.33
N ALA A 15 3.83 -0.96 10.41
CA ALA A 15 2.96 -0.07 9.61
C ALA A 15 3.22 1.43 9.88
N GLU A 16 3.63 1.75 11.12
CA GLU A 16 3.86 3.13 11.57
C GLU A 16 5.15 3.69 10.96
N GLU A 17 6.18 2.83 10.87
CA GLU A 17 7.48 3.19 10.27
C GLU A 17 7.36 3.32 8.76
N LEU A 18 6.45 2.54 8.17
CA LEU A 18 6.10 2.62 6.75
C LEU A 18 5.26 3.90 6.48
N ARG A 19 4.53 4.40 7.49
CA ARG A 19 3.85 5.71 7.43
C ARG A 19 4.91 6.83 7.39
N LYS A 20 5.93 6.69 8.26
CA LYS A 20 7.05 7.64 8.38
C LYS A 20 7.97 7.60 7.14
N GLU A 21 8.05 6.40 6.51
CA GLU A 21 8.73 6.17 5.21
C GLU A 21 8.21 7.14 4.14
N VAL A 22 6.88 7.18 4.03
CA VAL A 22 6.17 7.99 3.03
C VAL A 22 6.45 9.48 3.25
N GLN A 23 6.49 9.90 4.53
CA GLN A 23 6.82 11.30 4.91
C GLN A 23 8.20 11.73 4.34
N LYS A 24 9.13 10.76 4.23
CA LYS A 24 10.48 10.99 3.69
C LYS A 24 10.51 10.94 2.16
N HIS A 25 9.77 9.99 1.55
CA HIS A 25 9.81 9.80 0.08
C HIS A 25 8.95 10.88 -0.62
N ASP A 26 7.68 10.99 -0.23
CA ASP A 26 6.76 12.02 -0.75
C ASP A 26 5.69 12.35 0.33
N PRO A 27 5.67 13.60 0.88
CA PRO A 27 4.81 13.96 2.03
C PRO A 27 3.36 14.34 1.60
N ASN A 28 3.10 14.36 0.28
CA ASN A 28 1.79 14.75 -0.28
C ASN A 28 0.89 13.52 -0.41
N VAL A 29 1.52 12.33 -0.43
CA VAL A 29 0.82 11.03 -0.42
C VAL A 29 0.08 10.84 0.92
N LYS A 30 -1.21 10.46 0.84
CA LYS A 30 -2.05 10.21 2.02
C LYS A 30 -1.65 8.89 2.70
N THR A 31 -1.66 8.87 4.04
CA THR A 31 -1.31 7.67 4.84
C THR A 31 -2.44 7.35 5.83
N VAL A 32 -3.00 6.14 5.75
CA VAL A 32 -4.11 5.70 6.60
C VAL A 32 -3.66 4.50 7.45
N PRO A 33 -3.54 4.62 8.80
CA PRO A 33 -3.17 3.47 9.66
C PRO A 33 -4.29 2.40 9.80
N THR A 34 -3.91 1.27 10.44
CA THR A 34 -4.81 0.11 10.65
C THR A 34 -6.01 0.47 11.54
N LYS A 35 -5.76 1.35 12.53
CA LYS A 35 -6.77 1.84 13.49
C LYS A 35 -7.87 2.68 12.80
N ASP A 36 -7.52 3.28 11.64
CA ASP A 36 -8.46 4.04 10.80
C ASP A 36 -9.02 3.14 9.68
N LYS A 37 -9.50 1.95 10.10
CA LYS A 37 -9.90 0.86 9.19
C LYS A 37 -11.07 1.24 8.25
N GLU A 38 -12.10 1.89 8.80
CA GLU A 38 -13.28 2.36 8.02
C GLU A 38 -12.89 3.62 7.24
N LYS A 39 -12.08 4.44 7.92
CA LYS A 39 -11.65 5.79 7.50
C LYS A 39 -10.84 5.74 6.18
N VAL A 40 -10.28 4.53 5.87
CA VAL A 40 -9.53 4.25 4.63
C VAL A 40 -10.31 4.69 3.39
N LYS A 41 -11.59 4.31 3.36
CA LYS A 41 -12.50 4.51 2.22
C LYS A 41 -12.65 6.01 1.89
N GLU A 42 -12.70 6.83 2.95
CA GLU A 42 -12.84 8.29 2.83
C GLU A 42 -11.57 8.90 2.19
N GLU A 43 -10.40 8.44 2.66
CA GLU A 43 -9.09 8.98 2.27
C GLU A 43 -8.75 8.64 0.80
N ILE A 44 -9.23 7.47 0.31
CA ILE A 44 -9.04 7.03 -1.09
C ILE A 44 -9.71 8.02 -2.06
N GLU A 45 -10.91 8.48 -1.67
CA GLU A 45 -11.71 9.47 -2.43
C GLU A 45 -10.94 10.82 -2.53
N LYS A 46 -10.24 11.17 -1.42
CA LYS A 46 -9.42 12.39 -1.34
C LYS A 46 -8.18 12.27 -2.25
N ALA A 47 -7.57 11.06 -2.26
CA ALA A 47 -6.37 10.77 -3.05
C ALA A 47 -6.68 10.82 -4.56
N ARG A 48 -7.89 10.35 -4.92
CA ARG A 48 -8.39 10.44 -6.30
C ARG A 48 -8.52 11.92 -6.72
N LYS A 49 -9.06 12.74 -5.80
CA LYS A 49 -9.30 14.18 -6.02
C LYS A 49 -7.95 14.91 -6.24
N GLN A 50 -6.92 14.49 -5.47
CA GLN A 50 -5.57 15.08 -5.56
C GLN A 50 -4.83 14.55 -6.79
N GLY A 51 -5.33 13.43 -7.35
CA GLY A 51 -4.70 12.78 -8.50
C GLY A 51 -3.36 12.17 -8.17
N ARG A 52 -3.20 11.69 -6.91
CA ARG A 52 -1.93 11.20 -6.37
C ARG A 52 -2.11 9.80 -5.73
N PRO A 53 -1.00 9.04 -5.47
CA PRO A 53 -1.06 7.79 -4.67
C PRO A 53 -1.51 8.00 -3.21
N ILE A 54 -1.92 6.90 -2.58
CA ILE A 54 -2.27 6.83 -1.16
C ILE A 54 -1.75 5.50 -0.60
N VAL A 55 -1.03 5.57 0.52
CA VAL A 55 -0.59 4.40 1.26
C VAL A 55 -1.57 4.13 2.41
N VAL A 56 -1.97 2.86 2.53
CA VAL A 56 -2.97 2.38 3.47
C VAL A 56 -2.37 1.22 4.26
N PHE A 57 -2.66 1.15 5.56
CA PHE A 57 -2.16 0.11 6.44
C PHE A 57 -3.35 -0.73 6.91
N VAL A 58 -3.32 -1.99 6.52
CA VAL A 58 -4.29 -3.03 6.93
C VAL A 58 -3.46 -4.16 7.53
N ARG A 59 -4.02 -4.95 8.46
CA ARG A 59 -3.33 -6.17 8.94
C ARG A 59 -3.41 -7.28 7.87
N GLY A 60 -2.42 -8.20 7.89
CA GLY A 60 -2.38 -9.35 6.99
C GLY A 60 -3.56 -10.29 7.19
N GLY A 61 -4.03 -10.38 8.46
CA GLY A 61 -5.21 -11.18 8.82
C GLY A 61 -6.54 -10.49 8.50
N ASP A 62 -6.46 -9.23 8.04
CA ASP A 62 -7.62 -8.45 7.57
C ASP A 62 -7.57 -8.32 6.04
N ASP A 63 -7.17 -9.41 5.36
CA ASP A 63 -7.07 -9.46 3.90
C ASP A 63 -8.48 -9.43 3.24
N GLU A 64 -9.50 -9.82 4.04
CA GLU A 64 -10.93 -9.73 3.64
C GLU A 64 -11.41 -8.28 3.64
N ARG A 65 -10.77 -7.43 4.47
CA ARG A 65 -10.98 -5.97 4.44
C ARG A 65 -10.26 -5.39 3.21
N ALA A 66 -8.99 -5.82 3.03
CA ALA A 66 -8.09 -5.32 1.99
C ALA A 66 -8.67 -5.48 0.56
N LYS A 67 -9.31 -6.63 0.29
CA LYS A 67 -9.88 -6.93 -1.04
C LYS A 67 -11.10 -6.03 -1.36
N ASP A 68 -11.87 -5.68 -0.33
CA ASP A 68 -13.07 -4.79 -0.46
C ASP A 68 -12.64 -3.33 -0.67
N ILE A 69 -11.58 -2.94 0.05
CA ILE A 69 -10.95 -1.62 -0.10
C ILE A 69 -10.36 -1.47 -1.52
N ALA A 70 -9.74 -2.57 -1.98
CA ALA A 70 -9.13 -2.67 -3.32
C ALA A 70 -10.20 -2.64 -4.42
N GLU A 71 -11.40 -3.15 -4.10
CA GLU A 71 -12.55 -3.17 -5.02
C GLU A 71 -13.15 -1.76 -5.14
N TYR A 72 -13.09 -1.01 -4.03
CA TYR A 72 -13.47 0.41 -4.02
C TYR A 72 -12.41 1.26 -4.75
N ALA A 73 -11.13 0.86 -4.59
CA ALA A 73 -9.98 1.57 -5.17
C ALA A 73 -9.98 1.51 -6.70
N GLN A 74 -10.19 0.29 -7.26
CA GLN A 74 -10.29 0.08 -8.71
C GLN A 74 -11.54 0.78 -9.28
N LYS A 75 -12.59 0.87 -8.44
CA LYS A 75 -13.83 1.62 -8.73
C LYS A 75 -13.55 3.12 -8.88
N GLU A 76 -12.63 3.63 -8.04
CA GLU A 76 -12.17 5.04 -8.09
C GLU A 76 -11.25 5.32 -9.30
N GLY A 77 -10.98 4.28 -10.12
CA GLY A 77 -10.10 4.40 -11.27
C GLY A 77 -8.64 4.50 -10.86
N LEU A 78 -8.32 3.93 -9.69
CA LEU A 78 -6.98 3.95 -9.11
C LEU A 78 -6.39 2.53 -9.16
N ARG A 79 -5.17 2.40 -9.69
CA ARG A 79 -4.44 1.13 -9.77
C ARG A 79 -4.12 0.62 -8.36
N VAL A 80 -4.42 -0.65 -8.07
CA VAL A 80 -4.23 -1.22 -6.73
C VAL A 80 -2.89 -1.96 -6.63
N ILE A 81 -2.08 -1.56 -5.64
CA ILE A 81 -0.84 -2.24 -5.25
C ILE A 81 -1.05 -2.81 -3.83
N VAL A 82 -0.85 -4.12 -3.63
CA VAL A 82 -0.97 -4.75 -2.30
C VAL A 82 0.42 -5.21 -1.83
N ILE A 83 0.96 -4.61 -0.75
CA ILE A 83 2.28 -4.99 -0.19
C ILE A 83 2.09 -5.77 1.12
N ILE A 84 2.30 -7.08 1.07
CA ILE A 84 2.14 -7.97 2.23
C ILE A 84 3.48 -8.07 2.98
N VAL A 85 3.56 -7.49 4.18
CA VAL A 85 4.72 -7.58 5.06
C VAL A 85 4.47 -8.68 6.12
N SER A 86 5.11 -9.84 5.91
CA SER A 86 5.03 -10.99 6.81
C SER A 86 6.29 -11.85 6.61
N GLN A 87 6.84 -12.36 7.73
CA GLN A 87 8.02 -13.25 7.73
C GLN A 87 7.69 -14.64 7.18
N ASP A 88 6.39 -14.99 7.19
CA ASP A 88 5.89 -16.27 6.66
C ASP A 88 5.76 -16.17 5.14
N GLU A 89 6.66 -16.86 4.42
CA GLU A 89 6.71 -16.90 2.94
C GLU A 89 5.43 -17.51 2.34
N GLU A 90 4.79 -18.42 3.12
CA GLU A 90 3.52 -19.05 2.74
C GLU A 90 2.37 -18.03 2.79
N ALA A 91 2.30 -17.25 3.91
CA ALA A 91 1.29 -16.21 4.12
C ALA A 91 1.41 -15.09 3.08
N LEU A 92 2.67 -14.85 2.65
CA LEU A 92 2.99 -13.93 1.54
C LEU A 92 2.28 -14.40 0.26
N ARG A 93 2.47 -15.69 -0.10
CA ARG A 93 1.89 -16.29 -1.33
C ARG A 93 0.35 -16.35 -1.30
N LYS A 94 -0.22 -16.56 -0.10
CA LYS A 94 -1.68 -16.72 0.07
C LYS A 94 -2.42 -15.46 -0.39
N GLY A 95 -1.96 -14.29 0.08
CA GLY A 95 -2.50 -13.01 -0.37
C GLY A 95 -2.00 -12.63 -1.77
N TYR A 96 -0.76 -13.04 -2.10
CA TYR A 96 -0.07 -12.63 -3.34
C TYR A 96 -0.83 -13.09 -4.57
N GLU A 97 -0.99 -14.42 -4.68
CA GLU A 97 -1.57 -15.04 -5.86
C GLU A 97 -3.08 -14.75 -5.92
N ASP A 98 -3.72 -14.73 -4.74
CA ASP A 98 -5.19 -14.54 -4.58
C ASP A 98 -5.64 -13.15 -5.08
N LYS A 99 -4.95 -12.09 -4.61
CA LYS A 99 -5.25 -10.69 -4.99
C LYS A 99 -4.86 -10.42 -6.46
N LYS A 100 -3.87 -11.17 -6.98
CA LYS A 100 -3.45 -11.09 -8.40
C LYS A 100 -4.50 -11.72 -9.36
N LYS A 101 -5.28 -12.71 -8.85
CA LYS A 101 -6.42 -13.31 -9.60
C LYS A 101 -7.50 -12.23 -9.85
N LYS A 102 -7.54 -11.25 -8.94
CA LYS A 102 -8.48 -10.12 -8.96
C LYS A 102 -7.89 -8.94 -9.78
N GLY A 103 -6.59 -9.02 -10.10
CA GLY A 103 -5.91 -8.03 -10.93
C GLY A 103 -5.26 -6.91 -10.14
N TYR A 104 -4.73 -7.24 -8.95
CA TYR A 104 -3.98 -6.27 -8.11
C TYR A 104 -2.48 -6.58 -8.20
N ASP A 105 -1.65 -5.54 -8.25
CA ASP A 105 -0.19 -5.67 -8.30
C ASP A 105 0.34 -5.91 -6.89
N VAL A 106 0.63 -7.18 -6.55
CA VAL A 106 1.03 -7.55 -5.19
C VAL A 106 2.55 -7.72 -5.11
N TYR A 107 3.12 -7.22 -4.00
CA TYR A 107 4.54 -7.33 -3.67
C TYR A 107 4.65 -8.07 -2.34
N THR A 108 5.60 -8.99 -2.22
CA THR A 108 5.83 -9.77 -1.01
C THR A 108 7.10 -9.27 -0.32
N SER A 109 6.97 -8.95 0.97
CA SER A 109 8.09 -8.52 1.80
C SER A 109 8.15 -9.40 3.03
N ARG A 110 9.35 -9.94 3.29
CA ARG A 110 9.62 -10.83 4.44
C ARG A 110 9.79 -10.00 5.70
N ASN A 111 10.32 -8.79 5.51
CA ASN A 111 10.73 -7.93 6.62
C ASN A 111 10.66 -6.48 6.19
N GLU A 112 10.78 -5.56 7.18
CA GLU A 112 10.59 -4.12 6.97
C GLU A 112 11.62 -3.53 6.00
N ASP A 113 12.81 -4.15 5.92
CA ASP A 113 13.87 -3.76 4.97
C ASP A 113 13.36 -3.87 3.52
N GLU A 114 12.66 -4.99 3.23
CA GLU A 114 12.04 -5.23 1.91
C GLU A 114 10.76 -4.38 1.75
N ALA A 115 10.02 -4.20 2.85
CA ALA A 115 8.78 -3.38 2.86
C ALA A 115 9.08 -1.90 2.51
N LYS A 116 10.27 -1.45 2.96
CA LYS A 116 10.81 -0.11 2.67
C LYS A 116 11.03 0.06 1.17
N LYS A 117 11.65 -0.97 0.56
CA LYS A 117 11.96 -0.99 -0.88
C LYS A 117 10.67 -0.98 -1.71
N LYS A 118 9.76 -1.93 -1.40
CA LYS A 118 8.52 -2.17 -2.19
C LYS A 118 7.55 -1.01 -2.09
N LEU A 119 7.55 -0.31 -0.94
CA LEU A 119 6.70 0.84 -0.71
C LEU A 119 7.12 2.00 -1.60
N LYS A 120 8.43 2.29 -1.59
CA LYS A 120 9.02 3.37 -2.41
C LYS A 120 8.96 3.02 -3.92
N GLU A 121 9.05 1.71 -4.23
CA GLU A 121 8.90 1.20 -5.61
C GLU A 121 7.47 1.45 -6.12
N ALA A 122 6.49 1.19 -5.23
CA ALA A 122 5.05 1.42 -5.52
C ALA A 122 4.76 2.92 -5.66
N LEU A 123 5.51 3.75 -4.90
CA LEU A 123 5.43 5.21 -4.98
C LEU A 123 6.04 5.72 -6.30
N GLU A 124 7.13 5.08 -6.76
CA GLU A 124 7.81 5.44 -8.02
C GLU A 124 6.99 4.99 -9.26
N LYS A 125 6.26 3.86 -9.12
CA LYS A 125 5.38 3.32 -10.18
C LYS A 125 4.01 4.05 -10.21
N SER A 126 3.71 4.85 -9.17
CA SER A 126 2.48 5.64 -9.09
C SER A 126 2.71 7.09 -9.55
N GLY A 127 3.96 7.53 -9.53
CA GLY A 127 4.34 8.87 -9.98
C GLY A 127 5.50 9.44 -9.18
N SER A 128 5.40 9.31 -7.84
CA SER A 128 6.37 9.90 -6.91
C SER A 128 7.74 9.19 -6.98
N LEU A 129 8.62 9.69 -7.87
CA LEU A 129 9.98 9.14 -8.04
C LEU A 129 10.89 9.56 -6.87
N GLU A 130 12.04 8.87 -6.77
CA GLU A 130 13.10 9.22 -5.83
C GLU A 130 13.67 10.61 -6.24
N HIS A 131 13.85 11.51 -5.25
CA HIS A 131 14.21 12.93 -5.47
C HIS A 131 15.63 13.06 -6.06
N HIS A 132 15.67 13.10 -7.43
CA HIS A 132 16.90 13.11 -8.23
C HIS A 132 17.80 11.89 -7.88
N HIS A 133 18.71 12.09 -6.90
CA HIS A 133 19.64 11.07 -6.38
C HIS A 133 20.22 11.62 -5.06
N HIS A 134 19.97 10.92 -3.95
CA HIS A 134 20.52 11.28 -2.63
C HIS A 134 21.99 10.80 -2.52
N HIS A 135 22.92 11.78 -2.60
CA HIS A 135 24.38 11.53 -2.56
C HIS A 135 24.85 11.30 -1.10
N HIS A 136 26.10 10.84 -0.95
CA HIS A 136 26.72 10.55 0.36
C HIS A 136 27.77 11.65 0.68
N MET A 1 -3.15 11.58 -10.46
CA MET A 1 -3.81 10.27 -10.68
C MET A 1 -3.89 9.51 -9.34
N GLY A 2 -5.13 9.21 -8.90
CA GLY A 2 -5.36 8.47 -7.65
C GLY A 2 -4.94 7.00 -7.76
N VAL A 3 -4.14 6.53 -6.79
CA VAL A 3 -3.61 5.15 -6.72
C VAL A 3 -3.64 4.70 -5.24
N VAL A 4 -4.22 3.54 -4.94
CA VAL A 4 -4.37 3.06 -3.54
C VAL A 4 -3.37 1.91 -3.24
N ILE A 5 -2.40 2.21 -2.37
CA ILE A 5 -1.37 1.27 -1.91
C ILE A 5 -1.75 0.73 -0.51
N LEU A 6 -2.15 -0.54 -0.42
CA LEU A 6 -2.51 -1.20 0.84
C LEU A 6 -1.33 -2.06 1.33
N VAL A 7 -0.62 -1.58 2.35
CA VAL A 7 0.48 -2.31 2.97
C VAL A 7 -0.05 -3.16 4.14
N LEU A 8 -0.14 -4.50 3.93
CA LEU A 8 -0.57 -5.46 4.95
C LEU A 8 0.66 -5.89 5.76
N THR A 9 0.81 -5.36 6.98
CA THR A 9 1.94 -5.70 7.85
C THR A 9 1.44 -6.60 8.99
N GLY A 10 2.18 -7.70 9.23
CA GLY A 10 1.88 -8.63 10.33
C GLY A 10 2.25 -8.06 11.69
N ASP A 11 3.06 -6.98 11.66
CA ASP A 11 3.44 -6.20 12.83
C ASP A 11 3.16 -4.72 12.58
N GLU A 12 2.50 -4.08 13.56
CA GLU A 12 2.09 -2.67 13.51
C GLU A 12 3.30 -1.71 13.53
N ARG A 13 4.41 -2.17 14.15
CA ARG A 13 5.62 -1.33 14.31
C ARG A 13 6.39 -1.18 13.00
N ILE A 14 6.33 -2.21 12.13
CA ILE A 14 6.88 -2.12 10.76
C ILE A 14 6.08 -1.07 9.96
N ALA A 15 4.73 -1.13 10.05
CA ALA A 15 3.81 -0.17 9.41
C ALA A 15 4.07 1.27 9.88
N GLU A 16 4.46 1.40 11.16
CA GLU A 16 4.76 2.67 11.82
C GLU A 16 6.05 3.29 11.21
N GLU A 17 7.05 2.42 10.96
CA GLU A 17 8.32 2.82 10.30
C GLU A 17 8.08 3.16 8.82
N LEU A 18 7.18 2.40 8.18
CA LEU A 18 6.87 2.56 6.75
C LEU A 18 6.11 3.88 6.50
N ARG A 19 5.35 4.33 7.52
CA ARG A 19 4.66 5.63 7.49
C ARG A 19 5.69 6.77 7.41
N LYS A 20 6.81 6.60 8.14
CA LYS A 20 7.93 7.54 8.14
C LYS A 20 8.62 7.55 6.76
N GLU A 21 8.72 6.36 6.13
CA GLU A 21 9.36 6.19 4.81
C GLU A 21 8.61 6.98 3.73
N VAL A 22 7.26 6.95 3.79
CA VAL A 22 6.40 7.67 2.84
C VAL A 22 6.59 9.19 2.99
N GLN A 23 6.59 9.68 4.25
CA GLN A 23 6.72 11.12 4.55
C GLN A 23 8.08 11.70 4.08
N LYS A 24 9.13 10.85 4.04
CA LYS A 24 10.48 11.25 3.58
C LYS A 24 10.64 11.08 2.05
N HIS A 25 9.91 10.11 1.46
CA HIS A 25 9.98 9.80 0.00
C HIS A 25 9.15 10.83 -0.80
N ASP A 26 7.89 11.00 -0.37
CA ASP A 26 6.95 12.00 -0.89
C ASP A 26 5.80 12.21 0.12
N PRO A 27 5.83 13.32 0.93
CA PRO A 27 4.79 13.60 1.97
C PRO A 27 3.44 14.05 1.40
N ASN A 28 3.35 14.19 0.05
CA ASN A 28 2.09 14.53 -0.64
C ASN A 28 1.17 13.29 -0.71
N VAL A 29 1.79 12.09 -0.60
CA VAL A 29 1.06 10.83 -0.42
C VAL A 29 0.63 10.70 1.05
N LYS A 30 -0.68 10.63 1.30
CA LYS A 30 -1.25 10.46 2.66
C LYS A 30 -1.10 9.03 3.17
N THR A 31 -1.19 8.89 4.50
CA THR A 31 -1.02 7.61 5.20
C THR A 31 -2.20 7.38 6.16
N VAL A 32 -2.91 6.24 5.97
CA VAL A 32 -4.11 5.88 6.76
C VAL A 32 -3.87 4.55 7.51
N PRO A 33 -3.91 4.55 8.88
CA PRO A 33 -3.74 3.31 9.69
C PRO A 33 -4.99 2.38 9.67
N THR A 34 -4.84 1.22 10.34
CA THR A 34 -5.87 0.16 10.42
C THR A 34 -7.11 0.62 11.23
N LYS A 35 -6.86 1.49 12.23
CA LYS A 35 -7.92 2.03 13.12
C LYS A 35 -8.94 2.87 12.35
N ASP A 36 -8.50 3.38 11.19
CA ASP A 36 -9.29 4.21 10.29
C ASP A 36 -9.91 3.36 9.15
N LYS A 37 -10.35 2.13 9.51
CA LYS A 37 -10.87 1.10 8.56
C LYS A 37 -11.99 1.64 7.63
N GLU A 38 -12.92 2.41 8.21
CA GLU A 38 -14.06 3.04 7.50
C GLU A 38 -13.55 4.22 6.67
N LYS A 39 -12.69 4.97 7.33
CA LYS A 39 -12.11 6.23 6.87
C LYS A 39 -11.25 6.03 5.61
N VAL A 40 -10.70 4.79 5.43
CA VAL A 40 -9.89 4.41 4.25
C VAL A 40 -10.69 4.64 2.95
N LYS A 41 -11.91 4.07 2.91
CA LYS A 41 -12.80 4.08 1.74
C LYS A 41 -13.14 5.52 1.31
N GLU A 42 -13.27 6.40 2.32
CA GLU A 42 -13.53 7.83 2.12
C GLU A 42 -12.29 8.51 1.50
N GLU A 43 -11.10 8.19 2.05
CA GLU A 43 -9.82 8.77 1.59
C GLU A 43 -9.45 8.34 0.17
N ILE A 44 -9.97 7.19 -0.30
CA ILE A 44 -9.79 6.73 -1.68
C ILE A 44 -10.35 7.79 -2.67
N GLU A 45 -11.57 8.28 -2.38
CA GLU A 45 -12.25 9.32 -3.18
C GLU A 45 -11.54 10.68 -3.03
N LYS A 46 -11.01 10.94 -1.83
CA LYS A 46 -10.32 12.20 -1.50
C LYS A 46 -8.91 12.26 -2.13
N ALA A 47 -8.27 11.09 -2.29
CA ALA A 47 -6.98 10.97 -3.00
C ALA A 47 -7.19 11.22 -4.50
N ARG A 48 -8.35 10.76 -5.01
CA ARG A 48 -8.82 11.05 -6.37
C ARG A 48 -9.05 12.56 -6.58
N LYS A 49 -9.62 13.19 -5.54
CA LYS A 49 -9.96 14.63 -5.55
C LYS A 49 -8.66 15.47 -5.57
N GLN A 50 -7.63 15.00 -4.85
CA GLN A 50 -6.31 15.68 -4.81
C GLN A 50 -5.39 15.20 -5.94
N GLY A 51 -5.83 14.14 -6.66
CA GLY A 51 -5.13 13.63 -7.83
C GLY A 51 -3.77 13.02 -7.50
N ARG A 52 -3.68 12.37 -6.33
CA ARG A 52 -2.44 11.77 -5.82
C ARG A 52 -2.72 10.37 -5.23
N PRO A 53 -1.67 9.50 -5.12
CA PRO A 53 -1.78 8.20 -4.43
C PRO A 53 -1.92 8.33 -2.89
N ILE A 54 -2.12 7.16 -2.24
CA ILE A 54 -2.37 7.06 -0.80
C ILE A 54 -1.87 5.70 -0.29
N VAL A 55 -1.04 5.70 0.78
CA VAL A 55 -0.56 4.48 1.43
C VAL A 55 -1.39 4.18 2.69
N VAL A 56 -2.25 3.17 2.59
CA VAL A 56 -3.05 2.65 3.70
C VAL A 56 -2.36 1.44 4.32
N PHE A 57 -2.15 1.46 5.63
CA PHE A 57 -1.60 0.33 6.38
C PHE A 57 -2.75 -0.55 6.90
N VAL A 58 -2.84 -1.77 6.35
CA VAL A 58 -3.76 -2.82 6.78
C VAL A 58 -2.98 -3.86 7.63
N ARG A 59 -3.64 -4.53 8.59
CA ARG A 59 -2.99 -5.54 9.44
C ARG A 59 -2.95 -6.90 8.70
N GLY A 60 -1.90 -7.69 9.00
CA GLY A 60 -1.73 -9.04 8.48
C GLY A 60 -2.71 -9.99 9.15
N GLY A 61 -3.91 -10.06 8.57
CA GLY A 61 -5.03 -10.83 9.14
C GLY A 61 -6.36 -10.19 8.77
N ASP A 62 -6.32 -8.88 8.43
CA ASP A 62 -7.48 -8.14 7.88
C ASP A 62 -7.48 -8.26 6.34
N ASP A 63 -7.29 -9.50 5.87
CA ASP A 63 -7.22 -9.83 4.42
C ASP A 63 -8.60 -9.61 3.76
N GLU A 64 -9.66 -9.79 4.58
CA GLU A 64 -11.06 -9.48 4.23
C GLU A 64 -11.17 -8.00 3.78
N ARG A 65 -10.69 -7.10 4.65
CA ARG A 65 -10.74 -5.64 4.40
C ARG A 65 -9.80 -5.25 3.26
N ALA A 66 -8.68 -5.98 3.14
CA ALA A 66 -7.67 -5.74 2.11
C ALA A 66 -8.28 -5.89 0.70
N LYS A 67 -9.04 -6.97 0.47
CA LYS A 67 -9.70 -7.22 -0.83
C LYS A 67 -10.90 -6.29 -1.05
N ASP A 68 -11.59 -5.85 0.05
CA ASP A 68 -12.76 -4.93 -0.05
C ASP A 68 -12.32 -3.54 -0.52
N ILE A 69 -11.33 -2.98 0.19
CA ILE A 69 -10.76 -1.65 -0.06
C ILE A 69 -10.09 -1.61 -1.45
N ALA A 70 -9.36 -2.70 -1.78
CA ALA A 70 -8.70 -2.86 -3.08
C ALA A 70 -9.72 -2.95 -4.22
N GLU A 71 -10.86 -3.60 -3.94
CA GLU A 71 -11.97 -3.75 -4.90
C GLU A 71 -12.62 -2.40 -5.19
N TYR A 72 -12.86 -1.61 -4.12
CA TYR A 72 -13.46 -0.27 -4.23
C TYR A 72 -12.49 0.69 -4.95
N ALA A 73 -11.19 0.53 -4.69
CA ALA A 73 -10.13 1.32 -5.31
C ALA A 73 -10.11 1.10 -6.84
N GLN A 74 -10.11 -0.19 -7.24
CA GLN A 74 -10.16 -0.59 -8.66
C GLN A 74 -11.52 -0.23 -9.29
N LYS A 75 -12.57 -0.20 -8.45
CA LYS A 75 -13.93 0.22 -8.85
C LYS A 75 -13.95 1.71 -9.24
N GLU A 76 -13.11 2.51 -8.56
CA GLU A 76 -12.92 3.94 -8.87
C GLU A 76 -12.03 4.13 -10.14
N GLY A 77 -11.50 3.01 -10.66
CA GLY A 77 -10.63 3.03 -11.84
C GLY A 77 -9.19 3.33 -11.49
N LEU A 78 -8.82 3.13 -10.21
CA LEU A 78 -7.47 3.45 -9.70
C LEU A 78 -6.57 2.22 -9.82
N ARG A 79 -5.25 2.47 -9.84
CA ARG A 79 -4.26 1.41 -9.73
C ARG A 79 -4.17 1.00 -8.26
N VAL A 80 -4.28 -0.31 -8.00
CA VAL A 80 -4.15 -0.85 -6.64
C VAL A 80 -2.80 -1.56 -6.53
N ILE A 81 -2.08 -1.28 -5.44
CA ILE A 81 -0.84 -1.96 -5.06
C ILE A 81 -1.09 -2.56 -3.67
N VAL A 82 -0.69 -3.81 -3.45
CA VAL A 82 -0.82 -4.48 -2.15
C VAL A 82 0.57 -4.94 -1.70
N ILE A 83 1.12 -4.36 -0.62
CA ILE A 83 2.45 -4.74 -0.09
C ILE A 83 2.25 -5.59 1.17
N ILE A 84 2.43 -6.89 1.04
CA ILE A 84 2.28 -7.81 2.18
C ILE A 84 3.63 -7.98 2.86
N VAL A 85 3.78 -7.36 4.03
CA VAL A 85 4.91 -7.56 4.92
C VAL A 85 4.51 -8.63 5.95
N SER A 86 4.98 -9.86 5.76
CA SER A 86 4.70 -10.98 6.65
C SER A 86 5.91 -11.94 6.63
N GLN A 87 6.34 -12.36 7.83
CA GLN A 87 7.33 -13.45 7.98
C GLN A 87 6.68 -14.78 7.51
N ASP A 88 5.33 -14.84 7.64
CA ASP A 88 4.51 -15.93 7.12
C ASP A 88 4.52 -15.90 5.58
N GLU A 89 5.39 -16.72 4.97
CA GLU A 89 5.53 -16.81 3.50
C GLU A 89 4.31 -17.48 2.86
N GLU A 90 3.58 -18.27 3.68
CA GLU A 90 2.26 -18.79 3.30
C GLU A 90 1.31 -17.62 3.03
N ALA A 91 1.21 -16.71 4.03
CA ALA A 91 0.32 -15.53 3.99
C ALA A 91 0.73 -14.54 2.88
N LEU A 92 2.04 -14.49 2.58
CA LEU A 92 2.59 -13.70 1.47
C LEU A 92 1.98 -14.15 0.14
N ARG A 93 2.08 -15.47 -0.15
CA ARG A 93 1.64 -16.05 -1.42
C ARG A 93 0.11 -16.11 -1.54
N LYS A 94 -0.58 -16.33 -0.40
CA LYS A 94 -2.05 -16.39 -0.34
C LYS A 94 -2.65 -15.06 -0.77
N GLY A 95 -2.12 -13.97 -0.20
CA GLY A 95 -2.54 -12.63 -0.55
C GLY A 95 -2.00 -12.17 -1.90
N TYR A 96 -0.76 -12.62 -2.24
CA TYR A 96 -0.05 -12.17 -3.45
C TYR A 96 -0.85 -12.56 -4.69
N GLU A 97 -1.08 -13.86 -4.84
CA GLU A 97 -1.70 -14.43 -6.03
C GLU A 97 -3.21 -14.13 -6.07
N ASP A 98 -3.85 -14.06 -4.90
CA ASP A 98 -5.29 -13.77 -4.75
C ASP A 98 -5.65 -12.33 -5.19
N LYS A 99 -4.81 -11.38 -4.76
CA LYS A 99 -4.97 -9.96 -5.13
C LYS A 99 -4.48 -9.72 -6.56
N LYS A 100 -3.41 -10.43 -6.97
CA LYS A 100 -2.77 -10.27 -8.30
C LYS A 100 -3.72 -10.74 -9.43
N LYS A 101 -4.50 -11.79 -9.16
CA LYS A 101 -5.48 -12.33 -10.14
C LYS A 101 -6.69 -11.39 -10.29
N LYS A 102 -6.98 -10.61 -9.22
CA LYS A 102 -7.99 -9.54 -9.26
C LYS A 102 -7.46 -8.31 -10.04
N GLY A 103 -6.13 -8.27 -10.22
CA GLY A 103 -5.46 -7.26 -11.04
C GLY A 103 -4.70 -6.22 -10.22
N TYR A 104 -4.45 -6.53 -8.94
CA TYR A 104 -3.73 -5.63 -8.02
C TYR A 104 -2.23 -5.96 -8.07
N ASP A 105 -1.38 -4.93 -8.13
CA ASP A 105 0.07 -5.09 -8.22
C ASP A 105 0.64 -5.37 -6.83
N VAL A 106 0.97 -6.63 -6.52
CA VAL A 106 1.33 -7.06 -5.16
C VAL A 106 2.85 -7.22 -5.01
N TYR A 107 3.35 -6.91 -3.81
CA TYR A 107 4.74 -7.11 -3.41
C TYR A 107 4.79 -7.99 -2.14
N THR A 108 5.81 -8.84 -2.07
CA THR A 108 6.05 -9.72 -0.90
C THR A 108 7.30 -9.24 -0.15
N SER A 109 7.29 -9.42 1.19
CA SER A 109 8.41 -9.04 2.06
C SER A 109 8.34 -9.83 3.38
N ARG A 110 9.48 -10.41 3.80
CA ARG A 110 9.61 -11.16 5.05
C ARG A 110 10.02 -10.23 6.21
N ASN A 111 10.80 -9.17 5.89
CA ASN A 111 11.40 -8.28 6.92
C ASN A 111 11.27 -6.81 6.51
N GLU A 112 11.77 -5.90 7.40
CA GLU A 112 11.60 -4.44 7.24
C GLU A 112 12.35 -3.88 6.01
N ASP A 113 13.57 -4.39 5.75
CA ASP A 113 14.40 -3.92 4.60
C ASP A 113 13.66 -4.18 3.27
N GLU A 114 13.09 -5.40 3.15
CA GLU A 114 12.27 -5.78 2.00
C GLU A 114 11.01 -4.90 1.92
N ALA A 115 10.34 -4.73 3.09
CA ALA A 115 9.09 -3.94 3.23
C ALA A 115 9.28 -2.50 2.74
N LYS A 116 10.45 -1.94 3.10
CA LYS A 116 10.82 -0.55 2.88
C LYS A 116 11.08 -0.28 1.39
N LYS A 117 11.79 -1.21 0.73
CA LYS A 117 12.11 -1.08 -0.70
C LYS A 117 10.86 -1.29 -1.55
N LYS A 118 9.99 -2.25 -1.13
CA LYS A 118 8.74 -2.58 -1.85
C LYS A 118 7.71 -1.45 -1.70
N LEU A 119 7.82 -0.71 -0.59
CA LEU A 119 7.03 0.50 -0.36
C LEU A 119 7.42 1.58 -1.36
N LYS A 120 8.74 1.75 -1.55
CA LYS A 120 9.28 2.67 -2.58
C LYS A 120 8.82 2.24 -3.98
N GLU A 121 8.83 0.91 -4.24
CA GLU A 121 8.39 0.36 -5.54
C GLU A 121 6.96 0.78 -5.85
N ALA A 122 6.10 0.74 -4.81
CA ALA A 122 4.69 1.14 -4.90
C ALA A 122 4.56 2.64 -5.24
N LEU A 123 5.38 3.47 -4.57
CA LEU A 123 5.36 4.94 -4.71
C LEU A 123 5.89 5.37 -6.10
N GLU A 124 6.88 4.64 -6.58
CA GLU A 124 7.49 4.85 -7.90
C GLU A 124 6.61 4.26 -9.05
N LYS A 125 5.84 3.21 -8.74
CA LYS A 125 4.83 2.62 -9.67
C LYS A 125 3.52 3.43 -9.69
N SER A 126 3.29 4.22 -8.63
CA SER A 126 2.11 5.08 -8.51
C SER A 126 2.43 6.48 -9.05
N GLY A 127 1.49 7.43 -8.87
CA GLY A 127 1.65 8.81 -9.35
C GLY A 127 2.44 9.70 -8.39
N SER A 128 3.61 9.23 -7.93
CA SER A 128 4.53 10.03 -7.11
C SER A 128 5.85 10.21 -7.88
N LEU A 129 6.64 9.12 -7.96
CA LEU A 129 7.93 9.10 -8.66
C LEU A 129 7.85 8.16 -9.89
N GLU A 130 8.97 8.04 -10.61
CA GLU A 130 9.10 7.12 -11.74
C GLU A 130 9.70 5.79 -11.24
N HIS A 131 9.10 4.65 -11.64
CA HIS A 131 9.65 3.33 -11.28
C HIS A 131 10.86 3.06 -12.18
N HIS A 132 12.04 3.43 -11.66
CA HIS A 132 13.33 3.26 -12.33
C HIS A 132 13.82 1.80 -12.18
N HIS A 133 14.95 1.50 -12.84
CA HIS A 133 15.51 0.15 -12.90
C HIS A 133 16.57 -0.01 -11.82
N HIS A 134 16.56 -1.18 -11.18
CA HIS A 134 17.52 -1.55 -10.13
C HIS A 134 18.72 -2.23 -10.79
N HIS A 135 19.75 -1.41 -11.06
CA HIS A 135 20.95 -1.83 -11.78
C HIS A 135 22.19 -1.18 -11.15
N HIS A 136 23.13 -2.03 -10.70
CA HIS A 136 24.45 -1.61 -10.19
C HIS A 136 25.55 -2.09 -11.17
N MET A 1 -3.42 8.93 -12.55
CA MET A 1 -4.55 8.52 -11.67
C MET A 1 -4.13 8.61 -10.21
N GLY A 2 -5.11 8.55 -9.30
CA GLY A 2 -4.85 8.29 -7.88
C GLY A 2 -4.32 6.87 -7.71
N VAL A 3 -3.53 6.63 -6.68
CA VAL A 3 -2.89 5.32 -6.45
C VAL A 3 -3.08 4.93 -5.00
N VAL A 4 -3.73 3.79 -4.76
CA VAL A 4 -4.01 3.30 -3.43
C VAL A 4 -3.07 2.12 -3.13
N ILE A 5 -2.12 2.36 -2.23
CA ILE A 5 -1.13 1.38 -1.82
C ILE A 5 -1.56 0.81 -0.46
N LEU A 6 -2.07 -0.42 -0.46
CA LEU A 6 -2.51 -1.12 0.75
C LEU A 6 -1.39 -2.03 1.21
N VAL A 7 -0.66 -1.60 2.24
CA VAL A 7 0.42 -2.39 2.82
C VAL A 7 -0.16 -3.23 3.97
N LEU A 8 -0.34 -4.54 3.71
CA LEU A 8 -0.86 -5.49 4.69
C LEU A 8 0.30 -5.99 5.54
N THR A 9 0.42 -5.44 6.76
CA THR A 9 1.53 -5.77 7.66
C THR A 9 1.01 -6.67 8.79
N GLY A 10 1.79 -7.72 9.11
CA GLY A 10 1.49 -8.60 10.23
C GLY A 10 1.63 -7.91 11.58
N ASP A 11 2.38 -6.79 11.60
CA ASP A 11 2.70 -6.04 12.82
C ASP A 11 2.56 -4.52 12.57
N GLU A 12 1.99 -3.84 13.57
CA GLU A 12 1.68 -2.40 13.55
C GLU A 12 2.95 -1.52 13.56
N ARG A 13 4.01 -1.97 14.28
CA ARG A 13 5.28 -1.22 14.38
C ARG A 13 6.00 -1.18 13.03
N ILE A 14 6.02 -2.33 12.32
CA ILE A 14 6.59 -2.42 10.95
C ILE A 14 5.88 -1.43 10.02
N ALA A 15 4.53 -1.37 10.15
CA ALA A 15 3.69 -0.41 9.41
C ALA A 15 4.17 1.05 9.62
N GLU A 16 4.43 1.42 10.88
CA GLU A 16 4.89 2.77 11.25
C GLU A 16 6.36 3.02 10.81
N GLU A 17 7.17 1.95 10.71
CA GLU A 17 8.57 2.02 10.21
C GLU A 17 8.61 2.21 8.69
N LEU A 18 7.58 1.74 7.99
CA LEU A 18 7.40 2.02 6.56
C LEU A 18 6.86 3.47 6.39
N ARG A 19 6.00 3.88 7.35
CA ARG A 19 5.38 5.21 7.41
C ARG A 19 6.42 6.32 7.56
N LYS A 20 7.48 6.07 8.36
CA LYS A 20 8.54 7.05 8.62
C LYS A 20 9.19 7.49 7.30
N GLU A 21 9.34 6.51 6.38
CA GLU A 21 9.94 6.71 5.07
C GLU A 21 9.00 7.46 4.12
N VAL A 22 7.68 7.16 4.20
CA VAL A 22 6.65 7.81 3.37
C VAL A 22 6.65 9.33 3.61
N GLN A 23 6.75 9.70 4.90
CA GLN A 23 6.76 11.10 5.36
C GLN A 23 8.01 11.84 4.86
N LYS A 24 9.14 11.09 4.76
CA LYS A 24 10.43 11.63 4.27
C LYS A 24 10.51 11.61 2.72
N HIS A 25 9.72 10.72 2.10
CA HIS A 25 9.71 10.51 0.63
C HIS A 25 8.86 11.59 -0.07
N ASP A 26 7.66 11.83 0.47
CA ASP A 26 6.71 12.82 -0.06
C ASP A 26 5.68 13.20 1.05
N PRO A 27 5.52 14.51 1.40
CA PRO A 27 4.63 14.95 2.51
C PRO A 27 3.13 14.89 2.15
N ASN A 28 2.82 14.78 0.84
CA ASN A 28 1.43 14.78 0.34
C ASN A 28 0.81 13.38 0.49
N VAL A 29 1.64 12.34 0.24
CA VAL A 29 1.23 10.94 0.43
C VAL A 29 0.95 10.69 1.92
N LYS A 30 -0.33 10.48 2.25
CA LYS A 30 -0.78 10.26 3.63
C LYS A 30 -0.80 8.76 3.96
N THR A 31 -0.76 8.46 5.27
CA THR A 31 -0.72 7.08 5.79
C THR A 31 -1.92 6.85 6.73
N VAL A 32 -2.76 5.85 6.40
CA VAL A 32 -4.02 5.56 7.12
C VAL A 32 -3.88 4.19 7.83
N PRO A 33 -4.11 4.11 9.18
CA PRO A 33 -4.00 2.82 9.93
C PRO A 33 -5.21 1.89 9.73
N THR A 34 -5.10 0.71 10.36
CA THR A 34 -6.05 -0.42 10.21
C THR A 34 -7.46 -0.09 10.76
N LYS A 35 -7.50 0.72 11.82
CA LYS A 35 -8.73 1.02 12.58
C LYS A 35 -9.70 1.92 11.80
N ASP A 36 -9.19 2.62 10.78
CA ASP A 36 -9.96 3.64 10.05
C ASP A 36 -10.44 3.11 8.68
N LYS A 37 -10.80 1.80 8.61
CA LYS A 37 -11.24 1.12 7.35
C LYS A 37 -12.37 1.92 6.66
N GLU A 38 -13.38 2.32 7.44
CA GLU A 38 -14.54 3.09 6.94
C GLU A 38 -14.07 4.43 6.34
N LYS A 39 -13.09 5.05 7.01
CA LYS A 39 -12.51 6.33 6.58
C LYS A 39 -11.57 6.14 5.37
N VAL A 40 -10.99 4.93 5.19
CA VAL A 40 -10.06 4.66 4.06
C VAL A 40 -10.78 4.87 2.72
N LYS A 41 -12.06 4.47 2.66
CA LYS A 41 -12.94 4.71 1.51
C LYS A 41 -13.02 6.22 1.18
N GLU A 42 -13.09 7.05 2.23
CA GLU A 42 -13.09 8.52 2.11
C GLU A 42 -11.70 9.02 1.64
N GLU A 43 -10.64 8.35 2.13
CA GLU A 43 -9.24 8.72 1.84
C GLU A 43 -8.87 8.43 0.36
N ILE A 44 -9.45 7.35 -0.19
CA ILE A 44 -9.31 6.96 -1.59
C ILE A 44 -10.08 7.94 -2.48
N GLU A 45 -11.28 8.32 -2.00
CA GLU A 45 -12.17 9.29 -2.66
C GLU A 45 -11.42 10.65 -2.82
N LYS A 46 -10.66 11.01 -1.77
CA LYS A 46 -9.79 12.20 -1.76
C LYS A 46 -8.57 12.02 -2.69
N ALA A 47 -8.02 10.80 -2.73
CA ALA A 47 -6.84 10.46 -3.57
C ALA A 47 -7.17 10.58 -5.07
N ARG A 48 -8.46 10.34 -5.44
CA ARG A 48 -8.96 10.53 -6.82
C ARG A 48 -8.75 12.00 -7.26
N LYS A 49 -9.20 12.91 -6.37
CA LYS A 49 -9.15 14.37 -6.60
C LYS A 49 -7.70 14.87 -6.64
N GLN A 50 -6.84 14.26 -5.80
CA GLN A 50 -5.41 14.65 -5.71
C GLN A 50 -4.59 14.03 -6.86
N GLY A 51 -5.11 12.93 -7.46
CA GLY A 51 -4.37 12.15 -8.47
C GLY A 51 -3.00 11.64 -7.98
N ARG A 52 -2.87 11.46 -6.65
CA ARG A 52 -1.59 11.12 -5.99
C ARG A 52 -1.68 9.74 -5.32
N PRO A 53 -0.52 9.07 -5.03
CA PRO A 53 -0.49 7.87 -4.18
C PRO A 53 -0.88 8.18 -2.72
N ILE A 54 -1.42 7.16 -2.05
CA ILE A 54 -1.78 7.21 -0.64
C ILE A 54 -1.53 5.81 -0.04
N VAL A 55 -0.84 5.76 1.09
CA VAL A 55 -0.52 4.50 1.76
C VAL A 55 -1.56 4.22 2.85
N VAL A 56 -2.02 2.98 2.90
CA VAL A 56 -3.00 2.51 3.87
C VAL A 56 -2.47 1.21 4.45
N PHE A 57 -2.09 1.24 5.73
CA PHE A 57 -1.63 0.07 6.44
C PHE A 57 -2.84 -0.73 6.92
N VAL A 58 -3.05 -1.88 6.25
CA VAL A 58 -4.08 -2.86 6.58
C VAL A 58 -3.40 -4.02 7.34
N ARG A 59 -4.13 -4.69 8.22
CA ARG A 59 -3.60 -5.83 8.98
C ARG A 59 -3.50 -7.06 8.06
N GLY A 60 -2.33 -7.73 8.07
CA GLY A 60 -2.04 -8.88 7.20
C GLY A 60 -2.76 -10.14 7.68
N GLY A 61 -4.07 -10.18 7.47
CA GLY A 61 -4.94 -11.27 7.92
C GLY A 61 -6.40 -10.94 7.66
N ASP A 62 -6.71 -9.63 7.71
CA ASP A 62 -8.05 -9.12 7.35
C ASP A 62 -8.22 -9.16 5.82
N ASP A 63 -8.67 -10.33 5.34
CA ASP A 63 -8.97 -10.56 3.92
C ASP A 63 -10.07 -9.61 3.44
N GLU A 64 -11.18 -9.57 4.22
CA GLU A 64 -12.38 -8.79 3.86
C GLU A 64 -12.05 -7.30 3.79
N ARG A 65 -11.47 -6.76 4.86
CA ARG A 65 -11.16 -5.32 4.98
C ARG A 65 -10.15 -4.86 3.92
N ALA A 66 -9.18 -5.73 3.58
CA ALA A 66 -8.20 -5.46 2.52
C ALA A 66 -8.87 -5.38 1.14
N LYS A 67 -9.71 -6.39 0.83
CA LYS A 67 -10.28 -6.59 -0.51
C LYS A 67 -11.42 -5.59 -0.81
N ASP A 68 -12.13 -5.14 0.24
CA ASP A 68 -13.22 -4.14 0.10
C ASP A 68 -12.64 -2.79 -0.33
N ILE A 69 -11.55 -2.41 0.34
CA ILE A 69 -10.80 -1.18 0.07
C ILE A 69 -10.13 -1.26 -1.32
N ALA A 70 -9.53 -2.43 -1.61
CA ALA A 70 -8.80 -2.70 -2.86
C ALA A 70 -9.74 -2.68 -4.09
N GLU A 71 -10.94 -3.27 -3.90
CA GLU A 71 -11.95 -3.36 -4.96
C GLU A 71 -12.57 -1.98 -5.22
N TYR A 72 -12.84 -1.22 -4.13
CA TYR A 72 -13.33 0.16 -4.22
C TYR A 72 -12.38 1.02 -5.05
N ALA A 73 -11.07 0.89 -4.77
CA ALA A 73 -10.00 1.61 -5.47
C ALA A 73 -9.97 1.24 -6.98
N GLN A 74 -10.18 -0.07 -7.27
CA GLN A 74 -10.24 -0.58 -8.65
C GLN A 74 -11.48 -0.05 -9.40
N LYS A 75 -12.60 0.15 -8.66
CA LYS A 75 -13.84 0.73 -9.21
C LYS A 75 -13.60 2.20 -9.63
N GLU A 76 -12.71 2.91 -8.90
CA GLU A 76 -12.37 4.30 -9.23
C GLU A 76 -11.28 4.36 -10.34
N GLY A 77 -10.80 3.18 -10.77
CA GLY A 77 -9.76 3.09 -11.82
C GLY A 77 -8.38 3.45 -11.32
N LEU A 78 -8.22 3.46 -9.99
CA LEU A 78 -6.96 3.84 -9.33
C LEU A 78 -6.01 2.62 -9.27
N ARG A 79 -4.69 2.88 -9.36
CA ARG A 79 -3.67 1.82 -9.29
C ARG A 79 -3.65 1.21 -7.88
N VAL A 80 -4.06 -0.07 -7.78
CA VAL A 80 -4.13 -0.78 -6.50
C VAL A 80 -2.87 -1.60 -6.32
N ILE A 81 -2.06 -1.25 -5.32
CA ILE A 81 -0.83 -1.94 -4.97
C ILE A 81 -1.00 -2.56 -3.58
N VAL A 82 -0.94 -3.89 -3.49
CA VAL A 82 -1.13 -4.62 -2.22
C VAL A 82 0.22 -5.24 -1.80
N ILE A 83 0.80 -4.77 -0.69
CA ILE A 83 2.13 -5.22 -0.23
C ILE A 83 1.98 -6.03 1.07
N ILE A 84 2.12 -7.36 0.98
CA ILE A 84 2.07 -8.22 2.17
C ILE A 84 3.47 -8.23 2.82
N VAL A 85 3.51 -7.82 4.10
CA VAL A 85 4.72 -7.73 4.89
C VAL A 85 4.64 -8.73 6.04
N SER A 86 5.38 -9.83 5.88
CA SER A 86 5.47 -10.92 6.86
C SER A 86 6.86 -11.56 6.76
N GLN A 87 7.29 -12.14 7.88
CA GLN A 87 8.55 -12.92 7.95
C GLN A 87 8.25 -14.42 7.74
N ASP A 88 7.00 -14.74 7.31
CA ASP A 88 6.54 -16.12 7.03
C ASP A 88 6.19 -16.23 5.54
N GLU A 89 6.77 -17.26 4.88
CA GLU A 89 6.65 -17.49 3.42
C GLU A 89 5.20 -17.67 2.99
N GLU A 90 4.42 -18.43 3.76
CA GLU A 90 3.03 -18.78 3.40
C GLU A 90 2.10 -17.56 3.48
N ALA A 91 2.35 -16.67 4.46
CA ALA A 91 1.61 -15.40 4.60
C ALA A 91 1.87 -14.50 3.37
N LEU A 92 3.11 -14.53 2.89
CA LEU A 92 3.57 -13.77 1.70
C LEU A 92 2.95 -14.33 0.42
N ARG A 93 3.06 -15.67 0.24
CA ARG A 93 2.67 -16.38 -0.99
C ARG A 93 1.15 -16.35 -1.18
N LYS A 94 0.41 -16.74 -0.13
CA LYS A 94 -1.05 -16.83 -0.18
C LYS A 94 -1.68 -15.44 -0.27
N GLY A 95 -1.11 -14.47 0.47
CA GLY A 95 -1.54 -13.06 0.39
C GLY A 95 -1.27 -12.45 -0.98
N TYR A 96 -0.16 -12.87 -1.61
CA TYR A 96 0.23 -12.43 -2.96
C TYR A 96 -0.81 -12.87 -3.99
N GLU A 97 -1.03 -14.19 -4.03
CA GLU A 97 -1.84 -14.84 -5.05
C GLU A 97 -3.33 -14.52 -4.90
N ASP A 98 -3.79 -14.32 -3.65
CA ASP A 98 -5.21 -14.12 -3.32
C ASP A 98 -5.75 -12.80 -3.91
N LYS A 99 -5.06 -11.70 -3.61
CA LYS A 99 -5.47 -10.36 -4.09
C LYS A 99 -5.12 -10.17 -5.59
N LYS A 100 -4.09 -10.90 -6.08
CA LYS A 100 -3.66 -10.83 -7.49
C LYS A 100 -4.70 -11.48 -8.44
N LYS A 101 -5.48 -12.44 -7.93
CA LYS A 101 -6.60 -13.05 -8.68
C LYS A 101 -7.69 -11.99 -8.97
N LYS A 102 -7.83 -11.04 -8.03
CA LYS A 102 -8.79 -9.93 -8.14
C LYS A 102 -8.24 -8.78 -9.00
N GLY A 103 -6.99 -8.94 -9.49
CA GLY A 103 -6.41 -8.04 -10.50
C GLY A 103 -5.75 -6.81 -9.91
N TYR A 104 -4.93 -7.00 -8.86
CA TYR A 104 -4.16 -5.91 -8.21
C TYR A 104 -2.66 -6.16 -8.39
N ASP A 105 -1.87 -5.06 -8.44
CA ASP A 105 -0.39 -5.16 -8.45
C ASP A 105 0.06 -5.51 -7.02
N VAL A 106 0.34 -6.78 -6.77
CA VAL A 106 0.64 -7.27 -5.42
C VAL A 106 2.14 -7.50 -5.27
N TYR A 107 2.76 -6.76 -4.35
CA TYR A 107 4.17 -6.95 -3.98
C TYR A 107 4.25 -7.77 -2.69
N THR A 108 5.36 -8.50 -2.54
CA THR A 108 5.70 -9.23 -1.33
C THR A 108 6.99 -8.64 -0.73
N SER A 109 7.26 -9.01 0.53
CA SER A 109 8.52 -8.71 1.21
C SER A 109 9.12 -10.00 1.78
N ARG A 110 10.28 -9.91 2.42
CA ARG A 110 10.80 -10.97 3.30
C ARG A 110 10.75 -10.46 4.74
N ASN A 111 10.95 -9.14 4.86
CA ASN A 111 10.82 -8.39 6.11
C ASN A 111 10.61 -6.89 5.79
N GLU A 112 10.80 -6.04 6.82
CA GLU A 112 10.61 -4.58 6.74
C GLU A 112 11.44 -3.90 5.61
N ASP A 113 12.63 -4.46 5.31
CA ASP A 113 13.55 -3.94 4.27
C ASP A 113 12.89 -3.95 2.89
N GLU A 114 12.39 -5.13 2.49
CA GLU A 114 11.73 -5.33 1.17
C GLU A 114 10.42 -4.56 1.11
N ALA A 115 9.73 -4.47 2.25
CA ALA A 115 8.48 -3.71 2.39
C ALA A 115 8.71 -2.22 2.14
N LYS A 116 9.85 -1.74 2.63
CA LYS A 116 10.30 -0.33 2.51
C LYS A 116 10.68 -0.02 1.05
N LYS A 117 11.26 -1.03 0.37
CA LYS A 117 11.62 -0.93 -1.06
C LYS A 117 10.34 -0.86 -1.92
N LYS A 118 9.43 -1.84 -1.72
CA LYS A 118 8.24 -2.04 -2.57
C LYS A 118 7.22 -0.91 -2.41
N LEU A 119 7.21 -0.27 -1.23
CA LEU A 119 6.36 0.90 -0.96
C LEU A 119 6.83 2.07 -1.83
N LYS A 120 8.15 2.32 -1.81
CA LYS A 120 8.77 3.39 -2.61
C LYS A 120 8.72 3.07 -4.11
N GLU A 121 8.75 1.77 -4.45
CA GLU A 121 8.60 1.30 -5.84
C GLU A 121 7.17 1.53 -6.34
N ALA A 122 6.20 1.39 -5.43
CA ALA A 122 4.78 1.70 -5.72
C ALA A 122 4.57 3.22 -5.89
N LEU A 123 5.39 4.01 -5.16
CA LEU A 123 5.46 5.47 -5.29
C LEU A 123 6.15 5.87 -6.62
N GLU A 124 7.04 5.00 -7.13
CA GLU A 124 7.66 5.17 -8.46
C GLU A 124 6.66 4.78 -9.58
N LYS A 125 5.77 3.80 -9.27
CA LYS A 125 4.71 3.37 -10.22
C LYS A 125 3.56 4.37 -10.29
N SER A 126 3.50 5.30 -9.33
CA SER A 126 2.53 6.42 -9.33
C SER A 126 3.12 7.68 -10.00
N GLY A 127 4.42 7.61 -10.36
CA GLY A 127 5.11 8.71 -11.01
C GLY A 127 5.67 9.76 -10.05
N SER A 128 5.70 9.42 -8.74
CA SER A 128 6.26 10.30 -7.70
C SER A 128 7.80 10.16 -7.67
N LEU A 129 8.27 8.90 -7.47
CA LEU A 129 9.71 8.54 -7.37
C LEU A 129 10.39 9.14 -6.12
N GLU A 130 11.60 8.64 -5.84
CA GLU A 130 12.47 9.16 -4.76
C GLU A 130 13.66 9.91 -5.39
N HIS A 131 14.42 10.65 -4.56
CA HIS A 131 15.71 11.24 -4.95
C HIS A 131 16.72 10.11 -5.28
N HIS A 132 16.67 9.68 -6.54
CA HIS A 132 17.65 8.74 -7.13
C HIS A 132 18.39 9.49 -8.25
N HIS A 133 17.60 10.04 -9.18
CA HIS A 133 18.08 10.71 -10.43
C HIS A 133 18.84 9.73 -11.33
N HIS A 134 18.50 8.43 -11.18
CA HIS A 134 18.97 7.34 -12.05
C HIS A 134 17.75 6.51 -12.48
N HIS A 135 17.93 5.65 -13.49
CA HIS A 135 16.88 4.72 -13.94
C HIS A 135 16.80 3.53 -12.95
N HIS A 136 16.07 3.74 -11.84
CA HIS A 136 15.84 2.69 -10.82
C HIS A 136 14.74 1.71 -11.32
N MET A 1 -8.36 10.04 -11.34
CA MET A 1 -7.28 9.06 -11.22
C MET A 1 -6.52 9.27 -9.90
N GLY A 2 -5.68 8.28 -9.59
CA GLY A 2 -4.94 8.20 -8.33
C GLY A 2 -4.45 6.79 -8.12
N VAL A 3 -3.88 6.52 -6.95
CA VAL A 3 -3.28 5.20 -6.61
C VAL A 3 -3.62 4.86 -5.14
N VAL A 4 -3.93 3.59 -4.87
CA VAL A 4 -4.17 3.11 -3.49
C VAL A 4 -3.20 1.94 -3.20
N ILE A 5 -2.25 2.20 -2.28
CA ILE A 5 -1.25 1.22 -1.85
C ILE A 5 -1.67 0.68 -0.46
N LEU A 6 -2.14 -0.58 -0.42
CA LEU A 6 -2.57 -1.25 0.81
C LEU A 6 -1.42 -2.11 1.33
N VAL A 7 -0.73 -1.63 2.37
CA VAL A 7 0.35 -2.37 3.02
C VAL A 7 -0.22 -3.24 4.15
N LEU A 8 -0.29 -4.56 3.88
CA LEU A 8 -0.75 -5.57 4.85
C LEU A 8 0.46 -6.07 5.66
N THR A 9 0.56 -5.62 6.92
CA THR A 9 1.66 -5.99 7.82
C THR A 9 1.15 -7.01 8.85
N GLY A 10 1.97 -8.05 9.11
CA GLY A 10 1.66 -9.04 10.14
C GLY A 10 1.73 -8.42 11.53
N ASP A 11 2.82 -7.70 11.77
CA ASP A 11 3.02 -6.88 12.95
C ASP A 11 2.57 -5.45 12.63
N GLU A 12 1.58 -4.95 13.37
CA GLU A 12 1.05 -3.56 13.25
C GLU A 12 2.17 -2.51 13.48
N ARG A 13 3.20 -2.92 14.26
CA ARG A 13 4.42 -2.15 14.50
C ARG A 13 5.09 -1.68 13.18
N ILE A 14 5.27 -2.64 12.24
CA ILE A 14 5.96 -2.41 10.95
C ILE A 14 5.23 -1.34 10.10
N ALA A 15 3.89 -1.29 10.25
CA ALA A 15 3.03 -0.33 9.52
C ALA A 15 3.43 1.14 9.76
N GLU A 16 3.81 1.44 11.02
CA GLU A 16 4.25 2.79 11.44
C GLU A 16 5.68 3.10 10.95
N GLU A 17 6.52 2.07 10.92
CA GLU A 17 7.94 2.18 10.51
C GLU A 17 8.04 2.48 8.99
N LEU A 18 7.11 1.89 8.22
CA LEU A 18 6.97 2.17 6.79
C LEU A 18 6.25 3.52 6.58
N ARG A 19 5.26 3.83 7.46
CA ARG A 19 4.41 5.03 7.37
C ARG A 19 5.23 6.32 7.37
N LYS A 20 6.20 6.36 8.30
CA LYS A 20 7.08 7.51 8.47
C LYS A 20 8.00 7.69 7.24
N GLU A 21 8.43 6.57 6.62
CA GLU A 21 9.26 6.58 5.39
C GLU A 21 8.46 7.00 4.13
N VAL A 22 7.14 6.71 4.10
CA VAL A 22 6.25 7.17 3.00
C VAL A 22 6.16 8.71 3.04
N GLN A 23 5.95 9.24 4.27
CA GLN A 23 5.82 10.68 4.52
C GLN A 23 7.14 11.43 4.24
N LYS A 24 8.29 10.74 4.41
CA LYS A 24 9.63 11.27 4.08
C LYS A 24 9.89 11.27 2.56
N HIS A 25 9.52 10.15 1.90
CA HIS A 25 9.75 9.95 0.44
C HIS A 25 8.95 10.99 -0.35
N ASP A 26 7.66 11.10 -0.03
CA ASP A 26 6.72 11.97 -0.73
C ASP A 26 5.67 12.47 0.31
N PRO A 27 5.64 13.81 0.61
CA PRO A 27 4.71 14.41 1.60
C PRO A 27 3.28 14.63 1.04
N ASN A 28 3.13 14.44 -0.28
CA ASN A 28 1.85 14.65 -0.99
C ASN A 28 0.97 13.38 -0.87
N VAL A 29 1.62 12.22 -0.63
CA VAL A 29 0.91 10.93 -0.42
C VAL A 29 0.14 10.95 0.91
N LYS A 30 -1.15 10.57 0.84
CA LYS A 30 -2.01 10.37 2.00
C LYS A 30 -1.60 9.08 2.74
N THR A 31 -1.59 9.11 4.07
CA THR A 31 -1.22 7.94 4.90
C THR A 31 -2.26 7.73 6.00
N VAL A 32 -2.91 6.56 6.00
CA VAL A 32 -3.99 6.22 6.96
C VAL A 32 -3.64 4.88 7.64
N PRO A 33 -3.47 4.86 9.01
CA PRO A 33 -3.10 3.62 9.74
C PRO A 33 -4.31 2.68 10.00
N THR A 34 -4.05 1.62 10.79
CA THR A 34 -5.00 0.53 11.03
C THR A 34 -6.18 0.96 11.94
N LYS A 35 -6.03 2.07 12.69
CA LYS A 35 -7.10 2.56 13.60
C LYS A 35 -8.26 3.17 12.79
N ASP A 36 -7.91 3.73 11.63
CA ASP A 36 -8.81 4.60 10.84
C ASP A 36 -9.25 3.89 9.56
N LYS A 37 -9.46 2.55 9.64
CA LYS A 37 -10.00 1.73 8.53
C LYS A 37 -11.41 2.18 8.10
N GLU A 38 -12.15 2.75 9.05
CA GLU A 38 -13.49 3.33 8.82
C GLU A 38 -13.40 4.61 7.96
N LYS A 39 -12.26 5.31 8.09
CA LYS A 39 -11.98 6.58 7.39
C LYS A 39 -11.19 6.34 6.08
N VAL A 40 -10.60 5.12 5.92
CA VAL A 40 -9.79 4.74 4.73
C VAL A 40 -10.54 5.00 3.42
N LYS A 41 -11.78 4.50 3.35
CA LYS A 41 -12.65 4.61 2.17
C LYS A 41 -12.91 6.09 1.79
N GLU A 42 -13.07 6.93 2.84
CA GLU A 42 -13.34 8.38 2.69
C GLU A 42 -12.10 9.07 2.08
N GLU A 43 -10.92 8.78 2.69
CA GLU A 43 -9.64 9.38 2.30
C GLU A 43 -9.18 8.92 0.90
N ILE A 44 -9.63 7.71 0.47
CA ILE A 44 -9.41 7.19 -0.89
C ILE A 44 -10.22 7.99 -1.91
N GLU A 45 -11.49 8.26 -1.57
CA GLU A 45 -12.40 9.06 -2.42
C GLU A 45 -11.89 10.52 -2.55
N LYS A 46 -11.22 10.98 -1.48
CA LYS A 46 -10.53 12.27 -1.44
C LYS A 46 -9.20 12.22 -2.21
N ALA A 47 -8.50 11.07 -2.18
CA ALA A 47 -7.18 10.91 -2.84
C ALA A 47 -7.31 11.00 -4.37
N ARG A 48 -8.31 10.28 -4.92
CA ARG A 48 -8.66 10.33 -6.36
C ARG A 48 -9.18 11.72 -6.77
N LYS A 49 -9.82 12.42 -5.81
CA LYS A 49 -10.27 13.81 -5.98
C LYS A 49 -9.05 14.75 -6.10
N GLN A 50 -8.03 14.48 -5.28
CA GLN A 50 -6.77 15.26 -5.24
C GLN A 50 -5.80 14.81 -6.35
N GLY A 51 -6.10 13.68 -7.02
CA GLY A 51 -5.25 13.12 -8.08
C GLY A 51 -3.90 12.65 -7.56
N ARG A 52 -3.92 12.06 -6.36
CA ARG A 52 -2.71 11.67 -5.62
C ARG A 52 -2.87 10.25 -5.02
N PRO A 53 -1.73 9.51 -4.81
CA PRO A 53 -1.75 8.22 -4.12
C PRO A 53 -2.05 8.32 -2.61
N ILE A 54 -2.50 7.20 -2.05
CA ILE A 54 -2.75 7.02 -0.63
C ILE A 54 -2.20 5.66 -0.21
N VAL A 55 -1.26 5.63 0.74
CA VAL A 55 -0.76 4.40 1.33
C VAL A 55 -1.54 4.13 2.63
N VAL A 56 -2.43 3.16 2.54
CA VAL A 56 -3.24 2.64 3.63
C VAL A 56 -2.46 1.52 4.34
N PHE A 57 -2.54 1.49 5.67
CA PHE A 57 -1.90 0.47 6.49
C PHE A 57 -2.97 -0.40 7.13
N VAL A 58 -2.98 -1.66 6.71
CA VAL A 58 -3.91 -2.69 7.15
C VAL A 58 -3.09 -3.81 7.81
N ARG A 59 -3.52 -4.32 8.96
CA ARG A 59 -2.89 -5.50 9.58
C ARG A 59 -3.51 -6.75 8.93
N GLY A 60 -2.70 -7.83 8.79
CA GLY A 60 -3.05 -9.04 8.03
C GLY A 60 -4.37 -9.73 8.41
N GLY A 61 -4.90 -9.42 9.63
CA GLY A 61 -6.20 -9.93 10.09
C GLY A 61 -7.36 -9.45 9.21
N ASP A 62 -7.24 -8.20 8.73
CA ASP A 62 -8.22 -7.57 7.81
C ASP A 62 -7.84 -7.84 6.35
N ASP A 63 -7.52 -9.10 6.04
CA ASP A 63 -7.14 -9.56 4.69
C ASP A 63 -8.33 -9.47 3.72
N GLU A 64 -9.55 -9.67 4.26
CA GLU A 64 -10.82 -9.51 3.51
C GLU A 64 -11.10 -8.04 3.22
N ARG A 65 -10.82 -7.17 4.20
CA ARG A 65 -11.03 -5.71 4.05
C ARG A 65 -10.12 -5.18 2.93
N ALA A 66 -8.90 -5.73 2.89
CA ALA A 66 -7.91 -5.43 1.84
C ALA A 66 -8.42 -5.81 0.43
N LYS A 67 -9.26 -6.86 0.33
CA LYS A 67 -9.88 -7.31 -0.95
C LYS A 67 -10.94 -6.28 -1.42
N ASP A 68 -11.82 -5.88 -0.49
CA ASP A 68 -12.96 -4.96 -0.76
C ASP A 68 -12.50 -3.52 -1.07
N ILE A 69 -11.54 -3.04 -0.27
CA ILE A 69 -10.96 -1.69 -0.41
C ILE A 69 -10.17 -1.57 -1.73
N ALA A 70 -9.47 -2.68 -2.09
CA ALA A 70 -8.73 -2.79 -3.36
C ALA A 70 -9.67 -2.84 -4.57
N GLU A 71 -10.82 -3.52 -4.39
CA GLU A 71 -11.85 -3.66 -5.45
C GLU A 71 -12.48 -2.28 -5.73
N TYR A 72 -12.81 -1.56 -4.64
CA TYR A 72 -13.37 -0.21 -4.69
C TYR A 72 -12.40 0.76 -5.39
N ALA A 73 -11.12 0.67 -5.01
CA ALA A 73 -10.05 1.49 -5.56
C ALA A 73 -9.92 1.28 -7.08
N GLN A 74 -9.86 0.00 -7.48
CA GLN A 74 -9.74 -0.42 -8.89
C GLN A 74 -10.98 0.03 -9.69
N LYS A 75 -12.15 0.01 -9.02
CA LYS A 75 -13.44 0.42 -9.60
C LYS A 75 -13.43 1.92 -9.93
N GLU A 76 -12.71 2.72 -9.11
CA GLU A 76 -12.56 4.18 -9.31
C GLU A 76 -11.45 4.52 -10.32
N GLY A 77 -10.80 3.48 -10.88
CA GLY A 77 -9.74 3.64 -11.87
C GLY A 77 -8.40 4.00 -11.23
N LEU A 78 -8.22 3.54 -9.97
CA LEU A 78 -7.02 3.81 -9.17
C LEU A 78 -6.09 2.58 -9.26
N ARG A 79 -4.78 2.82 -9.40
CA ARG A 79 -3.77 1.76 -9.43
C ARG A 79 -3.70 1.11 -8.04
N VAL A 80 -4.06 -0.17 -7.95
CA VAL A 80 -4.06 -0.87 -6.66
C VAL A 80 -2.75 -1.63 -6.51
N ILE A 81 -1.98 -1.22 -5.51
CA ILE A 81 -0.77 -1.89 -5.08
C ILE A 81 -1.07 -2.51 -3.70
N VAL A 82 -0.62 -3.74 -3.46
CA VAL A 82 -0.77 -4.42 -2.16
C VAL A 82 0.63 -4.90 -1.71
N ILE A 83 1.18 -4.30 -0.63
CA ILE A 83 2.51 -4.68 -0.10
C ILE A 83 2.32 -5.51 1.17
N ILE A 84 2.55 -6.81 1.05
CA ILE A 84 2.40 -7.75 2.17
C ILE A 84 3.75 -7.91 2.86
N VAL A 85 3.84 -7.39 4.09
CA VAL A 85 5.02 -7.48 4.94
C VAL A 85 4.75 -8.53 6.02
N SER A 86 5.34 -9.72 5.86
CA SER A 86 5.19 -10.82 6.80
C SER A 86 6.39 -11.75 6.68
N GLN A 87 6.87 -12.24 7.82
CA GLN A 87 8.02 -13.16 7.89
C GLN A 87 7.50 -14.62 7.90
N ASP A 88 6.50 -14.85 7.04
CA ASP A 88 5.74 -16.09 6.98
C ASP A 88 5.36 -16.37 5.52
N GLU A 89 5.85 -17.50 4.99
CA GLU A 89 5.67 -17.93 3.58
C GLU A 89 4.19 -18.01 3.18
N GLU A 90 3.34 -18.44 4.12
CA GLU A 90 1.91 -18.64 3.88
C GLU A 90 1.20 -17.29 3.71
N ALA A 91 1.43 -16.36 4.67
CA ALA A 91 0.79 -15.03 4.67
C ALA A 91 1.19 -14.20 3.44
N LEU A 92 2.45 -14.40 2.98
CA LEU A 92 2.97 -13.75 1.77
C LEU A 92 2.30 -14.33 0.51
N ARG A 93 2.37 -15.66 0.34
CA ARG A 93 1.94 -16.35 -0.90
C ARG A 93 0.43 -16.26 -1.13
N LYS A 94 -0.35 -16.63 -0.09
CA LYS A 94 -1.83 -16.69 -0.16
C LYS A 94 -2.41 -15.31 -0.51
N GLY A 95 -1.89 -14.28 0.16
CA GLY A 95 -2.28 -12.90 -0.11
C GLY A 95 -1.83 -12.43 -1.49
N TYR A 96 -0.58 -12.82 -1.87
CA TYR A 96 0.08 -12.38 -3.12
C TYR A 96 -0.77 -12.75 -4.31
N GLU A 97 -1.05 -14.06 -4.44
CA GLU A 97 -1.79 -14.60 -5.57
C GLU A 97 -3.28 -14.19 -5.51
N ASP A 98 -3.86 -14.14 -4.29
CA ASP A 98 -5.27 -13.74 -4.07
C ASP A 98 -5.56 -12.37 -4.71
N LYS A 99 -4.72 -11.38 -4.36
CA LYS A 99 -4.87 -10.00 -4.83
C LYS A 99 -4.37 -9.85 -6.30
N LYS A 100 -3.27 -10.55 -6.65
CA LYS A 100 -2.62 -10.43 -7.99
C LYS A 100 -3.52 -10.97 -9.12
N LYS A 101 -4.27 -12.03 -8.80
CA LYS A 101 -5.23 -12.68 -9.73
C LYS A 101 -6.55 -11.86 -9.83
N LYS A 102 -6.72 -10.87 -8.94
CA LYS A 102 -7.80 -9.86 -9.05
C LYS A 102 -7.32 -8.62 -9.86
N GLY A 103 -6.07 -8.68 -10.38
CA GLY A 103 -5.49 -7.60 -11.20
C GLY A 103 -4.92 -6.45 -10.38
N TYR A 104 -4.47 -6.76 -9.16
CA TYR A 104 -3.78 -5.79 -8.29
C TYR A 104 -2.26 -6.03 -8.39
N ASP A 105 -1.47 -4.96 -8.45
CA ASP A 105 0.00 -5.03 -8.48
C ASP A 105 0.53 -5.30 -7.06
N VAL A 106 0.86 -6.57 -6.75
CA VAL A 106 1.18 -7.00 -5.38
C VAL A 106 2.69 -7.22 -5.23
N TYR A 107 3.23 -6.74 -4.11
CA TYR A 107 4.59 -7.00 -3.67
C TYR A 107 4.53 -7.80 -2.37
N THR A 108 5.56 -8.60 -2.12
CA THR A 108 5.72 -9.36 -0.86
C THR A 108 7.12 -9.11 -0.29
N SER A 109 7.28 -9.31 1.03
CA SER A 109 8.53 -9.06 1.73
C SER A 109 8.65 -9.94 2.97
N ARG A 110 9.83 -10.58 3.12
CA ARG A 110 10.18 -11.41 4.28
C ARG A 110 10.44 -10.55 5.54
N ASN A 111 10.80 -9.27 5.32
CA ASN A 111 11.06 -8.33 6.42
C ASN A 111 10.84 -6.87 5.98
N GLU A 112 11.04 -5.96 6.94
CA GLU A 112 10.78 -4.51 6.81
C GLU A 112 11.70 -3.83 5.77
N ASP A 113 12.96 -4.28 5.68
CA ASP A 113 13.94 -3.75 4.68
C ASP A 113 13.45 -4.02 3.25
N GLU A 114 13.05 -5.28 3.01
CA GLU A 114 12.47 -5.72 1.73
C GLU A 114 11.16 -4.97 1.45
N ALA A 115 10.37 -4.74 2.52
CA ALA A 115 9.10 -3.99 2.45
C ALA A 115 9.32 -2.58 1.94
N LYS A 116 10.42 -1.96 2.40
CA LYS A 116 10.82 -0.59 2.06
C LYS A 116 11.35 -0.51 0.60
N LYS A 117 12.00 -1.60 0.12
CA LYS A 117 12.43 -1.72 -1.29
C LYS A 117 11.19 -1.65 -2.20
N LYS A 118 10.22 -2.52 -1.85
CA LYS A 118 8.95 -2.70 -2.57
C LYS A 118 8.02 -1.48 -2.39
N LEU A 119 8.20 -0.77 -1.27
CA LEU A 119 7.45 0.45 -0.93
C LEU A 119 7.78 1.58 -1.89
N LYS A 120 9.09 1.81 -2.12
CA LYS A 120 9.56 2.84 -3.06
C LYS A 120 9.27 2.45 -4.51
N GLU A 121 9.30 1.13 -4.81
CA GLU A 121 8.90 0.59 -6.13
C GLU A 121 7.42 0.94 -6.41
N ALA A 122 6.58 0.77 -5.37
CA ALA A 122 5.15 1.10 -5.41
C ALA A 122 4.92 2.61 -5.61
N LEU A 123 5.76 3.42 -4.93
CA LEU A 123 5.72 4.89 -5.02
C LEU A 123 6.23 5.36 -6.40
N GLU A 124 7.15 4.61 -7.03
CA GLU A 124 7.62 4.90 -8.40
C GLU A 124 6.55 4.50 -9.43
N LYS A 125 5.74 3.48 -9.10
CA LYS A 125 4.61 3.03 -9.95
C LYS A 125 3.44 4.03 -9.88
N SER A 126 3.31 4.73 -8.73
CA SER A 126 2.30 5.79 -8.55
C SER A 126 2.73 7.10 -9.23
N GLY A 127 4.05 7.28 -9.36
CA GLY A 127 4.66 8.50 -9.92
C GLY A 127 5.26 9.38 -8.83
N SER A 128 5.11 8.95 -7.56
CA SER A 128 5.72 9.59 -6.40
C SER A 128 7.24 9.31 -6.40
N LEU A 129 7.99 10.16 -7.12
CA LEU A 129 9.45 10.04 -7.25
C LEU A 129 10.12 10.98 -6.23
N GLU A 130 9.91 12.30 -6.45
CA GLU A 130 10.56 13.41 -5.69
C GLU A 130 12.09 13.44 -5.91
N HIS A 131 12.57 12.67 -6.90
CA HIS A 131 13.96 12.62 -7.37
C HIS A 131 13.94 12.39 -8.90
N HIS A 132 15.10 12.59 -9.54
CA HIS A 132 15.31 12.16 -10.93
C HIS A 132 15.55 10.63 -10.93
N HIS A 133 14.60 9.89 -11.54
CA HIS A 133 14.64 8.43 -11.64
C HIS A 133 15.76 8.01 -12.61
N HIS A 134 15.64 8.47 -13.87
CA HIS A 134 16.69 8.35 -14.92
C HIS A 134 16.51 9.55 -15.86
N HIS A 135 15.41 9.49 -16.64
CA HIS A 135 14.93 10.59 -17.49
C HIS A 135 13.48 10.84 -17.08
N HIS A 136 13.28 11.87 -16.22
CA HIS A 136 12.06 12.07 -15.41
C HIS A 136 11.98 10.98 -14.31
N MET A 1 -6.59 7.66 -12.54
CA MET A 1 -7.06 8.82 -11.73
C MET A 1 -6.09 9.07 -10.56
N GLY A 2 -5.54 7.97 -10.02
CA GLY A 2 -4.61 8.01 -8.88
C GLY A 2 -4.06 6.63 -8.60
N VAL A 3 -3.46 6.44 -7.42
CA VAL A 3 -2.83 5.16 -7.01
C VAL A 3 -3.16 4.86 -5.55
N VAL A 4 -3.42 3.58 -5.22
CA VAL A 4 -3.71 3.11 -3.86
C VAL A 4 -2.78 1.93 -3.53
N ILE A 5 -1.87 2.14 -2.56
CA ILE A 5 -0.91 1.12 -2.09
C ILE A 5 -1.39 0.59 -0.72
N LEU A 6 -1.85 -0.66 -0.68
CA LEU A 6 -2.32 -1.32 0.54
C LEU A 6 -1.21 -2.20 1.11
N VAL A 7 -0.54 -1.71 2.17
CA VAL A 7 0.51 -2.47 2.85
C VAL A 7 -0.12 -3.27 4.01
N LEU A 8 -0.26 -4.60 3.81
CA LEU A 8 -0.78 -5.53 4.82
C LEU A 8 0.40 -6.06 5.66
N THR A 9 0.56 -5.53 6.88
CA THR A 9 1.71 -5.86 7.75
C THR A 9 1.26 -6.82 8.85
N GLY A 10 2.07 -7.87 9.09
CA GLY A 10 1.81 -8.84 10.16
C GLY A 10 1.97 -8.21 11.52
N ASP A 11 3.04 -7.43 11.65
CA ASP A 11 3.35 -6.65 12.85
C ASP A 11 2.79 -5.23 12.71
N GLU A 12 2.32 -4.69 13.85
CA GLU A 12 1.67 -3.37 13.96
C GLU A 12 2.69 -2.21 13.80
N ARG A 13 3.89 -2.41 14.36
CA ARG A 13 4.93 -1.36 14.41
C ARG A 13 5.49 -1.07 13.02
N ILE A 14 5.69 -2.15 12.20
CA ILE A 14 6.23 -2.04 10.82
C ILE A 14 5.35 -1.11 9.97
N ALA A 15 4.02 -1.17 10.18
CA ALA A 15 3.04 -0.29 9.51
C ALA A 15 3.29 1.20 9.82
N GLU A 16 3.64 1.49 11.09
CA GLU A 16 3.89 2.86 11.55
C GLU A 16 5.27 3.38 11.07
N GLU A 17 6.25 2.47 10.97
CA GLU A 17 7.61 2.84 10.50
C GLU A 17 7.58 3.18 9.01
N LEU A 18 6.81 2.38 8.25
CA LEU A 18 6.57 2.64 6.82
C LEU A 18 5.73 3.90 6.63
N ARG A 19 4.85 4.22 7.62
CA ARG A 19 4.02 5.46 7.60
C ARG A 19 4.92 6.70 7.64
N LYS A 20 5.94 6.66 8.52
CA LYS A 20 6.99 7.68 8.61
C LYS A 20 7.70 7.82 7.26
N GLU A 21 8.07 6.65 6.71
CA GLU A 21 8.88 6.53 5.49
C GLU A 21 8.18 7.13 4.26
N VAL A 22 6.85 6.95 4.18
CA VAL A 22 6.02 7.50 3.10
C VAL A 22 5.95 9.04 3.18
N GLN A 23 5.83 9.54 4.42
CA GLN A 23 5.79 11.00 4.68
C GLN A 23 7.14 11.65 4.36
N LYS A 24 8.23 10.87 4.57
CA LYS A 24 9.62 11.28 4.22
C LYS A 24 9.76 11.38 2.69
N HIS A 25 9.17 10.39 2.02
CA HIS A 25 9.19 10.24 0.56
C HIS A 25 8.44 11.42 -0.11
N ASP A 26 7.20 11.61 0.34
CA ASP A 26 6.30 12.65 -0.18
C ASP A 26 5.21 12.93 0.89
N PRO A 27 5.10 14.21 1.39
CA PRO A 27 4.16 14.56 2.49
C PRO A 27 2.69 14.68 2.03
N ASN A 28 2.47 14.68 0.70
CA ASN A 28 1.13 14.84 0.09
C ASN A 28 0.45 13.47 -0.08
N VAL A 29 1.27 12.39 -0.13
CA VAL A 29 0.76 11.01 -0.14
C VAL A 29 0.11 10.70 1.21
N LYS A 30 -1.21 10.45 1.19
CA LYS A 30 -2.00 10.24 2.41
C LYS A 30 -1.69 8.88 3.04
N THR A 31 -1.62 8.84 4.36
CA THR A 31 -1.29 7.62 5.13
C THR A 31 -2.39 7.33 6.16
N VAL A 32 -3.04 6.16 6.06
CA VAL A 32 -4.13 5.75 6.97
C VAL A 32 -3.68 4.53 7.79
N PRO A 33 -3.78 4.56 9.16
CA PRO A 33 -3.46 3.40 10.01
C PRO A 33 -4.52 2.29 9.92
N THR A 34 -4.18 1.13 10.49
CA THR A 34 -5.06 -0.05 10.58
C THR A 34 -6.33 0.25 11.43
N LYS A 35 -6.18 1.22 12.36
CA LYS A 35 -7.22 1.62 13.31
C LYS A 35 -8.40 2.32 12.61
N ASP A 36 -8.11 2.92 11.45
CA ASP A 36 -9.02 3.83 10.74
C ASP A 36 -9.50 3.19 9.42
N LYS A 37 -10.02 1.94 9.53
CA LYS A 37 -10.50 1.14 8.37
C LYS A 37 -11.62 1.86 7.58
N GLU A 38 -12.51 2.54 8.32
CA GLU A 38 -13.65 3.28 7.73
C GLU A 38 -13.17 4.59 7.10
N LYS A 39 -12.10 5.18 7.69
CA LYS A 39 -11.43 6.39 7.16
C LYS A 39 -10.61 6.09 5.90
N VAL A 40 -10.21 4.82 5.70
CA VAL A 40 -9.42 4.40 4.53
C VAL A 40 -10.12 4.83 3.22
N LYS A 41 -11.39 4.43 3.09
CA LYS A 41 -12.23 4.69 1.91
C LYS A 41 -12.36 6.20 1.64
N GLU A 42 -12.46 6.98 2.74
CA GLU A 42 -12.59 8.44 2.70
C GLU A 42 -11.30 9.10 2.23
N GLU A 43 -10.15 8.61 2.72
CA GLU A 43 -8.84 9.17 2.38
C GLU A 43 -8.37 8.74 0.98
N ILE A 44 -8.92 7.60 0.52
CA ILE A 44 -8.77 7.11 -0.86
C ILE A 44 -9.47 8.11 -1.81
N GLU A 45 -10.65 8.61 -1.38
CA GLU A 45 -11.40 9.63 -2.12
C GLU A 45 -10.57 10.92 -2.21
N LYS A 46 -9.82 11.24 -1.13
CA LYS A 46 -8.96 12.45 -1.10
C LYS A 46 -7.86 12.36 -2.15
N ALA A 47 -7.09 11.24 -2.13
CA ALA A 47 -5.98 10.99 -3.08
C ALA A 47 -6.49 10.91 -4.53
N ARG A 48 -7.66 10.27 -4.69
CA ARG A 48 -8.40 10.17 -5.96
C ARG A 48 -8.68 11.56 -6.56
N LYS A 49 -9.14 12.47 -5.68
CA LYS A 49 -9.53 13.84 -6.04
C LYS A 49 -8.28 14.72 -6.29
N GLN A 50 -7.20 14.47 -5.53
CA GLN A 50 -5.92 15.21 -5.64
C GLN A 50 -5.06 14.73 -6.81
N GLY A 51 -5.40 13.55 -7.39
CA GLY A 51 -4.57 12.91 -8.42
C GLY A 51 -3.22 12.44 -7.85
N ARG A 52 -3.27 11.98 -6.61
CA ARG A 52 -2.11 11.55 -5.81
C ARG A 52 -2.23 10.05 -5.45
N PRO A 53 -1.10 9.37 -5.11
CA PRO A 53 -1.13 8.07 -4.44
C PRO A 53 -1.51 8.21 -2.94
N ILE A 54 -2.02 7.11 -2.36
CA ILE A 54 -2.29 6.98 -0.92
C ILE A 54 -1.72 5.64 -0.47
N VAL A 55 -1.01 5.62 0.66
CA VAL A 55 -0.51 4.37 1.27
C VAL A 55 -1.33 4.05 2.53
N VAL A 56 -2.18 3.05 2.38
CA VAL A 56 -3.04 2.52 3.45
C VAL A 56 -2.31 1.39 4.18
N PHE A 57 -2.47 1.33 5.50
CA PHE A 57 -1.90 0.28 6.34
C PHE A 57 -3.03 -0.58 6.88
N VAL A 58 -3.06 -1.84 6.42
CA VAL A 58 -4.00 -2.89 6.85
C VAL A 58 -3.14 -4.00 7.53
N ARG A 59 -3.70 -4.76 8.48
CA ARG A 59 -2.98 -5.92 9.05
C ARG A 59 -3.04 -7.09 8.05
N GLY A 60 -1.99 -7.95 8.05
CA GLY A 60 -1.93 -9.14 7.20
C GLY A 60 -3.12 -10.07 7.41
N GLY A 61 -3.50 -10.25 8.69
CA GLY A 61 -4.71 -11.01 9.07
C GLY A 61 -5.95 -10.12 9.12
N ASP A 62 -6.21 -9.40 8.00
CA ASP A 62 -7.39 -8.52 7.83
C ASP A 62 -7.70 -8.40 6.33
N ASP A 63 -7.67 -9.58 5.71
CA ASP A 63 -7.87 -9.79 4.25
C ASP A 63 -9.28 -9.37 3.81
N GLU A 64 -10.22 -9.44 4.77
CA GLU A 64 -11.62 -9.07 4.58
C GLU A 64 -11.80 -7.57 4.31
N ARG A 65 -10.92 -6.72 4.87
CA ARG A 65 -10.89 -5.29 4.55
C ARG A 65 -10.16 -5.06 3.22
N ALA A 66 -9.06 -5.81 3.00
CA ALA A 66 -8.22 -5.70 1.78
C ALA A 66 -9.05 -5.90 0.49
N LYS A 67 -10.02 -6.84 0.55
CA LYS A 67 -10.92 -7.15 -0.59
C LYS A 67 -11.95 -6.01 -0.84
N ASP A 68 -12.36 -5.28 0.23
CA ASP A 68 -13.31 -4.15 0.11
C ASP A 68 -12.62 -2.93 -0.49
N ILE A 69 -11.46 -2.62 0.12
CA ILE A 69 -10.69 -1.39 -0.11
C ILE A 69 -10.10 -1.39 -1.54
N ALA A 70 -9.45 -2.50 -1.90
CA ALA A 70 -8.78 -2.64 -3.21
C ALA A 70 -9.78 -2.70 -4.36
N GLU A 71 -10.96 -3.30 -4.10
CA GLU A 71 -12.02 -3.42 -5.11
C GLU A 71 -12.64 -2.04 -5.40
N TYR A 72 -12.84 -1.26 -4.32
CA TYR A 72 -13.35 0.12 -4.43
C TYR A 72 -12.35 0.97 -5.24
N ALA A 73 -11.07 0.88 -4.83
CA ALA A 73 -9.96 1.61 -5.45
C ALA A 73 -9.85 1.31 -6.96
N GLN A 74 -9.96 0.02 -7.32
CA GLN A 74 -9.90 -0.44 -8.72
C GLN A 74 -11.02 0.21 -9.55
N LYS A 75 -12.24 0.19 -8.98
CA LYS A 75 -13.46 0.68 -9.65
C LYS A 75 -13.49 2.23 -9.73
N GLU A 76 -12.66 2.93 -8.92
CA GLU A 76 -12.48 4.40 -9.00
C GLU A 76 -11.44 4.79 -10.08
N GLY A 77 -10.84 3.77 -10.72
CA GLY A 77 -9.78 3.98 -11.70
C GLY A 77 -8.47 4.38 -11.04
N LEU A 78 -8.21 3.77 -9.87
CA LEU A 78 -6.99 3.97 -9.11
C LEU A 78 -6.14 2.70 -9.22
N ARG A 79 -4.88 2.86 -9.64
CA ARG A 79 -3.95 1.76 -9.84
C ARG A 79 -3.62 1.11 -8.46
N VAL A 80 -3.99 -0.16 -8.29
CA VAL A 80 -3.88 -0.86 -6.98
C VAL A 80 -2.56 -1.63 -6.89
N ILE A 81 -1.89 -1.43 -5.74
CA ILE A 81 -0.69 -2.15 -5.32
C ILE A 81 -1.04 -2.77 -3.95
N VAL A 82 -0.63 -4.02 -3.70
CA VAL A 82 -0.83 -4.68 -2.40
C VAL A 82 0.53 -5.24 -1.93
N ILE A 83 1.09 -4.68 -0.85
CA ILE A 83 2.40 -5.12 -0.31
C ILE A 83 2.17 -5.83 1.03
N ILE A 84 2.29 -7.15 1.03
CA ILE A 84 2.05 -7.98 2.22
C ILE A 84 3.40 -8.28 2.90
N VAL A 85 3.57 -7.70 4.10
CA VAL A 85 4.74 -7.90 4.96
C VAL A 85 4.41 -9.00 5.98
N SER A 86 5.04 -10.17 5.82
CA SER A 86 4.91 -11.28 6.77
C SER A 86 6.26 -12.02 6.84
N GLN A 87 6.65 -12.35 8.08
CA GLN A 87 7.86 -13.15 8.38
C GLN A 87 7.72 -14.60 7.88
N ASP A 88 6.48 -15.01 7.59
CA ASP A 88 6.13 -16.38 7.16
C ASP A 88 5.83 -16.42 5.66
N GLU A 89 6.45 -17.39 4.96
CA GLU A 89 6.36 -17.52 3.50
C GLU A 89 4.97 -17.97 3.03
N GLU A 90 4.29 -18.82 3.81
CA GLU A 90 2.96 -19.37 3.46
C GLU A 90 1.89 -18.25 3.46
N ALA A 91 2.04 -17.29 4.38
CA ALA A 91 1.20 -16.09 4.46
C ALA A 91 1.43 -15.18 3.24
N LEU A 92 2.71 -15.06 2.84
CA LEU A 92 3.13 -14.30 1.65
C LEU A 92 2.55 -14.93 0.36
N ARG A 93 2.54 -16.28 0.30
CA ARG A 93 2.11 -17.04 -0.89
C ARG A 93 0.58 -16.95 -1.09
N LYS A 94 -0.17 -17.26 -0.02
CA LYS A 94 -1.65 -17.20 -0.03
C LYS A 94 -2.12 -15.79 -0.34
N GLY A 95 -1.55 -14.81 0.38
CA GLY A 95 -1.86 -13.40 0.17
C GLY A 95 -1.56 -12.90 -1.23
N TYR A 96 -0.45 -13.42 -1.82
CA TYR A 96 0.03 -12.96 -3.13
C TYR A 96 -0.98 -13.27 -4.23
N GLU A 97 -1.29 -14.56 -4.42
CA GLU A 97 -2.17 -15.02 -5.52
C GLU A 97 -3.65 -14.68 -5.26
N ASP A 98 -4.05 -14.61 -3.96
CA ASP A 98 -5.43 -14.25 -3.55
C ASP A 98 -5.84 -12.86 -4.07
N LYS A 99 -4.97 -11.86 -3.84
CA LYS A 99 -5.23 -10.48 -4.31
C LYS A 99 -4.93 -10.36 -5.82
N LYS A 100 -3.90 -11.09 -6.28
CA LYS A 100 -3.39 -10.99 -7.65
C LYS A 100 -4.38 -11.53 -8.70
N LYS A 101 -5.22 -12.51 -8.29
CA LYS A 101 -6.27 -13.08 -9.18
C LYS A 101 -7.39 -12.05 -9.46
N LYS A 102 -7.46 -10.98 -8.66
CA LYS A 102 -8.40 -9.86 -8.85
C LYS A 102 -7.79 -8.75 -9.74
N GLY A 103 -6.55 -8.96 -10.20
CA GLY A 103 -5.84 -8.00 -11.06
C GLY A 103 -5.03 -6.98 -10.27
N TYR A 104 -4.79 -7.26 -8.96
CA TYR A 104 -3.98 -6.38 -8.10
C TYR A 104 -2.51 -6.81 -8.22
N ASP A 105 -1.62 -5.86 -8.49
CA ASP A 105 -0.18 -6.13 -8.53
C ASP A 105 0.33 -6.21 -7.08
N VAL A 106 0.59 -7.43 -6.62
CA VAL A 106 0.99 -7.73 -5.25
C VAL A 106 2.52 -7.92 -5.19
N TYR A 107 3.10 -7.50 -4.06
CA TYR A 107 4.52 -7.68 -3.74
C TYR A 107 4.58 -8.32 -2.36
N THR A 108 5.53 -9.22 -2.16
CA THR A 108 5.73 -9.92 -0.88
C THR A 108 7.00 -9.39 -0.22
N SER A 109 7.01 -9.41 1.11
CA SER A 109 8.13 -8.89 1.92
C SER A 109 8.22 -9.66 3.23
N ARG A 110 9.44 -10.05 3.61
CA ARG A 110 9.68 -10.77 4.88
C ARG A 110 9.82 -9.77 6.03
N ASN A 111 10.30 -8.54 5.72
CA ASN A 111 10.49 -7.49 6.74
C ASN A 111 10.39 -6.09 6.12
N GLU A 112 10.63 -5.06 6.98
CA GLU A 112 10.50 -3.64 6.65
C GLU A 112 11.30 -3.24 5.40
N ASP A 113 12.53 -3.80 5.23
CA ASP A 113 13.43 -3.47 4.11
C ASP A 113 12.81 -3.79 2.74
N GLU A 114 12.32 -5.04 2.58
CA GLU A 114 11.66 -5.47 1.35
C GLU A 114 10.41 -4.63 1.08
N ALA A 115 9.61 -4.46 2.14
CA ALA A 115 8.34 -3.70 2.10
C ALA A 115 8.57 -2.26 1.64
N LYS A 116 9.65 -1.66 2.17
CA LYS A 116 10.03 -0.28 1.93
C LYS A 116 10.48 -0.06 0.48
N LYS A 117 11.24 -1.03 -0.05
CA LYS A 117 11.75 -0.99 -1.43
C LYS A 117 10.56 -1.09 -2.42
N LYS A 118 9.62 -2.02 -2.13
CA LYS A 118 8.42 -2.24 -2.96
C LYS A 118 7.51 -1.00 -2.94
N LEU A 119 7.41 -0.40 -1.74
CA LEU A 119 6.55 0.76 -1.47
C LEU A 119 7.04 1.97 -2.27
N LYS A 120 8.35 2.21 -2.19
CA LYS A 120 8.99 3.33 -2.88
C LYS A 120 8.99 3.14 -4.39
N GLU A 121 9.13 1.87 -4.87
CA GLU A 121 9.02 1.55 -6.31
C GLU A 121 7.64 1.90 -6.87
N ALA A 122 6.60 1.55 -6.09
CA ALA A 122 5.20 1.84 -6.45
C ALA A 122 4.92 3.36 -6.45
N LEU A 123 5.64 4.09 -5.57
CA LEU A 123 5.58 5.57 -5.49
C LEU A 123 6.38 6.23 -6.65
N GLU A 124 7.54 5.66 -7.01
CA GLU A 124 8.41 6.16 -8.09
C GLU A 124 7.69 6.07 -9.45
N LYS A 125 7.08 4.88 -9.67
CA LYS A 125 6.37 4.56 -10.92
C LYS A 125 5.01 5.29 -11.01
N SER A 126 4.42 5.64 -9.85
CA SER A 126 3.18 6.48 -9.80
C SER A 126 3.50 7.95 -10.10
N GLY A 127 4.80 8.31 -10.08
CA GLY A 127 5.26 9.61 -10.52
C GLY A 127 5.55 10.58 -9.38
N SER A 128 5.62 10.09 -8.12
CA SER A 128 6.04 10.95 -6.99
C SER A 128 7.56 11.18 -7.09
N LEU A 129 8.30 10.13 -7.50
CA LEU A 129 9.75 10.24 -7.83
C LEU A 129 9.97 10.02 -9.33
N GLU A 130 11.26 10.07 -9.73
CA GLU A 130 11.69 9.80 -11.12
C GLU A 130 11.67 8.29 -11.40
N HIS A 131 11.79 7.94 -12.69
CA HIS A 131 11.90 6.55 -13.14
C HIS A 131 13.39 6.21 -13.35
N HIS A 132 13.96 5.45 -12.39
CA HIS A 132 15.40 5.12 -12.35
C HIS A 132 15.79 4.23 -13.55
N HIS A 133 16.90 4.60 -14.21
CA HIS A 133 17.48 3.82 -15.32
C HIS A 133 18.59 2.90 -14.77
N HIS A 134 18.67 1.66 -15.33
CA HIS A 134 19.65 0.62 -14.93
C HIS A 134 19.43 0.16 -13.47
N HIS A 135 20.33 -0.72 -12.98
CA HIS A 135 20.28 -1.34 -11.63
C HIS A 135 19.09 -2.32 -11.50
N HIS A 136 18.93 -2.92 -10.31
CA HIS A 136 17.78 -3.79 -10.00
C HIS A 136 16.61 -2.90 -9.48
N MET A 1 -7.63 7.86 -11.65
CA MET A 1 -6.23 8.36 -11.79
C MET A 1 -5.60 8.54 -10.39
N GLY A 2 -4.68 7.62 -10.07
CA GLY A 2 -4.03 7.55 -8.76
C GLY A 2 -3.52 6.14 -8.49
N VAL A 3 -2.90 5.93 -7.32
CA VAL A 3 -2.36 4.60 -6.92
C VAL A 3 -2.67 4.37 -5.43
N VAL A 4 -3.29 3.23 -5.08
CA VAL A 4 -3.61 2.88 -3.68
C VAL A 4 -2.77 1.66 -3.28
N ILE A 5 -1.83 1.85 -2.34
CA ILE A 5 -0.90 0.81 -1.88
C ILE A 5 -1.40 0.26 -0.52
N LEU A 6 -1.90 -0.98 -0.51
CA LEU A 6 -2.41 -1.61 0.71
C LEU A 6 -1.32 -2.50 1.29
N VAL A 7 -0.65 -2.02 2.35
CA VAL A 7 0.44 -2.78 2.98
C VAL A 7 -0.14 -3.62 4.14
N LEU A 8 -0.25 -4.95 3.89
CA LEU A 8 -0.76 -5.91 4.87
C LEU A 8 0.42 -6.41 5.72
N THR A 9 0.53 -5.90 6.95
CA THR A 9 1.67 -6.19 7.83
C THR A 9 1.23 -7.16 8.93
N GLY A 10 2.09 -8.16 9.22
CA GLY A 10 1.88 -9.10 10.32
C GLY A 10 2.36 -8.53 11.67
N ASP A 11 2.65 -7.22 11.69
CA ASP A 11 3.11 -6.49 12.88
C ASP A 11 2.71 -5.02 12.74
N GLU A 12 2.19 -4.45 13.83
CA GLU A 12 1.63 -3.08 13.86
C GLU A 12 2.74 -2.01 13.70
N ARG A 13 3.91 -2.26 14.31
CA ARG A 13 5.02 -1.30 14.30
C ARG A 13 5.56 -1.13 12.88
N ILE A 14 5.71 -2.25 12.13
CA ILE A 14 6.22 -2.25 10.74
C ILE A 14 5.36 -1.33 9.84
N ALA A 15 4.05 -1.33 10.08
CA ALA A 15 3.09 -0.45 9.39
C ALA A 15 3.48 1.04 9.58
N GLU A 16 3.86 1.40 10.81
CA GLU A 16 4.29 2.76 11.16
C GLU A 16 5.75 3.05 10.69
N GLU A 17 6.60 2.00 10.68
CA GLU A 17 8.02 2.14 10.27
C GLU A 17 8.11 2.39 8.76
N LEU A 18 7.17 1.82 8.01
CA LEU A 18 7.03 2.05 6.57
C LEU A 18 6.33 3.41 6.30
N ARG A 19 5.38 3.77 7.19
CA ARG A 19 4.54 4.99 7.07
C ARG A 19 5.37 6.27 7.03
N LYS A 20 6.33 6.36 7.95
CA LYS A 20 7.24 7.52 8.05
C LYS A 20 8.08 7.66 6.76
N GLU A 21 8.44 6.50 6.17
CA GLU A 21 9.28 6.43 4.96
C GLU A 21 8.51 6.87 3.70
N VAL A 22 7.18 6.65 3.69
CA VAL A 22 6.27 7.20 2.67
C VAL A 22 6.34 8.74 2.69
N GLN A 23 6.35 9.28 3.92
CA GLN A 23 6.38 10.73 4.18
C GLN A 23 7.78 11.32 3.87
N LYS A 24 8.84 10.49 4.03
CA LYS A 24 10.24 10.87 3.66
C LYS A 24 10.44 10.85 2.14
N HIS A 25 9.68 9.98 1.45
CA HIS A 25 9.67 9.89 -0.02
C HIS A 25 8.90 11.09 -0.59
N ASP A 26 7.72 11.33 0.00
CA ASP A 26 6.77 12.37 -0.43
C ASP A 26 5.76 12.66 0.72
N PRO A 27 5.70 13.92 1.25
CA PRO A 27 4.85 14.29 2.40
C PRO A 27 3.36 14.55 2.04
N ASN A 28 3.02 14.47 0.73
CA ASN A 28 1.64 14.71 0.24
C ASN A 28 0.86 13.38 0.17
N VAL A 29 1.56 12.24 0.11
CA VAL A 29 0.91 10.90 0.11
C VAL A 29 0.24 10.66 1.48
N LYS A 30 -1.03 10.25 1.45
CA LYS A 30 -1.83 10.02 2.66
C LYS A 30 -1.64 8.58 3.13
N THR A 31 -1.55 8.39 4.45
CA THR A 31 -1.28 7.08 5.08
C THR A 31 -2.31 6.80 6.18
N VAL A 32 -3.08 5.71 6.04
CA VAL A 32 -4.25 5.43 6.90
C VAL A 32 -4.04 4.10 7.66
N PRO A 33 -4.25 4.08 9.03
CA PRO A 33 -4.20 2.82 9.82
C PRO A 33 -5.51 1.99 9.74
N THR A 34 -5.46 0.79 10.33
CA THR A 34 -6.54 -0.22 10.27
C THR A 34 -7.84 0.25 10.94
N LYS A 35 -7.70 0.99 12.06
CA LYS A 35 -8.85 1.47 12.86
C LYS A 35 -9.74 2.43 12.04
N ASP A 36 -9.11 3.17 11.12
CA ASP A 36 -9.77 4.15 10.25
C ASP A 36 -10.20 3.53 8.91
N LYS A 37 -10.66 2.26 8.96
CA LYS A 37 -11.19 1.54 7.77
C LYS A 37 -12.35 2.31 7.09
N GLU A 38 -13.19 2.93 7.92
CA GLU A 38 -14.30 3.80 7.47
C GLU A 38 -13.76 5.04 6.75
N LYS A 39 -12.69 5.62 7.31
CA LYS A 39 -12.02 6.82 6.76
C LYS A 39 -11.25 6.51 5.46
N VAL A 40 -10.85 5.23 5.25
CA VAL A 40 -10.07 4.82 4.07
C VAL A 40 -10.79 5.21 2.75
N LYS A 41 -12.11 4.92 2.68
CA LYS A 41 -12.99 5.28 1.55
C LYS A 41 -12.87 6.79 1.26
N GLU A 42 -12.94 7.57 2.36
CA GLU A 42 -12.94 9.04 2.32
C GLU A 42 -11.59 9.56 1.83
N GLU A 43 -10.52 8.94 2.33
CA GLU A 43 -9.13 9.34 2.06
C GLU A 43 -8.70 9.00 0.62
N ILE A 44 -9.22 7.88 0.08
CA ILE A 44 -8.99 7.46 -1.31
C ILE A 44 -9.71 8.44 -2.27
N GLU A 45 -10.94 8.84 -1.88
CA GLU A 45 -11.77 9.83 -2.60
C GLU A 45 -11.06 11.22 -2.61
N LYS A 46 -10.40 11.53 -1.49
CA LYS A 46 -9.61 12.76 -1.32
C LYS A 46 -8.34 12.72 -2.18
N ALA A 47 -7.72 11.53 -2.25
CA ALA A 47 -6.51 11.30 -3.07
C ALA A 47 -6.84 11.50 -4.56
N ARG A 48 -8.03 11.01 -4.98
CA ARG A 48 -8.56 11.22 -6.34
C ARG A 48 -8.75 12.72 -6.68
N LYS A 49 -9.28 13.47 -5.69
CA LYS A 49 -9.59 14.91 -5.84
C LYS A 49 -8.27 15.71 -6.05
N GLN A 50 -7.24 15.34 -5.27
CA GLN A 50 -5.94 16.05 -5.26
C GLN A 50 -4.93 15.41 -6.24
N GLY A 51 -5.35 14.34 -6.97
CA GLY A 51 -4.51 13.67 -7.96
C GLY A 51 -3.23 13.07 -7.36
N ARG A 52 -3.39 12.48 -6.18
CA ARG A 52 -2.29 11.92 -5.37
C ARG A 52 -2.56 10.44 -5.03
N PRO A 53 -1.50 9.64 -4.68
CA PRO A 53 -1.66 8.28 -4.15
C PRO A 53 -2.02 8.24 -2.64
N ILE A 54 -2.18 7.02 -2.13
CA ILE A 54 -2.51 6.79 -0.71
C ILE A 54 -2.05 5.36 -0.31
N VAL A 55 -1.31 5.26 0.80
CA VAL A 55 -0.87 3.98 1.35
C VAL A 55 -1.73 3.62 2.58
N VAL A 56 -2.56 2.58 2.44
CA VAL A 56 -3.44 2.09 3.52
C VAL A 56 -2.78 0.88 4.20
N PHE A 57 -2.45 1.01 5.47
CA PHE A 57 -1.85 -0.06 6.26
C PHE A 57 -2.96 -0.95 6.85
N VAL A 58 -3.04 -2.15 6.30
CA VAL A 58 -3.98 -3.20 6.71
C VAL A 58 -3.23 -4.22 7.59
N ARG A 59 -3.88 -4.75 8.64
CA ARG A 59 -3.24 -5.75 9.53
C ARG A 59 -3.44 -7.14 8.90
N GLY A 60 -2.50 -8.06 9.12
CA GLY A 60 -2.56 -9.43 8.58
C GLY A 60 -3.69 -10.23 9.23
N GLY A 61 -4.85 -10.28 8.56
CA GLY A 61 -6.08 -10.90 9.08
C GLY A 61 -7.29 -9.98 8.88
N ASP A 62 -7.02 -8.77 8.35
CA ASP A 62 -8.05 -7.77 7.99
C ASP A 62 -8.35 -7.82 6.49
N ASP A 63 -8.37 -9.03 5.93
CA ASP A 63 -8.55 -9.26 4.48
C ASP A 63 -9.99 -8.92 4.01
N GLU A 64 -10.98 -9.02 4.92
CA GLU A 64 -12.38 -8.60 4.67
C GLU A 64 -12.45 -7.07 4.45
N ARG A 65 -11.58 -6.35 5.16
CA ARG A 65 -11.41 -4.90 4.97
C ARG A 65 -10.64 -4.63 3.67
N ALA A 66 -9.53 -5.38 3.46
CA ALA A 66 -8.59 -5.19 2.35
C ALA A 66 -9.25 -5.38 0.98
N LYS A 67 -10.21 -6.33 0.89
CA LYS A 67 -10.92 -6.62 -0.37
C LYS A 67 -11.83 -5.44 -0.77
N ASP A 68 -12.50 -4.84 0.23
CA ASP A 68 -13.43 -3.71 0.03
C ASP A 68 -12.69 -2.42 -0.36
N ILE A 69 -11.53 -2.21 0.27
CA ILE A 69 -10.67 -1.06 0.00
C ILE A 69 -10.06 -1.18 -1.41
N ALA A 70 -9.57 -2.38 -1.74
CA ALA A 70 -8.92 -2.69 -3.02
C ALA A 70 -9.91 -2.67 -4.19
N GLU A 71 -11.15 -3.14 -3.92
CA GLU A 71 -12.23 -3.17 -4.91
C GLU A 71 -12.74 -1.76 -5.19
N TYR A 72 -12.84 -0.94 -4.12
CA TYR A 72 -13.24 0.47 -4.24
C TYR A 72 -12.24 1.19 -5.15
N ALA A 73 -10.95 1.11 -4.77
CA ALA A 73 -9.83 1.71 -5.53
C ALA A 73 -9.76 1.20 -6.99
N GLN A 74 -10.14 -0.08 -7.19
CA GLN A 74 -10.21 -0.73 -8.51
C GLN A 74 -11.27 -0.02 -9.39
N LYS A 75 -12.45 0.20 -8.77
CA LYS A 75 -13.62 0.84 -9.43
C LYS A 75 -13.36 2.34 -9.66
N GLU A 76 -12.48 2.93 -8.84
CA GLU A 76 -12.11 4.36 -8.97
C GLU A 76 -11.02 4.58 -10.05
N GLY A 77 -10.59 3.49 -10.72
CA GLY A 77 -9.58 3.56 -11.78
C GLY A 77 -8.21 3.96 -11.26
N LEU A 78 -7.85 3.37 -10.11
CA LEU A 78 -6.59 3.61 -9.43
C LEU A 78 -5.78 2.31 -9.43
N ARG A 79 -4.47 2.38 -9.72
CA ARG A 79 -3.58 1.21 -9.69
C ARG A 79 -3.47 0.67 -8.25
N VAL A 80 -4.01 -0.54 -8.02
CA VAL A 80 -4.05 -1.15 -6.68
C VAL A 80 -2.82 -2.04 -6.50
N ILE A 81 -1.99 -1.70 -5.52
CA ILE A 81 -0.82 -2.49 -5.10
C ILE A 81 -1.15 -3.05 -3.71
N VAL A 82 -0.68 -4.28 -3.42
CA VAL A 82 -0.84 -4.93 -2.09
C VAL A 82 0.55 -5.45 -1.65
N ILE A 83 1.14 -4.87 -0.59
CA ILE A 83 2.46 -5.29 -0.09
C ILE A 83 2.31 -6.03 1.24
N ILE A 84 2.49 -7.34 1.21
CA ILE A 84 2.40 -8.19 2.40
C ILE A 84 3.79 -8.26 3.07
N VAL A 85 3.87 -7.90 4.35
CA VAL A 85 5.09 -7.97 5.15
C VAL A 85 4.91 -9.07 6.22
N SER A 86 5.57 -10.21 6.03
CA SER A 86 5.52 -11.35 6.94
C SER A 86 6.82 -12.15 6.79
N GLN A 87 7.42 -12.52 7.93
CA GLN A 87 8.59 -13.43 7.96
C GLN A 87 8.22 -14.80 7.34
N ASP A 88 6.94 -15.18 7.55
CA ASP A 88 6.37 -16.43 7.07
C ASP A 88 6.07 -16.31 5.56
N GLU A 89 6.92 -16.96 4.75
CA GLU A 89 6.88 -16.89 3.27
C GLU A 89 5.63 -17.63 2.70
N GLU A 90 5.08 -18.56 3.49
CA GLU A 90 3.84 -19.28 3.13
C GLU A 90 2.65 -18.31 3.09
N ALA A 91 2.53 -17.46 4.11
CA ALA A 91 1.48 -16.42 4.20
C ALA A 91 1.66 -15.35 3.10
N LEU A 92 2.93 -15.08 2.75
CA LEU A 92 3.29 -14.16 1.67
C LEU A 92 2.77 -14.65 0.32
N ARG A 93 3.12 -15.90 -0.03
CA ARG A 93 2.87 -16.47 -1.37
C ARG A 93 1.38 -16.77 -1.61
N LYS A 94 0.69 -17.24 -0.57
CA LYS A 94 -0.73 -17.55 -0.63
C LYS A 94 -1.54 -16.25 -0.75
N GLY A 95 -1.07 -15.21 -0.04
CA GLY A 95 -1.64 -13.86 -0.17
C GLY A 95 -1.29 -13.24 -1.53
N TYR A 96 -0.08 -13.55 -2.02
CA TYR A 96 0.42 -13.01 -3.28
C TYR A 96 -0.53 -13.36 -4.42
N GLU A 97 -0.81 -14.65 -4.55
CA GLU A 97 -1.67 -15.20 -5.60
C GLU A 97 -3.16 -14.84 -5.39
N ASP A 98 -3.56 -14.69 -4.10
CA ASP A 98 -4.95 -14.43 -3.70
C ASP A 98 -5.46 -13.05 -4.18
N LYS A 99 -4.72 -11.99 -3.86
CA LYS A 99 -5.11 -10.62 -4.25
C LYS A 99 -4.78 -10.37 -5.74
N LYS A 100 -3.71 -11.02 -6.23
CA LYS A 100 -3.23 -10.88 -7.62
C LYS A 100 -4.25 -11.38 -8.65
N LYS A 101 -4.92 -12.49 -8.34
CA LYS A 101 -5.95 -13.09 -9.21
C LYS A 101 -7.25 -12.23 -9.22
N LYS A 102 -7.35 -11.26 -8.29
CA LYS A 102 -8.44 -10.27 -8.24
C LYS A 102 -8.02 -8.94 -8.92
N GLY A 103 -6.87 -8.96 -9.63
CA GLY A 103 -6.40 -7.81 -10.42
C GLY A 103 -5.65 -6.76 -9.61
N TYR A 104 -5.04 -7.18 -8.48
CA TYR A 104 -4.25 -6.27 -7.63
C TYR A 104 -2.76 -6.65 -7.78
N ASP A 105 -1.88 -5.67 -8.08
CA ASP A 105 -0.43 -5.93 -8.27
C ASP A 105 0.24 -6.11 -6.88
N VAL A 106 0.55 -7.37 -6.52
CA VAL A 106 1.00 -7.71 -5.16
C VAL A 106 2.54 -7.83 -5.10
N TYR A 107 3.13 -7.32 -4.02
CA TYR A 107 4.54 -7.53 -3.64
C TYR A 107 4.56 -8.21 -2.27
N THR A 108 5.63 -8.96 -1.99
CA THR A 108 5.79 -9.69 -0.72
C THR A 108 7.21 -9.45 -0.15
N SER A 109 7.33 -9.47 1.19
CA SER A 109 8.58 -9.14 1.89
C SER A 109 8.67 -9.88 3.23
N ARG A 110 9.89 -10.28 3.59
CA ARG A 110 10.18 -10.94 4.89
C ARG A 110 10.56 -9.89 5.94
N ASN A 111 11.08 -8.72 5.51
CA ASN A 111 11.58 -7.68 6.45
C ASN A 111 11.11 -6.28 6.05
N GLU A 112 11.46 -5.29 6.90
CA GLU A 112 11.04 -3.89 6.76
C GLU A 112 11.67 -3.23 5.52
N ASP A 113 13.00 -3.41 5.36
CA ASP A 113 13.76 -2.78 4.26
C ASP A 113 13.29 -3.30 2.88
N GLU A 114 12.92 -4.60 2.83
CA GLU A 114 12.41 -5.23 1.60
C GLU A 114 11.06 -4.64 1.22
N ALA A 115 10.19 -4.48 2.23
CA ALA A 115 8.86 -3.88 2.11
C ALA A 115 8.95 -2.38 1.74
N LYS A 116 10.00 -1.73 2.27
CA LYS A 116 10.23 -0.27 2.17
C LYS A 116 10.59 0.12 0.74
N LYS A 117 11.45 -0.69 0.12
CA LYS A 117 11.87 -0.48 -1.27
C LYS A 117 10.71 -0.76 -2.22
N LYS A 118 9.96 -1.86 -1.97
CA LYS A 118 8.74 -2.23 -2.72
C LYS A 118 7.67 -1.12 -2.63
N LEU A 119 7.62 -0.48 -1.46
CA LEU A 119 6.66 0.59 -1.14
C LEU A 119 6.98 1.83 -1.97
N LYS A 120 8.25 2.24 -1.97
CA LYS A 120 8.71 3.42 -2.71
C LYS A 120 8.67 3.16 -4.23
N GLU A 121 8.88 1.90 -4.65
CA GLU A 121 8.74 1.47 -6.07
C GLU A 121 7.32 1.76 -6.58
N ALA A 122 6.33 1.48 -5.72
CA ALA A 122 4.90 1.73 -5.99
C ALA A 122 4.57 3.24 -5.96
N LEU A 123 5.24 3.98 -5.04
CA LEU A 123 5.11 5.46 -4.93
C LEU A 123 5.75 6.17 -6.15
N GLU A 124 6.77 5.52 -6.75
CA GLU A 124 7.45 6.02 -7.96
C GLU A 124 6.55 5.89 -9.21
N LYS A 125 5.64 4.89 -9.18
CA LYS A 125 4.67 4.65 -10.28
C LYS A 125 3.52 5.68 -10.25
N SER A 126 3.40 6.41 -9.13
CA SER A 126 2.41 7.50 -8.99
C SER A 126 3.08 8.87 -9.11
N GLY A 127 2.30 9.95 -8.84
CA GLY A 127 2.85 11.30 -8.79
C GLY A 127 3.53 11.60 -7.47
N SER A 128 4.58 10.81 -7.17
CA SER A 128 5.39 10.96 -5.96
C SER A 128 6.85 10.65 -6.33
N LEU A 129 7.57 11.67 -6.80
CA LEU A 129 8.95 11.53 -7.32
C LEU A 129 9.85 12.66 -6.79
N GLU A 130 10.71 12.31 -5.84
CA GLU A 130 11.81 13.17 -5.39
C GLU A 130 13.09 12.52 -5.91
N HIS A 131 13.96 13.33 -6.57
CA HIS A 131 15.24 12.84 -7.11
C HIS A 131 16.22 12.62 -5.95
N HIS A 132 16.07 11.45 -5.30
CA HIS A 132 16.91 11.06 -4.17
C HIS A 132 18.29 10.67 -4.70
N HIS A 133 19.27 11.59 -4.52
CA HIS A 133 20.67 11.39 -4.90
C HIS A 133 21.29 10.29 -4.02
N HIS A 134 21.16 9.03 -4.45
CA HIS A 134 21.52 7.86 -3.64
C HIS A 134 23.03 7.57 -3.76
N HIS A 135 23.76 7.89 -2.68
CA HIS A 135 25.22 7.76 -2.59
C HIS A 135 25.58 7.37 -1.14
N HIS A 136 25.13 6.16 -0.74
CA HIS A 136 25.35 5.58 0.61
C HIS A 136 24.70 6.46 1.71
N MET A 1 -6.84 6.98 -12.45
CA MET A 1 -5.62 7.80 -12.27
C MET A 1 -5.37 8.00 -10.77
N GLY A 2 -4.37 7.28 -10.25
CA GLY A 2 -4.03 7.27 -8.82
C GLY A 2 -3.71 5.85 -8.38
N VAL A 3 -3.16 5.72 -7.17
CA VAL A 3 -2.73 4.40 -6.62
C VAL A 3 -3.14 4.31 -5.13
N VAL A 4 -3.64 3.14 -4.70
CA VAL A 4 -3.94 2.87 -3.28
C VAL A 4 -3.07 1.67 -2.84
N ILE A 5 -2.09 1.93 -1.97
CA ILE A 5 -1.12 0.93 -1.51
C ILE A 5 -1.57 0.35 -0.15
N LEU A 6 -2.05 -0.90 -0.15
CA LEU A 6 -2.52 -1.58 1.05
C LEU A 6 -1.38 -2.45 1.59
N VAL A 7 -0.70 -1.99 2.64
CA VAL A 7 0.43 -2.71 3.23
C VAL A 7 -0.07 -3.58 4.41
N LEU A 8 -0.18 -4.91 4.16
CA LEU A 8 -0.64 -5.90 5.16
C LEU A 8 0.56 -6.41 5.94
N THR A 9 0.73 -5.95 7.19
CA THR A 9 1.89 -6.28 8.01
C THR A 9 1.49 -7.26 9.11
N GLY A 10 2.29 -8.33 9.27
CA GLY A 10 2.17 -9.27 10.39
C GLY A 10 2.91 -8.77 11.63
N ASP A 11 3.39 -7.51 11.54
CA ASP A 11 4.10 -6.80 12.62
C ASP A 11 3.74 -5.31 12.50
N GLU A 12 3.03 -4.77 13.50
CA GLU A 12 2.41 -3.43 13.44
C GLU A 12 3.45 -2.28 13.47
N ARG A 13 4.53 -2.41 14.28
CA ARG A 13 5.55 -1.33 14.39
C ARG A 13 6.28 -1.12 13.05
N ILE A 14 6.41 -2.21 12.25
CA ILE A 14 6.94 -2.15 10.88
C ILE A 14 6.07 -1.21 10.01
N ALA A 15 4.73 -1.37 10.12
CA ALA A 15 3.75 -0.55 9.37
C ALA A 15 3.90 0.95 9.69
N GLU A 16 4.22 1.25 10.95
CA GLU A 16 4.41 2.64 11.44
C GLU A 16 5.78 3.21 10.96
N GLU A 17 6.79 2.33 10.83
CA GLU A 17 8.12 2.70 10.29
C GLU A 17 8.06 2.91 8.77
N LEU A 18 7.17 2.16 8.11
CA LEU A 18 6.90 2.28 6.68
C LEU A 18 6.06 3.54 6.42
N ARG A 19 5.17 3.88 7.38
CA ARG A 19 4.34 5.11 7.33
C ARG A 19 5.24 6.35 7.36
N LYS A 20 6.19 6.29 8.30
CA LYS A 20 7.29 7.23 8.45
C LYS A 20 8.06 7.38 7.13
N GLU A 21 8.32 6.24 6.48
CA GLU A 21 9.16 6.14 5.30
C GLU A 21 8.46 6.67 4.01
N VAL A 22 7.12 6.51 3.94
CA VAL A 22 6.29 7.04 2.83
C VAL A 22 6.38 8.59 2.80
N GLN A 23 6.29 9.17 3.99
CA GLN A 23 6.36 10.63 4.21
C GLN A 23 7.75 11.19 3.83
N LYS A 24 8.80 10.37 4.03
CA LYS A 24 10.19 10.71 3.69
C LYS A 24 10.44 10.55 2.17
N HIS A 25 9.68 9.64 1.51
CA HIS A 25 9.79 9.42 0.05
C HIS A 25 8.94 10.44 -0.74
N ASP A 26 7.90 10.99 -0.08
CA ASP A 26 7.02 12.03 -0.67
C ASP A 26 6.09 12.62 0.43
N PRO A 27 6.01 13.99 0.57
CA PRO A 27 5.23 14.64 1.66
C PRO A 27 3.71 14.67 1.40
N ASN A 28 3.30 14.45 0.14
CA ASN A 28 1.91 14.63 -0.30
C ASN A 28 1.09 13.34 -0.10
N VAL A 29 1.76 12.17 -0.17
CA VAL A 29 1.12 10.86 0.00
C VAL A 29 0.69 10.67 1.46
N LYS A 30 -0.62 10.45 1.66
CA LYS A 30 -1.19 10.25 3.01
C LYS A 30 -1.44 8.78 3.30
N THR A 31 -1.55 8.50 4.60
CA THR A 31 -1.53 7.15 5.15
C THR A 31 -2.68 6.98 6.17
N VAL A 32 -3.49 5.92 5.99
CA VAL A 32 -4.67 5.64 6.86
C VAL A 32 -4.54 4.25 7.51
N PRO A 33 -4.75 4.12 8.86
CA PRO A 33 -4.72 2.80 9.56
C PRO A 33 -6.06 2.00 9.42
N THR A 34 -6.05 0.77 9.99
CA THR A 34 -7.18 -0.20 9.91
C THR A 34 -8.45 0.31 10.63
N LYS A 35 -8.23 1.09 11.71
CA LYS A 35 -9.27 1.63 12.59
C LYS A 35 -10.30 2.47 11.81
N ASP A 36 -9.76 3.28 10.88
CA ASP A 36 -10.52 4.27 10.10
C ASP A 36 -11.08 3.64 8.80
N LYS A 37 -11.59 2.39 8.91
CA LYS A 37 -12.03 1.55 7.77
C LYS A 37 -13.04 2.25 6.83
N GLU A 38 -14.11 2.81 7.42
CA GLU A 38 -15.18 3.49 6.66
C GLU A 38 -14.66 4.82 6.09
N LYS A 39 -13.74 5.44 6.85
CA LYS A 39 -13.13 6.73 6.50
C LYS A 39 -12.13 6.57 5.32
N VAL A 40 -11.54 5.36 5.15
CA VAL A 40 -10.59 5.06 4.05
C VAL A 40 -11.25 5.37 2.69
N LYS A 41 -12.50 4.92 2.55
CA LYS A 41 -13.34 5.07 1.35
C LYS A 41 -13.45 6.55 0.92
N GLU A 42 -13.61 7.43 1.93
CA GLU A 42 -13.67 8.88 1.72
C GLU A 42 -12.30 9.43 1.32
N GLU A 43 -11.22 8.91 1.98
CA GLU A 43 -9.84 9.37 1.77
C GLU A 43 -9.26 8.93 0.41
N ILE A 44 -9.84 7.86 -0.17
CA ILE A 44 -9.51 7.39 -1.52
C ILE A 44 -10.04 8.39 -2.56
N GLU A 45 -11.24 8.96 -2.28
CA GLU A 45 -11.85 10.02 -3.10
C GLU A 45 -11.02 11.33 -2.96
N LYS A 46 -10.46 11.56 -1.75
CA LYS A 46 -9.57 12.72 -1.50
C LYS A 46 -8.29 12.58 -2.33
N ALA A 47 -7.78 11.34 -2.41
CA ALA A 47 -6.58 10.97 -3.17
C ALA A 47 -6.80 11.22 -4.68
N ARG A 48 -8.01 10.88 -5.18
CA ARG A 48 -8.42 11.13 -6.58
C ARG A 48 -8.43 12.64 -6.89
N LYS A 49 -9.03 13.42 -5.95
CA LYS A 49 -9.22 14.88 -6.09
C LYS A 49 -7.84 15.58 -6.10
N GLN A 50 -6.95 15.12 -5.20
CA GLN A 50 -5.59 15.68 -5.04
C GLN A 50 -4.62 15.14 -6.11
N GLY A 51 -5.05 14.09 -6.85
CA GLY A 51 -4.21 13.46 -7.88
C GLY A 51 -2.98 12.75 -7.30
N ARG A 52 -3.10 12.31 -6.04
CA ARG A 52 -2.01 11.67 -5.27
C ARG A 52 -2.44 10.27 -4.80
N PRO A 53 -1.47 9.35 -4.52
CA PRO A 53 -1.78 8.04 -3.92
C PRO A 53 -2.07 8.11 -2.39
N ILE A 54 -2.52 6.98 -1.85
CA ILE A 54 -2.85 6.81 -0.43
C ILE A 54 -2.43 5.40 0.03
N VAL A 55 -1.60 5.33 1.07
CA VAL A 55 -1.08 4.06 1.60
C VAL A 55 -1.85 3.67 2.87
N VAL A 56 -2.71 2.65 2.76
CA VAL A 56 -3.52 2.13 3.87
C VAL A 56 -2.79 0.98 4.55
N PHE A 57 -2.42 1.14 5.81
CA PHE A 57 -1.74 0.11 6.59
C PHE A 57 -2.77 -0.81 7.21
N VAL A 58 -2.83 -2.01 6.64
CA VAL A 58 -3.67 -3.12 7.07
C VAL A 58 -2.79 -4.12 7.84
N ARG A 59 -3.36 -4.86 8.80
CA ARG A 59 -2.62 -5.97 9.46
C ARG A 59 -2.71 -7.25 8.58
N GLY A 60 -1.79 -8.20 8.84
CA GLY A 60 -1.62 -9.41 8.04
C GLY A 60 -2.64 -10.50 8.38
N GLY A 61 -3.57 -10.19 9.30
CA GLY A 61 -4.71 -11.05 9.62
C GLY A 61 -6.03 -10.30 9.46
N ASP A 62 -6.00 -9.22 8.64
CA ASP A 62 -7.15 -8.32 8.39
C ASP A 62 -7.35 -8.09 6.89
N ASP A 63 -7.11 -9.18 6.13
CA ASP A 63 -7.25 -9.23 4.66
C ASP A 63 -8.65 -8.79 4.19
N GLU A 64 -9.69 -9.04 5.04
CA GLU A 64 -11.10 -8.66 4.74
C GLU A 64 -11.25 -7.14 4.54
N ARG A 65 -10.50 -6.35 5.35
CA ARG A 65 -10.47 -4.88 5.20
C ARG A 65 -9.79 -4.50 3.88
N ALA A 66 -8.63 -5.13 3.63
CA ALA A 66 -7.78 -4.85 2.46
C ALA A 66 -8.54 -5.02 1.13
N LYS A 67 -9.20 -6.18 0.97
CA LYS A 67 -9.88 -6.56 -0.30
C LYS A 67 -11.11 -5.67 -0.58
N ASP A 68 -11.75 -5.15 0.49
CA ASP A 68 -12.86 -4.18 0.37
C ASP A 68 -12.35 -2.84 -0.21
N ILE A 69 -11.30 -2.32 0.45
CA ILE A 69 -10.63 -1.06 0.07
C ILE A 69 -10.03 -1.18 -1.35
N ALA A 70 -9.58 -2.41 -1.68
CA ALA A 70 -8.94 -2.75 -2.95
C ALA A 70 -9.94 -2.77 -4.11
N GLU A 71 -11.11 -3.40 -3.88
CA GLU A 71 -12.18 -3.47 -4.89
C GLU A 71 -12.68 -2.07 -5.23
N TYR A 72 -12.88 -1.26 -4.17
CA TYR A 72 -13.36 0.12 -4.28
C TYR A 72 -12.34 0.98 -5.07
N ALA A 73 -11.06 0.84 -4.71
CA ALA A 73 -9.96 1.59 -5.33
C ALA A 73 -9.85 1.31 -6.85
N GLN A 74 -9.82 0.01 -7.22
CA GLN A 74 -9.77 -0.42 -8.64
C GLN A 74 -11.04 0.03 -9.39
N LYS A 75 -12.17 0.06 -8.66
CA LYS A 75 -13.48 0.50 -9.18
C LYS A 75 -13.48 2.01 -9.47
N GLU A 76 -12.68 2.79 -8.69
CA GLU A 76 -12.48 4.24 -8.93
C GLU A 76 -11.54 4.49 -10.13
N GLY A 77 -10.90 3.41 -10.61
CA GLY A 77 -9.96 3.46 -11.73
C GLY A 77 -8.54 3.71 -11.26
N LEU A 78 -8.22 3.22 -10.06
CA LEU A 78 -6.90 3.39 -9.42
C LEU A 78 -6.16 2.04 -9.40
N ARG A 79 -4.81 2.09 -9.51
CA ARG A 79 -3.96 0.91 -9.33
C ARG A 79 -3.86 0.54 -7.86
N VAL A 80 -4.26 -0.69 -7.53
CA VAL A 80 -4.18 -1.21 -6.17
C VAL A 80 -2.90 -2.00 -6.01
N ILE A 81 -2.00 -1.51 -5.15
CA ILE A 81 -0.75 -2.20 -4.83
C ILE A 81 -0.88 -2.76 -3.40
N VAL A 82 -0.91 -4.08 -3.25
CA VAL A 82 -0.96 -4.74 -1.93
C VAL A 82 0.46 -5.19 -1.56
N ILE A 83 1.04 -4.68 -0.47
CA ILE A 83 2.39 -5.09 0.00
C ILE A 83 2.27 -5.86 1.32
N ILE A 84 2.43 -7.18 1.24
CA ILE A 84 2.36 -8.06 2.42
C ILE A 84 3.76 -8.18 3.02
N VAL A 85 3.89 -7.77 4.27
CA VAL A 85 5.12 -7.83 5.05
C VAL A 85 4.97 -8.91 6.12
N SER A 86 5.67 -10.04 5.96
CA SER A 86 5.57 -11.17 6.89
C SER A 86 6.86 -12.00 6.86
N GLN A 87 7.22 -12.53 8.04
CA GLN A 87 8.35 -13.44 8.22
C GLN A 87 8.04 -14.85 7.67
N ASP A 88 6.75 -15.09 7.35
CA ASP A 88 6.27 -16.33 6.71
C ASP A 88 5.99 -16.08 5.22
N GLU A 89 6.78 -16.73 4.34
CA GLU A 89 6.62 -16.64 2.88
C GLU A 89 5.32 -17.29 2.38
N GLU A 90 4.75 -18.20 3.19
CA GLU A 90 3.47 -18.86 2.88
C GLU A 90 2.30 -17.87 3.10
N ALA A 91 2.46 -16.94 4.07
CA ALA A 91 1.50 -15.82 4.28
C ALA A 91 1.64 -14.78 3.17
N LEU A 92 2.91 -14.56 2.74
CA LEU A 92 3.25 -13.65 1.64
C LEU A 92 2.55 -14.08 0.35
N ARG A 93 2.74 -15.36 -0.04
CA ARG A 93 2.22 -15.92 -1.30
C ARG A 93 0.70 -16.18 -1.26
N LYS A 94 0.16 -16.50 -0.08
CA LYS A 94 -1.27 -16.76 0.12
C LYS A 94 -2.11 -15.53 -0.28
N GLY A 95 -1.72 -14.36 0.28
CA GLY A 95 -2.36 -13.09 -0.08
C GLY A 95 -1.94 -12.59 -1.45
N TYR A 96 -0.69 -12.91 -1.86
CA TYR A 96 -0.09 -12.44 -3.13
C TYR A 96 -0.92 -12.91 -4.32
N GLU A 97 -1.05 -14.24 -4.43
CA GLU A 97 -1.68 -14.89 -5.58
C GLU A 97 -3.20 -14.70 -5.57
N ASP A 98 -3.78 -14.62 -4.35
CA ASP A 98 -5.22 -14.36 -4.12
C ASP A 98 -5.65 -13.00 -4.70
N LYS A 99 -4.95 -11.94 -4.27
CA LYS A 99 -5.26 -10.54 -4.64
C LYS A 99 -4.76 -10.18 -6.06
N LYS A 100 -3.71 -10.87 -6.51
CA LYS A 100 -3.13 -10.68 -7.86
C LYS A 100 -4.14 -11.10 -8.96
N LYS A 101 -4.91 -12.19 -8.69
CA LYS A 101 -5.99 -12.67 -9.59
C LYS A 101 -7.07 -11.60 -9.81
N LYS A 102 -7.32 -10.81 -8.74
CA LYS A 102 -8.38 -9.78 -8.70
C LYS A 102 -7.97 -8.50 -9.44
N GLY A 103 -6.69 -8.45 -9.88
CA GLY A 103 -6.16 -7.35 -10.68
C GLY A 103 -5.41 -6.33 -9.86
N TYR A 104 -4.88 -6.75 -8.69
CA TYR A 104 -4.09 -5.89 -7.80
C TYR A 104 -2.60 -6.24 -7.98
N ASP A 105 -1.73 -5.23 -8.11
CA ASP A 105 -0.27 -5.44 -8.17
C ASP A 105 0.24 -5.72 -6.76
N VAL A 106 0.46 -7.00 -6.44
CA VAL A 106 0.86 -7.40 -5.08
C VAL A 106 2.38 -7.61 -5.03
N TYR A 107 2.98 -7.22 -3.91
CA TYR A 107 4.39 -7.35 -3.61
C TYR A 107 4.55 -8.09 -2.28
N THR A 108 5.54 -8.97 -2.22
CA THR A 108 5.86 -9.76 -1.03
C THR A 108 7.17 -9.24 -0.43
N SER A 109 7.29 -9.31 0.91
CA SER A 109 8.51 -8.84 1.61
C SER A 109 8.83 -9.72 2.82
N ARG A 110 10.12 -10.10 2.90
CA ARG A 110 10.71 -10.88 3.99
C ARG A 110 10.48 -10.20 5.36
N ASN A 111 10.65 -8.86 5.35
CA ASN A 111 10.44 -7.98 6.52
C ASN A 111 10.46 -6.50 6.06
N GLU A 112 10.63 -5.56 7.01
CA GLU A 112 10.65 -4.10 6.75
C GLU A 112 11.66 -3.68 5.67
N ASP A 113 12.83 -4.35 5.60
CA ASP A 113 13.91 -4.01 4.62
C ASP A 113 13.38 -4.08 3.18
N GLU A 114 12.76 -5.22 2.87
CA GLU A 114 12.22 -5.53 1.54
C GLU A 114 10.93 -4.72 1.30
N ALA A 115 10.13 -4.55 2.36
CA ALA A 115 8.85 -3.78 2.34
C ALA A 115 9.10 -2.32 1.93
N LYS A 116 10.20 -1.78 2.45
CA LYS A 116 10.64 -0.40 2.23
C LYS A 116 11.03 -0.18 0.77
N LYS A 117 11.62 -1.23 0.15
CA LYS A 117 12.00 -1.21 -1.27
C LYS A 117 10.73 -1.23 -2.15
N LYS A 118 9.85 -2.23 -1.89
CA LYS A 118 8.63 -2.49 -2.67
C LYS A 118 7.64 -1.30 -2.61
N LEU A 119 7.63 -0.61 -1.44
CA LEU A 119 6.74 0.53 -1.18
C LEU A 119 7.14 1.72 -2.04
N LYS A 120 8.46 2.01 -2.06
CA LYS A 120 9.02 3.14 -2.80
C LYS A 120 8.92 2.92 -4.32
N GLU A 121 9.06 1.66 -4.76
CA GLU A 121 8.87 1.28 -6.17
C GLU A 121 7.42 1.55 -6.61
N ALA A 122 6.46 1.19 -5.74
CA ALA A 122 5.02 1.43 -5.96
C ALA A 122 4.70 2.95 -5.94
N LEU A 123 5.46 3.69 -5.11
CA LEU A 123 5.36 5.15 -5.02
C LEU A 123 5.93 5.84 -6.27
N GLU A 124 6.99 5.25 -6.86
CA GLU A 124 7.62 5.77 -8.11
C GLU A 124 6.61 5.72 -9.28
N LYS A 125 5.78 4.65 -9.32
CA LYS A 125 4.79 4.43 -10.41
C LYS A 125 3.56 5.35 -10.24
N SER A 126 3.31 5.78 -8.97
CA SER A 126 2.23 6.73 -8.65
C SER A 126 2.69 8.18 -8.77
N GLY A 127 3.97 8.37 -9.14
CA GLY A 127 4.54 9.70 -9.38
C GLY A 127 5.13 10.34 -8.13
N SER A 128 5.06 9.63 -7.00
CA SER A 128 5.57 10.09 -5.72
C SER A 128 7.11 9.98 -5.70
N LEU A 129 7.79 11.12 -5.85
CA LEU A 129 9.25 11.20 -5.98
C LEU A 129 9.78 12.42 -5.20
N GLU A 130 10.58 12.17 -4.15
CA GLU A 130 11.28 13.23 -3.40
C GLU A 130 12.67 13.45 -4.02
N HIS A 131 13.54 12.43 -3.86
CA HIS A 131 14.90 12.42 -4.43
C HIS A 131 15.19 11.07 -5.13
N HIS A 132 16.31 11.03 -5.86
CA HIS A 132 16.78 9.84 -6.61
C HIS A 132 18.31 9.75 -6.46
N HIS A 133 18.89 8.57 -6.82
CA HIS A 133 20.36 8.32 -6.84
C HIS A 133 21.02 8.67 -5.49
N HIS A 134 21.18 7.67 -4.61
CA HIS A 134 21.68 7.87 -3.24
C HIS A 134 23.20 8.17 -3.25
N HIS A 135 24.00 7.30 -3.89
CA HIS A 135 25.47 7.50 -3.98
C HIS A 135 26.05 6.76 -5.20
N HIS A 136 25.56 5.52 -5.43
CA HIS A 136 26.06 4.64 -6.50
C HIS A 136 25.32 4.95 -7.83
N MET A 1 -5.19 9.65 -12.38
CA MET A 1 -6.35 9.29 -11.54
C MET A 1 -5.94 9.34 -10.06
N GLY A 2 -5.22 8.30 -9.62
CA GLY A 2 -4.84 8.09 -8.22
C GLY A 2 -4.36 6.66 -8.04
N VAL A 3 -3.64 6.38 -6.95
CA VAL A 3 -3.02 5.05 -6.71
C VAL A 3 -3.19 4.68 -5.23
N VAL A 4 -3.79 3.52 -4.95
CA VAL A 4 -4.04 3.07 -3.56
C VAL A 4 -3.11 1.88 -3.22
N ILE A 5 -2.17 2.14 -2.31
CA ILE A 5 -1.20 1.15 -1.82
C ILE A 5 -1.72 0.58 -0.48
N LEU A 6 -2.19 -0.68 -0.51
CA LEU A 6 -2.70 -1.38 0.68
C LEU A 6 -1.62 -2.30 1.24
N VAL A 7 -0.99 -1.89 2.34
CA VAL A 7 0.09 -2.65 2.97
C VAL A 7 -0.47 -3.49 4.14
N LEU A 8 -0.56 -4.82 3.93
CA LEU A 8 -1.03 -5.77 4.93
C LEU A 8 0.17 -6.21 5.78
N THR A 9 0.26 -5.67 7.00
CA THR A 9 1.37 -5.89 7.92
C THR A 9 0.92 -6.79 9.08
N GLY A 10 1.90 -7.42 9.73
CA GLY A 10 1.64 -8.22 10.93
C GLY A 10 1.50 -7.38 12.19
N ASP A 11 2.01 -6.13 12.15
CA ASP A 11 2.11 -5.27 13.34
C ASP A 11 2.23 -3.79 12.95
N GLU A 12 1.78 -2.89 13.86
CA GLU A 12 1.76 -1.43 13.63
C GLU A 12 3.15 -0.79 13.67
N ARG A 13 4.11 -1.40 14.38
CA ARG A 13 5.52 -0.90 14.41
C ARG A 13 6.18 -1.06 13.02
N ILE A 14 5.75 -2.11 12.29
CA ILE A 14 6.17 -2.32 10.88
C ILE A 14 5.54 -1.22 10.01
N ALA A 15 4.19 -1.11 10.14
CA ALA A 15 3.36 -0.11 9.43
C ALA A 15 3.78 1.35 9.75
N GLU A 16 4.36 1.53 10.94
CA GLU A 16 4.87 2.81 11.47
C GLU A 16 6.10 3.28 10.68
N GLU A 17 7.07 2.36 10.52
CA GLU A 17 8.30 2.61 9.75
C GLU A 17 7.99 2.94 8.28
N LEU A 18 6.92 2.30 7.79
CA LEU A 18 6.41 2.50 6.44
C LEU A 18 5.74 3.89 6.32
N ARG A 19 4.93 4.26 7.34
CA ARG A 19 4.23 5.57 7.45
C ARG A 19 5.23 6.74 7.43
N LYS A 20 6.34 6.55 8.18
CA LYS A 20 7.48 7.47 8.22
C LYS A 20 8.02 7.66 6.80
N GLU A 21 8.31 6.52 6.14
CA GLU A 21 8.99 6.49 4.85
C GLU A 21 8.15 7.17 3.75
N VAL A 22 6.81 7.06 3.85
CA VAL A 22 5.87 7.67 2.89
C VAL A 22 6.03 9.21 2.88
N GLN A 23 6.05 9.79 4.10
CA GLN A 23 6.21 11.25 4.28
C GLN A 23 7.61 11.71 3.83
N LYS A 24 8.62 10.87 4.14
CA LYS A 24 10.04 11.14 3.81
C LYS A 24 10.31 10.96 2.31
N HIS A 25 9.45 10.18 1.62
CA HIS A 25 9.55 9.92 0.17
C HIS A 25 8.81 11.02 -0.59
N ASP A 26 7.59 11.31 -0.16
CA ASP A 26 6.73 12.36 -0.75
C ASP A 26 5.78 12.88 0.36
N PRO A 27 5.92 14.18 0.78
CA PRO A 27 5.14 14.74 1.91
C PRO A 27 3.62 14.91 1.62
N ASN A 28 3.18 14.59 0.38
CA ASN A 28 1.79 14.84 -0.08
C ASN A 28 0.99 13.53 -0.18
N VAL A 29 1.68 12.36 -0.18
CA VAL A 29 1.02 11.04 -0.21
C VAL A 29 0.34 10.77 1.14
N LYS A 30 -0.97 10.46 1.09
CA LYS A 30 -1.79 10.12 2.27
C LYS A 30 -1.27 8.85 2.98
N THR A 31 -1.42 8.82 4.31
CA THR A 31 -1.22 7.61 5.13
C THR A 31 -2.46 7.42 6.01
N VAL A 32 -3.03 6.20 5.99
CA VAL A 32 -4.17 5.83 6.84
C VAL A 32 -3.78 4.54 7.61
N PRO A 33 -3.59 4.61 8.96
CA PRO A 33 -3.21 3.41 9.76
C PRO A 33 -4.36 2.40 9.90
N THR A 34 -4.05 1.24 10.55
CA THR A 34 -5.03 0.15 10.80
C THR A 34 -6.16 0.61 11.76
N LYS A 35 -5.91 1.73 12.45
CA LYS A 35 -6.88 2.43 13.29
C LYS A 35 -8.16 2.82 12.49
N ASP A 36 -7.94 3.60 11.43
CA ASP A 36 -8.99 4.35 10.72
C ASP A 36 -9.53 3.54 9.53
N LYS A 37 -10.12 2.38 9.85
CA LYS A 37 -10.59 1.38 8.85
C LYS A 37 -11.70 1.94 7.94
N GLU A 38 -12.63 2.70 8.54
CA GLU A 38 -13.75 3.33 7.81
C GLU A 38 -13.18 4.44 6.93
N LYS A 39 -12.30 5.27 7.56
CA LYS A 39 -11.76 6.50 6.97
C LYS A 39 -10.88 6.23 5.74
N VAL A 40 -10.42 4.97 5.59
CA VAL A 40 -9.65 4.53 4.40
C VAL A 40 -10.40 4.91 3.11
N LYS A 41 -11.68 4.51 3.04
CA LYS A 41 -12.58 4.71 1.89
C LYS A 41 -12.72 6.20 1.54
N GLU A 42 -12.84 7.03 2.61
CA GLU A 42 -12.91 8.50 2.49
C GLU A 42 -11.64 9.07 1.85
N GLU A 43 -10.48 8.64 2.37
CA GLU A 43 -9.16 9.19 2.00
C GLU A 43 -8.70 8.68 0.61
N ILE A 44 -9.24 7.53 0.16
CA ILE A 44 -9.03 7.00 -1.21
C ILE A 44 -9.58 7.99 -2.24
N GLU A 45 -10.88 8.36 -2.06
CA GLU A 45 -11.57 9.30 -2.95
C GLU A 45 -10.93 10.71 -2.85
N LYS A 46 -10.46 11.06 -1.64
CA LYS A 46 -9.70 12.31 -1.40
C LYS A 46 -8.39 12.31 -2.23
N ALA A 47 -7.65 11.20 -2.17
CA ALA A 47 -6.32 11.08 -2.79
C ALA A 47 -6.42 11.25 -4.31
N ARG A 48 -7.33 10.47 -4.93
CA ARG A 48 -7.54 10.49 -6.38
C ARG A 48 -8.11 11.84 -6.87
N LYS A 49 -8.91 12.51 -6.00
CA LYS A 49 -9.53 13.82 -6.31
C LYS A 49 -8.43 14.91 -6.34
N GLN A 50 -7.40 14.72 -5.51
CA GLN A 50 -6.24 15.62 -5.44
C GLN A 50 -5.10 15.17 -6.40
N GLY A 51 -5.27 13.99 -7.03
CA GLY A 51 -4.29 13.47 -8.00
C GLY A 51 -3.01 12.93 -7.35
N ARG A 52 -3.20 12.25 -6.22
CA ARG A 52 -2.09 11.75 -5.35
C ARG A 52 -2.33 10.27 -4.98
N PRO A 53 -1.24 9.53 -4.59
CA PRO A 53 -1.38 8.19 -4.01
C PRO A 53 -1.82 8.24 -2.52
N ILE A 54 -2.17 7.07 -2.00
CA ILE A 54 -2.53 6.88 -0.59
C ILE A 54 -1.99 5.52 -0.13
N VAL A 55 -1.14 5.51 0.89
CA VAL A 55 -0.64 4.27 1.51
C VAL A 55 -1.47 3.97 2.77
N VAL A 56 -2.33 2.98 2.63
CA VAL A 56 -3.18 2.42 3.68
C VAL A 56 -2.45 1.27 4.38
N PHE A 57 -2.63 1.17 5.69
CA PHE A 57 -2.08 0.10 6.51
C PHE A 57 -3.25 -0.75 7.02
N VAL A 58 -3.24 -2.02 6.61
CA VAL A 58 -4.23 -3.04 7.00
C VAL A 58 -3.45 -4.18 7.70
N ARG A 59 -4.09 -4.92 8.62
CA ARG A 59 -3.47 -6.11 9.24
C ARG A 59 -3.67 -7.36 8.35
N GLY A 60 -2.83 -8.40 8.56
CA GLY A 60 -2.97 -9.70 7.88
C GLY A 60 -4.22 -10.47 8.32
N GLY A 61 -4.64 -10.24 9.58
CA GLY A 61 -5.91 -10.78 10.11
C GLY A 61 -7.12 -9.89 9.82
N ASP A 62 -6.86 -8.82 9.04
CA ASP A 62 -7.88 -7.84 8.59
C ASP A 62 -7.98 -7.92 7.04
N ASP A 63 -7.63 -9.12 6.53
CA ASP A 63 -7.42 -9.42 5.09
C ASP A 63 -8.70 -9.23 4.26
N GLU A 64 -9.87 -9.60 4.83
CA GLU A 64 -11.18 -9.44 4.17
C GLU A 64 -11.45 -7.97 3.83
N ARG A 65 -11.20 -7.09 4.81
CA ARG A 65 -11.34 -5.65 4.62
C ARG A 65 -10.38 -5.15 3.51
N ALA A 66 -9.14 -5.69 3.50
CA ALA A 66 -8.11 -5.31 2.51
C ALA A 66 -8.56 -5.53 1.04
N LYS A 67 -9.09 -6.75 0.74
CA LYS A 67 -9.57 -7.11 -0.61
C LYS A 67 -10.84 -6.33 -1.02
N ASP A 68 -11.67 -5.92 -0.01
CA ASP A 68 -12.84 -5.03 -0.25
C ASP A 68 -12.40 -3.60 -0.60
N ILE A 69 -11.35 -3.11 0.09
CA ILE A 69 -10.77 -1.77 -0.15
C ILE A 69 -10.09 -1.75 -1.54
N ALA A 70 -9.46 -2.89 -1.88
CA ALA A 70 -8.80 -3.12 -3.18
C ALA A 70 -9.82 -3.15 -4.32
N GLU A 71 -10.97 -3.78 -4.03
CA GLU A 71 -12.13 -3.85 -4.94
C GLU A 71 -12.71 -2.45 -5.20
N TYR A 72 -12.77 -1.64 -4.12
CA TYR A 72 -13.26 -0.26 -4.18
C TYR A 72 -12.31 0.62 -5.03
N ALA A 73 -11.00 0.49 -4.75
CA ALA A 73 -9.95 1.26 -5.42
C ALA A 73 -9.89 0.98 -6.94
N GLN A 74 -10.08 -0.30 -7.29
CA GLN A 74 -10.12 -0.77 -8.70
C GLN A 74 -11.38 -0.23 -9.40
N LYS A 75 -12.50 -0.18 -8.63
CA LYS A 75 -13.79 0.38 -9.10
C LYS A 75 -13.65 1.90 -9.39
N GLU A 76 -12.83 2.59 -8.57
CA GLU A 76 -12.53 4.03 -8.74
C GLU A 76 -11.59 4.26 -9.96
N GLY A 77 -11.04 3.15 -10.51
CA GLY A 77 -10.13 3.19 -11.65
C GLY A 77 -8.75 3.65 -11.24
N LEU A 78 -8.26 3.08 -10.13
CA LEU A 78 -6.96 3.44 -9.54
C LEU A 78 -6.03 2.22 -9.58
N ARG A 79 -4.70 2.48 -9.58
CA ARG A 79 -3.69 1.42 -9.51
C ARG A 79 -3.65 0.88 -8.07
N VAL A 80 -4.07 -0.39 -7.90
CA VAL A 80 -4.13 -1.04 -6.59
C VAL A 80 -2.84 -1.83 -6.39
N ILE A 81 -2.03 -1.40 -5.42
CA ILE A 81 -0.78 -2.06 -5.06
C ILE A 81 -0.96 -2.67 -3.66
N VAL A 82 -0.96 -3.99 -3.56
CA VAL A 82 -1.12 -4.71 -2.29
C VAL A 82 0.27 -5.21 -1.83
N ILE A 83 0.81 -4.66 -0.73
CA ILE A 83 2.14 -5.03 -0.20
C ILE A 83 1.95 -5.80 1.12
N ILE A 84 2.25 -7.09 1.12
CA ILE A 84 2.04 -7.96 2.29
C ILE A 84 3.40 -8.27 2.96
N VAL A 85 3.46 -8.01 4.27
CA VAL A 85 4.64 -8.20 5.11
C VAL A 85 4.38 -9.37 6.07
N SER A 86 5.08 -10.49 5.85
CA SER A 86 4.93 -11.70 6.67
C SER A 86 6.24 -12.50 6.66
N GLN A 87 6.58 -13.08 7.82
CA GLN A 87 7.70 -14.02 7.97
C GLN A 87 7.37 -15.35 7.28
N ASP A 88 6.07 -15.65 7.19
CA ASP A 88 5.54 -16.84 6.52
C ASP A 88 5.48 -16.58 5.01
N GLU A 89 6.39 -17.22 4.27
CA GLU A 89 6.41 -17.19 2.79
C GLU A 89 5.11 -17.84 2.25
N GLU A 90 4.58 -18.82 3.01
CA GLU A 90 3.29 -19.49 2.72
C GLU A 90 2.12 -18.48 2.72
N ALA A 91 2.14 -17.55 3.71
CA ALA A 91 1.14 -16.48 3.83
C ALA A 91 1.30 -15.45 2.70
N LEU A 92 2.57 -15.13 2.38
CA LEU A 92 2.94 -14.25 1.26
C LEU A 92 2.42 -14.81 -0.08
N ARG A 93 2.50 -16.15 -0.22
CA ARG A 93 2.08 -16.86 -1.44
C ARG A 93 0.55 -16.75 -1.63
N LYS A 94 -0.21 -16.97 -0.53
CA LYS A 94 -1.70 -16.90 -0.55
C LYS A 94 -2.16 -15.50 -0.96
N GLY A 95 -1.62 -14.50 -0.26
CA GLY A 95 -2.00 -13.11 -0.44
C GLY A 95 -1.54 -12.53 -1.76
N TYR A 96 -0.38 -13.01 -2.26
CA TYR A 96 0.19 -12.56 -3.54
C TYR A 96 -0.73 -12.94 -4.68
N GLU A 97 -0.97 -14.24 -4.81
CA GLU A 97 -1.66 -14.80 -5.97
C GLU A 97 -3.16 -14.47 -5.93
N ASP A 98 -3.79 -14.58 -4.75
CA ASP A 98 -5.24 -14.33 -4.56
C ASP A 98 -5.66 -12.94 -5.07
N LYS A 99 -4.90 -11.91 -4.66
CA LYS A 99 -5.19 -10.50 -5.02
C LYS A 99 -4.75 -10.20 -6.47
N LYS A 100 -3.65 -10.84 -6.91
CA LYS A 100 -3.12 -10.67 -8.29
C LYS A 100 -4.06 -11.30 -9.35
N LYS A 101 -4.82 -12.33 -8.92
CA LYS A 101 -5.89 -12.96 -9.73
C LYS A 101 -7.06 -11.98 -9.94
N LYS A 102 -7.30 -11.14 -8.92
CA LYS A 102 -8.34 -10.09 -8.96
C LYS A 102 -7.83 -8.84 -9.72
N GLY A 103 -6.58 -8.90 -10.22
CA GLY A 103 -5.98 -7.83 -11.01
C GLY A 103 -5.45 -6.68 -10.18
N TYR A 104 -4.70 -7.03 -9.12
CA TYR A 104 -3.99 -6.05 -8.27
C TYR A 104 -2.47 -6.30 -8.40
N ASP A 105 -1.67 -5.22 -8.42
CA ASP A 105 -0.20 -5.30 -8.43
C ASP A 105 0.29 -5.61 -7.01
N VAL A 106 0.61 -6.89 -6.75
CA VAL A 106 0.95 -7.34 -5.39
C VAL A 106 2.48 -7.51 -5.25
N TYR A 107 2.99 -7.11 -4.08
CA TYR A 107 4.40 -7.17 -3.70
C TYR A 107 4.50 -7.93 -2.38
N THR A 108 5.46 -8.85 -2.28
CA THR A 108 5.72 -9.63 -1.08
C THR A 108 7.03 -9.15 -0.43
N SER A 109 7.05 -9.09 0.90
CA SER A 109 8.22 -8.65 1.67
C SER A 109 8.51 -9.67 2.77
N ARG A 110 9.80 -10.06 2.87
CA ARG A 110 10.27 -11.02 3.87
C ARG A 110 10.49 -10.34 5.24
N ASN A 111 10.61 -9.00 5.22
CA ASN A 111 10.90 -8.18 6.41
C ASN A 111 10.55 -6.70 6.17
N GLU A 112 10.86 -5.84 7.17
CA GLU A 112 10.55 -4.40 7.17
C GLU A 112 11.32 -3.64 6.07
N ASP A 113 12.62 -3.96 5.90
CA ASP A 113 13.50 -3.30 4.88
C ASP A 113 12.97 -3.54 3.47
N GLU A 114 12.49 -4.77 3.21
CA GLU A 114 11.82 -5.11 1.95
C GLU A 114 10.54 -4.31 1.78
N ALA A 115 9.70 -4.30 2.83
CA ALA A 115 8.40 -3.60 2.83
C ALA A 115 8.56 -2.11 2.53
N LYS A 116 9.60 -1.53 3.14
CA LYS A 116 9.94 -0.10 3.04
C LYS A 116 10.36 0.27 1.61
N LYS A 117 11.13 -0.65 1.01
CA LYS A 117 11.59 -0.56 -0.37
C LYS A 117 10.43 -0.87 -1.36
N LYS A 118 9.45 -1.72 -0.93
CA LYS A 118 8.27 -2.08 -1.75
C LYS A 118 7.30 -0.89 -1.89
N LEU A 119 7.16 -0.11 -0.79
CA LEU A 119 6.41 1.17 -0.80
C LEU A 119 7.03 2.12 -1.82
N LYS A 120 8.38 2.15 -1.85
CA LYS A 120 9.13 2.95 -2.84
C LYS A 120 8.88 2.43 -4.27
N GLU A 121 8.77 1.10 -4.44
CA GLU A 121 8.44 0.48 -5.75
C GLU A 121 7.05 0.90 -6.25
N ALA A 122 6.12 1.12 -5.31
CA ALA A 122 4.76 1.58 -5.61
C ALA A 122 4.76 3.08 -5.94
N LEU A 123 5.38 3.88 -5.03
CA LEU A 123 5.33 5.35 -5.05
C LEU A 123 6.10 5.94 -6.25
N GLU A 124 7.32 5.42 -6.49
CA GLU A 124 8.18 5.86 -7.60
C GLU A 124 7.51 5.73 -8.98
N LYS A 125 6.81 4.61 -9.19
CA LYS A 125 6.12 4.30 -10.45
C LYS A 125 4.76 5.03 -10.56
N SER A 126 4.24 5.54 -9.42
CA SER A 126 2.89 6.14 -9.34
C SER A 126 2.90 7.68 -9.48
N GLY A 127 4.07 8.31 -9.24
CA GLY A 127 4.20 9.78 -9.36
C GLY A 127 5.07 10.42 -8.29
N SER A 128 5.34 9.68 -7.21
CA SER A 128 6.19 10.15 -6.10
C SER A 128 7.63 9.64 -6.31
N LEU A 129 8.54 10.53 -6.77
CA LEU A 129 9.88 10.19 -7.32
C LEU A 129 9.73 9.51 -8.68
N GLU A 130 9.35 10.31 -9.68
CA GLU A 130 9.18 9.87 -11.07
C GLU A 130 10.54 9.58 -11.73
N HIS A 131 10.50 8.77 -12.81
CA HIS A 131 11.69 8.32 -13.58
C HIS A 131 12.54 7.34 -12.74
N HIS A 132 12.77 6.12 -13.27
CA HIS A 132 13.38 5.00 -12.54
C HIS A 132 14.72 5.39 -11.88
N HIS A 133 14.66 5.53 -10.53
CA HIS A 133 15.78 5.92 -9.66
C HIS A 133 16.86 4.82 -9.70
N HIS A 134 18.13 5.23 -9.98
CA HIS A 134 19.26 4.31 -10.23
C HIS A 134 19.46 3.30 -9.07
N HIS A 135 19.46 3.83 -7.83
CA HIS A 135 19.53 3.01 -6.58
C HIS A 135 20.90 2.29 -6.44
N HIS A 136 21.67 2.66 -5.40
CA HIS A 136 22.93 1.98 -5.05
C HIS A 136 22.60 0.62 -4.38
N MET A 1 -6.19 8.17 -12.62
CA MET A 1 -6.84 9.15 -11.73
C MET A 1 -6.20 9.12 -10.31
N GLY A 2 -5.33 8.12 -10.08
CA GLY A 2 -4.63 7.94 -8.79
C GLY A 2 -4.23 6.49 -8.59
N VAL A 3 -3.59 6.17 -7.44
CA VAL A 3 -3.21 4.78 -7.06
C VAL A 3 -3.40 4.61 -5.54
N VAL A 4 -3.83 3.41 -5.12
CA VAL A 4 -3.96 3.05 -3.70
C VAL A 4 -3.03 1.87 -3.39
N ILE A 5 -2.02 2.12 -2.55
CA ILE A 5 -1.10 1.09 -2.07
C ILE A 5 -1.62 0.56 -0.72
N LEU A 6 -2.13 -0.68 -0.70
CA LEU A 6 -2.60 -1.36 0.52
C LEU A 6 -1.48 -2.24 1.07
N VAL A 7 -0.81 -1.77 2.12
CA VAL A 7 0.25 -2.53 2.81
C VAL A 7 -0.37 -3.34 3.97
N LEU A 8 -0.54 -4.65 3.76
CA LEU A 8 -1.04 -5.58 4.78
C LEU A 8 0.16 -6.11 5.58
N THR A 9 0.28 -5.64 6.84
CA THR A 9 1.43 -5.92 7.70
C THR A 9 1.06 -6.96 8.77
N GLY A 10 1.98 -7.90 9.02
CA GLY A 10 1.81 -8.93 10.05
C GLY A 10 2.25 -8.45 11.42
N ASP A 11 2.91 -7.29 11.42
CA ASP A 11 3.23 -6.52 12.62
C ASP A 11 2.73 -5.08 12.41
N GLU A 12 1.91 -4.58 13.33
CA GLU A 12 1.35 -3.21 13.27
C GLU A 12 2.47 -2.15 13.39
N ARG A 13 3.60 -2.54 14.03
CA ARG A 13 4.80 -1.70 14.15
C ARG A 13 5.34 -1.29 12.76
N ILE A 14 5.29 -2.25 11.81
CA ILE A 14 5.73 -2.03 10.41
C ILE A 14 4.94 -0.85 9.78
N ALA A 15 3.63 -0.80 10.09
CA ALA A 15 2.71 0.22 9.57
C ALA A 15 3.16 1.64 9.92
N GLU A 16 3.66 1.83 11.16
CA GLU A 16 4.12 3.14 11.67
C GLU A 16 5.49 3.49 11.07
N GLU A 17 6.44 2.54 11.17
CA GLU A 17 7.86 2.80 10.85
C GLU A 17 8.08 3.05 9.34
N LEU A 18 7.23 2.43 8.50
CA LEU A 18 7.21 2.71 7.06
C LEU A 18 6.53 4.07 6.78
N ARG A 19 5.43 4.33 7.49
CA ARG A 19 4.56 5.53 7.26
C ARG A 19 5.35 6.84 7.40
N LYS A 20 6.10 6.94 8.52
CA LYS A 20 6.91 8.11 8.84
C LYS A 20 7.99 8.35 7.77
N GLU A 21 8.51 7.24 7.20
CA GLU A 21 9.57 7.25 6.18
C GLU A 21 9.01 7.65 4.80
N VAL A 22 7.76 7.22 4.51
CA VAL A 22 7.03 7.56 3.27
C VAL A 22 6.74 9.07 3.24
N GLN A 23 6.52 9.66 4.43
CA GLN A 23 6.33 11.11 4.57
C GLN A 23 7.65 11.87 4.30
N LYS A 24 8.79 11.21 4.56
CA LYS A 24 10.12 11.77 4.24
C LYS A 24 10.41 11.69 2.72
N HIS A 25 9.87 10.62 2.08
CA HIS A 25 10.00 10.40 0.63
C HIS A 25 9.15 11.44 -0.14
N ASP A 26 7.89 11.60 0.30
CA ASP A 26 6.91 12.55 -0.25
C ASP A 26 5.83 12.80 0.82
N PRO A 27 5.78 14.04 1.43
CA PRO A 27 4.80 14.38 2.50
C PRO A 27 3.36 14.54 1.99
N ASN A 28 3.17 14.57 0.66
CA ASN A 28 1.85 14.80 0.05
C ASN A 28 1.11 13.45 -0.11
N VAL A 29 1.85 12.31 -0.07
CA VAL A 29 1.24 10.96 -0.06
C VAL A 29 0.42 10.79 1.22
N LYS A 30 -0.91 10.60 1.05
CA LYS A 30 -1.83 10.34 2.15
C LYS A 30 -1.59 8.92 2.66
N THR A 31 -1.50 8.77 3.97
CA THR A 31 -1.15 7.49 4.62
C THR A 31 -2.08 7.28 5.81
N VAL A 32 -2.86 6.18 5.78
CA VAL A 32 -3.89 5.91 6.78
C VAL A 32 -3.46 4.70 7.64
N PRO A 33 -3.36 4.85 9.00
CA PRO A 33 -3.03 3.71 9.89
C PRO A 33 -4.20 2.72 10.04
N THR A 34 -3.92 1.56 10.64
CA THR A 34 -4.83 0.41 10.67
C THR A 34 -6.12 0.70 11.49
N LYS A 35 -5.96 1.53 12.55
CA LYS A 35 -7.07 1.90 13.45
C LYS A 35 -8.07 2.88 12.78
N ASP A 36 -7.59 3.60 11.75
CA ASP A 36 -8.42 4.54 10.99
C ASP A 36 -8.86 3.93 9.64
N LYS A 37 -9.02 2.58 9.60
CA LYS A 37 -9.46 1.86 8.36
C LYS A 37 -10.87 2.29 7.92
N GLU A 38 -11.61 2.91 8.85
CA GLU A 38 -12.94 3.48 8.59
C GLU A 38 -12.86 4.66 7.59
N LYS A 39 -11.78 5.45 7.71
CA LYS A 39 -11.53 6.64 6.86
C LYS A 39 -10.87 6.27 5.53
N VAL A 40 -10.33 5.03 5.39
CA VAL A 40 -9.61 4.60 4.18
C VAL A 40 -10.46 4.82 2.91
N LYS A 41 -11.74 4.43 2.99
CA LYS A 41 -12.70 4.58 1.89
C LYS A 41 -12.87 6.05 1.46
N GLU A 42 -12.90 6.96 2.46
CA GLU A 42 -12.99 8.41 2.25
C GLU A 42 -11.73 8.93 1.54
N GLU A 43 -10.57 8.58 2.12
CA GLU A 43 -9.26 9.11 1.70
C GLU A 43 -8.85 8.60 0.30
N ILE A 44 -9.36 7.42 -0.10
CA ILE A 44 -9.19 6.89 -1.48
C ILE A 44 -9.92 7.78 -2.49
N GLU A 45 -11.17 8.16 -2.13
CA GLU A 45 -12.02 9.03 -2.97
C GLU A 45 -11.45 10.47 -3.03
N LYS A 46 -10.81 10.90 -1.94
CA LYS A 46 -10.16 12.22 -1.83
C LYS A 46 -8.84 12.23 -2.62
N ALA A 47 -8.09 11.11 -2.55
CA ALA A 47 -6.83 10.94 -3.30
C ALA A 47 -7.11 10.77 -4.80
N ARG A 48 -8.27 10.19 -5.13
CA ARG A 48 -8.78 10.09 -6.51
C ARG A 48 -8.92 11.49 -7.14
N LYS A 49 -9.55 12.39 -6.38
CA LYS A 49 -9.87 13.76 -6.81
C LYS A 49 -8.57 14.58 -6.94
N GLN A 50 -7.65 14.38 -5.99
CA GLN A 50 -6.37 15.14 -5.92
C GLN A 50 -5.28 14.49 -6.79
N GLY A 51 -5.56 13.27 -7.30
CA GLY A 51 -4.61 12.49 -8.10
C GLY A 51 -3.44 11.91 -7.29
N ARG A 52 -3.57 11.93 -5.96
CA ARG A 52 -2.53 11.50 -5.03
C ARG A 52 -2.48 9.97 -4.90
N PRO A 53 -1.26 9.37 -4.74
CA PRO A 53 -1.12 8.01 -4.21
C PRO A 53 -1.39 8.00 -2.70
N ILE A 54 -2.17 7.02 -2.25
CA ILE A 54 -2.50 6.83 -0.83
C ILE A 54 -1.98 5.47 -0.37
N VAL A 55 -1.12 5.46 0.65
CA VAL A 55 -0.63 4.23 1.27
C VAL A 55 -1.48 3.93 2.51
N VAL A 56 -2.34 2.94 2.36
CA VAL A 56 -3.19 2.39 3.43
C VAL A 56 -2.44 1.29 4.16
N PHE A 57 -2.59 1.24 5.49
CA PHE A 57 -2.00 0.17 6.31
C PHE A 57 -3.14 -0.69 6.88
N VAL A 58 -2.98 -2.02 6.73
CA VAL A 58 -3.98 -3.03 7.09
C VAL A 58 -3.33 -4.02 8.07
N ARG A 59 -4.03 -4.37 9.17
CA ARG A 59 -3.45 -5.15 10.27
C ARG A 59 -3.74 -6.66 10.06
N GLY A 60 -3.00 -7.27 9.13
CA GLY A 60 -2.98 -8.72 8.89
C GLY A 60 -4.35 -9.37 8.63
N GLY A 61 -5.04 -9.71 9.74
CA GLY A 61 -6.36 -10.38 9.71
C GLY A 61 -7.47 -9.55 9.05
N ASP A 62 -7.24 -8.23 8.84
CA ASP A 62 -8.17 -7.36 8.06
C ASP A 62 -8.02 -7.61 6.52
N ASP A 63 -7.38 -8.75 6.16
CA ASP A 63 -7.16 -9.22 4.77
C ASP A 63 -8.45 -9.23 3.94
N GLU A 64 -9.52 -9.76 4.56
CA GLU A 64 -10.86 -9.88 3.95
C GLU A 64 -11.41 -8.50 3.59
N ARG A 65 -11.15 -7.52 4.47
CA ARG A 65 -11.61 -6.13 4.31
C ARG A 65 -10.76 -5.38 3.29
N ALA A 66 -9.45 -5.71 3.26
CA ALA A 66 -8.46 -5.04 2.40
C ALA A 66 -8.73 -5.27 0.91
N LYS A 67 -9.25 -6.46 0.58
CA LYS A 67 -9.59 -6.82 -0.83
C LYS A 67 -10.91 -6.16 -1.27
N ASP A 68 -11.83 -5.89 -0.31
CA ASP A 68 -13.05 -5.07 -0.56
C ASP A 68 -12.65 -3.61 -0.82
N ILE A 69 -11.67 -3.14 -0.05
CA ILE A 69 -11.06 -1.81 -0.19
C ILE A 69 -10.29 -1.73 -1.54
N ALA A 70 -9.69 -2.85 -1.94
CA ALA A 70 -8.97 -2.99 -3.21
C ALA A 70 -9.92 -2.90 -4.41
N GLU A 71 -11.10 -3.52 -4.26
CA GLU A 71 -12.15 -3.45 -5.27
C GLU A 71 -12.65 -2.01 -5.40
N TYR A 72 -12.90 -1.35 -4.24
CA TYR A 72 -13.37 0.04 -4.18
C TYR A 72 -12.39 0.98 -4.90
N ALA A 73 -11.10 0.81 -4.62
CA ALA A 73 -10.01 1.60 -5.23
C ALA A 73 -10.00 1.43 -6.76
N GLN A 74 -10.21 0.17 -7.21
CA GLN A 74 -10.29 -0.18 -8.64
C GLN A 74 -11.56 0.43 -9.30
N LYS A 75 -12.65 0.54 -8.49
CA LYS A 75 -13.94 1.16 -8.90
C LYS A 75 -13.78 2.69 -9.05
N GLU A 76 -12.85 3.28 -8.29
CA GLU A 76 -12.55 4.72 -8.38
C GLU A 76 -11.70 5.07 -9.63
N GLY A 77 -11.35 4.04 -10.41
CA GLY A 77 -10.50 4.20 -11.59
C GLY A 77 -9.03 4.35 -11.22
N LEU A 78 -8.67 3.79 -10.04
CA LEU A 78 -7.29 3.85 -9.50
C LEU A 78 -6.64 2.47 -9.62
N ARG A 79 -5.30 2.42 -9.68
CA ARG A 79 -4.54 1.16 -9.65
C ARG A 79 -4.38 0.73 -8.19
N VAL A 80 -4.37 -0.60 -7.97
CA VAL A 80 -4.26 -1.18 -6.62
C VAL A 80 -2.96 -1.98 -6.50
N ILE A 81 -2.07 -1.51 -5.62
CA ILE A 81 -0.85 -2.20 -5.26
C ILE A 81 -1.02 -2.77 -3.85
N VAL A 82 -0.95 -4.09 -3.71
CA VAL A 82 -1.08 -4.78 -2.40
C VAL A 82 0.31 -5.26 -1.96
N ILE A 83 0.84 -4.72 -0.85
CA ILE A 83 2.16 -5.11 -0.31
C ILE A 83 1.98 -5.86 1.02
N ILE A 84 2.30 -7.16 1.01
CA ILE A 84 2.17 -8.00 2.20
C ILE A 84 3.54 -8.07 2.90
N VAL A 85 3.60 -7.70 4.19
CA VAL A 85 4.81 -7.78 5.02
C VAL A 85 4.59 -8.89 6.06
N SER A 86 5.26 -10.04 5.88
CA SER A 86 5.17 -11.18 6.81
C SER A 86 6.47 -12.00 6.72
N GLN A 87 6.94 -12.54 7.85
CA GLN A 87 8.17 -13.38 7.91
C GLN A 87 7.85 -14.85 7.56
N ASP A 88 6.85 -15.07 6.70
CA ASP A 88 6.38 -16.40 6.32
C ASP A 88 5.96 -16.37 4.84
N GLU A 89 6.67 -17.15 4.00
CA GLU A 89 6.44 -17.24 2.55
C GLU A 89 5.04 -17.76 2.19
N GLU A 90 4.44 -18.57 3.08
CA GLU A 90 3.10 -19.14 2.87
C GLU A 90 2.03 -18.05 3.04
N ALA A 91 2.19 -17.20 4.07
CA ALA A 91 1.26 -16.07 4.35
C ALA A 91 1.39 -14.99 3.27
N LEU A 92 2.65 -14.80 2.81
CA LEU A 92 2.96 -13.89 1.71
C LEU A 92 2.29 -14.34 0.40
N ARG A 93 2.46 -15.63 0.05
CA ARG A 93 2.08 -16.13 -1.28
C ARG A 93 0.55 -16.34 -1.43
N LYS A 94 -0.14 -16.69 -0.33
CA LYS A 94 -1.60 -16.90 -0.37
C LYS A 94 -2.33 -15.60 -0.67
N GLY A 95 -1.90 -14.52 0.00
CA GLY A 95 -2.43 -13.19 -0.28
C GLY A 95 -1.97 -12.65 -1.63
N TYR A 96 -0.71 -12.96 -1.98
CA TYR A 96 -0.07 -12.54 -3.24
C TYR A 96 -0.88 -13.01 -4.44
N GLU A 97 -1.09 -14.33 -4.50
CA GLU A 97 -1.88 -14.96 -5.55
C GLU A 97 -3.31 -14.42 -5.55
N ASP A 98 -3.91 -14.35 -4.34
CA ASP A 98 -5.33 -14.00 -4.15
C ASP A 98 -5.71 -12.67 -4.84
N LYS A 99 -4.96 -11.60 -4.53
CA LYS A 99 -5.20 -10.25 -5.09
C LYS A 99 -4.67 -10.13 -6.54
N LYS A 100 -3.60 -10.87 -6.87
CA LYS A 100 -2.98 -10.85 -8.23
C LYS A 100 -3.94 -11.45 -9.27
N LYS A 101 -4.70 -12.47 -8.84
CA LYS A 101 -5.73 -13.16 -9.65
C LYS A 101 -6.98 -12.28 -9.81
N LYS A 102 -7.11 -11.27 -8.91
CA LYS A 102 -8.14 -10.22 -9.01
C LYS A 102 -7.65 -9.03 -9.86
N GLY A 103 -6.44 -9.17 -10.46
CA GLY A 103 -5.89 -8.19 -11.40
C GLY A 103 -4.95 -7.19 -10.74
N TYR A 104 -4.87 -7.20 -9.39
CA TYR A 104 -4.08 -6.21 -8.63
C TYR A 104 -2.58 -6.56 -8.70
N ASP A 105 -1.73 -5.53 -8.65
CA ASP A 105 -0.27 -5.71 -8.69
C ASP A 105 0.24 -5.87 -7.24
N VAL A 106 0.64 -7.10 -6.87
CA VAL A 106 0.97 -7.43 -5.48
C VAL A 106 2.49 -7.57 -5.29
N TYR A 107 3.04 -6.80 -4.35
CA TYR A 107 4.42 -6.96 -3.85
C TYR A 107 4.36 -7.77 -2.53
N THR A 108 5.47 -8.45 -2.20
CA THR A 108 5.63 -9.21 -0.94
C THR A 108 7.00 -8.91 -0.30
N SER A 109 7.09 -9.09 1.03
CA SER A 109 8.28 -8.73 1.81
C SER A 109 8.40 -9.62 3.05
N ARG A 110 9.62 -10.12 3.32
CA ARG A 110 9.88 -11.03 4.46
C ARG A 110 10.11 -10.23 5.76
N ASN A 111 10.49 -8.94 5.64
CA ASN A 111 10.65 -8.05 6.81
C ASN A 111 10.57 -6.58 6.34
N GLU A 112 10.85 -5.63 7.28
CA GLU A 112 10.81 -4.18 7.02
C GLU A 112 11.70 -3.78 5.84
N ASP A 113 12.93 -4.32 5.76
CA ASP A 113 13.89 -3.95 4.68
C ASP A 113 13.28 -4.12 3.29
N GLU A 114 12.67 -5.30 3.04
CA GLU A 114 11.97 -5.58 1.79
C GLU A 114 10.67 -4.76 1.68
N ALA A 115 10.02 -4.47 2.83
CA ALA A 115 8.74 -3.74 2.88
C ALA A 115 8.91 -2.30 2.38
N LYS A 116 9.93 -1.61 2.92
CA LYS A 116 10.35 -0.26 2.49
C LYS A 116 10.76 -0.26 1.01
N LYS A 117 11.45 -1.33 0.59
CA LYS A 117 11.93 -1.52 -0.79
C LYS A 117 10.71 -1.53 -1.75
N LYS A 118 9.75 -2.42 -1.43
CA LYS A 118 8.55 -2.65 -2.26
C LYS A 118 7.60 -1.45 -2.21
N LEU A 119 7.61 -0.74 -1.07
CA LEU A 119 6.70 0.39 -0.81
C LEU A 119 7.12 1.62 -1.61
N LYS A 120 8.42 1.93 -1.61
CA LYS A 120 8.96 3.05 -2.38
C LYS A 120 9.02 2.72 -3.88
N GLU A 121 9.13 1.41 -4.23
CA GLU A 121 8.86 0.93 -5.59
C GLU A 121 7.43 1.31 -6.01
N ALA A 122 6.46 1.03 -5.12
CA ALA A 122 5.03 1.32 -5.33
C ALA A 122 4.76 2.84 -5.40
N LEU A 123 5.58 3.63 -4.66
CA LEU A 123 5.49 5.11 -4.68
C LEU A 123 5.95 5.68 -6.04
N GLU A 124 7.05 5.14 -6.58
CA GLU A 124 7.55 5.55 -7.91
C GLU A 124 6.66 4.98 -9.04
N LYS A 125 6.05 3.82 -8.77
CA LYS A 125 5.17 3.09 -9.70
C LYS A 125 3.78 3.76 -9.75
N SER A 126 3.41 4.41 -8.64
CA SER A 126 2.19 5.23 -8.58
C SER A 126 2.43 6.58 -9.24
N GLY A 127 3.69 7.04 -9.18
CA GLY A 127 4.15 8.23 -9.90
C GLY A 127 4.61 9.38 -9.02
N SER A 128 4.76 9.16 -7.69
CA SER A 128 5.28 10.20 -6.77
C SER A 128 6.80 10.40 -7.01
N LEU A 129 7.50 9.27 -7.26
CA LEU A 129 8.96 9.23 -7.57
C LEU A 129 9.82 9.67 -6.37
N GLU A 130 11.14 9.42 -6.48
CA GLU A 130 12.12 9.86 -5.48
C GLU A 130 12.52 11.32 -5.75
N HIS A 131 12.21 12.21 -4.79
CA HIS A 131 12.51 13.65 -4.88
C HIS A 131 14.00 13.88 -4.52
N HIS A 132 14.47 13.05 -3.60
CA HIS A 132 15.88 12.98 -3.20
C HIS A 132 16.52 11.72 -3.83
N HIS A 133 17.84 11.60 -3.71
CA HIS A 133 18.60 10.42 -4.17
C HIS A 133 19.51 9.94 -3.05
N HIS A 134 19.74 8.62 -2.99
CA HIS A 134 20.68 8.00 -2.03
C HIS A 134 21.90 7.45 -2.79
N HIS A 135 23.09 8.02 -2.50
CA HIS A 135 24.36 7.65 -3.19
C HIS A 135 25.54 8.33 -2.50
N HIS A 136 26.54 7.51 -2.07
CA HIS A 136 27.79 7.96 -1.42
C HIS A 136 27.48 8.74 -0.10
N MET A 1 -4.58 7.58 -12.58
CA MET A 1 -3.87 8.70 -11.92
C MET A 1 -3.69 8.39 -10.41
N GLY A 2 -4.85 8.23 -9.71
CA GLY A 2 -4.84 7.88 -8.29
C GLY A 2 -4.35 6.45 -8.06
N VAL A 3 -3.46 6.27 -7.09
CA VAL A 3 -2.88 4.96 -6.73
C VAL A 3 -3.19 4.65 -5.27
N VAL A 4 -3.69 3.44 -4.98
CA VAL A 4 -4.01 3.00 -3.61
C VAL A 4 -3.12 1.81 -3.24
N ILE A 5 -2.19 2.04 -2.30
CA ILE A 5 -1.19 1.07 -1.88
C ILE A 5 -1.62 0.45 -0.52
N LEU A 6 -2.07 -0.82 -0.54
CA LEU A 6 -2.54 -1.51 0.68
C LEU A 6 -1.39 -2.34 1.28
N VAL A 7 -0.75 -1.82 2.32
CA VAL A 7 0.33 -2.53 3.00
C VAL A 7 -0.24 -3.35 4.18
N LEU A 8 -0.31 -4.69 3.98
CA LEU A 8 -0.78 -5.65 4.99
C LEU A 8 0.43 -6.10 5.82
N THR A 9 0.57 -5.58 7.04
CA THR A 9 1.68 -5.98 7.93
C THR A 9 1.12 -6.86 9.05
N GLY A 10 1.75 -8.03 9.28
CA GLY A 10 1.46 -8.86 10.45
C GLY A 10 2.04 -8.23 11.70
N ASP A 11 3.19 -7.55 11.50
CA ASP A 11 3.88 -6.80 12.54
C ASP A 11 3.51 -5.31 12.40
N GLU A 12 2.72 -4.82 13.36
CA GLU A 12 2.11 -3.47 13.33
C GLU A 12 3.17 -2.37 13.55
N ARG A 13 4.27 -2.71 14.23
CA ARG A 13 5.41 -1.81 14.50
C ARG A 13 6.04 -1.33 13.16
N ILE A 14 6.24 -2.31 12.25
CA ILE A 14 6.78 -2.08 10.89
C ILE A 14 5.89 -1.08 10.11
N ALA A 15 4.56 -1.19 10.26
CA ALA A 15 3.58 -0.33 9.55
C ALA A 15 3.77 1.17 9.84
N GLU A 16 4.16 1.52 11.09
CA GLU A 16 4.39 2.92 11.50
C GLU A 16 5.70 3.45 10.84
N GLU A 17 6.74 2.59 10.81
CA GLU A 17 8.07 2.93 10.24
C GLU A 17 7.99 3.15 8.73
N LEU A 18 7.16 2.33 8.08
CA LEU A 18 6.85 2.45 6.65
C LEU A 18 6.10 3.76 6.37
N ARG A 19 5.21 4.16 7.31
CA ARG A 19 4.43 5.41 7.19
C ARG A 19 5.35 6.64 7.22
N LYS A 20 6.29 6.65 8.19
CA LYS A 20 7.31 7.73 8.34
C LYS A 20 8.08 7.90 7.03
N GLU A 21 8.47 6.75 6.45
CA GLU A 21 9.27 6.67 5.24
C GLU A 21 8.55 7.29 4.02
N VAL A 22 7.22 7.06 3.94
CA VAL A 22 6.37 7.63 2.88
C VAL A 22 6.28 9.17 3.01
N GLN A 23 6.09 9.64 4.25
CA GLN A 23 5.90 11.07 4.56
C GLN A 23 7.21 11.86 4.34
N LYS A 24 8.36 11.18 4.56
CA LYS A 24 9.70 11.75 4.32
C LYS A 24 10.07 11.65 2.83
N HIS A 25 9.46 10.69 2.12
CA HIS A 25 9.62 10.54 0.65
C HIS A 25 8.90 11.68 -0.06
N ASP A 26 7.67 11.99 0.40
CA ASP A 26 6.83 13.07 -0.15
C ASP A 26 5.75 13.47 0.89
N PRO A 27 5.60 14.80 1.22
CA PRO A 27 4.65 15.26 2.28
C PRO A 27 3.17 15.30 1.83
N ASN A 28 2.93 15.16 0.51
CA ASN A 28 1.58 15.28 -0.08
C ASN A 28 0.87 13.93 -0.20
N VAL A 29 1.61 12.81 -0.07
CA VAL A 29 1.03 11.46 -0.09
C VAL A 29 0.10 11.25 1.12
N LYS A 30 -1.08 10.65 0.86
CA LYS A 30 -2.05 10.28 1.91
C LYS A 30 -1.60 8.95 2.57
N THR A 31 -1.81 8.84 3.89
CA THR A 31 -1.46 7.60 4.65
C THR A 31 -2.52 7.34 5.73
N VAL A 32 -3.16 6.15 5.66
CA VAL A 32 -4.30 5.79 6.54
C VAL A 32 -3.95 4.52 7.33
N PRO A 33 -4.05 4.52 8.71
CA PRO A 33 -3.78 3.32 9.54
C PRO A 33 -4.99 2.36 9.61
N THR A 34 -4.78 1.24 10.33
CA THR A 34 -5.76 0.15 10.49
C THR A 34 -7.05 0.64 11.20
N LYS A 35 -6.84 1.50 12.21
CA LYS A 35 -7.91 2.12 13.02
C LYS A 35 -8.92 2.89 12.15
N ASP A 36 -8.41 3.56 11.10
CA ASP A 36 -9.23 4.38 10.19
C ASP A 36 -9.72 3.56 8.96
N LYS A 37 -10.04 2.26 9.17
CA LYS A 37 -10.50 1.33 8.09
C LYS A 37 -11.74 1.89 7.35
N GLU A 38 -12.67 2.45 8.12
CA GLU A 38 -13.95 2.97 7.61
C GLU A 38 -13.69 4.24 6.80
N LYS A 39 -12.69 4.99 7.27
CA LYS A 39 -12.33 6.30 6.74
C LYS A 39 -11.40 6.17 5.52
N VAL A 40 -10.83 4.95 5.30
CA VAL A 40 -9.91 4.68 4.17
C VAL A 40 -10.52 5.11 2.83
N LYS A 41 -11.72 4.60 2.56
CA LYS A 41 -12.45 4.84 1.30
C LYS A 41 -12.72 6.35 1.07
N GLU A 42 -12.88 7.07 2.19
CA GLU A 42 -13.05 8.53 2.19
C GLU A 42 -11.75 9.22 1.74
N GLU A 43 -10.62 8.78 2.32
CA GLU A 43 -9.28 9.33 2.03
C GLU A 43 -8.85 9.05 0.58
N ILE A 44 -9.27 7.88 0.05
CA ILE A 44 -9.02 7.44 -1.36
C ILE A 44 -9.61 8.46 -2.37
N GLU A 45 -10.80 8.98 -2.01
CA GLU A 45 -11.60 9.89 -2.85
C GLU A 45 -10.80 11.14 -3.27
N LYS A 46 -10.23 11.85 -2.28
CA LYS A 46 -9.44 13.08 -2.53
C LYS A 46 -8.03 12.77 -3.03
N ALA A 47 -7.43 11.65 -2.57
CA ALA A 47 -6.08 11.24 -3.02
C ALA A 47 -6.01 11.11 -4.55
N ARG A 48 -7.11 10.55 -5.10
CA ARG A 48 -7.30 10.33 -6.54
C ARG A 48 -7.25 11.64 -7.36
N LYS A 49 -8.08 12.64 -6.97
CA LYS A 49 -8.21 13.93 -7.71
C LYS A 49 -7.04 14.89 -7.44
N GLN A 50 -6.29 14.63 -6.35
CA GLN A 50 -5.07 15.39 -6.01
C GLN A 50 -3.82 14.76 -6.67
N GLY A 51 -4.04 13.69 -7.47
CA GLY A 51 -2.96 13.01 -8.21
C GLY A 51 -1.91 12.39 -7.30
N ARG A 52 -2.36 11.94 -6.13
CA ARG A 52 -1.50 11.42 -5.07
C ARG A 52 -1.73 9.91 -4.91
N PRO A 53 -0.69 9.16 -4.43
CA PRO A 53 -0.90 7.82 -3.88
C PRO A 53 -1.48 7.93 -2.44
N ILE A 54 -2.12 6.86 -1.99
CA ILE A 54 -2.58 6.72 -0.62
C ILE A 54 -2.14 5.35 -0.10
N VAL A 55 -1.32 5.36 0.95
CA VAL A 55 -0.78 4.13 1.53
C VAL A 55 -1.64 3.74 2.74
N VAL A 56 -2.48 2.74 2.52
CA VAL A 56 -3.41 2.19 3.51
C VAL A 56 -2.75 1.01 4.23
N PHE A 57 -2.43 1.21 5.50
CA PHE A 57 -1.88 0.16 6.34
C PHE A 57 -3.05 -0.65 6.94
N VAL A 58 -3.22 -1.87 6.42
CA VAL A 58 -4.12 -2.89 6.98
C VAL A 58 -3.24 -3.89 7.74
N ARG A 59 -3.74 -4.45 8.85
CA ARG A 59 -3.00 -5.50 9.56
C ARG A 59 -3.32 -6.85 8.91
N GLY A 60 -2.27 -7.63 8.58
CA GLY A 60 -2.40 -8.93 7.90
C GLY A 60 -3.18 -9.98 8.70
N GLY A 61 -3.40 -9.70 10.01
CA GLY A 61 -4.28 -10.53 10.86
C GLY A 61 -5.74 -10.50 10.41
N ASP A 62 -6.07 -9.54 9.54
CA ASP A 62 -7.37 -9.48 8.85
C ASP A 62 -7.13 -9.25 7.34
N ASP A 63 -7.23 -10.33 6.57
CA ASP A 63 -7.08 -10.32 5.10
C ASP A 63 -8.36 -9.72 4.44
N GLU A 64 -9.51 -9.92 5.12
CA GLU A 64 -10.85 -9.61 4.58
C GLU A 64 -11.08 -8.08 4.45
N ARG A 65 -10.56 -7.30 5.43
CA ARG A 65 -10.65 -5.81 5.40
C ARG A 65 -9.94 -5.24 4.17
N ALA A 66 -8.77 -5.82 3.86
CA ALA A 66 -7.95 -5.43 2.71
C ALA A 66 -8.69 -5.66 1.38
N LYS A 67 -9.53 -6.72 1.33
CA LYS A 67 -10.35 -7.07 0.15
C LYS A 67 -11.46 -6.02 -0.08
N ASP A 68 -12.11 -5.61 1.02
CA ASP A 68 -13.20 -4.59 0.99
C ASP A 68 -12.68 -3.25 0.44
N ILE A 69 -11.50 -2.87 0.92
CA ILE A 69 -10.81 -1.62 0.54
C ILE A 69 -10.27 -1.71 -0.91
N ALA A 70 -9.76 -2.90 -1.27
CA ALA A 70 -9.21 -3.18 -2.62
C ALA A 70 -10.29 -3.11 -3.70
N GLU A 71 -11.49 -3.61 -3.36
CA GLU A 71 -12.68 -3.62 -4.24
C GLU A 71 -13.11 -2.19 -4.58
N TYR A 72 -13.16 -1.33 -3.55
CA TYR A 72 -13.55 0.08 -3.69
C TYR A 72 -12.57 0.79 -4.64
N ALA A 73 -11.27 0.69 -4.32
CA ALA A 73 -10.18 1.31 -5.07
C ALA A 73 -10.14 0.83 -6.55
N GLN A 74 -10.43 -0.46 -6.73
CA GLN A 74 -10.50 -1.12 -8.04
C GLN A 74 -11.66 -0.56 -8.87
N LYS A 75 -12.79 -0.35 -8.19
CA LYS A 75 -14.04 0.14 -8.78
C LYS A 75 -13.89 1.62 -9.22
N GLU A 76 -13.04 2.37 -8.50
CA GLU A 76 -12.72 3.78 -8.84
C GLU A 76 -11.70 3.86 -10.01
N GLY A 77 -11.19 2.68 -10.44
CA GLY A 77 -10.25 2.58 -11.57
C GLY A 77 -8.83 2.93 -11.21
N LEU A 78 -8.50 2.76 -9.92
CA LEU A 78 -7.20 3.16 -9.36
C LEU A 78 -6.25 1.97 -9.29
N ARG A 79 -4.95 2.24 -9.50
CA ARG A 79 -3.89 1.22 -9.44
C ARG A 79 -3.72 0.74 -7.99
N VAL A 80 -4.19 -0.49 -7.70
CA VAL A 80 -4.17 -1.06 -6.34
C VAL A 80 -2.91 -1.93 -6.18
N ILE A 81 -2.01 -1.51 -5.28
CA ILE A 81 -0.75 -2.22 -5.00
C ILE A 81 -0.80 -2.79 -3.57
N VAL A 82 -0.87 -4.12 -3.43
CA VAL A 82 -0.96 -4.78 -2.13
C VAL A 82 0.45 -5.24 -1.69
N ILE A 83 1.02 -4.63 -0.63
CA ILE A 83 2.35 -5.02 -0.11
C ILE A 83 2.19 -5.78 1.21
N ILE A 84 2.36 -7.11 1.15
CA ILE A 84 2.18 -8.00 2.30
C ILE A 84 3.54 -8.20 3.00
N VAL A 85 3.67 -7.62 4.20
CA VAL A 85 4.84 -7.81 5.06
C VAL A 85 4.49 -8.87 6.12
N SER A 86 4.96 -10.11 5.90
CA SER A 86 4.73 -11.25 6.79
C SER A 86 5.93 -12.21 6.67
N GLN A 87 6.45 -12.66 7.83
CA GLN A 87 7.51 -13.70 7.86
C GLN A 87 6.97 -15.03 7.30
N ASP A 88 5.64 -15.22 7.43
CA ASP A 88 4.89 -16.34 6.85
C ASP A 88 4.95 -16.27 5.30
N GLU A 89 5.85 -17.06 4.71
CA GLU A 89 6.08 -17.07 3.24
C GLU A 89 4.93 -17.75 2.46
N GLU A 90 4.17 -18.62 3.14
CA GLU A 90 2.95 -19.22 2.56
C GLU A 90 1.83 -18.19 2.51
N ALA A 91 1.72 -17.35 3.56
CA ALA A 91 0.76 -16.22 3.61
C ALA A 91 1.12 -15.14 2.58
N LEU A 92 2.43 -15.00 2.31
CA LEU A 92 2.94 -14.16 1.21
C LEU A 92 2.39 -14.67 -0.13
N ARG A 93 2.54 -15.99 -0.38
CA ARG A 93 2.07 -16.64 -1.64
C ARG A 93 0.55 -16.54 -1.82
N LYS A 94 -0.22 -16.84 -0.77
CA LYS A 94 -1.71 -16.89 -0.82
C LYS A 94 -2.29 -15.52 -1.15
N GLY A 95 -1.83 -14.50 -0.40
CA GLY A 95 -2.26 -13.13 -0.62
C GLY A 95 -1.77 -12.56 -1.95
N TYR A 96 -0.56 -12.99 -2.37
CA TYR A 96 0.06 -12.52 -3.63
C TYR A 96 -0.77 -12.94 -4.83
N GLU A 97 -0.97 -14.26 -4.94
CA GLU A 97 -1.58 -14.88 -6.11
C GLU A 97 -3.08 -14.56 -6.15
N ASP A 98 -3.75 -14.58 -4.97
CA ASP A 98 -5.20 -14.29 -4.86
C ASP A 98 -5.52 -12.88 -5.36
N LYS A 99 -4.84 -11.87 -4.81
CA LYS A 99 -5.07 -10.45 -5.16
C LYS A 99 -4.64 -10.16 -6.62
N LYS A 100 -3.59 -10.85 -7.09
CA LYS A 100 -3.03 -10.66 -8.44
C LYS A 100 -4.02 -11.12 -9.54
N LYS A 101 -4.89 -12.10 -9.21
CA LYS A 101 -5.97 -12.60 -10.12
C LYS A 101 -7.00 -11.49 -10.42
N LYS A 102 -7.17 -10.59 -9.45
CA LYS A 102 -8.13 -9.47 -9.52
C LYS A 102 -7.50 -8.28 -10.29
N GLY A 103 -6.17 -8.32 -10.47
CA GLY A 103 -5.42 -7.24 -11.13
C GLY A 103 -4.78 -6.27 -10.13
N TYR A 104 -4.62 -6.73 -8.88
CA TYR A 104 -3.92 -5.97 -7.83
C TYR A 104 -2.43 -6.30 -7.92
N ASP A 105 -1.58 -5.26 -8.08
CA ASP A 105 -0.12 -5.44 -8.18
C ASP A 105 0.46 -5.71 -6.79
N VAL A 106 0.76 -6.99 -6.50
CA VAL A 106 1.15 -7.42 -5.15
C VAL A 106 2.67 -7.57 -5.07
N TYR A 107 3.23 -7.10 -3.95
CA TYR A 107 4.64 -7.27 -3.60
C TYR A 107 4.71 -8.01 -2.26
N THR A 108 5.62 -8.97 -2.16
CA THR A 108 5.79 -9.80 -0.95
C THR A 108 7.09 -9.39 -0.22
N SER A 109 7.06 -9.45 1.11
CA SER A 109 8.18 -9.04 1.97
C SER A 109 8.07 -9.74 3.32
N ARG A 110 9.22 -10.16 3.88
CA ARG A 110 9.25 -10.78 5.21
C ARG A 110 9.48 -9.72 6.28
N ASN A 111 10.22 -8.64 5.93
CA ASN A 111 10.67 -7.63 6.93
C ASN A 111 10.54 -6.18 6.37
N GLU A 112 10.90 -5.21 7.23
CA GLU A 112 10.74 -3.76 6.98
C GLU A 112 11.62 -3.27 5.81
N ASP A 113 12.85 -3.84 5.66
CA ASP A 113 13.77 -3.45 4.56
C ASP A 113 13.13 -3.77 3.20
N GLU A 114 12.68 -5.02 3.05
CA GLU A 114 12.01 -5.51 1.82
C GLU A 114 10.76 -4.67 1.52
N ALA A 115 9.96 -4.45 2.57
CA ALA A 115 8.69 -3.71 2.53
C ALA A 115 8.90 -2.28 2.02
N LYS A 116 9.95 -1.62 2.56
CA LYS A 116 10.30 -0.22 2.28
C LYS A 116 10.69 -0.03 0.80
N LYS A 117 11.37 -1.05 0.24
CA LYS A 117 11.81 -1.05 -1.17
C LYS A 117 10.59 -1.09 -2.09
N LYS A 118 9.70 -2.06 -1.83
CA LYS A 118 8.46 -2.29 -2.61
C LYS A 118 7.48 -1.11 -2.47
N LEU A 119 7.58 -0.44 -1.30
CA LEU A 119 6.73 0.70 -0.94
C LEU A 119 7.04 1.92 -1.80
N LYS A 120 8.35 2.20 -1.97
CA LYS A 120 8.80 3.30 -2.83
C LYS A 120 8.58 2.97 -4.31
N GLU A 121 8.75 1.68 -4.67
CA GLU A 121 8.42 1.17 -6.04
C GLU A 121 6.94 1.45 -6.38
N ALA A 122 6.07 1.37 -5.34
CA ALA A 122 4.64 1.67 -5.44
C ALA A 122 4.36 3.19 -5.53
N LEU A 123 5.15 3.99 -4.78
CA LEU A 123 5.04 5.48 -4.78
C LEU A 123 5.50 6.07 -6.15
N GLU A 124 6.46 5.38 -6.79
CA GLU A 124 7.02 5.76 -8.10
C GLU A 124 5.99 5.63 -9.24
N LYS A 125 5.00 4.72 -9.06
CA LYS A 125 3.94 4.44 -10.07
C LYS A 125 2.99 5.65 -10.26
N SER A 126 2.76 6.39 -9.17
CA SER A 126 1.96 7.63 -9.20
C SER A 126 2.80 8.83 -9.62
N GLY A 127 4.12 8.71 -9.45
CA GLY A 127 5.07 9.79 -9.64
C GLY A 127 5.97 9.87 -8.43
N SER A 128 5.82 10.94 -7.63
CA SER A 128 6.46 11.11 -6.30
C SER A 128 8.02 10.98 -6.38
N LEU A 129 8.59 11.33 -7.56
CA LEU A 129 10.03 11.19 -7.85
C LEU A 129 10.81 12.45 -7.41
N GLU A 130 12.14 12.33 -7.39
CA GLU A 130 13.08 13.44 -7.14
C GLU A 130 14.04 13.53 -8.33
N HIS A 131 13.76 14.45 -9.27
CA HIS A 131 14.64 14.76 -10.41
C HIS A 131 15.93 15.43 -9.88
N HIS A 132 16.95 14.60 -9.59
CA HIS A 132 18.25 15.08 -9.07
C HIS A 132 19.00 15.89 -10.13
N HIS A 133 19.91 16.76 -9.68
CA HIS A 133 20.71 17.64 -10.56
C HIS A 133 21.73 16.83 -11.40
N HIS A 134 22.06 15.62 -10.92
CA HIS A 134 22.97 14.70 -11.63
C HIS A 134 22.20 13.70 -12.51
N HIS A 135 22.48 13.72 -13.81
CA HIS A 135 22.05 12.69 -14.78
C HIS A 135 23.27 12.20 -15.59
N HIS A 136 24.45 12.71 -15.22
CA HIS A 136 25.75 12.33 -15.81
C HIS A 136 26.76 12.11 -14.65
N MET A 1 -6.21 10.21 -11.31
CA MET A 1 -4.94 9.45 -11.19
C MET A 1 -4.58 9.21 -9.72
N GLY A 2 -3.78 8.15 -9.47
CA GLY A 2 -3.30 7.82 -8.12
C GLY A 2 -3.13 6.32 -7.94
N VAL A 3 -2.54 5.91 -6.80
CA VAL A 3 -2.30 4.49 -6.45
C VAL A 3 -2.65 4.25 -4.97
N VAL A 4 -3.54 3.28 -4.69
CA VAL A 4 -3.88 2.89 -3.32
C VAL A 4 -3.02 1.69 -2.90
N ILE A 5 -2.11 1.95 -1.95
CA ILE A 5 -1.14 0.98 -1.45
C ILE A 5 -1.67 0.38 -0.13
N LEU A 6 -2.13 -0.87 -0.17
CA LEU A 6 -2.66 -1.56 1.02
C LEU A 6 -1.55 -2.42 1.62
N VAL A 7 -0.91 -1.94 2.68
CA VAL A 7 0.18 -2.66 3.34
C VAL A 7 -0.39 -3.49 4.49
N LEU A 8 -0.49 -4.80 4.24
CA LEU A 8 -0.95 -5.80 5.22
C LEU A 8 0.25 -6.32 5.99
N THR A 9 0.39 -5.89 7.25
CA THR A 9 1.53 -6.27 8.10
C THR A 9 1.09 -7.27 9.18
N GLY A 10 1.97 -8.25 9.43
CA GLY A 10 1.82 -9.17 10.57
C GLY A 10 2.36 -8.58 11.87
N ASP A 11 2.88 -7.34 11.79
CA ASP A 11 3.46 -6.61 12.92
C ASP A 11 3.21 -5.09 12.76
N GLU A 12 2.83 -4.46 13.88
CA GLU A 12 2.44 -3.03 13.92
C GLU A 12 3.66 -2.09 13.78
N ARG A 13 4.79 -2.51 14.41
CA ARG A 13 6.01 -1.68 14.52
C ARG A 13 6.65 -1.48 13.13
N ILE A 14 6.64 -2.56 12.30
CA ILE A 14 7.11 -2.52 10.90
C ILE A 14 6.27 -1.52 10.07
N ALA A 15 4.93 -1.55 10.26
CA ALA A 15 3.98 -0.65 9.58
C ALA A 15 4.31 0.84 9.86
N GLU A 16 4.75 1.12 11.10
CA GLU A 16 5.16 2.46 11.54
C GLU A 16 6.47 2.91 10.85
N GLU A 17 7.41 1.96 10.67
CA GLU A 17 8.71 2.21 10.02
C GLU A 17 8.54 2.55 8.53
N LEU A 18 7.55 1.92 7.90
CA LEU A 18 7.21 2.18 6.49
C LEU A 18 6.57 3.58 6.39
N ARG A 19 5.58 3.81 7.28
CA ARG A 19 4.72 5.01 7.33
C ARG A 19 5.54 6.33 7.37
N LYS A 20 6.51 6.38 8.28
CA LYS A 20 7.33 7.57 8.54
C LYS A 20 8.28 7.88 7.36
N GLU A 21 8.75 6.83 6.67
CA GLU A 21 9.62 6.97 5.48
C GLU A 21 8.83 7.48 4.26
N VAL A 22 7.56 7.06 4.13
CA VAL A 22 6.65 7.50 3.04
C VAL A 22 6.42 9.02 3.10
N GLN A 23 6.30 9.56 4.33
CA GLN A 23 6.12 11.00 4.57
C GLN A 23 7.34 11.81 4.10
N LYS A 24 8.53 11.23 4.29
CA LYS A 24 9.82 11.84 3.89
C LYS A 24 10.21 11.50 2.44
N HIS A 25 9.49 10.54 1.82
CA HIS A 25 9.62 10.24 0.38
C HIS A 25 8.83 11.30 -0.40
N ASP A 26 7.60 11.55 0.07
CA ASP A 26 6.67 12.51 -0.51
C ASP A 26 5.62 12.89 0.55
N PRO A 27 5.50 14.20 0.93
CA PRO A 27 4.64 14.65 2.06
C PRO A 27 3.15 14.75 1.68
N ASN A 28 2.83 14.48 0.40
CA ASN A 28 1.46 14.57 -0.14
C ASN A 28 0.81 13.19 -0.22
N VAL A 29 1.58 12.13 0.10
CA VAL A 29 1.04 10.76 0.21
C VAL A 29 0.33 10.59 1.57
N LYS A 30 -0.97 10.30 1.52
CA LYS A 30 -1.79 10.09 2.73
C LYS A 30 -1.55 8.69 3.30
N THR A 31 -1.35 8.59 4.62
CA THR A 31 -1.14 7.30 5.32
C THR A 31 -2.26 7.11 6.35
N VAL A 32 -3.05 6.03 6.20
CA VAL A 32 -4.30 5.80 6.93
C VAL A 32 -4.27 4.41 7.61
N PRO A 33 -4.25 4.33 8.98
CA PRO A 33 -4.21 3.03 9.71
C PRO A 33 -5.59 2.34 9.83
N THR A 34 -5.59 1.16 10.49
CA THR A 34 -6.76 0.27 10.61
C THR A 34 -7.91 0.87 11.48
N LYS A 35 -7.57 1.76 12.43
CA LYS A 35 -8.55 2.45 13.30
C LYS A 35 -9.39 3.44 12.45
N ASP A 36 -8.76 4.00 11.42
CA ASP A 36 -9.38 4.92 10.45
C ASP A 36 -9.96 4.12 9.28
N LYS A 37 -10.65 3.01 9.60
CA LYS A 37 -11.13 2.01 8.62
C LYS A 37 -12.17 2.61 7.64
N GLU A 38 -13.07 3.45 8.16
CA GLU A 38 -14.11 4.15 7.37
C GLU A 38 -13.46 5.31 6.59
N LYS A 39 -12.49 5.95 7.27
CA LYS A 39 -11.74 7.12 6.76
C LYS A 39 -10.92 6.75 5.50
N VAL A 40 -10.54 5.45 5.39
CA VAL A 40 -9.84 4.88 4.20
C VAL A 40 -10.61 5.20 2.91
N LYS A 41 -11.92 4.89 2.92
CA LYS A 41 -12.84 5.05 1.78
C LYS A 41 -12.83 6.50 1.25
N GLU A 42 -12.78 7.45 2.20
CA GLU A 42 -12.77 8.88 1.90
C GLU A 42 -11.45 9.28 1.21
N GLU A 43 -10.32 8.90 1.83
CA GLU A 43 -8.98 9.33 1.38
C GLU A 43 -8.59 8.72 0.01
N ILE A 44 -9.19 7.57 -0.35
CA ILE A 44 -9.05 6.96 -1.68
C ILE A 44 -9.63 7.92 -2.76
N GLU A 45 -10.85 8.45 -2.48
CA GLU A 45 -11.53 9.40 -3.38
C GLU A 45 -10.79 10.75 -3.42
N LYS A 46 -10.24 11.15 -2.27
CA LYS A 46 -9.44 12.38 -2.14
C LYS A 46 -8.10 12.23 -2.89
N ALA A 47 -7.58 10.99 -2.95
CA ALA A 47 -6.35 10.64 -3.69
C ALA A 47 -6.56 10.76 -5.21
N ARG A 48 -7.79 10.48 -5.68
CA ARG A 48 -8.18 10.70 -7.09
C ARG A 48 -8.12 12.20 -7.43
N LYS A 49 -8.78 12.98 -6.56
CA LYS A 49 -9.04 14.42 -6.74
C LYS A 49 -7.73 15.23 -6.76
N GLN A 50 -6.80 14.86 -5.87
CA GLN A 50 -5.49 15.54 -5.72
C GLN A 50 -4.42 14.91 -6.63
N GLY A 51 -4.75 13.72 -7.22
CA GLY A 51 -3.82 13.01 -8.13
C GLY A 51 -2.64 12.37 -7.41
N ARG A 52 -2.88 11.92 -6.16
CA ARG A 52 -1.84 11.41 -5.24
C ARG A 52 -2.07 9.93 -4.88
N PRO A 53 -1.01 9.21 -4.40
CA PRO A 53 -1.17 7.89 -3.77
C PRO A 53 -1.60 7.99 -2.28
N ILE A 54 -1.98 6.84 -1.73
CA ILE A 54 -2.43 6.71 -0.33
C ILE A 54 -1.98 5.32 0.19
N VAL A 55 -1.19 5.29 1.27
CA VAL A 55 -0.75 4.05 1.90
C VAL A 55 -1.69 3.72 3.08
N VAL A 56 -2.57 2.75 2.87
CA VAL A 56 -3.49 2.22 3.87
C VAL A 56 -2.85 1.04 4.60
N PHE A 57 -2.59 1.19 5.90
CA PHE A 57 -2.04 0.11 6.73
C PHE A 57 -3.18 -0.75 7.24
N VAL A 58 -3.27 -1.96 6.68
CA VAL A 58 -4.27 -2.99 7.00
C VAL A 58 -3.56 -4.16 7.72
N ARG A 59 -4.29 -4.90 8.58
CA ARG A 59 -3.75 -6.14 9.21
C ARG A 59 -3.84 -7.32 8.23
N GLY A 60 -2.97 -8.32 8.43
CA GLY A 60 -2.97 -9.55 7.62
C GLY A 60 -4.26 -10.36 7.75
N GLY A 61 -4.84 -10.36 8.97
CA GLY A 61 -6.14 -11.02 9.24
C GLY A 61 -7.33 -10.24 8.68
N ASP A 62 -7.09 -8.97 8.34
CA ASP A 62 -8.09 -8.08 7.72
C ASP A 62 -7.91 -8.08 6.19
N ASP A 63 -7.34 -9.18 5.64
CA ASP A 63 -7.11 -9.31 4.17
C ASP A 63 -8.44 -9.41 3.41
N GLU A 64 -9.50 -9.86 4.11
CA GLU A 64 -10.88 -9.89 3.58
C GLU A 64 -11.47 -8.47 3.52
N ARG A 65 -11.04 -7.59 4.43
CA ARG A 65 -11.39 -6.16 4.36
C ARG A 65 -10.54 -5.47 3.28
N ALA A 66 -9.27 -5.91 3.14
CA ALA A 66 -8.29 -5.30 2.23
C ALA A 66 -8.66 -5.51 0.76
N LYS A 67 -9.21 -6.71 0.43
CA LYS A 67 -9.69 -7.02 -0.95
C LYS A 67 -10.94 -6.20 -1.31
N ASP A 68 -11.75 -5.81 -0.30
CA ASP A 68 -12.92 -4.92 -0.50
C ASP A 68 -12.48 -3.45 -0.68
N ILE A 69 -11.43 -3.04 0.06
CA ILE A 69 -10.80 -1.72 -0.11
C ILE A 69 -10.16 -1.65 -1.51
N ALA A 70 -9.57 -2.79 -1.90
CA ALA A 70 -8.90 -2.98 -3.20
C ALA A 70 -9.90 -2.86 -4.34
N GLU A 71 -11.05 -3.53 -4.18
CA GLU A 71 -12.10 -3.52 -5.19
C GLU A 71 -12.68 -2.10 -5.36
N TYR A 72 -12.95 -1.43 -4.22
CA TYR A 72 -13.45 -0.05 -4.20
C TYR A 72 -12.49 0.89 -4.93
N ALA A 73 -11.20 0.81 -4.55
CA ALA A 73 -10.11 1.63 -5.09
C ALA A 73 -9.90 1.41 -6.61
N GLN A 74 -10.15 0.18 -7.06
CA GLN A 74 -10.03 -0.22 -8.47
C GLN A 74 -11.22 0.36 -9.28
N LYS A 75 -12.40 0.38 -8.63
CA LYS A 75 -13.65 1.00 -9.18
C LYS A 75 -13.54 2.54 -9.21
N GLU A 76 -12.68 3.08 -8.32
CA GLU A 76 -12.35 4.53 -8.26
C GLU A 76 -11.44 4.95 -9.44
N GLY A 77 -10.88 3.95 -10.14
CA GLY A 77 -10.01 4.18 -11.30
C GLY A 77 -8.55 4.33 -10.92
N LEU A 78 -8.19 3.81 -9.72
CA LEU A 78 -6.83 3.87 -9.18
C LEU A 78 -6.16 2.49 -9.26
N ARG A 79 -4.81 2.47 -9.25
CA ARG A 79 -4.03 1.24 -9.27
C ARG A 79 -3.92 0.71 -7.84
N VAL A 80 -4.32 -0.54 -7.62
CA VAL A 80 -4.25 -1.18 -6.30
C VAL A 80 -2.97 -1.98 -6.17
N ILE A 81 -2.10 -1.55 -5.25
CA ILE A 81 -0.87 -2.26 -4.89
C ILE A 81 -1.02 -2.78 -3.45
N VAL A 82 -1.04 -4.11 -3.28
CA VAL A 82 -1.18 -4.78 -1.97
C VAL A 82 0.20 -5.30 -1.53
N ILE A 83 0.76 -4.76 -0.44
CA ILE A 83 2.08 -5.18 0.08
C ILE A 83 1.92 -5.96 1.38
N ILE A 84 2.18 -7.27 1.31
CA ILE A 84 2.14 -8.15 2.47
C ILE A 84 3.55 -8.21 3.09
N VAL A 85 3.64 -7.88 4.38
CA VAL A 85 4.90 -7.92 5.15
C VAL A 85 4.75 -8.95 6.26
N SER A 86 5.32 -10.14 6.04
CA SER A 86 5.30 -11.25 6.99
C SER A 86 6.58 -12.09 6.77
N GLN A 87 7.21 -12.54 7.86
CA GLN A 87 8.38 -13.44 7.79
C GLN A 87 7.98 -14.83 7.23
N ASP A 88 6.68 -15.12 7.31
CA ASP A 88 6.11 -16.41 6.89
C ASP A 88 5.83 -16.41 5.37
N GLU A 89 6.52 -17.29 4.62
CA GLU A 89 6.34 -17.47 3.15
C GLU A 89 4.90 -17.83 2.77
N GLU A 90 4.28 -18.74 3.52
CA GLU A 90 2.95 -19.27 3.19
C GLU A 90 1.87 -18.16 3.33
N ALA A 91 2.12 -17.22 4.26
CA ALA A 91 1.27 -16.01 4.42
C ALA A 91 1.46 -15.04 3.24
N LEU A 92 2.73 -14.91 2.79
CA LEU A 92 3.10 -14.01 1.68
C LEU A 92 2.51 -14.48 0.33
N ARG A 93 2.79 -15.76 -0.01
CA ARG A 93 2.58 -16.33 -1.36
C ARG A 93 1.10 -16.60 -1.64
N LYS A 94 0.35 -17.00 -0.60
CA LYS A 94 -1.10 -17.27 -0.72
C LYS A 94 -1.87 -15.95 -0.86
N GLY A 95 -1.49 -14.95 -0.07
CA GLY A 95 -2.06 -13.60 -0.22
C GLY A 95 -1.67 -12.96 -1.55
N TYR A 96 -0.43 -13.26 -2.00
CA TYR A 96 0.17 -12.72 -3.24
C TYR A 96 -0.68 -13.11 -4.43
N GLU A 97 -0.82 -14.42 -4.62
CA GLU A 97 -1.51 -14.99 -5.78
C GLU A 97 -3.03 -14.73 -5.72
N ASP A 98 -3.58 -14.66 -4.48
CA ASP A 98 -5.03 -14.45 -4.26
C ASP A 98 -5.48 -13.07 -4.79
N LYS A 99 -4.79 -12.01 -4.36
CA LYS A 99 -5.14 -10.62 -4.78
C LYS A 99 -4.66 -10.33 -6.22
N LYS A 100 -3.52 -10.96 -6.62
CA LYS A 100 -2.87 -10.73 -7.94
C LYS A 100 -3.75 -11.24 -9.11
N LYS A 101 -4.44 -12.37 -8.88
CA LYS A 101 -5.37 -12.97 -9.88
C LYS A 101 -6.68 -12.14 -9.98
N LYS A 102 -6.88 -11.24 -9.01
CA LYS A 102 -8.04 -10.31 -8.97
C LYS A 102 -7.64 -8.91 -9.52
N GLY A 103 -6.43 -8.83 -10.13
CA GLY A 103 -5.94 -7.60 -10.78
C GLY A 103 -5.27 -6.61 -9.84
N TYR A 104 -5.17 -6.98 -8.55
CA TYR A 104 -4.52 -6.14 -7.53
C TYR A 104 -3.02 -6.48 -7.54
N ASP A 105 -2.17 -5.52 -7.94
CA ASP A 105 -0.73 -5.73 -8.09
C ASP A 105 -0.06 -5.93 -6.71
N VAL A 106 0.32 -7.18 -6.37
CA VAL A 106 0.82 -7.50 -5.03
C VAL A 106 2.36 -7.55 -5.00
N TYR A 107 2.93 -6.95 -3.96
CA TYR A 107 4.34 -7.12 -3.58
C TYR A 107 4.38 -7.85 -2.23
N THR A 108 5.38 -8.70 -2.03
CA THR A 108 5.57 -9.46 -0.79
C THR A 108 6.97 -9.22 -0.24
N SER A 109 7.11 -9.34 1.08
CA SER A 109 8.35 -9.03 1.80
C SER A 109 8.38 -9.77 3.13
N ARG A 110 9.58 -10.24 3.52
CA ARG A 110 9.79 -10.79 4.87
C ARG A 110 9.70 -9.65 5.89
N ASN A 111 10.47 -8.56 5.60
CA ASN A 111 10.78 -7.54 6.61
C ASN A 111 10.62 -6.12 6.05
N GLU A 112 10.86 -5.14 6.95
CA GLU A 112 10.72 -3.69 6.70
C GLU A 112 11.52 -3.20 5.49
N ASP A 113 12.81 -3.59 5.39
CA ASP A 113 13.72 -3.11 4.31
C ASP A 113 13.15 -3.43 2.92
N GLU A 114 12.66 -4.67 2.79
CA GLU A 114 12.08 -5.19 1.54
C GLU A 114 10.74 -4.50 1.24
N ALA A 115 9.91 -4.38 2.29
CA ALA A 115 8.56 -3.78 2.24
C ALA A 115 8.60 -2.31 1.81
N LYS A 116 9.66 -1.63 2.25
CA LYS A 116 9.88 -0.18 2.06
C LYS A 116 10.24 0.12 0.61
N LYS A 117 11.12 -0.71 0.04
CA LYS A 117 11.55 -0.61 -1.37
C LYS A 117 10.40 -0.99 -2.31
N LYS A 118 9.56 -1.94 -1.86
CA LYS A 118 8.35 -2.38 -2.56
C LYS A 118 7.22 -1.34 -2.44
N LEU A 119 7.27 -0.54 -1.36
CA LEU A 119 6.32 0.57 -1.14
C LEU A 119 6.70 1.74 -2.08
N LYS A 120 8.02 1.93 -2.25
CA LYS A 120 8.58 2.93 -3.17
C LYS A 120 8.15 2.67 -4.63
N GLU A 121 7.96 1.38 -4.99
CA GLU A 121 7.52 1.00 -6.35
C GLU A 121 6.25 1.78 -6.73
N ALA A 122 5.23 1.65 -5.86
CA ALA A 122 3.89 2.20 -6.07
C ALA A 122 3.86 3.73 -5.91
N LEU A 123 4.73 4.27 -5.02
CA LEU A 123 4.90 5.72 -4.83
C LEU A 123 5.38 6.38 -6.14
N GLU A 124 6.38 5.76 -6.77
CA GLU A 124 6.99 6.25 -8.01
C GLU A 124 6.10 5.97 -9.23
N LYS A 125 5.28 4.89 -9.17
CA LYS A 125 4.31 4.56 -10.24
C LYS A 125 3.16 5.60 -10.30
N SER A 126 2.79 6.17 -9.14
CA SER A 126 1.72 7.19 -9.06
C SER A 126 2.21 8.56 -9.58
N GLY A 127 3.53 8.78 -9.47
CA GLY A 127 4.16 10.00 -9.96
C GLY A 127 5.26 10.54 -9.04
N SER A 128 5.24 10.12 -7.76
CA SER A 128 6.19 10.59 -6.73
C SER A 128 7.59 9.94 -6.94
N LEU A 129 8.31 10.47 -7.94
CA LEU A 129 9.67 10.00 -8.33
C LEU A 129 10.74 10.64 -7.44
N GLU A 130 11.87 9.94 -7.29
CA GLU A 130 13.11 10.47 -6.70
C GLU A 130 14.04 10.96 -7.85
N HIS A 131 13.46 11.81 -8.73
CA HIS A 131 14.14 12.41 -9.90
C HIS A 131 14.56 11.29 -10.91
N HIS A 132 15.50 11.59 -11.83
CA HIS A 132 16.11 10.60 -12.74
C HIS A 132 17.22 9.77 -12.06
N HIS A 133 17.31 9.81 -10.71
CA HIS A 133 18.23 8.96 -9.95
C HIS A 133 17.68 7.51 -9.89
N HIS A 134 17.88 6.82 -11.01
CA HIS A 134 17.58 5.39 -11.21
C HIS A 134 18.62 4.89 -12.22
N HIS A 135 18.62 5.54 -13.39
CA HIS A 135 19.67 5.45 -14.41
C HIS A 135 19.55 6.66 -15.34
N HIS A 136 20.47 7.61 -15.20
CA HIS A 136 20.57 8.76 -16.11
C HIS A 136 21.64 8.43 -17.19
N MET A 1 -5.26 8.34 -12.55
CA MET A 1 -4.83 9.32 -11.51
C MET A 1 -5.34 8.87 -10.13
N GLY A 2 -4.40 8.60 -9.21
CA GLY A 2 -4.71 8.04 -7.90
C GLY A 2 -4.31 6.58 -7.82
N VAL A 3 -3.66 6.18 -6.70
CA VAL A 3 -3.12 4.81 -6.49
C VAL A 3 -3.33 4.41 -5.03
N VAL A 4 -3.95 3.25 -4.76
CA VAL A 4 -4.18 2.80 -3.39
C VAL A 4 -3.24 1.63 -3.07
N ILE A 5 -2.28 1.89 -2.16
CA ILE A 5 -1.26 0.94 -1.75
C ILE A 5 -1.68 0.30 -0.39
N LEU A 6 -2.06 -0.97 -0.40
CA LEU A 6 -2.52 -1.70 0.80
C LEU A 6 -1.34 -2.50 1.38
N VAL A 7 -0.73 -1.99 2.44
CA VAL A 7 0.42 -2.65 3.08
C VAL A 7 -0.06 -3.46 4.30
N LEU A 8 -0.10 -4.80 4.14
CA LEU A 8 -0.52 -5.72 5.20
C LEU A 8 0.70 -6.10 6.06
N THR A 9 0.85 -5.46 7.22
CA THR A 9 1.99 -5.69 8.13
C THR A 9 1.50 -6.50 9.34
N GLY A 10 2.29 -7.52 9.73
CA GLY A 10 1.96 -8.37 10.87
C GLY A 10 1.91 -7.59 12.18
N ASP A 11 2.84 -6.64 12.32
CA ASP A 11 2.95 -5.73 13.47
C ASP A 11 2.64 -4.31 13.01
N GLU A 12 1.85 -3.59 13.83
CA GLU A 12 1.50 -2.17 13.59
C GLU A 12 2.74 -1.27 13.72
N ARG A 13 3.73 -1.74 14.52
CA ARG A 13 5.06 -1.09 14.63
C ARG A 13 5.68 -0.90 13.24
N ILE A 14 5.64 -1.99 12.45
CA ILE A 14 6.17 -2.00 11.07
C ILE A 14 5.38 -0.99 10.21
N ALA A 15 4.04 -1.03 10.32
CA ALA A 15 3.15 -0.10 9.61
C ALA A 15 3.48 1.39 9.90
N GLU A 16 3.83 1.66 11.15
CA GLU A 16 4.11 3.01 11.66
C GLU A 16 5.44 3.57 11.13
N GLU A 17 6.49 2.73 11.14
CA GLU A 17 7.84 3.12 10.67
C GLU A 17 7.91 3.17 9.14
N LEU A 18 7.10 2.32 8.48
CA LEU A 18 6.92 2.36 7.02
C LEU A 18 6.22 3.66 6.58
N ARG A 19 5.29 4.17 7.42
CA ARG A 19 4.60 5.46 7.19
C ARG A 19 5.62 6.61 7.05
N LYS A 20 6.63 6.58 7.93
CA LYS A 20 7.73 7.57 7.96
C LYS A 20 8.48 7.56 6.61
N GLU A 21 8.78 6.34 6.11
CA GLU A 21 9.49 6.13 4.83
C GLU A 21 8.68 6.67 3.64
N VAL A 22 7.34 6.46 3.71
CA VAL A 22 6.39 6.93 2.68
C VAL A 22 6.37 8.47 2.63
N GLN A 23 6.27 9.12 3.81
CA GLN A 23 6.08 10.59 3.91
C GLN A 23 7.37 11.36 3.54
N LYS A 24 8.54 10.76 3.84
CA LYS A 24 9.86 11.36 3.51
C LYS A 24 10.15 11.24 2.01
N HIS A 25 9.83 10.07 1.44
CA HIS A 25 10.03 9.79 0.01
C HIS A 25 9.06 10.67 -0.81
N ASP A 26 7.83 10.87 -0.29
CA ASP A 26 6.81 11.69 -0.94
C ASP A 26 5.79 12.24 0.09
N PRO A 27 5.60 13.60 0.17
CA PRO A 27 4.64 14.22 1.11
C PRO A 27 3.19 14.22 0.58
N ASN A 28 3.00 13.93 -0.73
CA ASN A 28 1.68 13.99 -1.40
C ASN A 28 0.81 12.78 -1.04
N VAL A 29 1.47 11.70 -0.54
CA VAL A 29 0.80 10.44 -0.19
C VAL A 29 -0.03 10.60 1.09
N LYS A 30 -1.28 10.12 1.07
CA LYS A 30 -2.10 9.96 2.27
C LYS A 30 -1.75 8.63 2.94
N THR A 31 -1.85 8.57 4.26
CA THR A 31 -1.53 7.35 5.05
C THR A 31 -2.61 7.13 6.11
N VAL A 32 -3.21 5.92 6.13
CA VAL A 32 -4.35 5.58 7.01
C VAL A 32 -4.15 4.16 7.60
N PRO A 33 -4.11 4.00 8.96
CA PRO A 33 -3.99 2.66 9.60
C PRO A 33 -5.35 1.91 9.71
N THR A 34 -5.28 0.70 10.29
CA THR A 34 -6.43 -0.22 10.46
C THR A 34 -7.51 0.37 11.40
N LYS A 35 -7.05 1.11 12.42
CA LYS A 35 -7.94 1.76 13.43
C LYS A 35 -8.78 2.90 12.80
N ASP A 36 -8.40 3.32 11.59
CA ASP A 36 -9.11 4.36 10.82
C ASP A 36 -9.60 3.80 9.48
N LYS A 37 -9.96 2.50 9.48
CA LYS A 37 -10.48 1.78 8.29
C LYS A 37 -11.80 2.42 7.79
N GLU A 38 -12.59 2.97 8.72
CA GLU A 38 -13.84 3.69 8.41
C GLU A 38 -13.55 5.01 7.66
N LYS A 39 -12.36 5.59 7.88
CA LYS A 39 -11.91 6.84 7.22
C LYS A 39 -11.31 6.55 5.83
N VAL A 40 -10.85 5.30 5.61
CA VAL A 40 -10.09 4.89 4.39
C VAL A 40 -10.83 5.27 3.09
N LYS A 41 -12.14 4.95 3.01
CA LYS A 41 -12.97 5.21 1.82
C LYS A 41 -12.94 6.71 1.43
N GLU A 42 -13.03 7.57 2.47
CA GLU A 42 -13.02 9.04 2.30
C GLU A 42 -11.65 9.53 1.83
N GLU A 43 -10.60 8.98 2.46
CA GLU A 43 -9.21 9.36 2.19
C GLU A 43 -8.72 8.89 0.79
N ILE A 44 -9.31 7.79 0.29
CA ILE A 44 -9.09 7.30 -1.09
C ILE A 44 -9.66 8.32 -2.07
N GLU A 45 -10.91 8.77 -1.80
CA GLU A 45 -11.60 9.78 -2.63
C GLU A 45 -10.80 11.11 -2.70
N LYS A 46 -10.22 11.50 -1.55
CA LYS A 46 -9.43 12.74 -1.39
C LYS A 46 -8.13 12.69 -2.22
N ALA A 47 -7.36 11.59 -2.06
CA ALA A 47 -6.10 11.37 -2.77
C ALA A 47 -6.33 11.28 -4.29
N ARG A 48 -7.36 10.49 -4.66
CA ARG A 48 -7.78 10.23 -6.06
C ARG A 48 -8.17 11.53 -6.78
N LYS A 49 -8.89 12.40 -6.05
CA LYS A 49 -9.37 13.71 -6.53
C LYS A 49 -8.19 14.62 -6.90
N GLN A 50 -7.07 14.46 -6.18
CA GLN A 50 -5.83 15.22 -6.42
C GLN A 50 -4.84 14.42 -7.28
N GLY A 51 -5.24 13.22 -7.73
CA GLY A 51 -4.40 12.36 -8.59
C GLY A 51 -3.16 11.86 -7.86
N ARG A 52 -3.37 11.35 -6.64
CA ARG A 52 -2.30 11.05 -5.67
C ARG A 52 -2.51 9.67 -5.02
N PRO A 53 -1.40 9.05 -4.51
CA PRO A 53 -1.48 7.78 -3.79
C PRO A 53 -1.98 7.93 -2.34
N ILE A 54 -2.38 6.78 -1.79
CA ILE A 54 -2.75 6.61 -0.39
C ILE A 54 -2.28 5.21 0.05
N VAL A 55 -1.42 5.16 1.07
CA VAL A 55 -0.96 3.90 1.64
C VAL A 55 -1.85 3.56 2.85
N VAL A 56 -2.72 2.57 2.64
CA VAL A 56 -3.59 2.02 3.68
C VAL A 56 -2.86 0.86 4.38
N PHE A 57 -2.50 1.09 5.65
CA PHE A 57 -1.85 0.08 6.47
C PHE A 57 -2.92 -0.86 7.04
N VAL A 58 -2.93 -2.06 6.48
CA VAL A 58 -3.79 -3.18 6.89
C VAL A 58 -2.91 -4.18 7.69
N ARG A 59 -3.51 -5.00 8.56
CA ARG A 59 -2.77 -6.09 9.25
C ARG A 59 -2.46 -7.24 8.28
N GLY A 60 -1.33 -7.92 8.54
CA GLY A 60 -0.91 -9.12 7.82
C GLY A 60 -1.70 -10.32 8.32
N GLY A 61 -2.94 -10.41 7.87
CA GLY A 61 -3.91 -11.38 8.36
C GLY A 61 -5.34 -10.89 8.16
N ASP A 62 -5.51 -9.55 8.09
CA ASP A 62 -6.81 -8.91 7.79
C ASP A 62 -7.08 -8.93 6.28
N ASP A 63 -7.37 -10.14 5.77
CA ASP A 63 -7.80 -10.37 4.38
C ASP A 63 -9.17 -9.70 4.13
N GLU A 64 -9.96 -9.61 5.22
CA GLU A 64 -11.29 -8.98 5.24
C GLU A 64 -11.20 -7.50 4.79
N ARG A 65 -10.26 -6.76 5.39
CA ARG A 65 -10.01 -5.34 5.08
C ARG A 65 -9.32 -5.20 3.72
N ALA A 66 -8.35 -6.10 3.45
CA ALA A 66 -7.56 -6.09 2.21
C ALA A 66 -8.45 -6.22 0.95
N LYS A 67 -9.47 -7.09 1.02
CA LYS A 67 -10.36 -7.39 -0.11
C LYS A 67 -11.34 -6.24 -0.37
N ASP A 68 -11.86 -5.62 0.71
CA ASP A 68 -12.90 -4.59 0.64
C ASP A 68 -12.35 -3.26 0.11
N ILE A 69 -11.21 -2.85 0.66
CA ILE A 69 -10.56 -1.58 0.29
C ILE A 69 -9.99 -1.67 -1.15
N ALA A 70 -9.55 -2.88 -1.54
CA ALA A 70 -9.08 -3.18 -2.91
C ALA A 70 -10.25 -3.14 -3.91
N GLU A 71 -11.41 -3.69 -3.49
CA GLU A 71 -12.68 -3.64 -4.25
C GLU A 71 -13.11 -2.19 -4.49
N TYR A 72 -12.93 -1.34 -3.48
CA TYR A 72 -13.23 0.10 -3.57
C TYR A 72 -12.31 0.73 -4.64
N ALA A 73 -11.00 0.55 -4.44
CA ALA A 73 -9.94 1.16 -5.24
C ALA A 73 -9.96 0.73 -6.73
N GLN A 74 -10.32 -0.54 -7.00
CA GLN A 74 -10.35 -1.09 -8.37
C GLN A 74 -11.48 -0.44 -9.18
N LYS A 75 -12.65 -0.30 -8.54
CA LYS A 75 -13.86 0.29 -9.16
C LYS A 75 -13.75 1.82 -9.25
N GLU A 76 -12.78 2.38 -8.49
CA GLU A 76 -12.35 3.79 -8.63
C GLU A 76 -11.42 3.97 -9.86
N GLY A 77 -10.94 2.84 -10.41
CA GLY A 77 -10.06 2.84 -11.58
C GLY A 77 -8.63 3.24 -11.23
N LEU A 78 -8.19 2.82 -10.03
CA LEU A 78 -6.87 3.18 -9.48
C LEU A 78 -5.94 1.95 -9.50
N ARG A 79 -4.63 2.19 -9.64
CA ARG A 79 -3.60 1.15 -9.49
C ARG A 79 -3.55 0.74 -8.00
N VAL A 80 -3.85 -0.53 -7.72
CA VAL A 80 -3.87 -1.06 -6.37
C VAL A 80 -2.60 -1.89 -6.16
N ILE A 81 -1.74 -1.44 -5.23
CA ILE A 81 -0.46 -2.11 -4.93
C ILE A 81 -0.58 -2.71 -3.52
N VAL A 82 -0.58 -4.04 -3.43
CA VAL A 82 -0.70 -4.75 -2.14
C VAL A 82 0.69 -5.21 -1.68
N ILE A 83 1.22 -4.64 -0.60
CA ILE A 83 2.54 -5.01 -0.04
C ILE A 83 2.33 -5.80 1.26
N ILE A 84 2.50 -7.12 1.20
CA ILE A 84 2.28 -7.99 2.35
C ILE A 84 3.61 -8.18 3.10
N VAL A 85 3.72 -7.61 4.30
CA VAL A 85 4.86 -7.83 5.20
C VAL A 85 4.50 -8.96 6.20
N SER A 86 5.01 -10.17 5.93
CA SER A 86 4.82 -11.37 6.75
C SER A 86 6.02 -12.31 6.51
N GLN A 87 6.50 -12.95 7.58
CA GLN A 87 7.65 -13.89 7.53
C GLN A 87 7.25 -15.29 7.05
N ASP A 88 5.94 -15.48 6.79
CA ASP A 88 5.39 -16.73 6.26
C ASP A 88 5.11 -16.56 4.77
N GLU A 89 5.81 -17.35 3.95
CA GLU A 89 5.76 -17.28 2.46
C GLU A 89 4.41 -17.71 1.91
N GLU A 90 3.71 -18.59 2.64
CA GLU A 90 2.34 -19.02 2.29
C GLU A 90 1.31 -17.90 2.60
N ALA A 91 1.57 -17.12 3.66
CA ALA A 91 0.73 -15.93 4.00
C ALA A 91 0.96 -14.80 2.99
N LEU A 92 2.21 -14.69 2.50
CA LEU A 92 2.60 -13.80 1.41
C LEU A 92 1.88 -14.22 0.11
N ARG A 93 1.94 -15.54 -0.16
CA ARG A 93 1.53 -16.14 -1.45
C ARG A 93 0.00 -16.14 -1.64
N LYS A 94 -0.74 -16.42 -0.55
CA LYS A 94 -2.22 -16.46 -0.59
C LYS A 94 -2.80 -15.08 -0.95
N GLY A 95 -2.23 -14.02 -0.36
CA GLY A 95 -2.60 -12.65 -0.71
C GLY A 95 -2.02 -12.23 -2.06
N TYR A 96 -0.87 -12.82 -2.43
CA TYR A 96 -0.12 -12.45 -3.64
C TYR A 96 -0.89 -12.81 -4.90
N GLU A 97 -1.18 -14.12 -5.06
CA GLU A 97 -1.79 -14.65 -6.29
C GLU A 97 -3.27 -14.23 -6.39
N ASP A 98 -3.97 -14.21 -5.23
CA ASP A 98 -5.41 -13.87 -5.18
C ASP A 98 -5.66 -12.45 -5.69
N LYS A 99 -4.93 -11.48 -5.12
CA LYS A 99 -5.06 -10.04 -5.47
C LYS A 99 -4.50 -9.77 -6.89
N LYS A 100 -3.46 -10.55 -7.27
CA LYS A 100 -2.84 -10.46 -8.60
C LYS A 100 -3.80 -10.89 -9.74
N LYS A 101 -4.74 -11.80 -9.43
CA LYS A 101 -5.82 -12.22 -10.37
C LYS A 101 -6.76 -11.04 -10.67
N LYS A 102 -6.99 -10.19 -9.66
CA LYS A 102 -7.77 -8.94 -9.82
C LYS A 102 -6.96 -7.87 -10.58
N GLY A 103 -5.64 -8.08 -10.68
CA GLY A 103 -4.73 -7.19 -11.40
C GLY A 103 -3.99 -6.23 -10.48
N TYR A 104 -4.03 -6.50 -9.16
CA TYR A 104 -3.37 -5.69 -8.15
C TYR A 104 -1.89 -6.06 -8.10
N ASP A 105 -1.00 -5.04 -8.18
CA ASP A 105 0.47 -5.25 -8.13
C ASP A 105 0.86 -5.64 -6.69
N VAL A 106 1.09 -6.94 -6.45
CA VAL A 106 1.39 -7.41 -5.10
C VAL A 106 2.90 -7.64 -4.95
N TYR A 107 3.47 -7.00 -3.92
CA TYR A 107 4.84 -7.25 -3.49
C TYR A 107 4.82 -8.15 -2.25
N THR A 108 5.77 -9.07 -2.16
CA THR A 108 5.95 -9.96 -1.01
C THR A 108 7.22 -9.51 -0.25
N SER A 109 7.08 -9.32 1.07
CA SER A 109 8.16 -8.85 1.94
C SER A 109 8.10 -9.58 3.27
N ARG A 110 9.27 -10.03 3.76
CA ARG A 110 9.39 -10.72 5.06
C ARG A 110 9.49 -9.72 6.21
N ASN A 111 10.06 -8.54 5.91
CA ASN A 111 10.53 -7.59 6.92
C ASN A 111 10.42 -6.14 6.44
N GLU A 112 10.72 -5.22 7.37
CA GLU A 112 10.69 -3.75 7.15
C GLU A 112 11.68 -3.30 6.07
N ASP A 113 12.88 -3.93 6.04
CA ASP A 113 13.93 -3.64 5.03
C ASP A 113 13.39 -3.80 3.61
N GLU A 114 12.73 -4.94 3.38
CA GLU A 114 12.17 -5.31 2.09
C GLU A 114 10.97 -4.42 1.73
N ALA A 115 10.07 -4.26 2.71
CA ALA A 115 8.82 -3.48 2.57
C ALA A 115 9.08 -2.01 2.19
N LYS A 116 10.16 -1.45 2.76
CA LYS A 116 10.66 -0.08 2.52
C LYS A 116 10.94 0.16 1.02
N LYS A 117 11.60 -0.84 0.40
CA LYS A 117 11.93 -0.83 -1.04
C LYS A 117 10.62 -0.80 -1.86
N LYS A 118 9.69 -1.72 -1.48
CA LYS A 118 8.43 -1.98 -2.20
C LYS A 118 7.53 -0.73 -2.22
N LEU A 119 7.51 0.00 -1.09
CA LEU A 119 6.78 1.26 -0.90
C LEU A 119 7.23 2.32 -1.90
N LYS A 120 8.55 2.56 -1.91
CA LYS A 120 9.16 3.64 -2.69
C LYS A 120 9.07 3.38 -4.20
N GLU A 121 9.14 2.08 -4.57
CA GLU A 121 8.88 1.63 -5.95
C GLU A 121 7.42 1.91 -6.34
N ALA A 122 6.49 1.64 -5.40
CA ALA A 122 5.04 1.87 -5.58
C ALA A 122 4.69 3.38 -5.63
N LEU A 123 5.51 4.19 -4.94
CA LEU A 123 5.40 5.67 -4.92
C LEU A 123 5.94 6.25 -6.25
N GLU A 124 6.85 5.51 -6.88
CA GLU A 124 7.28 5.80 -8.27
C GLU A 124 6.21 5.34 -9.28
N LYS A 125 5.51 4.23 -8.95
CA LYS A 125 4.41 3.68 -9.81
C LYS A 125 3.17 4.59 -9.78
N SER A 126 3.02 5.34 -8.69
CA SER A 126 1.91 6.29 -8.52
C SER A 126 2.14 7.61 -9.28
N GLY A 127 3.35 7.76 -9.85
CA GLY A 127 3.72 8.97 -10.58
C GLY A 127 4.15 10.11 -9.67
N SER A 128 4.15 9.85 -8.34
CA SER A 128 4.60 10.81 -7.33
C SER A 128 6.10 11.09 -7.52
N LEU A 129 6.86 10.00 -7.67
CA LEU A 129 8.29 10.06 -8.00
C LEU A 129 8.53 9.37 -9.35
N GLU A 130 9.70 9.66 -9.91
CA GLU A 130 10.19 9.08 -11.15
C GLU A 130 11.70 9.30 -11.20
N HIS A 131 12.41 8.36 -11.83
CA HIS A 131 13.88 8.34 -11.88
C HIS A 131 14.46 8.39 -10.45
N HIS A 132 14.38 7.24 -9.72
CA HIS A 132 15.06 7.09 -8.40
C HIS A 132 16.56 7.38 -8.57
N HIS A 133 17.14 6.74 -9.60
CA HIS A 133 18.54 6.93 -10.03
C HIS A 133 19.54 6.60 -8.90
N HIS A 134 20.11 5.39 -8.96
CA HIS A 134 21.14 4.93 -8.02
C HIS A 134 22.46 4.69 -8.77
N HIS A 135 23.58 4.97 -8.08
CA HIS A 135 24.94 4.81 -8.62
C HIS A 135 25.66 3.72 -7.81
N HIS A 136 26.48 2.90 -8.51
CA HIS A 136 27.36 1.92 -7.85
C HIS A 136 28.53 2.67 -7.16
#